data_1JMU
#
_entry.id   1JMU
#
_cell.length_a   180.294
_cell.length_b   184.942
_cell.length_c   284.324
_cell.angle_alpha   90.00
_cell.angle_beta   90.00
_cell.angle_gamma   90.00
#
_symmetry.space_group_name_H-M   'I 2 2 2'
#
loop_
_entity.id
_entity.type
_entity.pdbx_description
1 polymer 'PROTEIN MU-1'
2 polymer 'PROTEIN MU-1'
3 polymer 'SIGMA 3 PROTEIN'
4 non-polymer 'CHLORIDE ION'
5 non-polymer 'octyl beta-D-glucopyranoside'
6 non-polymer 'SULFATE ION'
7 non-polymer 'ZINC ION'
8 water water
#
loop_
_entity_poly.entity_id
_entity_poly.type
_entity_poly.pdbx_seq_one_letter_code
_entity_poly.pdbx_strand_id
1 'polypeptide(L)' GNASSIVQTINVTGDGNVFKPSAETSSTAVPSLSLSPGMLN A,C,E
2 'polypeptide(L)'
;PGGVPWIAIGDETSVTSPGALRRMTSKDIPETAIINTDNSSGAVPSESALVPYNDEPLVVVTEHAIANFTKAEMALEFNR
EFLDKLRVLSVSPKYSDLLTYVDCYVGVSARQALNNFQKQVPVITPTRQTMYVDSIQAALKALEKWEIDLRVAQTLLPTN
VPIGEVSCPMQSVVKLLDDQLPDDSLIRRYPKEAAVALAKRNGGIQWMDVSEGTVMNEAVNAVAASALAPSASAPPLEEK
SKLTEQAMDLVTAAEPEIIASLVPVPAPVFAIPPKPADYNVRTLKIDEATWLRMIPKTMGTLFQIQVTDNTGTNWHFNLR
GGTRVVNLDQIAPMRFVLDLGGKSYKETSWDPNGKKVGFIVFQSKIPFELWTAASQIGQATVVNYVQLYAEDSSFTAQSI
IATTSLAYNYEPEQLNKTDPEMNYYLLATFIDSAAITPTNMTQPDVWDALLTMSPLSAGEVTVKGAVVSEVVPAELIGSY
TPESLNASLPNDAARCMIDRASKIAEAIKIDDDAGPDEYSPNSVPIQGQLAISQLETGYGVRIFNPKGILSKIASRAMQA
FIGDPSTIITQAAPVLSDKNNWIALAQGVKTSLRTKSLSAGVKTAVSKLSSSESIQNWTQGFLDKVSTHFPAPKPDCPTN
GDGSEPSARRVKRDSYAGVVKRGYTR
;
B,D,F
3 'polypeptide(L)'
;(ACE)MEVCLPNGHQIVDLINNAFEGRVSIYSAQEGWDKTISAQPDMMVCGGAVVCMHCLGVVGSLQRKLKHLPHHRCNQ
QIRHQDYVDVQFADRVTAHWKRGMLSFVCQMHAMMNDVSPEDLDRVRTEGGSLVELNWLQVDPNSMFRSIHSSWTDPLQV
VDDLDTKLDQYWTALNLMIDSSDLVPNFMMRDPSHAFNGVRLEGDARQTQFSRTFDSRSSLEWGVMVYDYSELEHDPSKG
RAYRKELVTPARDFGHFGLSHYSRATTPILGKMPAVFSGMLTGNCKMYPFIKGTAKLKTVRKLVDSVNHAWGVEKIRYAL
GPGGMTGWYNRTMQQAPIVLTPAALTMFSDTTKFGDLDYPVMIGDPMILG
;
G,H,I
#
# COMPACT_ATOMS: atom_id res chain seq x y z
N THR A 9 -6.70 49.38 33.29
CA THR A 9 -6.20 49.60 34.65
C THR A 9 -5.48 48.38 35.25
N ILE A 10 -4.61 47.77 34.45
CA ILE A 10 -3.83 46.62 34.88
C ILE A 10 -2.42 46.83 34.36
N ASN A 11 -1.44 46.20 34.98
CA ASN A 11 -0.07 46.35 34.51
C ASN A 11 0.49 45.02 34.04
N VAL A 12 0.56 44.85 32.72
CA VAL A 12 1.06 43.62 32.14
C VAL A 12 2.44 43.27 32.69
N THR A 13 3.19 44.31 33.09
CA THR A 13 4.54 44.15 33.65
C THR A 13 4.57 44.16 35.18
N GLY A 14 3.41 44.38 35.81
CA GLY A 14 3.37 44.45 37.26
C GLY A 14 3.37 43.15 38.03
N ASP A 15 3.36 43.28 39.35
CA ASP A 15 3.32 42.11 40.22
C ASP A 15 1.86 41.81 40.45
N GLY A 16 1.60 40.89 41.37
CA GLY A 16 0.22 40.55 41.68
C GLY A 16 -0.54 39.90 40.55
N ASN A 17 0.09 39.76 39.39
CA ASN A 17 -0.58 39.10 38.26
C ASN A 17 -0.49 37.59 38.48
N VAL A 18 -1.40 36.85 37.86
CA VAL A 18 -1.39 35.41 38.07
C VAL A 18 -1.32 34.56 36.81
N PHE A 19 -0.39 33.60 36.81
CA PHE A 19 -0.25 32.67 35.70
C PHE A 19 -0.29 31.26 36.27
N LYS A 20 -1.49 30.74 36.50
CA LYS A 20 -1.63 29.40 37.04
C LYS A 20 -2.56 28.54 36.21
N PRO A 21 -2.04 27.98 35.10
CA PRO A 21 -2.85 27.12 34.24
C PRO A 21 -3.29 25.90 35.06
N SER A 22 -4.53 25.48 34.89
CA SER A 22 -5.01 24.31 35.61
C SER A 22 -6.01 23.57 34.77
N ALA A 23 -6.19 22.29 35.08
CA ALA A 23 -7.12 21.45 34.35
C ALA A 23 -8.53 22.07 34.45
N GLU A 24 -8.87 22.54 35.65
CA GLU A 24 -10.19 23.14 35.90
C GLU A 24 -10.47 24.40 35.10
N THR A 25 -9.42 25.06 34.64
CA THR A 25 -9.60 26.30 33.88
C THR A 25 -9.21 26.19 32.41
N SER A 26 -9.31 25.00 31.84
CA SER A 26 -8.96 24.79 30.43
C SER A 26 -9.52 25.90 29.52
N SER A 27 -8.63 26.64 28.89
CA SER A 27 -9.09 27.72 28.02
C SER A 27 -9.89 27.17 26.85
N THR A 28 -10.91 27.92 26.45
CA THR A 28 -11.78 27.55 25.34
C THR A 28 -12.51 28.82 24.93
N ALA A 29 -12.93 28.89 23.67
CA ALA A 29 -13.65 30.05 23.18
C ALA A 29 -14.96 29.56 22.59
N VAL A 30 -15.04 29.51 21.27
CA VAL A 30 -16.22 29.02 20.57
C VAL A 30 -15.75 28.31 19.29
N PRO A 31 -15.10 27.14 19.44
CA PRO A 31 -14.58 26.33 18.33
C PRO A 31 -15.67 25.97 17.34
N SER A 32 -16.71 25.31 17.83
CA SER A 32 -17.81 24.91 16.96
C SER A 32 -19.15 24.87 17.71
N LEU A 33 -20.23 25.03 16.96
CA LEU A 33 -21.58 25.02 17.51
C LEU A 33 -22.42 24.03 16.68
N SER A 34 -23.70 23.91 16.99
CA SER A 34 -24.60 23.00 16.27
C SER A 34 -25.36 23.79 15.19
N LEU A 35 -24.85 23.77 13.96
CA LEU A 35 -25.46 24.51 12.87
C LEU A 35 -25.99 23.70 11.69
N SER A 36 -26.22 22.40 11.88
CA SER A 36 -26.75 21.58 10.79
C SER A 36 -28.12 22.11 10.39
N PRO A 37 -28.48 21.97 9.11
CA PRO A 37 -29.75 22.44 8.56
C PRO A 37 -30.99 21.88 9.28
N GLY A 38 -31.04 20.57 9.44
CA GLY A 38 -32.19 19.95 10.08
C GLY A 38 -32.43 20.44 11.50
N MET A 39 -31.37 20.87 12.18
CA MET A 39 -31.49 21.35 13.55
C MET A 39 -31.94 22.81 13.62
N LEU A 40 -31.46 23.64 12.70
CA LEU A 40 -31.82 25.04 12.69
C LEU A 40 -33.24 25.25 12.16
N ASN A 41 -33.71 24.31 11.35
CA ASN A 41 -35.05 24.39 10.79
C ASN A 41 -35.23 25.63 9.91
N PRO B 1 -40.47 25.24 18.65
CA PRO B 1 -41.30 25.85 17.57
C PRO B 1 -40.55 25.78 16.22
N GLY B 2 -41.28 25.73 15.12
CA GLY B 2 -40.58 25.66 13.84
C GLY B 2 -41.49 25.63 12.63
N GLY B 3 -41.00 26.21 11.54
CA GLY B 3 -41.77 26.23 10.31
C GLY B 3 -41.94 27.66 9.83
N VAL B 4 -43.19 28.00 9.53
CA VAL B 4 -43.56 29.32 9.02
C VAL B 4 -44.87 29.82 9.68
N PRO B 5 -45.02 31.15 9.82
CA PRO B 5 -46.21 31.75 10.43
C PRO B 5 -47.41 31.85 9.48
N TRP B 6 -48.56 31.35 9.92
CA TRP B 6 -49.77 31.41 9.09
C TRP B 6 -50.88 32.22 9.76
N ILE B 7 -51.50 33.11 8.99
CA ILE B 7 -52.57 33.98 9.49
C ILE B 7 -53.90 33.68 8.77
N ALA B 8 -55.02 33.86 9.49
CA ALA B 8 -56.34 33.61 8.92
C ALA B 8 -56.54 34.56 7.74
N ILE B 9 -56.64 33.99 6.53
CA ILE B 9 -56.80 34.75 5.28
C ILE B 9 -57.69 36.02 5.37
N GLY B 10 -58.83 35.89 6.05
CA GLY B 10 -59.73 37.02 6.21
C GLY B 10 -60.61 36.92 7.45
N ASP B 11 -60.99 35.69 7.81
CA ASP B 11 -61.90 35.48 8.95
C ASP B 11 -61.34 34.98 10.29
N GLU B 12 -61.35 35.88 11.26
CA GLU B 12 -60.87 35.62 12.62
C GLU B 12 -61.56 34.40 13.26
N THR B 13 -60.73 33.42 13.66
CA THR B 13 -61.15 32.18 14.34
C THR B 13 -62.00 31.19 13.50
N SER B 14 -62.84 31.73 12.60
CA SER B 14 -63.71 30.90 11.74
C SER B 14 -62.90 30.17 10.63
N VAL B 15 -61.61 29.96 10.91
CA VAL B 15 -60.68 29.27 10.01
C VAL B 15 -60.93 27.77 10.08
N THR B 16 -61.12 27.13 8.92
CA THR B 16 -61.40 25.69 8.91
C THR B 16 -60.59 24.86 7.93
N SER B 17 -60.56 25.25 6.66
CA SER B 17 -59.78 24.49 5.68
C SER B 17 -58.37 25.09 5.53
N PRO B 18 -57.42 24.32 4.97
CA PRO B 18 -56.06 24.87 4.80
C PRO B 18 -56.09 26.11 3.90
N GLY B 19 -57.16 26.22 3.12
CA GLY B 19 -57.31 27.35 2.22
C GLY B 19 -57.59 28.64 2.98
N ALA B 20 -58.18 28.52 4.16
CA ALA B 20 -58.50 29.70 4.98
C ALA B 20 -57.25 30.36 5.55
N LEU B 21 -56.07 29.84 5.21
CA LEU B 21 -54.81 30.38 5.72
C LEU B 21 -53.88 30.96 4.64
N ARG B 22 -52.99 31.85 5.06
CA ARG B 22 -52.02 32.45 4.14
C ARG B 22 -50.71 32.78 4.87
N ARG B 23 -49.60 32.70 4.14
CA ARG B 23 -48.28 32.97 4.72
C ARG B 23 -48.26 34.37 5.34
N MET B 24 -48.18 34.42 6.67
CA MET B 24 -48.12 35.69 7.37
C MET B 24 -46.87 36.45 6.88
N THR B 25 -47.06 37.71 6.48
CA THR B 25 -45.92 38.50 6.00
C THR B 25 -45.55 39.65 6.94
N SER B 26 -44.51 40.40 6.55
CA SER B 26 -44.02 41.52 7.35
C SER B 26 -45.08 42.61 7.49
N LYS B 27 -45.95 42.70 6.49
CA LYS B 27 -47.02 43.69 6.49
C LYS B 27 -48.13 43.36 7.51
N ASP B 28 -47.84 42.44 8.44
CA ASP B 28 -48.81 42.07 9.47
C ASP B 28 -48.25 42.40 10.84
N ILE B 29 -47.14 43.14 10.85
CA ILE B 29 -46.47 43.58 12.10
C ILE B 29 -45.73 44.92 11.90
N ASP B 55 -42.27 43.98 2.03
CA ASP B 55 -43.36 43.05 2.32
C ASP B 55 -42.92 41.56 2.24
N GLU B 56 -41.83 41.22 2.93
CA GLU B 56 -41.29 39.86 2.93
C GLU B 56 -42.14 38.87 3.70
N PRO B 57 -42.00 37.58 3.36
CA PRO B 57 -42.75 36.53 4.05
C PRO B 57 -42.01 36.32 5.38
N LEU B 58 -42.60 35.58 6.31
CA LEU B 58 -41.96 35.36 7.60
C LEU B 58 -41.54 33.92 7.84
N VAL B 59 -40.61 33.74 8.79
CA VAL B 59 -40.11 32.42 9.15
C VAL B 59 -39.98 32.26 10.67
N VAL B 60 -40.31 31.06 11.15
CA VAL B 60 -40.21 30.78 12.58
C VAL B 60 -38.75 30.54 12.97
N VAL B 61 -38.26 31.29 13.94
CA VAL B 61 -36.90 31.11 14.43
C VAL B 61 -36.98 30.06 15.51
N THR B 62 -36.36 28.92 15.27
CA THR B 62 -36.40 27.80 16.22
C THR B 62 -35.65 28.01 17.53
N GLU B 63 -36.09 27.25 18.53
CA GLU B 63 -35.50 27.28 19.86
C GLU B 63 -33.99 27.07 19.70
N HIS B 64 -33.65 26.09 18.86
CA HIS B 64 -32.26 25.72 18.57
C HIS B 64 -31.49 26.89 17.94
N ALA B 65 -32.05 27.45 16.87
CA ALA B 65 -31.40 28.57 16.17
C ALA B 65 -31.10 29.73 17.12
N ILE B 66 -32.03 29.98 18.04
CA ILE B 66 -31.85 31.07 18.99
C ILE B 66 -30.66 30.79 19.90
N ALA B 67 -30.64 29.60 20.48
CA ALA B 67 -29.56 29.22 21.38
C ALA B 67 -28.19 29.29 20.72
N ASN B 68 -28.10 28.80 19.49
CA ASN B 68 -26.80 28.78 18.81
C ASN B 68 -26.31 30.10 18.24
N PHE B 69 -27.19 30.87 17.59
CA PHE B 69 -26.73 32.16 17.07
C PHE B 69 -26.34 33.11 18.20
N THR B 70 -26.95 32.90 19.37
CA THR B 70 -26.65 33.70 20.55
C THR B 70 -25.23 33.37 20.98
N LYS B 71 -24.88 32.09 20.92
CA LYS B 71 -23.55 31.65 21.28
C LYS B 71 -22.54 32.18 20.27
N ALA B 72 -23.00 32.45 19.05
CA ALA B 72 -22.13 33.00 18.02
C ALA B 72 -21.70 34.40 18.44
N GLU B 73 -22.66 35.21 18.90
CA GLU B 73 -22.39 36.57 19.37
C GLU B 73 -21.26 36.56 20.40
N MET B 74 -21.29 35.58 21.31
CA MET B 74 -20.26 35.45 22.36
C MET B 74 -18.88 35.47 21.70
N ALA B 75 -18.77 34.83 20.54
CA ALA B 75 -17.51 34.77 19.83
C ALA B 75 -16.90 36.16 19.68
N LEU B 76 -17.75 37.17 19.46
CA LEU B 76 -17.26 38.53 19.30
C LEU B 76 -16.91 39.14 20.65
N GLU B 77 -17.79 38.94 21.63
CA GLU B 77 -17.60 39.49 22.97
C GLU B 77 -16.34 39.02 23.70
N PHE B 78 -15.72 37.95 23.21
CA PHE B 78 -14.50 37.47 23.83
C PHE B 78 -13.39 38.49 23.57
N ASN B 79 -13.60 39.30 22.56
CA ASN B 79 -12.64 40.33 22.16
C ASN B 79 -13.26 41.70 22.12
N ARG B 80 -14.22 41.95 23.02
CA ARG B 80 -14.89 43.25 23.08
C ARG B 80 -13.90 44.40 23.28
N GLU B 81 -13.01 44.24 24.25
CA GLU B 81 -12.01 45.25 24.55
C GLU B 81 -11.19 45.63 23.29
N PHE B 82 -10.86 44.63 22.47
CA PHE B 82 -10.12 44.92 21.26
C PHE B 82 -11.02 45.56 20.19
N LEU B 83 -12.17 44.95 19.94
CA LEU B 83 -13.11 45.47 18.95
C LEU B 83 -13.38 46.96 19.12
N ASP B 84 -13.61 47.39 20.36
CA ASP B 84 -13.88 48.80 20.60
C ASP B 84 -12.64 49.67 20.39
N LYS B 85 -11.50 49.22 20.92
CA LYS B 85 -10.25 49.97 20.74
C LYS B 85 -9.94 50.04 19.24
N LEU B 86 -10.71 49.29 18.46
CA LEU B 86 -10.54 49.25 17.00
C LEU B 86 -11.63 50.08 16.31
N ARG B 87 -12.54 50.63 17.12
CA ARG B 87 -13.65 51.47 16.66
C ARG B 87 -14.47 50.80 15.55
N VAL B 88 -14.95 49.60 15.83
CA VAL B 88 -15.76 48.83 14.87
C VAL B 88 -16.79 47.97 15.62
N LEU B 89 -18.00 47.91 15.06
CA LEU B 89 -19.11 47.14 15.62
C LEU B 89 -19.21 47.30 17.14
N SER B 90 -19.53 48.53 17.58
CA SER B 90 -19.70 48.83 19.01
C SER B 90 -21.11 48.34 19.38
N VAL B 91 -21.93 48.14 18.35
CA VAL B 91 -23.31 47.64 18.48
C VAL B 91 -23.34 46.09 18.40
N SER B 92 -23.03 45.42 19.52
CA SER B 92 -23.03 43.96 19.57
C SER B 92 -24.41 43.42 19.17
N PRO B 93 -24.50 42.81 17.95
CA PRO B 93 -25.65 42.21 17.28
C PRO B 93 -26.94 41.86 18.07
N LYS B 94 -26.80 41.16 19.19
CA LYS B 94 -27.96 40.76 20.02
C LYS B 94 -29.19 40.26 19.22
N TYR B 95 -29.18 38.97 18.93
CA TYR B 95 -30.21 38.27 18.14
C TYR B 95 -31.63 38.40 18.68
N SER B 96 -31.81 38.11 19.96
CA SER B 96 -33.13 38.19 20.59
C SER B 96 -33.79 39.55 20.32
N ASP B 97 -32.97 40.55 19.98
CA ASP B 97 -33.49 41.89 19.69
C ASP B 97 -34.25 41.91 18.37
N LEU B 98 -33.71 41.27 17.33
CA LEU B 98 -34.36 41.26 16.01
C LEU B 98 -35.58 40.35 15.91
N LEU B 99 -35.75 39.48 16.89
CA LEU B 99 -36.90 38.58 16.88
C LEU B 99 -38.18 39.33 17.19
N THR B 100 -39.28 38.86 16.62
CA THR B 100 -40.58 39.48 16.85
C THR B 100 -41.55 38.37 17.22
N TYR B 101 -41.99 38.35 18.48
CA TYR B 101 -42.92 37.32 18.93
C TYR B 101 -44.35 37.58 18.46
N VAL B 102 -44.97 36.54 17.89
CA VAL B 102 -46.31 36.66 17.35
C VAL B 102 -47.21 35.45 17.61
N ASP B 103 -48.50 35.73 17.80
CA ASP B 103 -49.50 34.69 18.00
C ASP B 103 -49.97 34.32 16.60
N CYS B 104 -50.01 33.02 16.28
CA CYS B 104 -50.39 32.59 14.93
C CYS B 104 -50.45 31.08 14.80
N TYR B 105 -50.83 30.63 13.61
CA TYR B 105 -50.88 29.20 13.32
C TYR B 105 -49.48 28.87 12.80
N VAL B 106 -48.92 27.76 13.26
CA VAL B 106 -47.55 27.40 12.88
C VAL B 106 -47.40 26.04 12.19
N GLY B 107 -46.58 26.03 11.14
CA GLY B 107 -46.33 24.80 10.40
C GLY B 107 -45.58 25.00 9.10
N VAL B 108 -45.03 23.91 8.56
CA VAL B 108 -44.32 23.95 7.30
C VAL B 108 -45.35 24.02 6.17
N SER B 109 -46.52 23.42 6.41
CA SER B 109 -47.60 23.40 5.44
C SER B 109 -48.81 24.09 6.06
N ALA B 110 -49.85 24.28 5.26
CA ALA B 110 -51.08 24.91 5.73
C ALA B 110 -51.80 23.93 6.68
N ARG B 111 -52.06 22.71 6.19
CA ARG B 111 -52.73 21.69 6.98
C ARG B 111 -52.14 21.52 8.39
N GLN B 112 -50.83 21.29 8.47
CA GLN B 112 -50.21 21.13 9.78
C GLN B 112 -50.47 22.40 10.62
N ALA B 113 -50.16 23.56 10.04
CA ALA B 113 -50.36 24.83 10.73
C ALA B 113 -51.79 25.01 11.24
N LEU B 114 -52.75 24.61 10.40
CA LEU B 114 -54.18 24.71 10.68
C LEU B 114 -54.62 24.17 12.05
N ASN B 115 -53.99 23.10 12.54
CA ASN B 115 -54.35 22.54 13.84
C ASN B 115 -53.22 22.77 14.85
N ASN B 116 -52.52 23.90 14.71
CA ASN B 116 -51.43 24.21 15.63
C ASN B 116 -51.27 25.71 15.87
N PHE B 117 -52.15 26.28 16.70
CA PHE B 117 -52.06 27.70 16.99
C PHE B 117 -51.05 27.88 18.10
N GLN B 118 -50.24 28.93 18.00
CA GLN B 118 -49.22 29.18 19.02
C GLN B 118 -49.19 30.63 19.46
N LYS B 119 -48.87 30.83 20.73
CA LYS B 119 -48.77 32.16 21.31
C LYS B 119 -47.29 32.51 21.47
N GLN B 120 -46.90 33.71 21.04
CA GLN B 120 -45.52 34.17 21.19
C GLN B 120 -44.51 33.35 20.39
N VAL B 121 -44.68 33.33 19.08
CA VAL B 121 -43.78 32.59 18.22
C VAL B 121 -42.65 33.50 17.72
N PRO B 122 -41.39 33.11 17.96
CA PRO B 122 -40.26 33.95 17.50
C PRO B 122 -40.31 33.95 15.97
N VAL B 123 -40.36 35.13 15.37
CA VAL B 123 -40.46 35.21 13.92
C VAL B 123 -39.50 36.24 13.34
N ILE B 124 -39.10 36.02 12.08
CA ILE B 124 -38.19 36.94 11.42
C ILE B 124 -38.24 36.80 9.89
N THR B 125 -37.89 37.88 9.18
CA THR B 125 -37.87 37.85 7.72
C THR B 125 -36.49 37.44 7.28
N PRO B 126 -36.39 36.80 6.10
CA PRO B 126 -35.12 36.34 5.54
C PRO B 126 -34.05 37.44 5.55
N THR B 127 -34.42 38.59 5.01
CA THR B 127 -33.53 39.75 4.92
C THR B 127 -32.94 40.14 6.28
N ARG B 128 -33.75 40.07 7.32
CA ARG B 128 -33.24 40.45 8.62
C ARG B 128 -32.34 39.35 9.17
N GLN B 129 -32.69 38.09 8.89
CA GLN B 129 -31.86 36.99 9.35
C GLN B 129 -30.50 37.13 8.69
N THR B 130 -30.51 37.40 7.38
CA THR B 130 -29.26 37.57 6.64
C THR B 130 -28.49 38.77 7.19
N MET B 131 -29.15 39.93 7.28
CA MET B 131 -28.50 41.13 7.80
C MET B 131 -27.80 40.85 9.14
N TYR B 132 -28.46 40.06 9.99
CA TYR B 132 -27.92 39.70 11.30
C TYR B 132 -26.62 38.92 11.18
N VAL B 133 -26.67 37.78 10.47
CA VAL B 133 -25.50 36.93 10.29
C VAL B 133 -24.36 37.71 9.65
N ASP B 134 -24.69 38.58 8.69
CA ASP B 134 -23.66 39.35 8.04
C ASP B 134 -22.95 40.28 9.02
N SER B 135 -23.62 40.62 10.12
CA SER B 135 -23.02 41.49 11.12
C SER B 135 -22.04 40.68 11.93
N ILE B 136 -22.42 39.44 12.23
CA ILE B 136 -21.56 38.57 13.00
C ILE B 136 -20.33 38.20 12.18
N GLN B 137 -20.54 37.86 10.91
CA GLN B 137 -19.45 37.49 10.00
C GLN B 137 -18.49 38.66 9.75
N ALA B 138 -19.06 39.83 9.48
CA ALA B 138 -18.27 41.02 9.25
C ALA B 138 -17.36 41.27 10.46
N ALA B 139 -17.92 41.00 11.64
CA ALA B 139 -17.17 41.18 12.87
C ALA B 139 -16.02 40.17 12.94
N LEU B 140 -16.33 38.90 12.70
CA LEU B 140 -15.31 37.85 12.74
C LEU B 140 -14.19 38.14 11.73
N LYS B 141 -14.57 38.68 10.57
CA LYS B 141 -13.60 39.02 9.54
C LYS B 141 -12.62 40.07 10.07
N ALA B 142 -13.13 40.95 10.92
CA ALA B 142 -12.31 42.00 11.51
C ALA B 142 -11.34 41.40 12.55
N LEU B 143 -11.82 40.39 13.26
CA LEU B 143 -11.03 39.72 14.28
C LEU B 143 -10.01 38.76 13.68
N GLU B 144 -10.16 38.53 12.38
CA GLU B 144 -9.31 37.64 11.60
C GLU B 144 -7.88 37.44 12.14
N LYS B 145 -7.06 38.49 12.11
CA LYS B 145 -5.68 38.39 12.59
C LYS B 145 -5.56 38.36 14.10
N TRP B 146 -6.28 39.24 14.79
CA TRP B 146 -6.25 39.28 16.25
C TRP B 146 -6.50 37.86 16.81
N GLU B 147 -7.38 37.11 16.15
CA GLU B 147 -7.74 35.74 16.52
C GLU B 147 -6.50 34.84 16.50
N ILE B 148 -5.73 34.98 15.42
CA ILE B 148 -4.52 34.20 15.24
C ILE B 148 -3.42 34.61 16.20
N ASP B 149 -3.11 35.90 16.24
CA ASP B 149 -2.06 36.38 17.13
C ASP B 149 -2.33 36.01 18.58
N LEU B 150 -3.61 35.98 18.96
CA LEU B 150 -3.99 35.65 20.33
C LEU B 150 -3.81 34.16 20.64
N ARG B 151 -4.01 33.31 19.63
CA ARG B 151 -3.82 31.87 19.78
C ARG B 151 -2.32 31.59 19.84
N VAL B 152 -1.56 32.36 19.05
CA VAL B 152 -0.12 32.21 19.00
C VAL B 152 0.46 32.49 20.38
N ALA B 153 -0.18 33.42 21.08
CA ALA B 153 0.31 33.76 22.41
C ALA B 153 -0.03 32.65 23.39
N GLN B 154 -1.13 31.96 23.14
CA GLN B 154 -1.56 30.90 24.04
C GLN B 154 -0.91 29.55 23.82
N THR B 155 -0.11 29.40 22.77
CA THR B 155 0.54 28.13 22.50
C THR B 155 2.05 28.26 22.44
N LEU B 156 2.56 29.48 22.45
CA LEU B 156 4.00 29.71 22.39
C LEU B 156 4.62 28.98 23.58
N LEU B 157 3.92 29.06 24.72
CA LEU B 157 4.33 28.38 25.94
C LEU B 157 3.05 27.72 26.45
N PRO B 158 3.17 26.67 27.28
CA PRO B 158 1.97 26.01 27.80
C PRO B 158 1.01 26.94 28.54
N THR B 159 -0.20 27.04 28.03
CA THR B 159 -1.25 27.87 28.61
C THR B 159 -2.27 27.01 29.35
N ASN B 160 -2.10 25.69 29.24
CA ASN B 160 -2.98 24.73 29.90
C ASN B 160 -2.19 23.53 30.40
N VAL B 161 -2.88 22.64 31.10
CA VAL B 161 -2.26 21.43 31.62
C VAL B 161 -3.35 20.34 31.73
N PRO B 162 -3.04 19.08 31.35
CA PRO B 162 -3.93 17.92 31.36
C PRO B 162 -4.65 17.61 32.67
N ILE B 163 -3.95 17.80 33.77
CA ILE B 163 -4.49 17.52 35.08
C ILE B 163 -3.77 18.36 36.12
N GLY B 164 -4.42 18.65 37.23
CA GLY B 164 -3.77 19.44 38.26
C GLY B 164 -3.60 20.92 37.95
N GLU B 165 -2.46 21.47 38.39
CA GLU B 165 -2.18 22.89 38.21
C GLU B 165 -0.67 23.14 38.11
N VAL B 166 -0.30 24.23 37.44
CA VAL B 166 1.09 24.61 37.27
C VAL B 166 1.16 26.13 37.38
N SER B 167 2.35 26.65 37.68
CA SER B 167 2.49 28.11 37.82
C SER B 167 3.80 28.64 37.27
N CYS B 168 3.83 29.94 37.05
CA CYS B 168 5.01 30.62 36.55
C CYS B 168 4.82 32.13 36.77
N PRO B 169 5.91 32.85 37.17
CA PRO B 169 5.86 34.29 37.40
C PRO B 169 5.30 35.01 36.17
N MET B 170 4.07 35.49 36.27
CA MET B 170 3.44 36.18 35.15
C MET B 170 4.39 37.13 34.45
N GLN B 171 5.33 37.70 35.19
CA GLN B 171 6.27 38.64 34.59
C GLN B 171 7.26 37.91 33.69
N SER B 172 7.62 36.68 34.07
CA SER B 172 8.53 35.86 33.29
C SER B 172 7.81 35.49 32.00
N VAL B 173 6.53 35.17 32.12
CA VAL B 173 5.72 34.81 30.96
C VAL B 173 5.67 35.95 29.95
N VAL B 174 5.40 37.16 30.43
CA VAL B 174 5.33 38.31 29.53
C VAL B 174 6.72 38.61 28.96
N LYS B 175 7.76 38.39 29.76
CA LYS B 175 9.12 38.61 29.28
C LYS B 175 9.32 37.71 28.07
N LEU B 176 9.01 36.42 28.24
CA LEU B 176 9.16 35.44 27.17
C LEU B 176 8.40 35.87 25.91
N LEU B 177 7.11 36.13 26.06
CA LEU B 177 6.29 36.56 24.93
C LEU B 177 6.93 37.73 24.20
N ASP B 178 7.34 38.72 24.97
CA ASP B 178 7.95 39.92 24.42
C ASP B 178 9.22 39.59 23.65
N ASP B 179 9.93 38.56 24.12
CA ASP B 179 11.16 38.15 23.45
C ASP B 179 10.93 37.26 22.22
N GLN B 180 9.77 36.60 22.15
CA GLN B 180 9.49 35.69 21.05
C GLN B 180 8.34 35.99 20.10
N LEU B 181 7.31 36.71 20.54
CA LEU B 181 6.19 37.01 19.64
C LEU B 181 6.62 37.68 18.33
N PRO B 182 5.94 37.37 17.22
CA PRO B 182 6.27 37.96 15.91
C PRO B 182 6.15 39.48 16.00
N ASP B 183 7.03 40.21 15.31
CA ASP B 183 7.00 41.67 15.35
C ASP B 183 5.62 42.25 15.06
N ASP B 184 4.97 41.75 14.01
CA ASP B 184 3.65 42.23 13.61
C ASP B 184 2.49 41.76 14.46
N SER B 185 2.77 41.15 15.60
CA SER B 185 1.68 40.69 16.45
C SER B 185 0.88 41.89 16.95
N LEU B 186 -0.44 41.77 16.91
CA LEU B 186 -1.28 42.83 17.39
C LEU B 186 -1.16 42.92 18.92
N ILE B 187 -0.69 41.84 19.53
CA ILE B 187 -0.54 41.83 20.98
C ILE B 187 0.48 42.89 21.41
N ARG B 188 1.50 43.13 20.58
CA ARG B 188 2.51 44.13 20.90
C ARG B 188 1.91 45.54 20.84
N ARG B 189 0.83 45.69 20.09
CA ARG B 189 0.15 46.98 19.93
C ARG B 189 -1.01 47.23 20.90
N TYR B 190 -1.55 46.16 21.49
CA TYR B 190 -2.67 46.31 22.44
C TYR B 190 -2.51 45.32 23.59
N PRO B 191 -1.36 45.39 24.31
CA PRO B 191 -1.06 44.50 25.42
C PRO B 191 -2.19 44.34 26.43
N LYS B 192 -2.74 45.46 26.88
CA LYS B 192 -3.82 45.42 27.87
C LYS B 192 -5.08 44.75 27.33
N GLU B 193 -5.38 44.97 26.05
CA GLU B 193 -6.58 44.36 25.45
C GLU B 193 -6.37 42.85 25.33
N ALA B 194 -5.13 42.48 25.02
CA ALA B 194 -4.75 41.08 24.90
C ALA B 194 -4.90 40.42 26.26
N ALA B 195 -4.55 41.17 27.31
CA ALA B 195 -4.62 40.67 28.67
C ALA B 195 -6.05 40.25 28.98
N VAL B 196 -6.97 41.19 28.76
CA VAL B 196 -8.38 40.92 29.02
C VAL B 196 -8.82 39.72 28.21
N ALA B 197 -8.53 39.77 26.90
CA ALA B 197 -8.88 38.71 25.96
C ALA B 197 -8.50 37.33 26.50
N LEU B 198 -7.25 37.20 26.93
CA LEU B 198 -6.78 35.94 27.49
C LEU B 198 -7.55 35.59 28.76
N ALA B 199 -7.53 36.51 29.72
CA ALA B 199 -8.21 36.31 30.99
C ALA B 199 -9.68 35.94 30.80
N LYS B 200 -10.28 36.44 29.72
CA LYS B 200 -11.68 36.14 29.41
C LYS B 200 -11.91 34.67 29.06
N ARG B 201 -10.85 33.99 28.63
CA ARG B 201 -10.99 32.60 28.25
C ARG B 201 -10.13 31.61 29.04
N ASN B 202 -9.20 32.12 29.83
CA ASN B 202 -8.33 31.25 30.62
C ASN B 202 -8.37 31.64 32.09
N GLY B 203 -9.15 30.89 32.87
CA GLY B 203 -9.26 31.19 34.28
C GLY B 203 -7.91 31.23 34.98
N GLY B 204 -6.90 30.64 34.35
CA GLY B 204 -5.57 30.61 34.95
C GLY B 204 -4.74 31.86 34.71
N ILE B 205 -5.22 32.74 33.84
CA ILE B 205 -4.50 33.98 33.56
C ILE B 205 -5.31 35.12 34.20
N GLN B 206 -4.77 35.69 35.27
CA GLN B 206 -5.45 36.78 35.97
C GLN B 206 -4.60 38.02 36.14
N TRP B 207 -5.17 39.16 35.77
CA TRP B 207 -4.47 40.44 35.88
C TRP B 207 -4.94 41.24 37.07
N MET B 208 -4.01 41.53 37.98
CA MET B 208 -4.37 42.31 39.17
C MET B 208 -4.86 43.70 38.83
N ASP B 209 -5.92 44.10 39.52
CA ASP B 209 -6.49 45.42 39.35
C ASP B 209 -5.56 46.36 40.13
N VAL B 210 -4.87 47.25 39.42
CA VAL B 210 -3.94 48.17 40.05
C VAL B 210 -4.69 48.98 41.12
N SER B 211 -5.94 49.31 40.82
CA SER B 211 -6.78 50.08 41.75
C SER B 211 -6.96 49.40 43.12
N GLU B 212 -7.65 48.24 43.18
CA GLU B 212 -7.86 47.58 44.47
C GLU B 212 -6.96 46.38 44.81
N GLY B 213 -5.79 46.30 44.19
CA GLY B 213 -4.90 45.17 44.49
C GLY B 213 -5.65 43.83 44.45
N THR B 214 -6.84 43.84 43.85
CA THR B 214 -7.66 42.64 43.74
C THR B 214 -7.26 41.85 42.49
N VAL B 215 -7.39 40.53 42.57
CA VAL B 215 -7.02 39.65 41.48
C VAL B 215 -7.98 38.46 41.46
N MET B 216 -8.54 38.15 40.31
CA MET B 216 -9.43 37.01 40.25
C MET B 216 -9.75 36.49 38.85
N ASN B 217 -10.34 35.29 38.84
CA ASN B 217 -10.73 34.60 37.63
C ASN B 217 -11.70 35.46 36.81
N GLU B 218 -11.28 35.82 35.59
CA GLU B 218 -12.12 36.63 34.71
C GLU B 218 -12.72 35.80 33.58
N ALA B 219 -12.38 34.52 33.56
CA ALA B 219 -12.86 33.60 32.52
C ALA B 219 -14.40 33.48 32.53
N VAL B 220 -14.97 33.25 31.34
CA VAL B 220 -16.41 33.12 31.20
C VAL B 220 -16.79 31.70 30.78
N ASN B 221 -15.84 30.77 30.86
CA ASN B 221 -16.06 29.39 30.45
C ASN B 221 -15.86 28.30 31.51
N ALA B 222 -16.11 28.62 32.77
CA ALA B 222 -15.91 27.61 33.81
C ALA B 222 -16.74 26.35 33.58
N VAL B 223 -18.00 26.50 33.19
CA VAL B 223 -18.84 25.33 32.96
C VAL B 223 -18.24 24.38 31.91
N ALA B 224 -17.85 24.94 30.77
CA ALA B 224 -17.28 24.16 29.69
C ALA B 224 -16.05 23.41 30.14
N ALA B 225 -15.10 24.13 30.73
CA ALA B 225 -13.87 23.50 31.18
C ALA B 225 -14.11 22.36 32.16
N SER B 226 -15.22 22.38 32.88
CA SER B 226 -15.49 21.33 33.85
C SER B 226 -15.65 19.96 33.18
N ALA B 227 -16.06 19.96 31.92
CA ALA B 227 -16.25 18.73 31.16
C ALA B 227 -14.96 18.26 30.50
N LEU B 228 -13.97 19.13 30.43
CA LEU B 228 -12.68 18.81 29.83
C LEU B 228 -11.59 18.45 30.83
N ALA B 229 -11.94 18.45 32.12
CA ALA B 229 -10.96 18.12 33.14
C ALA B 229 -11.17 16.78 33.80
N PRO B 230 -10.08 16.14 34.24
CA PRO B 230 -10.12 14.84 34.90
C PRO B 230 -10.51 15.00 36.38
N SER B 231 -11.13 13.98 36.96
CA SER B 231 -11.47 14.00 38.38
C SER B 231 -10.34 13.18 39.01
N ALA B 232 -10.30 13.07 40.32
CA ALA B 232 -9.23 12.32 40.97
C ALA B 232 -8.98 10.92 40.41
N SER B 233 -9.97 10.31 39.77
CA SER B 233 -9.78 8.96 39.24
C SER B 233 -10.51 8.62 37.95
N ALA B 234 -10.94 9.65 37.23
CA ALA B 234 -11.64 9.46 35.98
C ALA B 234 -11.20 10.47 34.93
N PRO B 235 -11.14 10.04 33.66
CA PRO B 235 -10.75 10.94 32.56
C PRO B 235 -11.90 11.91 32.32
N PRO B 236 -11.64 12.99 31.58
CA PRO B 236 -12.68 13.98 31.29
C PRO B 236 -13.97 13.36 30.74
N LEU B 237 -15.11 13.91 31.12
CA LEU B 237 -16.39 13.42 30.64
C LEU B 237 -16.55 13.66 29.15
N GLU B 238 -16.03 14.78 28.65
CA GLU B 238 -16.12 15.06 27.23
C GLU B 238 -15.37 14.01 26.43
N GLU B 239 -14.20 13.60 26.93
CA GLU B 239 -13.39 12.60 26.26
C GLU B 239 -14.08 11.24 26.24
N LYS B 240 -14.52 10.76 27.40
CA LYS B 240 -15.20 9.47 27.46
C LYS B 240 -16.41 9.46 26.53
N SER B 241 -17.14 10.56 26.51
CA SER B 241 -18.33 10.71 25.67
C SER B 241 -17.98 10.67 24.20
N LYS B 242 -17.05 11.53 23.80
CA LYS B 242 -16.62 11.61 22.41
C LYS B 242 -16.13 10.27 21.88
N LEU B 243 -15.13 9.68 22.54
CA LEU B 243 -14.59 8.39 22.10
C LEU B 243 -15.67 7.33 21.92
N THR B 244 -16.56 7.19 22.89
CA THR B 244 -17.62 6.20 22.80
C THR B 244 -18.53 6.52 21.62
N GLU B 245 -18.68 7.82 21.32
CA GLU B 245 -19.50 8.28 20.20
C GLU B 245 -18.82 7.90 18.89
N GLN B 246 -17.49 8.01 18.87
CA GLN B 246 -16.71 7.66 17.69
C GLN B 246 -16.69 6.17 17.40
N ALA B 247 -16.91 5.37 18.43
CA ALA B 247 -16.95 3.92 18.26
C ALA B 247 -18.29 3.56 17.64
N MET B 248 -19.34 4.21 18.10
CA MET B 248 -20.68 3.94 17.60
C MET B 248 -20.86 4.39 16.16
N ASP B 249 -20.21 5.49 15.78
CA ASP B 249 -20.34 5.97 14.42
C ASP B 249 -19.67 4.97 13.49
N LEU B 250 -18.61 4.33 13.97
CA LEU B 250 -17.90 3.33 13.19
C LEU B 250 -18.81 2.12 12.99
N VAL B 251 -19.46 1.69 14.07
CA VAL B 251 -20.34 0.54 13.99
C VAL B 251 -21.51 0.83 13.06
N THR B 252 -22.03 2.06 13.09
CA THR B 252 -23.16 2.43 12.24
C THR B 252 -22.75 2.43 10.78
N ALA B 253 -21.55 2.92 10.52
CA ALA B 253 -21.03 3.00 9.17
C ALA B 253 -20.72 1.61 8.63
N ALA B 254 -20.47 0.66 9.52
CA ALA B 254 -20.19 -0.70 9.08
C ALA B 254 -21.48 -1.39 8.66
N GLU B 255 -22.58 -1.02 9.33
CA GLU B 255 -23.91 -1.56 9.09
C GLU B 255 -24.03 -3.01 9.51
N PRO B 256 -24.20 -3.24 10.81
CA PRO B 256 -24.33 -4.55 11.45
C PRO B 256 -25.33 -5.46 10.77
N GLU B 257 -26.47 -4.89 10.37
CA GLU B 257 -27.51 -5.66 9.72
C GLU B 257 -27.07 -6.18 8.36
N ILE B 258 -26.19 -5.44 7.69
CA ILE B 258 -25.73 -5.86 6.38
C ILE B 258 -24.63 -6.90 6.48
N ILE B 259 -23.60 -6.62 7.26
CA ILE B 259 -22.49 -7.55 7.38
C ILE B 259 -22.75 -8.84 8.16
N ALA B 260 -23.90 -8.94 8.81
CA ALA B 260 -24.23 -10.13 9.57
C ALA B 260 -25.48 -10.77 9.00
N SER B 261 -25.93 -10.24 7.86
CA SER B 261 -27.14 -10.74 7.20
C SER B 261 -26.99 -12.19 6.77
N LEU B 262 -28.06 -12.96 6.91
CA LEU B 262 -28.05 -14.36 6.51
C LEU B 262 -28.80 -14.60 5.21
N VAL B 263 -29.44 -13.55 4.70
CA VAL B 263 -30.18 -13.62 3.45
C VAL B 263 -29.47 -12.73 2.43
N PRO B 264 -29.80 -12.86 1.14
CA PRO B 264 -29.17 -12.04 0.10
C PRO B 264 -29.31 -10.52 0.27
N VAL B 265 -28.26 -9.81 -0.10
CA VAL B 265 -28.21 -8.35 -0.04
C VAL B 265 -27.77 -7.86 -1.42
N PRO B 266 -28.57 -6.98 -2.03
CA PRO B 266 -28.25 -6.46 -3.37
C PRO B 266 -26.82 -5.95 -3.46
N ALA B 267 -26.12 -6.34 -4.53
CA ALA B 267 -24.73 -5.90 -4.72
C ALA B 267 -24.54 -4.41 -4.48
N PRO B 268 -25.34 -3.54 -5.12
CA PRO B 268 -25.19 -2.10 -4.92
C PRO B 268 -25.24 -1.71 -3.45
N VAL B 269 -26.14 -2.33 -2.69
CA VAL B 269 -26.30 -2.05 -1.28
C VAL B 269 -25.13 -2.55 -0.45
N PHE B 270 -24.59 -3.71 -0.80
CA PHE B 270 -23.48 -4.31 -0.06
C PHE B 270 -22.14 -3.63 -0.31
N ALA B 271 -21.87 -3.31 -1.57
CA ALA B 271 -20.63 -2.69 -1.98
C ALA B 271 -20.29 -1.34 -1.36
N ILE B 272 -19.00 -1.03 -1.40
CA ILE B 272 -18.46 0.24 -0.89
C ILE B 272 -17.31 0.62 -1.83
N PRO B 273 -16.83 1.88 -1.77
CA PRO B 273 -15.72 2.30 -2.64
C PRO B 273 -14.55 1.33 -2.57
N PRO B 274 -14.27 0.63 -3.69
CA PRO B 274 -13.20 -0.36 -3.80
C PRO B 274 -11.82 0.24 -3.93
N LYS B 275 -10.81 -0.62 -3.82
CA LYS B 275 -9.41 -0.24 -3.95
C LYS B 275 -8.79 -1.13 -5.00
N PRO B 276 -7.69 -0.67 -5.63
CA PRO B 276 -7.02 -1.46 -6.67
C PRO B 276 -6.29 -2.67 -6.12
N ALA B 277 -5.90 -3.57 -7.02
CA ALA B 277 -5.20 -4.79 -6.64
C ALA B 277 -4.11 -5.07 -7.64
N ASP B 278 -3.04 -5.71 -7.19
CA ASP B 278 -1.94 -6.03 -8.08
C ASP B 278 -1.82 -7.52 -8.30
N TYR B 279 -1.42 -7.91 -9.50
CA TYR B 279 -1.23 -9.30 -9.84
C TYR B 279 -0.15 -9.41 -10.87
N ASN B 280 0.40 -10.60 -11.03
CA ASN B 280 1.38 -10.88 -12.06
C ASN B 280 0.74 -12.06 -12.76
N VAL B 281 -0.14 -11.75 -13.70
CA VAL B 281 -0.88 -12.76 -14.45
C VAL B 281 -0.09 -14.03 -14.77
N ARG B 282 1.22 -13.91 -14.93
CA ARG B 282 2.04 -15.06 -15.26
C ARG B 282 2.25 -15.99 -14.07
N THR B 283 2.28 -15.44 -12.87
CA THR B 283 2.52 -16.24 -11.70
C THR B 283 1.25 -16.66 -10.97
N LEU B 284 0.10 -16.34 -11.53
CA LEU B 284 -1.14 -16.76 -10.89
C LEU B 284 -1.32 -18.22 -11.26
N LYS B 285 -2.08 -18.95 -10.45
CA LYS B 285 -2.35 -20.36 -10.72
C LYS B 285 -3.74 -20.33 -11.38
N ILE B 286 -3.88 -20.90 -12.58
CA ILE B 286 -5.17 -20.87 -13.26
C ILE B 286 -6.27 -21.67 -12.56
N ASP B 287 -5.90 -22.52 -11.61
CA ASP B 287 -6.90 -23.28 -10.87
C ASP B 287 -7.29 -22.49 -9.62
N GLU B 288 -6.75 -21.28 -9.52
CA GLU B 288 -7.02 -20.37 -8.40
C GLU B 288 -7.66 -19.09 -8.90
N ALA B 289 -7.17 -18.57 -10.02
CA ALA B 289 -7.72 -17.36 -10.61
C ALA B 289 -8.62 -17.83 -11.74
N THR B 290 -9.91 -17.93 -11.43
CA THR B 290 -10.88 -18.41 -12.41
C THR B 290 -11.13 -17.50 -13.60
N TRP B 291 -10.43 -16.37 -13.66
CA TRP B 291 -10.60 -15.43 -14.77
C TRP B 291 -9.48 -15.49 -15.80
N LEU B 292 -8.70 -16.56 -15.78
CA LEU B 292 -7.61 -16.70 -16.74
C LEU B 292 -7.77 -17.96 -17.55
N ARG B 293 -7.34 -17.91 -18.80
CA ARG B 293 -7.41 -19.05 -19.71
C ARG B 293 -6.01 -19.19 -20.27
N MET B 294 -5.63 -20.40 -20.68
CA MET B 294 -4.28 -20.61 -21.19
C MET B 294 -4.18 -21.70 -22.26
N ILE B 295 -3.34 -21.47 -23.25
CA ILE B 295 -3.12 -22.43 -24.32
C ILE B 295 -2.10 -23.42 -23.76
N PRO B 296 -2.48 -24.71 -23.66
CA PRO B 296 -1.61 -25.76 -23.14
C PRO B 296 -0.26 -25.91 -23.84
N LYS B 297 0.79 -26.04 -23.04
CA LYS B 297 2.13 -26.21 -23.59
C LYS B 297 2.32 -27.68 -23.97
N THR B 298 3.46 -27.99 -24.59
CA THR B 298 3.76 -29.37 -24.98
C THR B 298 2.90 -29.88 -26.14
N MET B 299 2.18 -28.97 -26.79
CA MET B 299 1.34 -29.37 -27.91
C MET B 299 1.90 -28.83 -29.21
N GLY B 300 3.04 -28.14 -29.11
CA GLY B 300 3.62 -27.54 -30.30
C GLY B 300 2.68 -26.53 -30.92
N THR B 301 1.74 -26.00 -30.14
CA THR B 301 0.81 -25.01 -30.66
C THR B 301 1.57 -23.71 -30.89
N LEU B 302 1.38 -23.13 -32.06
CA LEU B 302 2.06 -21.91 -32.44
C LEU B 302 1.49 -21.43 -33.74
N PHE B 303 0.99 -20.20 -33.75
CA PHE B 303 0.45 -19.62 -34.98
C PHE B 303 0.49 -18.10 -34.98
N GLN B 304 0.95 -17.53 -36.10
CA GLN B 304 1.07 -16.08 -36.23
C GLN B 304 -0.24 -15.51 -36.74
N ILE B 305 -0.64 -14.38 -36.18
CA ILE B 305 -1.87 -13.76 -36.63
C ILE B 305 -1.65 -12.29 -36.89
N GLN B 306 -2.69 -11.63 -37.41
CA GLN B 306 -2.63 -10.21 -37.72
C GLN B 306 -3.91 -9.55 -37.28
N VAL B 307 -3.77 -8.41 -36.61
CA VAL B 307 -4.93 -7.69 -36.13
C VAL B 307 -4.67 -6.21 -36.30
N THR B 308 -5.73 -5.44 -36.52
CA THR B 308 -5.60 -4.00 -36.69
C THR B 308 -6.08 -3.25 -35.47
N ASP B 309 -5.63 -2.01 -35.32
CA ASP B 309 -6.05 -1.19 -34.20
C ASP B 309 -7.15 -0.29 -34.74
N ASN B 310 -7.80 0.48 -33.87
CA ASN B 310 -8.89 1.33 -34.32
C ASN B 310 -8.58 2.40 -35.34
N THR B 311 -7.35 2.45 -35.82
CA THR B 311 -7.00 3.44 -36.85
C THR B 311 -6.64 2.70 -38.13
N GLY B 312 -7.03 1.43 -38.19
CA GLY B 312 -6.79 0.62 -39.37
C GLY B 312 -5.39 0.07 -39.53
N THR B 313 -4.48 0.44 -38.64
CA THR B 313 -3.10 -0.06 -38.75
C THR B 313 -3.00 -1.53 -38.39
N ASN B 314 -2.31 -2.29 -39.21
CA ASN B 314 -2.15 -3.72 -39.04
C ASN B 314 -0.99 -4.05 -38.11
N TRP B 315 -1.19 -5.04 -37.23
CA TRP B 315 -0.15 -5.49 -36.29
C TRP B 315 0.09 -7.00 -36.35
N HIS B 316 1.32 -7.40 -36.06
CA HIS B 316 1.72 -8.80 -36.06
C HIS B 316 2.08 -9.29 -34.68
N PHE B 317 1.67 -10.50 -34.37
CA PHE B 317 2.00 -11.13 -33.11
C PHE B 317 1.66 -12.63 -33.13
N ASN B 318 2.30 -13.38 -32.24
CA ASN B 318 2.09 -14.81 -32.18
C ASN B 318 1.43 -15.31 -30.90
N LEU B 319 0.61 -16.35 -31.07
CA LEU B 319 -0.06 -17.02 -29.97
C LEU B 319 0.55 -18.41 -30.00
N ARG B 320 0.86 -18.95 -28.83
CA ARG B 320 1.46 -20.27 -28.78
C ARG B 320 1.25 -20.93 -27.42
N GLY B 321 1.86 -22.09 -27.25
CA GLY B 321 1.73 -22.81 -26.00
C GLY B 321 2.20 -21.97 -24.83
N GLY B 322 1.30 -21.72 -23.89
CA GLY B 322 1.65 -20.92 -22.73
C GLY B 322 0.92 -19.58 -22.64
N THR B 323 0.54 -19.06 -23.81
CA THR B 323 -0.14 -17.76 -23.90
C THR B 323 -1.36 -17.72 -22.99
N ARG B 324 -1.44 -16.68 -22.17
CA ARG B 324 -2.56 -16.52 -21.27
C ARG B 324 -3.40 -15.30 -21.62
N VAL B 325 -4.68 -15.34 -21.27
CA VAL B 325 -5.60 -14.23 -21.52
C VAL B 325 -6.55 -14.06 -20.34
N VAL B 326 -7.14 -12.89 -20.22
CA VAL B 326 -8.08 -12.62 -19.14
C VAL B 326 -9.47 -12.81 -19.72
N ASN B 327 -10.31 -13.61 -19.05
CA ASN B 327 -11.66 -13.83 -19.53
C ASN B 327 -12.50 -12.65 -19.06
N LEU B 328 -12.62 -11.65 -19.91
CA LEU B 328 -13.34 -10.41 -19.63
C LEU B 328 -14.77 -10.57 -19.22
N ASP B 329 -15.45 -11.55 -19.79
CA ASP B 329 -16.84 -11.74 -19.49
C ASP B 329 -17.08 -12.02 -18.01
N GLN B 330 -18.00 -11.27 -17.40
CA GLN B 330 -18.34 -11.49 -16.00
C GLN B 330 -17.45 -10.88 -14.94
N ILE B 331 -16.52 -10.00 -15.30
CA ILE B 331 -15.69 -9.42 -14.26
C ILE B 331 -16.16 -8.03 -13.85
N ALA B 332 -17.19 -7.52 -14.53
CA ALA B 332 -17.74 -6.19 -14.24
C ALA B 332 -16.83 -5.07 -14.78
N PRO B 333 -17.32 -3.83 -14.82
CA PRO B 333 -16.49 -2.73 -15.32
C PRO B 333 -15.11 -2.79 -14.67
N MET B 334 -14.05 -2.76 -15.47
CA MET B 334 -12.71 -2.87 -14.92
C MET B 334 -11.62 -2.21 -15.77
N ARG B 335 -10.72 -1.49 -15.10
CA ARG B 335 -9.61 -0.82 -15.76
C ARG B 335 -8.34 -1.63 -15.52
N PHE B 336 -7.58 -1.87 -16.58
CA PHE B 336 -6.34 -2.63 -16.50
C PHE B 336 -5.17 -1.72 -16.82
N VAL B 337 -4.08 -1.83 -16.08
CA VAL B 337 -2.89 -1.03 -16.36
C VAL B 337 -1.71 -1.97 -16.21
N LEU B 338 -0.92 -2.15 -17.27
CA LEU B 338 0.21 -3.07 -17.24
C LEU B 338 1.56 -2.38 -17.15
N ASP B 339 2.39 -2.84 -16.22
CA ASP B 339 3.72 -2.26 -16.00
C ASP B 339 4.81 -3.28 -16.23
N LEU B 340 5.48 -3.19 -17.37
CA LEU B 340 6.56 -4.11 -17.70
C LEU B 340 7.89 -3.60 -17.15
N GLY B 341 7.84 -2.60 -16.29
CA GLY B 341 9.08 -2.05 -15.73
C GLY B 341 9.87 -3.05 -14.94
N GLY B 342 11.17 -3.10 -15.18
CA GLY B 342 12.03 -4.02 -14.44
C GLY B 342 12.26 -5.36 -15.10
N LYS B 343 11.32 -5.78 -15.94
CA LYS B 343 11.43 -7.07 -16.63
C LYS B 343 12.46 -7.04 -17.73
N SER B 344 12.83 -8.22 -18.21
CA SER B 344 13.84 -8.35 -19.27
C SER B 344 13.32 -8.64 -20.66
N TYR B 345 12.88 -9.87 -20.87
CA TYR B 345 12.36 -10.32 -22.16
C TYR B 345 13.45 -10.34 -23.23
N LYS B 346 14.70 -10.22 -22.79
CA LYS B 346 15.85 -10.24 -23.68
C LYS B 346 16.17 -11.69 -24.06
N GLU B 347 16.21 -11.98 -25.35
CA GLU B 347 16.53 -13.33 -25.83
C GLU B 347 17.64 -13.24 -26.86
N THR B 348 18.23 -14.39 -27.18
CA THR B 348 19.34 -14.44 -28.13
C THR B 348 19.09 -13.64 -29.40
N SER B 349 17.87 -13.68 -29.91
CA SER B 349 17.60 -12.93 -31.12
C SER B 349 16.39 -11.99 -30.97
N TRP B 350 16.28 -11.37 -29.80
CA TRP B 350 15.19 -10.44 -29.56
C TRP B 350 15.55 -9.45 -28.47
N ASP B 351 15.51 -8.16 -28.79
CA ASP B 351 15.82 -7.14 -27.81
C ASP B 351 14.55 -6.31 -27.64
N PRO B 352 13.99 -6.29 -26.42
CA PRO B 352 12.78 -5.54 -26.13
C PRO B 352 12.88 -4.04 -26.41
N ASN B 353 14.12 -3.51 -26.41
CA ASN B 353 14.35 -2.09 -26.63
C ASN B 353 13.87 -1.59 -28.00
N GLY B 354 12.83 -0.75 -27.98
CA GLY B 354 12.28 -0.23 -29.22
C GLY B 354 11.11 -1.04 -29.73
N LYS B 355 10.86 -2.19 -29.12
CA LYS B 355 9.75 -3.03 -29.54
C LYS B 355 8.45 -2.48 -28.99
N LYS B 356 7.33 -3.07 -29.38
CA LYS B 356 6.05 -2.58 -28.92
C LYS B 356 5.18 -3.66 -28.33
N VAL B 357 4.44 -3.31 -27.28
CA VAL B 357 3.54 -4.28 -26.66
C VAL B 357 2.16 -3.68 -26.74
N GLY B 358 1.13 -4.53 -26.74
CA GLY B 358 -0.20 -3.99 -26.82
C GLY B 358 -1.21 -4.89 -26.17
N PHE B 359 -2.41 -4.35 -26.00
CA PHE B 359 -3.53 -5.07 -25.41
C PHE B 359 -4.43 -5.40 -26.59
N ILE B 360 -4.76 -6.68 -26.75
CA ILE B 360 -5.65 -7.11 -27.82
C ILE B 360 -6.90 -7.72 -27.19
N VAL B 361 -8.07 -7.35 -27.69
CA VAL B 361 -9.33 -7.89 -27.18
C VAL B 361 -9.98 -8.78 -28.24
N PHE B 362 -10.11 -10.06 -27.93
CA PHE B 362 -10.73 -11.00 -28.85
C PHE B 362 -12.19 -11.23 -28.54
N GLN B 363 -12.94 -11.60 -29.57
CA GLN B 363 -14.35 -11.92 -29.47
C GLN B 363 -14.57 -13.16 -30.32
N SER B 364 -14.59 -14.32 -29.69
CA SER B 364 -14.75 -15.59 -30.41
C SER B 364 -15.72 -16.53 -29.71
N LYS B 365 -16.32 -17.44 -30.48
CA LYS B 365 -17.25 -18.41 -29.91
C LYS B 365 -16.48 -19.64 -29.43
N ILE B 366 -15.24 -19.78 -29.91
CA ILE B 366 -14.40 -20.91 -29.55
C ILE B 366 -13.61 -20.65 -28.27
N PRO B 367 -13.65 -21.58 -27.32
CA PRO B 367 -12.92 -21.43 -26.06
C PRO B 367 -11.43 -21.24 -26.34
N PHE B 368 -10.81 -20.31 -25.63
CA PHE B 368 -9.40 -20.02 -25.82
C PHE B 368 -8.48 -21.24 -25.71
N GLU B 369 -8.71 -22.12 -24.74
CA GLU B 369 -7.83 -23.28 -24.56
C GLU B 369 -7.71 -24.11 -25.84
N LEU B 370 -8.76 -24.11 -26.66
CA LEU B 370 -8.78 -24.89 -27.88
C LEU B 370 -8.13 -24.25 -29.11
N TRP B 371 -7.67 -23.01 -29.01
CA TRP B 371 -7.06 -22.32 -30.14
C TRP B 371 -5.75 -22.93 -30.61
N THR B 372 -5.56 -23.01 -31.93
CA THR B 372 -4.34 -23.55 -32.52
C THR B 372 -4.11 -22.97 -33.92
N ALA B 373 -5.15 -22.37 -34.49
CA ALA B 373 -5.04 -21.78 -35.82
C ALA B 373 -5.62 -20.39 -35.78
N ALA B 374 -5.11 -19.52 -36.64
CA ALA B 374 -5.57 -18.14 -36.69
C ALA B 374 -7.08 -18.01 -36.98
N SER B 375 -7.64 -19.03 -37.59
CA SER B 375 -9.06 -19.02 -37.97
C SER B 375 -10.06 -19.04 -36.82
N GLN B 376 -9.61 -19.43 -35.64
CA GLN B 376 -10.51 -19.52 -34.50
C GLN B 376 -10.60 -18.26 -33.62
N ILE B 377 -9.80 -17.24 -33.89
CA ILE B 377 -9.81 -16.06 -33.03
C ILE B 377 -10.99 -15.11 -33.17
N GLY B 378 -11.92 -15.39 -34.06
CA GLY B 378 -13.07 -14.50 -34.21
C GLY B 378 -12.69 -13.05 -34.52
N GLN B 379 -13.35 -12.10 -33.84
CA GLN B 379 -13.09 -10.66 -34.04
C GLN B 379 -12.05 -10.08 -33.07
N ALA B 380 -10.94 -9.55 -33.60
CA ALA B 380 -9.89 -9.01 -32.73
C ALA B 380 -9.49 -7.58 -33.09
N THR B 381 -9.14 -6.81 -32.05
CA THR B 381 -8.71 -5.43 -32.19
C THR B 381 -7.61 -5.08 -31.20
N VAL B 382 -6.54 -4.45 -31.68
CA VAL B 382 -5.47 -4.02 -30.81
C VAL B 382 -6.04 -2.74 -30.23
N VAL B 383 -6.41 -2.76 -28.95
CA VAL B 383 -7.01 -1.59 -28.31
C VAL B 383 -6.07 -0.53 -27.73
N ASN B 384 -4.78 -0.84 -27.65
CA ASN B 384 -3.80 0.11 -27.12
C ASN B 384 -2.41 -0.51 -27.20
N TYR B 385 -1.38 0.32 -27.29
CA TYR B 385 -0.02 -0.18 -27.37
C TYR B 385 0.95 0.92 -27.02
N VAL B 386 2.14 0.54 -26.58
CA VAL B 386 3.19 1.48 -26.23
C VAL B 386 4.49 0.94 -26.73
N GLN B 387 5.47 1.82 -26.90
CA GLN B 387 6.78 1.37 -27.35
C GLN B 387 7.64 1.25 -26.11
N LEU B 388 8.39 0.15 -26.02
CA LEU B 388 9.22 -0.09 -24.86
C LEU B 388 10.61 0.52 -24.97
N TYR B 389 11.18 0.83 -23.82
CA TYR B 389 12.54 1.37 -23.75
C TYR B 389 13.26 0.45 -22.78
N ALA B 390 14.41 -0.08 -23.19
CA ALA B 390 15.19 -0.97 -22.34
C ALA B 390 16.58 -0.39 -22.13
N GLU B 391 17.24 -0.85 -21.07
CA GLU B 391 18.57 -0.39 -20.70
C GLU B 391 19.26 -1.58 -20.06
N ASP B 392 20.32 -1.34 -19.28
CA ASP B 392 20.98 -2.44 -18.62
C ASP B 392 20.57 -2.44 -17.16
N SER B 393 20.30 -3.63 -16.63
CA SER B 393 19.89 -3.73 -15.23
C SER B 393 21.06 -4.07 -14.33
N SER B 394 20.78 -4.10 -13.03
CA SER B 394 21.78 -4.44 -12.03
C SER B 394 22.24 -5.88 -12.30
N PHE B 395 21.34 -6.72 -12.82
CA PHE B 395 21.67 -8.11 -13.16
C PHE B 395 22.44 -8.09 -14.48
N THR B 396 23.68 -8.58 -14.48
CA THR B 396 24.47 -8.59 -15.71
C THR B 396 23.80 -9.40 -16.82
N ALA B 397 24.14 -9.06 -18.07
CA ALA B 397 23.61 -9.75 -19.24
C ALA B 397 22.10 -9.58 -19.42
N GLN B 398 21.46 -8.89 -18.49
CA GLN B 398 20.02 -8.68 -18.59
C GLN B 398 19.70 -7.23 -18.95
N SER B 399 18.61 -7.05 -19.69
CA SER B 399 18.18 -5.70 -20.05
C SER B 399 16.97 -5.44 -19.16
N ILE B 400 16.79 -4.19 -18.77
CA ILE B 400 15.68 -3.83 -17.91
C ILE B 400 14.75 -2.88 -18.67
N ILE B 401 13.47 -3.23 -18.76
CA ILE B 401 12.51 -2.42 -19.47
C ILE B 401 12.00 -1.26 -18.62
N ALA B 402 11.88 -0.09 -19.24
CA ALA B 402 11.39 1.09 -18.54
C ALA B 402 9.95 0.89 -18.13
N THR B 403 9.51 1.65 -17.12
CA THR B 403 8.14 1.57 -16.63
C THR B 403 7.10 1.92 -17.68
N THR B 404 6.06 1.11 -17.75
CA THR B 404 4.99 1.33 -18.69
C THR B 404 3.66 1.49 -17.93
N SER B 405 2.66 2.00 -18.63
CA SER B 405 1.34 2.18 -18.05
C SER B 405 0.29 1.88 -19.10
N LEU B 406 0.48 0.78 -19.81
CA LEU B 406 -0.45 0.34 -20.85
C LEU B 406 -1.82 0.15 -20.23
N ALA B 407 -2.80 0.95 -20.66
CA ALA B 407 -4.13 0.85 -20.09
C ALA B 407 -5.24 0.38 -21.01
N TYR B 408 -6.27 -0.20 -20.40
CA TYR B 408 -7.44 -0.67 -21.11
C TYR B 408 -8.63 -0.67 -20.16
N ASN B 409 -9.71 -0.04 -20.57
CA ASN B 409 -10.90 0.02 -19.76
C ASN B 409 -11.92 -0.96 -20.29
N TYR B 410 -12.30 -1.94 -19.47
CA TYR B 410 -13.29 -2.91 -19.89
C TYR B 410 -14.67 -2.39 -19.51
N GLU B 411 -15.41 -1.92 -20.50
CA GLU B 411 -16.75 -1.43 -20.28
C GLU B 411 -17.71 -2.40 -20.98
N PRO B 412 -18.35 -3.29 -20.20
CA PRO B 412 -19.29 -4.29 -20.72
C PRO B 412 -20.30 -3.74 -21.74
N GLU B 413 -20.86 -2.57 -21.44
CA GLU B 413 -21.85 -1.94 -22.32
C GLU B 413 -21.28 -1.59 -23.70
N GLN B 414 -19.99 -1.30 -23.77
CA GLN B 414 -19.36 -0.95 -25.07
C GLN B 414 -19.22 -2.19 -25.95
N LEU B 415 -18.88 -3.33 -25.35
CA LEU B 415 -18.73 -4.58 -26.09
C LEU B 415 -20.09 -5.05 -26.58
N ASN B 416 -21.08 -4.92 -25.70
CA ASN B 416 -22.47 -5.32 -26.01
C ASN B 416 -22.59 -6.82 -26.38
N LYS B 417 -22.26 -7.69 -25.43
CA LYS B 417 -22.35 -9.12 -25.68
C LYS B 417 -23.82 -9.47 -25.97
N THR B 418 -24.03 -10.20 -27.06
CA THR B 418 -25.38 -10.62 -27.47
C THR B 418 -25.46 -12.15 -27.51
N ASP B 419 -24.61 -12.73 -28.36
CA ASP B 419 -24.54 -14.16 -28.52
C ASP B 419 -23.94 -14.76 -27.23
N PRO B 420 -24.73 -15.55 -26.51
CA PRO B 420 -24.32 -16.21 -25.27
C PRO B 420 -23.08 -17.09 -25.41
N GLU B 421 -22.80 -17.53 -26.64
CA GLU B 421 -21.63 -18.38 -26.90
C GLU B 421 -20.38 -17.54 -27.17
N MET B 422 -20.51 -16.23 -27.02
CA MET B 422 -19.38 -15.34 -27.26
C MET B 422 -18.49 -15.20 -26.05
N ASN B 423 -17.19 -15.33 -26.30
CA ASN B 423 -16.19 -15.20 -25.25
C ASN B 423 -15.40 -13.94 -25.48
N TYR B 424 -15.07 -13.26 -24.40
CA TYR B 424 -14.30 -12.03 -24.50
C TYR B 424 -12.98 -12.19 -23.79
N TYR B 425 -11.90 -12.10 -24.56
CA TYR B 425 -10.54 -12.29 -24.05
C TYR B 425 -9.63 -11.08 -24.16
N LEU B 426 -8.70 -10.96 -23.22
CA LEU B 426 -7.73 -9.88 -23.19
C LEU B 426 -6.33 -10.48 -23.20
N LEU B 427 -5.48 -10.01 -24.10
CA LEU B 427 -4.11 -10.50 -24.23
C LEU B 427 -3.10 -9.36 -24.20
N ALA B 428 -1.88 -9.67 -23.78
CA ALA B 428 -0.82 -8.69 -23.74
C ALA B 428 0.41 -9.35 -24.30
N THR B 429 0.82 -8.96 -25.50
CA THR B 429 2.00 -9.55 -26.13
C THR B 429 2.74 -8.47 -26.87
N PHE B 430 3.80 -8.91 -27.55
CA PHE B 430 4.59 -8.04 -28.37
C PHE B 430 3.83 -7.97 -29.68
N ILE B 431 3.71 -6.77 -30.23
CA ILE B 431 3.07 -6.58 -31.52
C ILE B 431 4.12 -5.86 -32.33
N ASP B 432 4.12 -6.06 -33.64
CA ASP B 432 5.11 -5.42 -34.49
C ASP B 432 4.57 -5.18 -35.89
N SER B 433 5.13 -4.21 -36.60
CA SER B 433 4.69 -3.89 -37.94
C SER B 433 5.20 -4.94 -38.91
N ALA B 434 6.17 -5.72 -38.44
CA ALA B 434 6.76 -6.78 -39.24
C ALA B 434 6.49 -8.10 -38.54
N ALA B 435 6.14 -9.13 -39.32
CA ALA B 435 5.88 -10.45 -38.74
C ALA B 435 6.94 -10.81 -37.70
N ILE B 436 6.50 -11.29 -36.55
CA ILE B 436 7.45 -11.65 -35.51
C ILE B 436 7.89 -13.10 -35.68
N THR B 437 9.15 -13.28 -36.07
CA THR B 437 9.73 -14.60 -36.25
C THR B 437 9.62 -15.40 -34.94
N PRO B 438 8.82 -16.48 -34.95
CA PRO B 438 8.58 -17.37 -33.81
C PRO B 438 9.82 -17.86 -33.07
N THR B 439 10.92 -18.05 -33.77
CA THR B 439 12.12 -18.54 -33.10
C THR B 439 12.95 -17.42 -32.49
N ASN B 440 12.62 -16.17 -32.81
CA ASN B 440 13.36 -15.04 -32.26
C ASN B 440 12.75 -14.67 -30.92
N MET B 441 11.46 -14.34 -30.93
CA MET B 441 10.73 -13.96 -29.72
C MET B 441 9.84 -15.14 -29.36
N THR B 442 10.29 -15.93 -28.39
CA THR B 442 9.56 -17.13 -27.98
C THR B 442 8.59 -17.01 -26.81
N GLN B 443 8.61 -15.89 -26.10
CA GLN B 443 7.69 -15.72 -24.97
C GLN B 443 6.26 -15.88 -25.46
N PRO B 444 5.37 -16.41 -24.61
CA PRO B 444 3.96 -16.63 -24.93
C PRO B 444 3.15 -15.36 -24.89
N ASP B 445 3.62 -14.43 -24.08
CA ASP B 445 2.97 -13.15 -23.91
C ASP B 445 3.88 -12.34 -23.02
N VAL B 446 3.47 -11.12 -22.69
CA VAL B 446 4.26 -10.25 -21.82
C VAL B 446 3.47 -10.06 -20.53
N TRP B 447 2.79 -11.12 -20.11
CA TRP B 447 2.00 -11.08 -18.88
C TRP B 447 2.85 -11.18 -17.61
N ASP B 448 4.13 -11.51 -17.76
CA ASP B 448 5.02 -11.56 -16.61
C ASP B 448 5.35 -10.10 -16.41
N ALA B 449 4.43 -9.39 -15.76
CA ALA B 449 4.58 -7.98 -15.51
C ALA B 449 3.66 -7.66 -14.36
N LEU B 450 3.65 -6.40 -13.94
CA LEU B 450 2.77 -5.99 -12.85
C LEU B 450 1.46 -5.48 -13.43
N LEU B 451 0.37 -6.14 -13.10
CA LEU B 451 -0.92 -5.71 -13.61
C LEU B 451 -1.71 -5.11 -12.46
N THR B 452 -2.27 -3.93 -12.69
CA THR B 452 -3.06 -3.29 -11.68
C THR B 452 -4.49 -3.16 -12.17
N MET B 453 -5.43 -3.75 -11.44
CA MET B 453 -6.82 -3.69 -11.80
C MET B 453 -7.53 -2.70 -10.90
N SER B 454 -8.43 -1.93 -11.50
CA SER B 454 -9.20 -0.93 -10.77
C SER B 454 -10.63 -1.02 -11.24
N PRO B 455 -11.56 -1.27 -10.33
CA PRO B 455 -12.97 -1.37 -10.71
C PRO B 455 -13.45 -0.06 -11.31
N LEU B 456 -14.28 -0.14 -12.34
CA LEU B 456 -14.82 1.07 -12.96
C LEU B 456 -16.30 1.17 -12.60
N SER B 457 -16.61 0.74 -11.38
CA SER B 457 -17.96 0.75 -10.85
C SER B 457 -17.92 0.30 -9.40
N ALA B 458 -18.79 0.88 -8.59
CA ALA B 458 -18.85 0.52 -7.19
C ALA B 458 -20.25 0.01 -6.87
N GLY B 459 -20.93 -0.46 -7.91
CA GLY B 459 -22.27 -0.97 -7.72
C GLY B 459 -22.38 -2.43 -8.12
N GLU B 460 -21.27 -3.00 -8.54
CA GLU B 460 -21.25 -4.40 -8.91
C GLU B 460 -20.22 -5.10 -8.05
N VAL B 461 -20.53 -6.33 -7.66
CA VAL B 461 -19.67 -7.13 -6.82
C VAL B 461 -19.49 -8.51 -7.43
N THR B 462 -18.30 -9.09 -7.28
CA THR B 462 -18.02 -10.43 -7.79
C THR B 462 -17.61 -11.34 -6.62
N VAL B 463 -17.67 -12.65 -6.87
CA VAL B 463 -17.29 -13.62 -5.87
C VAL B 463 -16.43 -14.64 -6.57
N LYS B 464 -15.14 -14.60 -6.24
CA LYS B 464 -14.18 -15.50 -6.84
C LYS B 464 -14.13 -15.45 -8.36
N GLY B 465 -14.06 -14.24 -8.91
CA GLY B 465 -13.96 -14.10 -10.35
C GLY B 465 -15.16 -13.72 -11.20
N ALA B 466 -16.37 -13.97 -10.71
CA ALA B 466 -17.55 -13.64 -11.50
C ALA B 466 -18.58 -12.82 -10.76
N VAL B 467 -19.28 -11.99 -11.52
CA VAL B 467 -20.30 -11.11 -10.99
C VAL B 467 -21.48 -11.86 -10.40
N VAL B 468 -22.08 -11.27 -9.37
CA VAL B 468 -23.24 -11.80 -8.66
C VAL B 468 -24.16 -10.61 -8.44
N SER B 469 -25.46 -10.81 -8.58
CA SER B 469 -26.40 -9.71 -8.40
C SER B 469 -26.69 -9.41 -6.94
N GLU B 470 -26.32 -10.33 -6.06
CA GLU B 470 -26.53 -10.16 -4.63
C GLU B 470 -25.61 -11.04 -3.81
N VAL B 471 -25.36 -10.63 -2.57
CA VAL B 471 -24.46 -11.36 -1.69
C VAL B 471 -25.14 -11.78 -0.41
N VAL B 472 -24.66 -12.88 0.17
CA VAL B 472 -25.17 -13.36 1.43
C VAL B 472 -23.94 -13.27 2.32
N PRO B 473 -23.75 -12.10 2.97
CA PRO B 473 -22.60 -11.85 3.85
C PRO B 473 -22.15 -13.02 4.73
N ALA B 474 -23.09 -13.62 5.46
CA ALA B 474 -22.78 -14.74 6.35
C ALA B 474 -22.13 -15.96 5.70
N GLU B 475 -22.44 -16.20 4.43
CA GLU B 475 -21.87 -17.35 3.73
C GLU B 475 -20.44 -17.08 3.25
N LEU B 476 -20.02 -15.83 3.36
CA LEU B 476 -18.68 -15.45 2.95
C LEU B 476 -17.72 -15.89 4.03
N ILE B 477 -18.23 -15.88 5.26
CA ILE B 477 -17.45 -16.26 6.43
C ILE B 477 -16.73 -17.60 6.25
N GLY B 478 -15.41 -17.58 6.46
CA GLY B 478 -14.60 -18.77 6.35
C GLY B 478 -14.63 -19.58 5.07
N SER B 479 -14.92 -18.94 3.93
CA SER B 479 -14.98 -19.66 2.66
C SER B 479 -13.88 -19.34 1.64
N TYR B 480 -12.90 -18.54 2.05
CA TYR B 480 -11.80 -18.17 1.17
C TYR B 480 -10.46 -18.70 1.66
N THR B 481 -9.68 -19.27 0.77
CA THR B 481 -8.37 -19.74 1.17
C THR B 481 -7.49 -18.54 0.91
N PRO B 482 -6.27 -18.53 1.45
CA PRO B 482 -5.37 -17.40 1.21
C PRO B 482 -5.13 -17.24 -0.29
N GLU B 483 -4.99 -18.37 -0.97
CA GLU B 483 -4.77 -18.38 -2.41
C GLU B 483 -5.91 -17.70 -3.16
N SER B 484 -7.13 -18.13 -2.84
CA SER B 484 -8.33 -17.59 -3.45
C SER B 484 -8.53 -16.11 -3.20
N LEU B 485 -8.27 -15.67 -1.98
CA LEU B 485 -8.44 -14.25 -1.68
C LEU B 485 -7.47 -13.46 -2.54
N ASN B 486 -6.21 -13.86 -2.54
CA ASN B 486 -5.21 -13.18 -3.31
C ASN B 486 -5.53 -13.08 -4.79
N ALA B 487 -6.22 -14.09 -5.32
CA ALA B 487 -6.57 -14.11 -6.73
C ALA B 487 -7.89 -13.43 -7.07
N SER B 488 -8.67 -13.10 -6.06
CA SER B 488 -9.96 -12.46 -6.30
C SER B 488 -9.77 -11.11 -6.98
N LEU B 489 -10.81 -10.65 -7.67
CA LEU B 489 -10.79 -9.36 -8.36
C LEU B 489 -10.97 -8.23 -7.35
N PRO B 490 -10.55 -7.01 -7.70
CA PRO B 490 -10.68 -5.86 -6.81
C PRO B 490 -12.09 -5.61 -6.30
N ASN B 491 -13.07 -6.12 -7.03
CA ASN B 491 -14.46 -5.92 -6.65
C ASN B 491 -15.08 -7.16 -6.04
N ASP B 492 -14.26 -7.99 -5.39
CA ASP B 492 -14.75 -9.22 -4.79
C ASP B 492 -15.48 -8.93 -3.49
N ALA B 493 -16.57 -9.65 -3.25
CA ALA B 493 -17.36 -9.45 -2.04
C ALA B 493 -16.54 -9.61 -0.75
N ALA B 494 -15.60 -10.54 -0.75
CA ALA B 494 -14.77 -10.78 0.42
C ALA B 494 -14.04 -9.50 0.76
N ARG B 495 -13.32 -8.94 -0.21
CA ARG B 495 -12.56 -7.71 0.01
C ARG B 495 -13.44 -6.63 0.63
N CYS B 496 -14.67 -6.53 0.14
CA CYS B 496 -15.59 -5.54 0.64
C CYS B 496 -16.00 -5.88 2.07
N MET B 497 -16.35 -7.12 2.29
CA MET B 497 -16.75 -7.59 3.62
C MET B 497 -15.64 -7.19 4.60
N ILE B 498 -14.40 -7.38 4.19
CA ILE B 498 -13.25 -7.07 5.02
C ILE B 498 -13.15 -5.59 5.37
N ASP B 499 -13.44 -4.71 4.42
CA ASP B 499 -13.35 -3.28 4.70
C ASP B 499 -14.49 -2.80 5.58
N ARG B 500 -15.64 -3.46 5.50
CA ARG B 500 -16.76 -3.08 6.35
C ARG B 500 -16.52 -3.61 7.75
N ALA B 501 -16.00 -4.82 7.83
CA ALA B 501 -15.72 -5.47 9.09
C ALA B 501 -14.67 -4.74 9.91
N SER B 502 -13.66 -4.21 9.24
CA SER B 502 -12.57 -3.52 9.93
C SER B 502 -13.04 -2.27 10.67
N LYS B 503 -14.19 -1.73 10.28
CA LYS B 503 -14.72 -0.58 10.99
C LYS B 503 -15.23 -1.08 12.34
N ILE B 504 -15.66 -2.35 12.37
CA ILE B 504 -16.13 -2.96 13.61
C ILE B 504 -14.92 -3.21 14.50
N ALA B 505 -13.85 -3.72 13.90
CA ALA B 505 -12.64 -3.99 14.65
C ALA B 505 -12.11 -2.69 15.25
N GLU B 506 -12.14 -1.63 14.45
CA GLU B 506 -11.67 -0.34 14.91
C GLU B 506 -12.48 0.14 16.09
N ALA B 507 -13.80 -0.07 16.01
CA ALA B 507 -14.73 0.32 17.05
C ALA B 507 -14.45 -0.41 18.35
N ILE B 508 -14.32 -1.73 18.26
CA ILE B 508 -14.04 -2.54 19.45
C ILE B 508 -12.75 -2.10 20.11
N LYS B 509 -11.74 -1.77 19.32
CA LYS B 509 -10.48 -1.37 19.91
C LYS B 509 -10.55 -0.01 20.59
N ILE B 510 -11.39 0.89 20.11
CA ILE B 510 -11.51 2.19 20.75
C ILE B 510 -12.03 2.00 22.17
N ASP B 511 -12.90 1.02 22.34
CA ASP B 511 -13.49 0.75 23.65
C ASP B 511 -12.82 -0.33 24.49
N ASP B 512 -12.16 -1.30 23.85
CA ASP B 512 -11.54 -2.41 24.56
C ASP B 512 -10.04 -2.31 24.83
N ASP B 513 -9.67 -2.36 26.11
CA ASP B 513 -8.28 -2.30 26.52
C ASP B 513 -7.90 -3.61 27.19
N ALA B 514 -8.53 -4.69 26.76
CA ALA B 514 -8.25 -6.01 27.32
C ALA B 514 -6.88 -6.49 26.91
N GLY B 515 -6.18 -7.10 27.86
CA GLY B 515 -4.86 -7.64 27.58
C GLY B 515 -5.02 -9.09 27.15
N PRO B 516 -3.91 -9.80 26.91
CA PRO B 516 -3.98 -11.20 26.49
C PRO B 516 -4.83 -12.09 27.40
N ASP B 517 -5.74 -12.84 26.79
CA ASP B 517 -6.60 -13.77 27.51
C ASP B 517 -7.60 -13.18 28.49
N GLU B 518 -7.78 -11.86 28.48
CA GLU B 518 -8.75 -11.24 29.39
C GLU B 518 -10.11 -11.08 28.71
N TYR B 519 -11.17 -11.47 29.41
CA TYR B 519 -12.51 -11.34 28.85
C TYR B 519 -12.90 -9.89 28.74
N SER B 520 -13.99 -9.61 28.05
CA SER B 520 -14.47 -8.24 27.87
C SER B 520 -15.86 -8.30 27.28
N PRO B 521 -16.59 -7.18 27.34
CA PRO B 521 -17.95 -7.12 26.80
C PRO B 521 -18.00 -7.44 25.31
N ASN B 522 -16.85 -7.32 24.65
CA ASN B 522 -16.78 -7.55 23.21
C ASN B 522 -16.24 -8.91 22.80
N SER B 523 -15.85 -9.71 23.79
CA SER B 523 -15.32 -11.05 23.51
C SER B 523 -16.34 -12.13 23.89
N VAL B 524 -17.09 -11.88 24.96
CA VAL B 524 -18.09 -12.82 25.45
C VAL B 524 -19.18 -13.26 24.45
N PRO B 525 -19.52 -12.40 23.47
CA PRO B 525 -20.55 -12.82 22.53
C PRO B 525 -20.17 -14.12 21.83
N ILE B 526 -18.87 -14.26 21.56
CA ILE B 526 -18.33 -15.45 20.91
C ILE B 526 -18.39 -16.59 21.91
N GLN B 527 -17.97 -16.31 23.14
CA GLN B 527 -17.96 -17.29 24.21
C GLN B 527 -19.34 -17.92 24.33
N GLY B 528 -20.37 -17.10 24.19
CA GLY B 528 -21.72 -17.61 24.29
C GLY B 528 -22.00 -18.63 23.20
N GLN B 529 -21.62 -18.30 21.97
CA GLN B 529 -21.84 -19.21 20.86
C GLN B 529 -21.05 -20.49 21.10
N LEU B 530 -19.81 -20.33 21.54
CA LEU B 530 -18.96 -21.49 21.80
C LEU B 530 -19.55 -22.37 22.90
N ALA B 531 -20.04 -21.74 23.97
CA ALA B 531 -20.62 -22.46 25.09
C ALA B 531 -21.72 -23.40 24.64
N ILE B 532 -22.64 -22.90 23.82
CA ILE B 532 -23.77 -23.70 23.31
C ILE B 532 -23.34 -24.68 22.22
N SER B 533 -22.45 -24.22 21.35
CA SER B 533 -21.94 -25.02 20.24
C SER B 533 -21.37 -26.38 20.64
N GLN B 534 -20.55 -26.42 21.69
CA GLN B 534 -19.97 -27.66 22.13
C GLN B 534 -20.99 -28.60 22.77
N LEU B 535 -22.20 -28.11 22.97
CA LEU B 535 -23.27 -28.91 23.55
C LEU B 535 -24.15 -29.46 22.45
N GLU B 536 -24.34 -28.66 21.40
CA GLU B 536 -25.16 -29.07 20.26
C GLU B 536 -24.74 -30.46 19.78
N THR B 537 -25.73 -31.27 19.39
CA THR B 537 -25.42 -32.61 18.90
C THR B 537 -24.96 -32.52 17.45
N GLY B 538 -23.73 -32.93 17.21
CA GLY B 538 -23.24 -32.87 15.85
C GLY B 538 -22.70 -34.23 15.48
N TYR B 539 -21.47 -34.24 14.98
CA TYR B 539 -20.82 -35.48 14.59
C TYR B 539 -19.35 -35.30 14.94
N GLY B 540 -18.68 -36.40 15.25
CA GLY B 540 -17.28 -36.32 15.61
C GLY B 540 -17.08 -36.38 17.12
N VAL B 541 -15.83 -36.42 17.57
CA VAL B 541 -15.56 -36.48 19.00
C VAL B 541 -15.83 -35.17 19.72
N ARG B 542 -16.84 -35.20 20.59
CA ARG B 542 -17.29 -34.04 21.36
C ARG B 542 -16.28 -33.72 22.47
N ILE B 543 -16.18 -32.44 22.82
CA ILE B 543 -15.27 -32.00 23.87
C ILE B 543 -15.97 -31.00 24.77
N PHE B 544 -15.58 -30.96 26.04
CA PHE B 544 -16.18 -30.01 26.96
C PHE B 544 -15.13 -29.10 27.57
N ASN B 545 -15.30 -27.80 27.33
CA ASN B 545 -14.39 -26.83 27.90
C ASN B 545 -15.10 -26.03 28.95
N PRO B 546 -14.43 -25.81 30.09
CA PRO B 546 -14.99 -25.05 31.21
C PRO B 546 -15.19 -23.61 30.74
N LYS B 547 -16.06 -22.86 31.40
CA LYS B 547 -16.29 -21.48 31.01
C LYS B 547 -14.96 -20.75 30.89
N GLY B 548 -14.09 -20.94 31.88
CA GLY B 548 -12.79 -20.29 31.89
C GLY B 548 -11.94 -20.42 30.65
N ILE B 549 -12.01 -21.57 29.98
CA ILE B 549 -11.23 -21.78 28.76
C ILE B 549 -11.96 -21.22 27.55
N LEU B 550 -13.28 -21.35 27.54
CA LEU B 550 -14.04 -20.81 26.41
C LEU B 550 -13.86 -19.31 26.41
N SER B 551 -13.74 -18.72 27.60
CA SER B 551 -13.56 -17.29 27.76
C SER B 551 -12.29 -16.81 27.10
N LYS B 552 -11.21 -17.58 27.25
CA LYS B 552 -9.92 -17.25 26.66
C LYS B 552 -9.97 -17.38 25.15
N ILE B 553 -10.41 -18.55 24.69
CA ILE B 553 -10.52 -18.80 23.26
C ILE B 553 -11.27 -17.66 22.58
N ALA B 554 -12.32 -17.19 23.23
CA ALA B 554 -13.10 -16.11 22.68
C ALA B 554 -12.24 -14.85 22.61
N SER B 555 -11.48 -14.58 23.68
CA SER B 555 -10.62 -13.41 23.73
C SER B 555 -9.61 -13.39 22.60
N ARG B 556 -8.96 -14.52 22.39
CA ARG B 556 -7.96 -14.62 21.35
C ARG B 556 -8.57 -14.46 19.97
N ALA B 557 -9.78 -14.97 19.79
CA ALA B 557 -10.48 -14.87 18.53
C ALA B 557 -10.71 -13.41 18.20
N MET B 558 -11.21 -12.68 19.19
CA MET B 558 -11.46 -11.26 19.02
C MET B 558 -10.18 -10.50 18.70
N GLN B 559 -9.08 -10.85 19.38
CA GLN B 559 -7.81 -10.19 19.14
C GLN B 559 -7.31 -10.45 17.73
N ALA B 560 -7.43 -11.69 17.30
CA ALA B 560 -7.01 -12.07 15.96
C ALA B 560 -7.81 -11.27 14.95
N PHE B 561 -9.09 -11.08 15.23
CA PHE B 561 -9.97 -10.33 14.36
C PHE B 561 -9.53 -8.87 14.26
N ILE B 562 -9.27 -8.26 15.40
CA ILE B 562 -8.85 -6.86 15.44
C ILE B 562 -7.49 -6.66 14.79
N GLY B 563 -6.62 -7.66 14.90
CA GLY B 563 -5.29 -7.55 14.32
C GLY B 563 -5.24 -7.90 12.84
N ASP B 564 -6.23 -8.65 12.40
CA ASP B 564 -6.33 -9.08 11.02
C ASP B 564 -7.80 -9.35 10.69
N PRO B 565 -8.56 -8.28 10.36
CA PRO B 565 -9.97 -8.47 10.04
C PRO B 565 -10.27 -9.51 8.94
N SER B 566 -9.31 -9.79 8.08
CA SER B 566 -9.56 -10.76 7.00
C SER B 566 -9.67 -12.20 7.49
N THR B 567 -9.45 -12.43 8.79
CA THR B 567 -9.54 -13.79 9.31
C THR B 567 -10.96 -14.31 9.27
N ILE B 568 -11.95 -13.41 9.29
CA ILE B 568 -13.34 -13.83 9.25
C ILE B 568 -13.74 -14.48 7.93
N ILE B 569 -13.08 -14.11 6.83
CA ILE B 569 -13.43 -14.72 5.56
C ILE B 569 -12.41 -15.78 5.16
N THR B 570 -11.44 -16.03 6.04
CA THR B 570 -10.39 -17.00 5.79
C THR B 570 -10.76 -18.37 6.30
N GLN B 571 -10.60 -19.36 5.43
CA GLN B 571 -10.90 -20.75 5.71
C GLN B 571 -10.17 -21.29 6.92
N ALA B 572 -10.88 -22.11 7.69
CA ALA B 572 -10.33 -22.75 8.88
C ALA B 572 -9.75 -21.79 9.93
N ALA B 573 -10.05 -20.50 9.80
CA ALA B 573 -9.56 -19.54 10.79
C ALA B 573 -10.16 -19.95 12.13
N PRO B 574 -9.34 -20.39 13.08
CA PRO B 574 -9.81 -20.81 14.40
C PRO B 574 -11.27 -20.59 14.83
N VAL B 575 -11.65 -19.40 15.29
CA VAL B 575 -13.06 -19.29 15.71
C VAL B 575 -13.92 -18.43 14.82
N LEU B 576 -13.29 -17.47 14.16
CA LEU B 576 -13.98 -16.54 13.29
C LEU B 576 -14.41 -17.18 11.96
N SER B 577 -14.01 -18.42 11.76
CA SER B 577 -14.34 -19.16 10.56
C SER B 577 -15.80 -19.65 10.58
N ASP B 578 -16.43 -19.59 11.75
CA ASP B 578 -17.83 -20.01 11.96
C ASP B 578 -18.77 -18.80 11.87
N LYS B 579 -19.71 -18.82 10.94
CA LYS B 579 -20.62 -17.70 10.79
C LYS B 579 -21.39 -17.29 12.03
N ASN B 580 -21.62 -18.24 12.95
CA ASN B 580 -22.36 -17.92 14.18
C ASN B 580 -21.59 -17.00 15.11
N ASN B 581 -20.30 -17.26 15.27
CA ASN B 581 -19.47 -16.42 16.12
C ASN B 581 -19.36 -15.03 15.53
N TRP B 582 -19.37 -14.93 14.20
CA TRP B 582 -19.28 -13.64 13.55
C TRP B 582 -20.54 -12.82 13.84
N ILE B 583 -21.69 -13.40 13.55
CA ILE B 583 -22.96 -12.72 13.77
C ILE B 583 -23.12 -12.28 15.23
N ALA B 584 -22.72 -13.14 16.16
CA ALA B 584 -22.81 -12.81 17.58
C ALA B 584 -21.96 -11.60 17.93
N LEU B 585 -20.76 -11.53 17.35
CA LEU B 585 -19.84 -10.43 17.58
C LEU B 585 -20.33 -9.15 16.92
N ALA B 586 -20.61 -9.24 15.63
CA ALA B 586 -21.10 -8.09 14.87
C ALA B 586 -22.30 -7.46 15.56
N GLN B 587 -23.27 -8.27 15.94
CA GLN B 587 -24.48 -7.79 16.60
C GLN B 587 -24.23 -7.42 18.06
N GLY B 588 -23.35 -8.15 18.72
CA GLY B 588 -23.07 -7.86 20.11
C GLY B 588 -22.53 -6.47 20.36
N VAL B 589 -21.56 -6.07 19.54
CA VAL B 589 -20.92 -4.76 19.67
C VAL B 589 -21.90 -3.63 19.85
N LYS B 590 -23.02 -3.69 19.14
CA LYS B 590 -24.05 -2.64 19.23
C LYS B 590 -24.52 -2.51 20.66
N THR B 591 -24.84 -3.64 21.26
CA THR B 591 -25.31 -3.66 22.64
C THR B 591 -24.17 -3.24 23.57
N SER B 592 -23.00 -3.81 23.36
CA SER B 592 -21.83 -3.49 24.17
C SER B 592 -21.58 -1.98 24.34
N LEU B 593 -21.69 -1.23 23.25
CA LEU B 593 -21.47 0.21 23.30
C LEU B 593 -22.65 1.00 23.80
N ARG B 594 -23.83 0.69 23.27
CA ARG B 594 -25.05 1.38 23.65
C ARG B 594 -25.43 1.32 25.12
N THR B 595 -24.95 0.33 25.87
CA THR B 595 -25.30 0.22 27.27
C THR B 595 -24.24 0.75 28.20
N LYS B 596 -23.38 1.61 27.67
CA LYS B 596 -22.32 2.24 28.46
C LYS B 596 -22.84 3.55 29.05
N SER B 597 -22.26 3.97 30.16
CA SER B 597 -22.67 5.21 30.80
C SER B 597 -21.42 6.06 31.05
N LEU B 598 -21.09 6.94 30.11
CA LEU B 598 -19.91 7.80 30.22
C LEU B 598 -18.77 7.08 30.93
N SER B 599 -18.53 5.82 30.55
CA SER B 599 -17.46 5.03 31.19
C SER B 599 -16.21 4.83 30.36
N ALA B 600 -15.14 4.42 31.03
CA ALA B 600 -13.86 4.17 30.38
C ALA B 600 -13.19 3.00 31.07
N GLY B 601 -12.51 2.17 30.27
CA GLY B 601 -11.84 1.01 30.82
C GLY B 601 -11.03 1.30 32.07
N VAL B 602 -11.09 0.38 33.03
CA VAL B 602 -10.34 0.52 34.27
C VAL B 602 -8.86 0.76 34.00
N LYS B 603 -8.27 -0.16 33.24
CA LYS B 603 -6.87 -0.09 32.87
C LYS B 603 -6.59 1.28 32.24
N THR B 604 -7.48 1.72 31.36
CA THR B 604 -7.34 3.00 30.66
C THR B 604 -7.42 4.19 31.61
N ALA B 605 -8.46 4.21 32.45
CA ALA B 605 -8.65 5.29 33.40
C ALA B 605 -7.37 5.60 34.20
N VAL B 606 -6.73 4.57 34.74
CA VAL B 606 -5.52 4.79 35.51
C VAL B 606 -4.39 5.30 34.62
N SER B 607 -4.22 4.68 33.46
CA SER B 607 -3.16 5.08 32.55
C SER B 607 -3.27 6.53 32.11
N LYS B 608 -4.50 6.98 31.86
CA LYS B 608 -4.75 8.35 31.43
C LYS B 608 -4.31 9.35 32.50
N LEU B 609 -4.78 9.13 33.72
CA LEU B 609 -4.45 10.00 34.83
C LEU B 609 -2.95 9.96 35.12
N SER B 610 -2.39 8.76 35.09
CA SER B 610 -0.97 8.60 35.33
C SER B 610 -0.18 9.39 34.29
N SER B 611 -0.62 9.34 33.04
CA SER B 611 0.03 10.05 31.95
C SER B 611 -0.19 11.57 32.05
N SER B 612 -1.43 11.97 32.34
CA SER B 612 -1.75 13.39 32.49
C SER B 612 -0.85 14.02 33.54
N GLU B 613 -0.60 13.28 34.62
CA GLU B 613 0.26 13.78 35.68
C GLU B 613 1.68 14.00 35.19
N SER B 614 2.23 13.04 34.46
CA SER B 614 3.60 13.18 33.94
C SER B 614 3.74 14.39 33.00
N ILE B 615 2.67 14.69 32.26
CA ILE B 615 2.67 15.82 31.34
C ILE B 615 2.59 17.11 32.14
N GLN B 616 1.77 17.10 33.18
CA GLN B 616 1.61 18.26 34.06
C GLN B 616 2.96 18.59 34.68
N ASN B 617 3.64 17.54 35.14
CA ASN B 617 4.95 17.68 35.73
C ASN B 617 5.92 18.24 34.70
N TRP B 618 5.83 17.75 33.46
CA TRP B 618 6.70 18.21 32.38
C TRP B 618 6.43 19.70 32.14
N THR B 619 5.15 20.06 32.13
CA THR B 619 4.72 21.43 31.93
C THR B 619 5.35 22.35 32.97
N GLN B 620 5.34 21.92 34.21
CA GLN B 620 5.91 22.71 35.28
C GLN B 620 7.42 22.85 35.06
N GLY B 621 8.10 21.73 34.86
CA GLY B 621 9.54 21.79 34.65
C GLY B 621 9.93 22.76 33.55
N PHE B 622 9.07 22.92 32.55
CA PHE B 622 9.36 23.84 31.46
C PHE B 622 9.14 25.26 31.95
N LEU B 623 8.00 25.49 32.59
CA LEU B 623 7.69 26.81 33.09
C LEU B 623 8.79 27.30 34.01
N ASP B 624 9.45 26.37 34.70
CA ASP B 624 10.55 26.72 35.60
C ASP B 624 11.72 27.26 34.78
N LYS B 625 12.05 26.54 33.70
CA LYS B 625 13.13 26.96 32.82
C LYS B 625 12.82 28.36 32.29
N VAL B 626 11.53 28.63 32.06
CA VAL B 626 11.12 29.94 31.56
C VAL B 626 11.43 30.98 32.62
N SER B 627 10.95 30.72 33.83
CA SER B 627 11.18 31.63 34.96
C SER B 627 12.67 31.87 35.15
N THR B 628 13.48 30.84 34.96
CA THR B 628 14.92 30.95 35.10
C THR B 628 15.62 31.80 34.03
N HIS B 629 15.14 31.76 32.80
CA HIS B 629 15.77 32.52 31.72
C HIS B 629 15.15 33.89 31.44
N PHE B 630 14.06 34.19 32.14
CA PHE B 630 13.37 35.47 32.04
C PHE B 630 12.88 35.75 33.45
N PRO B 631 13.83 36.00 34.37
CA PRO B 631 13.61 36.27 35.79
C PRO B 631 12.67 37.42 36.02
N ALA B 632 11.84 37.28 37.05
CA ALA B 632 10.92 38.35 37.41
C ALA B 632 11.74 39.39 38.17
N PRO B 633 11.31 40.65 38.16
CA PRO B 633 12.09 41.66 38.89
C PRO B 633 11.94 41.47 40.41
N THR C 9 -37.49 -8.06 46.02
CA THR C 9 -38.72 -8.87 46.05
C THR C 9 -39.04 -9.52 44.70
N ILE C 10 -38.00 -10.08 44.08
CA ILE C 10 -38.15 -10.77 42.80
C ILE C 10 -37.32 -12.04 42.89
N ASN C 11 -37.64 -13.05 42.09
CA ASN C 11 -36.87 -14.27 42.13
C ASN C 11 -36.18 -14.51 40.78
N VAL C 12 -34.87 -14.27 40.75
CA VAL C 12 -34.10 -14.44 39.54
C VAL C 12 -34.29 -15.86 38.98
N THR C 13 -34.57 -16.80 39.86
CA THR C 13 -34.78 -18.20 39.48
C THR C 13 -36.25 -18.58 39.33
N GLY C 14 -37.15 -17.64 39.62
CA GLY C 14 -38.56 -17.95 39.54
C GLY C 14 -39.21 -17.93 38.17
N ASP C 15 -40.50 -18.25 38.15
CA ASP C 15 -41.27 -18.23 36.93
C ASP C 15 -41.82 -16.83 36.78
N GLY C 16 -42.71 -16.65 35.81
CA GLY C 16 -43.31 -15.36 35.61
C GLY C 16 -42.34 -14.28 35.19
N ASN C 17 -41.05 -14.61 35.08
CA ASN C 17 -40.07 -13.62 34.64
C ASN C 17 -40.16 -13.52 33.11
N VAL C 18 -39.70 -12.41 32.54
CA VAL C 18 -39.79 -12.26 31.10
C VAL C 18 -38.50 -11.91 30.39
N PHE C 19 -38.20 -12.68 29.33
CA PHE C 19 -37.03 -12.44 28.50
C PHE C 19 -37.46 -12.34 27.05
N LYS C 20 -37.95 -11.17 26.67
CA LYS C 20 -38.41 -10.97 25.29
C LYS C 20 -37.76 -9.77 24.65
N PRO C 21 -36.53 -9.94 24.14
CA PRO C 21 -35.82 -8.84 23.49
C PRO C 21 -36.60 -8.43 22.24
N SER C 22 -36.71 -7.14 22.00
CA SER C 22 -37.44 -6.68 20.83
C SER C 22 -36.81 -5.42 20.30
N ALA C 23 -37.06 -5.14 19.02
CA ALA C 23 -36.51 -3.95 18.40
C ALA C 23 -36.99 -2.70 19.16
N GLU C 24 -38.26 -2.70 19.54
CA GLU C 24 -38.88 -1.57 20.25
C GLU C 24 -38.27 -1.30 21.62
N THR C 25 -37.61 -2.30 22.20
CA THR C 25 -37.01 -2.14 23.50
C THR C 25 -35.49 -2.17 23.51
N SER C 26 -34.87 -1.77 22.42
CA SER C 26 -33.41 -1.76 22.32
C SER C 26 -32.76 -1.16 23.56
N SER C 27 -31.99 -1.98 24.28
CA SER C 27 -31.33 -1.50 25.48
C SER C 27 -30.34 -0.39 25.15
N THR C 28 -30.26 0.60 26.05
CA THR C 28 -29.36 1.74 25.92
C THR C 28 -29.24 2.35 27.31
N ALA C 29 -28.13 3.03 27.57
CA ALA C 29 -27.90 3.67 28.85
C ALA C 29 -27.60 5.14 28.58
N VAL C 30 -26.34 5.51 28.66
CA VAL C 30 -25.90 6.88 28.40
C VAL C 30 -24.50 6.82 27.78
N PRO C 31 -24.41 6.33 26.53
CA PRO C 31 -23.16 6.18 25.79
C PRO C 31 -22.41 7.51 25.66
N SER C 32 -23.09 8.51 25.08
CA SER C 32 -22.48 9.81 24.92
C SER C 32 -23.53 10.92 24.96
N LEU C 33 -23.07 12.12 25.31
CA LEU C 33 -23.94 13.29 25.40
C LEU C 33 -23.28 14.42 24.59
N SER C 34 -23.86 15.61 24.63
CA SER C 34 -23.29 16.76 23.91
C SER C 34 -22.49 17.62 24.90
N LEU C 35 -21.18 17.43 24.92
CA LEU C 35 -20.32 18.17 25.85
C LEU C 35 -19.25 19.06 25.23
N SER C 36 -19.41 19.43 23.97
CA SER C 36 -18.40 20.29 23.33
C SER C 36 -18.37 21.63 24.07
N PRO C 37 -17.19 22.29 24.10
CA PRO C 37 -17.01 23.58 24.77
C PRO C 37 -17.96 24.67 24.30
N GLY C 38 -18.01 24.88 22.98
CA GLY C 38 -18.87 25.91 22.43
C GLY C 38 -20.34 25.76 22.79
N MET C 39 -20.77 24.54 23.02
CA MET C 39 -22.17 24.30 23.37
C MET C 39 -22.47 24.52 24.84
N LEU C 40 -21.53 24.12 25.70
CA LEU C 40 -21.71 24.27 27.15
C LEU C 40 -21.56 25.73 27.58
N ASN C 41 -20.82 26.50 26.79
CA ASN C 41 -20.59 27.91 27.09
C ASN C 41 -19.88 28.10 28.43
N PRO D 1 -29.54 31.26 27.73
CA PRO D 1 -28.73 32.20 28.55
C PRO D 1 -27.25 31.78 28.53
N GLY D 2 -26.35 32.73 28.67
CA GLY D 2 -24.94 32.36 28.68
C GLY D 2 -23.98 33.51 28.90
N GLY D 3 -22.85 33.20 29.52
CA GLY D 3 -21.85 34.22 29.77
C GLY D 3 -21.52 34.31 31.24
N VAL D 4 -21.57 35.52 31.77
CA VAL D 4 -21.27 35.80 33.16
C VAL D 4 -22.25 36.84 33.72
N PRO D 5 -22.52 36.78 35.05
CA PRO D 5 -23.44 37.71 35.73
C PRO D 5 -22.81 39.05 36.07
N TRP D 6 -23.45 40.14 35.66
CA TRP D 6 -22.95 41.48 35.96
C TRP D 6 -23.93 42.28 36.83
N ILE D 7 -23.39 42.94 37.85
CA ILE D 7 -24.21 43.74 38.78
C ILE D 7 -23.82 45.21 38.71
N ALA D 8 -24.80 46.11 38.96
CA ALA D 8 -24.54 47.56 38.94
C ALA D 8 -23.49 47.90 40.02
N ILE D 9 -22.31 48.33 39.59
CA ILE D 9 -21.19 48.66 40.49
C ILE D 9 -21.59 49.31 41.82
N GLY D 10 -22.54 50.26 41.77
CA GLY D 10 -22.99 50.91 42.98
C GLY D 10 -24.38 51.51 42.85
N ASP D 11 -24.72 51.99 41.64
CA ASP D 11 -26.01 52.63 41.41
C ASP D 11 -27.14 51.87 40.74
N GLU D 12 -28.15 51.52 41.53
CA GLU D 12 -29.33 50.80 41.06
C GLU D 12 -30.03 51.49 39.86
N THR D 13 -30.14 50.73 38.76
CA THR D 13 -30.81 51.17 37.52
C THR D 13 -30.13 52.32 36.74
N SER D 14 -29.49 53.25 37.45
CA SER D 14 -28.79 54.40 36.83
C SER D 14 -27.47 53.97 36.14
N VAL D 15 -27.42 52.69 35.73
CA VAL D 15 -26.28 52.09 35.04
C VAL D 15 -26.31 52.54 33.58
N THR D 16 -25.20 53.07 33.08
CA THR D 16 -25.14 53.54 31.70
C THR D 16 -23.92 53.08 30.89
N SER D 17 -22.72 53.29 31.40
CA SER D 17 -21.53 52.86 30.66
C SER D 17 -21.11 51.45 31.11
N PRO D 18 -20.27 50.77 30.30
CA PRO D 18 -19.82 49.43 30.68
C PRO D 18 -19.04 49.49 32.02
N GLY D 19 -18.55 50.69 32.34
CA GLY D 19 -17.80 50.87 33.57
C GLY D 19 -18.70 50.79 34.80
N ALA D 20 -19.97 51.12 34.62
CA ALA D 20 -20.92 51.09 35.72
C ALA D 20 -21.23 49.65 36.17
N LEU D 21 -20.58 48.66 35.53
CA LEU D 21 -20.81 47.26 35.88
C LEU D 21 -19.60 46.52 36.45
N ARG D 22 -19.85 45.44 37.19
CA ARG D 22 -18.78 44.63 37.77
C ARG D 22 -19.20 43.15 37.85
N ARG D 23 -18.22 42.25 37.72
CA ARG D 23 -18.50 40.82 37.78
C ARG D 23 -19.19 40.46 39.09
N MET D 24 -20.46 40.09 38.99
CA MET D 24 -21.23 39.69 40.16
C MET D 24 -20.52 38.49 40.83
N THR D 25 -20.28 38.58 42.13
CA THR D 25 -19.60 37.48 42.83
C THR D 25 -20.51 36.74 43.80
N SER D 26 -19.95 35.73 44.46
CA SER D 26 -20.68 34.91 45.42
C SER D 26 -21.15 35.76 46.60
N LYS D 27 -20.38 36.81 46.90
CA LYS D 27 -20.69 37.71 48.01
C LYS D 27 -21.93 38.59 47.71
N ASP D 28 -22.70 38.22 46.69
CA ASP D 28 -23.90 38.97 46.32
C ASP D 28 -25.13 38.08 46.43
N ILE D 29 -24.94 36.90 47.03
CA ILE D 29 -26.02 35.93 47.26
C ILE D 29 -25.75 35.08 48.51
N ASP D 55 -15.26 34.09 48.22
CA ASP D 55 -15.73 35.21 47.40
C ASP D 55 -15.44 35.01 45.89
N GLU D 56 -15.84 33.85 45.36
CA GLU D 56 -15.61 33.52 43.95
C GLU D 56 -16.47 34.31 42.99
N PRO D 57 -16.02 34.44 41.73
CA PRO D 57 -16.80 35.17 40.73
C PRO D 57 -17.89 34.17 40.29
N LEU D 58 -18.89 34.64 39.54
CA LEU D 58 -19.96 33.74 39.08
C LEU D 58 -19.98 33.49 37.57
N VAL D 59 -20.67 32.42 37.19
CA VAL D 59 -20.79 32.03 35.79
C VAL D 59 -22.22 31.59 35.45
N VAL D 60 -22.69 31.96 34.26
CA VAL D 60 -24.03 31.58 33.81
C VAL D 60 -24.04 30.12 33.34
N VAL D 61 -24.93 29.33 33.94
CA VAL D 61 -25.06 27.94 33.55
C VAL D 61 -26.05 27.92 32.41
N THR D 62 -25.58 27.53 31.23
CA THR D 62 -26.41 27.50 30.03
C THR D 62 -27.52 26.46 30.01
N GLU D 63 -28.53 26.75 29.21
CA GLU D 63 -29.68 25.87 29.04
C GLU D 63 -29.16 24.48 28.67
N HIS D 64 -28.18 24.46 27.77
CA HIS D 64 -27.53 23.26 27.26
C HIS D 64 -26.83 22.49 28.37
N ALA D 65 -25.95 23.18 29.11
CA ALA D 65 -25.22 22.56 30.21
C ALA D 65 -26.16 21.90 31.22
N ILE D 66 -27.30 22.56 31.46
CA ILE D 66 -28.26 22.03 32.41
C ILE D 66 -28.83 20.71 31.93
N ALA D 67 -29.31 20.72 30.69
CA ALA D 67 -29.89 19.53 30.10
C ALA D 67 -28.94 18.34 30.06
N ASN D 68 -27.69 18.59 29.69
CA ASN D 68 -26.72 17.51 29.61
C ASN D 68 -26.14 16.98 30.91
N PHE D 69 -25.77 17.86 31.84
CA PHE D 69 -25.25 17.36 33.11
C PHE D 69 -26.34 16.61 33.88
N THR D 70 -27.59 16.96 33.62
CA THR D 70 -28.72 16.30 34.26
C THR D 70 -28.78 14.87 33.72
N LYS D 71 -28.52 14.74 32.42
CA LYS D 71 -28.54 13.43 31.79
C LYS D 71 -27.35 12.60 32.30
N ALA D 72 -26.30 13.28 32.75
CA ALA D 72 -25.14 12.60 33.29
C ALA D 72 -25.56 11.90 34.58
N GLU D 73 -26.32 12.60 35.43
CA GLU D 73 -26.80 12.04 36.69
C GLU D 73 -27.52 10.71 36.44
N MET D 74 -28.33 10.68 35.39
CA MET D 74 -29.08 9.48 35.02
C MET D 74 -28.12 8.29 34.95
N ALA D 75 -26.91 8.54 34.45
CA ALA D 75 -25.90 7.49 34.32
C ALA D 75 -25.71 6.74 35.62
N LEU D 76 -25.79 7.46 36.74
CA LEU D 76 -25.63 6.84 38.05
C LEU D 76 -26.92 6.11 38.47
N GLU D 77 -28.05 6.77 38.25
CA GLU D 77 -29.34 6.21 38.63
C GLU D 77 -29.71 4.89 37.94
N PHE D 78 -29.01 4.56 36.87
CA PHE D 78 -29.28 3.31 36.18
C PHE D 78 -28.84 2.15 37.07
N ASN D 79 -27.97 2.46 38.04
CA ASN D 79 -27.44 1.48 38.96
C ASN D 79 -27.67 1.90 40.41
N ARG D 80 -28.78 2.58 40.65
CA ARG D 80 -29.09 3.04 42.01
C ARG D 80 -29.10 1.88 43.00
N GLU D 81 -29.82 0.82 42.64
CA GLU D 81 -29.96 -0.35 43.49
C GLU D 81 -28.59 -0.90 43.89
N PHE D 82 -27.64 -0.89 42.96
CA PHE D 82 -26.31 -1.38 43.29
C PHE D 82 -25.56 -0.37 44.15
N LEU D 83 -25.53 0.90 43.71
CA LEU D 83 -24.82 1.95 44.44
C LEU D 83 -25.16 1.96 45.93
N ASP D 84 -26.45 1.85 46.26
CA ASP D 84 -26.85 1.86 47.65
C ASP D 84 -26.41 0.59 48.37
N LYS D 85 -26.62 -0.57 47.74
CA LYS D 85 -26.22 -1.85 48.35
C LYS D 85 -24.69 -1.81 48.54
N LEU D 86 -24.07 -0.78 47.98
CA LEU D 86 -22.62 -0.61 48.07
C LEU D 86 -22.27 0.48 49.08
N ARG D 87 -23.32 1.08 49.66
CA ARG D 87 -23.21 2.16 50.66
C ARG D 87 -22.28 3.29 50.24
N VAL D 88 -22.55 3.85 49.07
CA VAL D 88 -21.74 4.95 48.51
C VAL D 88 -22.65 5.90 47.71
N LEU D 89 -22.40 7.19 47.84
CA LEU D 89 -23.17 8.24 47.15
C LEU D 89 -24.68 7.97 47.15
N SER D 90 -25.27 8.00 48.35
CA SER D 90 -26.72 7.80 48.54
C SER D 90 -27.38 9.14 48.18
N VAL D 91 -26.55 10.19 48.18
CA VAL D 91 -26.96 11.57 47.85
C VAL D 91 -26.78 11.83 46.32
N SER D 92 -27.75 11.37 45.51
CA SER D 92 -27.69 11.57 44.06
C SER D 92 -27.58 13.07 43.72
N PRO D 93 -26.40 13.51 43.27
CA PRO D 93 -25.98 14.87 42.88
C PRO D 93 -27.02 15.98 42.62
N LYS D 94 -28.02 15.70 41.77
CA LYS D 94 -29.07 16.67 41.43
C LYS D 94 -28.54 18.09 41.17
N TYR D 95 -28.17 18.33 39.91
CA TYR D 95 -27.60 19.61 39.43
C TYR D 95 -28.46 20.84 39.67
N SER D 96 -29.73 20.77 39.28
CA SER D 96 -30.65 21.90 39.46
C SER D 96 -30.65 22.40 40.92
N ASP D 97 -30.21 21.55 41.84
CA ASP D 97 -30.14 21.94 43.25
C ASP D 97 -29.04 22.96 43.51
N LEU D 98 -27.86 22.77 42.91
CA LEU D 98 -26.73 23.68 43.14
C LEU D 98 -26.87 25.00 42.39
N LEU D 99 -27.80 25.07 41.45
CA LEU D 99 -28.00 26.29 40.67
C LEU D 99 -28.65 27.37 41.51
N THR D 100 -28.30 28.63 41.25
CA THR D 100 -28.88 29.74 41.99
C THR D 100 -29.39 30.76 40.97
N TYR D 101 -30.71 30.89 40.86
CA TYR D 101 -31.30 31.83 39.91
C TYR D 101 -31.20 33.28 40.39
N VAL D 102 -30.73 34.16 39.51
CA VAL D 102 -30.54 35.54 39.86
C VAL D 102 -30.92 36.52 38.74
N ASP D 103 -31.42 37.69 39.15
CA ASP D 103 -31.78 38.75 38.21
C ASP D 103 -30.49 39.58 38.06
N CYS D 104 -30.10 39.86 36.81
CA CYS D 104 -28.85 40.60 36.56
C CYS D 104 -28.63 40.89 35.09
N TYR D 105 -27.54 41.61 34.81
CA TYR D 105 -27.17 41.92 33.43
C TYR D 105 -26.31 40.72 33.02
N VAL D 106 -26.54 40.21 31.80
CA VAL D 106 -25.82 39.04 31.31
C VAL D 106 -24.99 39.25 30.04
N GLY D 107 -23.78 38.71 30.04
CA GLY D 107 -22.91 38.82 28.88
C GLY D 107 -21.49 38.35 29.13
N VAL D 108 -20.76 38.11 28.04
CA VAL D 108 -19.37 37.69 28.12
C VAL D 108 -18.54 38.94 28.44
N SER D 109 -19.00 40.07 27.93
CA SER D 109 -18.32 41.35 28.16
C SER D 109 -19.25 42.28 28.92
N ALA D 110 -18.73 43.44 29.31
CA ALA D 110 -19.54 44.41 30.03
C ALA D 110 -20.54 45.03 29.05
N ARG D 111 -20.03 45.55 27.94
CA ARG D 111 -20.89 46.18 26.94
C ARG D 111 -22.10 45.31 26.57
N GLN D 112 -21.86 44.06 26.15
CA GLN D 112 -22.96 43.18 25.79
C GLN D 112 -23.94 43.08 26.96
N ALA D 113 -23.41 42.76 28.14
CA ALA D 113 -24.21 42.61 29.36
C ALA D 113 -25.07 43.86 29.63
N LEU D 114 -24.43 45.02 29.45
CA LEU D 114 -25.05 46.32 29.68
C LEU D 114 -26.44 46.51 29.06
N ASN D 115 -26.68 45.93 27.89
CA ASN D 115 -27.98 46.06 27.23
C ASN D 115 -28.71 44.73 27.24
N ASN D 116 -28.49 43.92 28.28
CA ASN D 116 -29.15 42.62 28.34
C ASN D 116 -29.45 42.21 29.79
N PHE D 117 -30.52 42.79 30.36
CA PHE D 117 -30.89 42.44 31.72
C PHE D 117 -31.74 41.19 31.66
N GLN D 118 -31.53 40.27 32.60
CA GLN D 118 -32.28 39.02 32.62
C GLN D 118 -32.83 38.68 34.01
N LYS D 119 -33.99 38.06 34.02
CA LYS D 119 -34.63 37.64 35.27
C LYS D 119 -34.46 36.12 35.42
N GLN D 120 -34.04 35.69 36.61
CA GLN D 120 -33.88 34.25 36.88
C GLN D 120 -32.80 33.57 36.04
N VAL D 121 -31.57 34.05 36.18
CA VAL D 121 -30.46 33.48 35.44
C VAL D 121 -29.77 32.38 36.25
N PRO D 122 -29.70 31.16 35.69
CA PRO D 122 -29.04 30.08 36.43
C PRO D 122 -27.57 30.49 36.61
N VAL D 123 -27.09 30.49 37.84
CA VAL D 123 -25.71 30.89 38.10
C VAL D 123 -24.99 29.94 39.05
N ILE D 124 -23.67 29.88 38.93
CA ILE D 124 -22.88 29.02 39.79
C ILE D 124 -21.40 29.42 39.82
N THR D 125 -20.71 29.10 40.91
CA THR D 125 -19.29 29.41 41.04
C THR D 125 -18.49 28.22 40.51
N PRO D 126 -17.29 28.50 39.99
CA PRO D 126 -16.39 27.46 39.45
C PRO D 126 -16.25 26.28 40.41
N THR D 127 -15.89 26.60 41.66
CA THR D 127 -15.69 25.60 42.71
C THR D 127 -16.88 24.67 42.89
N ARG D 128 -18.09 25.22 42.80
CA ARG D 128 -19.27 24.38 42.97
C ARG D 128 -19.49 23.55 41.72
N GLN D 129 -19.21 24.12 40.55
CA GLN D 129 -19.38 23.38 39.32
C GLN D 129 -18.42 22.19 39.38
N THR D 130 -17.17 22.46 39.76
CA THR D 130 -16.19 21.40 39.87
C THR D 130 -16.61 20.37 40.90
N MET D 131 -16.96 20.83 42.10
CA MET D 131 -17.38 19.91 43.16
C MET D 131 -18.49 18.99 42.65
N TYR D 132 -19.40 19.54 41.86
CA TYR D 132 -20.51 18.77 41.30
C TYR D 132 -20.04 17.65 40.37
N VAL D 133 -19.29 18.03 39.35
CA VAL D 133 -18.78 17.05 38.40
C VAL D 133 -17.94 15.99 39.11
N ASP D 134 -17.17 16.39 40.11
CA ASP D 134 -16.34 15.45 40.83
C ASP D 134 -17.18 14.42 41.56
N SER D 135 -18.43 14.76 41.83
CA SER D 135 -19.32 13.84 42.52
C SER D 135 -19.82 12.81 41.52
N ILE D 136 -20.10 13.28 40.30
CA ILE D 136 -20.56 12.39 39.25
C ILE D 136 -19.45 11.45 38.82
N GLN D 137 -18.25 11.99 38.64
CA GLN D 137 -17.09 11.20 38.25
C GLN D 137 -16.71 10.18 39.32
N ALA D 138 -16.67 10.62 40.58
CA ALA D 138 -16.33 9.73 41.68
C ALA D 138 -17.32 8.57 41.70
N ALA D 139 -18.57 8.86 41.38
CA ALA D 139 -19.60 7.84 41.34
C ALA D 139 -19.31 6.86 40.19
N LEU D 140 -19.07 7.39 38.99
CA LEU D 140 -18.76 6.54 37.83
C LEU D 140 -17.53 5.66 38.10
N LYS D 141 -16.56 6.20 38.81
CA LYS D 141 -15.35 5.45 39.14
C LYS D 141 -15.72 4.25 40.01
N ALA D 142 -16.74 4.41 40.82
CA ALA D 142 -17.19 3.33 41.70
C ALA D 142 -17.91 2.27 40.89
N LEU D 143 -18.64 2.71 39.87
CA LEU D 143 -19.40 1.79 39.03
C LEU D 143 -18.50 1.09 38.02
N GLU D 144 -17.26 1.57 37.92
CA GLU D 144 -16.23 1.04 37.04
C GLU D 144 -16.40 -0.43 36.61
N LYS D 145 -16.24 -1.36 37.55
CA LYS D 145 -16.37 -2.80 37.24
C LYS D 145 -17.81 -3.24 37.02
N TRP D 146 -18.71 -2.83 37.91
CA TRP D 146 -20.12 -3.18 37.79
C TRP D 146 -20.62 -2.87 36.37
N GLU D 147 -20.14 -1.76 35.81
CA GLU D 147 -20.48 -1.32 34.45
C GLU D 147 -20.09 -2.38 33.41
N ILE D 148 -18.87 -2.90 33.56
CA ILE D 148 -18.35 -3.92 32.68
C ILE D 148 -19.04 -5.26 32.86
N ASP D 149 -19.11 -5.75 34.09
CA ASP D 149 -19.75 -7.02 34.35
C ASP D 149 -21.19 -7.03 33.87
N LEU D 150 -21.86 -5.89 33.94
CA LEU D 150 -23.25 -5.77 33.52
C LEU D 150 -23.40 -5.81 32.00
N ARG D 151 -22.41 -5.28 31.28
CA ARG D 151 -22.43 -5.29 29.82
C ARG D 151 -22.11 -6.72 29.36
N VAL D 152 -21.21 -7.38 30.10
CA VAL D 152 -20.80 -8.73 29.81
C VAL D 152 -22.01 -9.65 29.88
N ALA D 153 -22.93 -9.33 30.78
CA ALA D 153 -24.12 -10.13 30.92
C ALA D 153 -25.06 -9.86 29.76
N GLN D 154 -25.03 -8.64 29.23
CA GLN D 154 -25.93 -8.29 28.14
C GLN D 154 -25.46 -8.68 26.75
N THR D 155 -24.22 -9.17 26.63
CA THR D 155 -23.71 -9.58 25.33
C THR D 155 -23.30 -11.06 25.28
N LEU D 156 -23.26 -11.71 26.44
CA LEU D 156 -22.90 -13.12 26.48
C LEU D 156 -23.86 -13.85 25.57
N LEU D 157 -25.12 -13.46 25.61
CA LEU D 157 -26.15 -14.03 24.75
C LEU D 157 -26.90 -12.83 24.20
N PRO D 158 -27.58 -13.00 23.06
CA PRO D 158 -28.32 -11.86 22.49
C PRO D 158 -29.34 -11.23 23.45
N THR D 159 -29.14 -9.95 23.75
CA THR D 159 -30.02 -9.20 24.63
C THR D 159 -30.92 -8.28 23.81
N ASN D 160 -30.68 -8.24 22.51
CA ASN D 160 -31.45 -7.41 21.60
C ASN D 160 -31.67 -8.12 20.27
N VAL D 161 -32.44 -7.46 19.39
CA VAL D 161 -32.71 -8.01 18.07
C VAL D 161 -33.00 -6.83 17.12
N PRO D 162 -32.45 -6.87 15.89
CA PRO D 162 -32.60 -5.84 14.86
C PRO D 162 -34.01 -5.42 14.50
N ILE D 163 -34.92 -6.38 14.49
CA ILE D 163 -36.30 -6.12 14.13
C ILE D 163 -37.19 -7.17 14.77
N GLY D 164 -38.45 -6.85 14.99
CA GLY D 164 -39.35 -7.81 15.59
C GLY D 164 -39.10 -8.09 17.07
N GLU D 165 -39.32 -9.36 17.44
CA GLU D 165 -39.17 -9.80 18.82
C GLU D 165 -38.75 -11.26 18.90
N VAL D 166 -38.10 -11.62 20.00
CA VAL D 166 -37.63 -12.97 20.24
C VAL D 166 -37.82 -13.27 21.72
N SER D 167 -37.87 -14.56 22.06
CA SER D 167 -38.08 -14.95 23.45
C SER D 167 -37.30 -16.16 23.88
N CYS D 168 -37.17 -16.32 25.19
CA CYS D 168 -36.46 -17.43 25.77
C CYS D 168 -36.81 -17.52 27.26
N PRO D 169 -36.98 -18.74 27.79
CA PRO D 169 -37.32 -18.96 29.21
C PRO D 169 -36.31 -18.23 30.11
N MET D 170 -36.76 -17.14 30.73
CA MET D 170 -35.88 -16.38 31.60
C MET D 170 -35.05 -17.26 32.51
N GLN D 171 -35.58 -18.43 32.86
CA GLN D 171 -34.86 -19.33 33.74
C GLN D 171 -33.70 -19.97 33.01
N SER D 172 -33.88 -20.23 31.72
CA SER D 172 -32.84 -20.82 30.87
C SER D 172 -31.72 -19.79 30.72
N VAL D 173 -32.12 -18.53 30.55
CA VAL D 173 -31.17 -17.44 30.41
C VAL D 173 -30.29 -17.31 31.65
N VAL D 174 -30.92 -17.33 32.82
CA VAL D 174 -30.14 -17.23 34.06
C VAL D 174 -29.27 -18.46 34.24
N LYS D 175 -29.78 -19.62 33.82
CA LYS D 175 -29.03 -20.86 33.93
C LYS D 175 -27.74 -20.65 33.15
N LEU D 176 -27.87 -20.20 31.91
CA LEU D 176 -26.73 -19.96 31.02
C LEU D 176 -25.73 -19.01 31.65
N LEU D 177 -26.21 -17.85 32.08
CA LEU D 177 -25.34 -16.86 32.70
C LEU D 177 -24.58 -17.48 33.86
N ASP D 178 -25.30 -18.18 34.72
CA ASP D 178 -24.71 -18.82 35.89
C ASP D 178 -23.62 -19.81 35.49
N ASP D 179 -23.81 -20.45 34.34
CA ASP D 179 -22.86 -21.43 33.86
C ASP D 179 -21.67 -20.82 33.15
N GLN D 180 -21.83 -19.59 32.64
CA GLN D 180 -20.75 -18.94 31.90
C GLN D 180 -20.12 -17.67 32.43
N LEU D 181 -20.84 -16.88 33.24
CA LEU D 181 -20.26 -15.63 33.74
C LEU D 181 -18.94 -15.85 34.49
N PRO D 182 -18.01 -14.89 34.37
CA PRO D 182 -16.70 -14.98 35.05
C PRO D 182 -16.92 -15.11 36.55
N ASP D 183 -16.10 -15.91 37.23
CA ASP D 183 -16.25 -16.08 38.67
C ASP D 183 -16.36 -14.78 39.44
N ASP D 184 -15.47 -13.84 39.14
CA ASP D 184 -15.42 -12.54 39.82
C ASP D 184 -16.50 -11.55 39.41
N SER D 185 -17.47 -11.99 38.63
CA SER D 185 -18.53 -11.07 38.23
C SER D 185 -19.30 -10.58 39.44
N LEU D 186 -19.56 -9.29 39.48
CA LEU D 186 -20.32 -8.73 40.60
C LEU D 186 -21.75 -9.22 40.49
N ILE D 187 -22.15 -9.65 39.31
CA ILE D 187 -23.51 -10.14 39.15
C ILE D 187 -23.78 -11.35 40.02
N ARG D 188 -22.75 -12.17 40.24
CA ARG D 188 -22.90 -13.35 41.08
C ARG D 188 -23.10 -12.97 42.53
N ARG D 189 -22.64 -11.77 42.89
CA ARG D 189 -22.75 -11.28 44.24
C ARG D 189 -23.98 -10.42 44.53
N TYR D 190 -24.59 -9.86 43.48
CA TYR D 190 -25.79 -9.03 43.65
C TYR D 190 -26.79 -9.31 42.53
N PRO D 191 -27.21 -10.58 42.40
CA PRO D 191 -28.17 -11.01 41.38
C PRO D 191 -29.40 -10.12 41.23
N LYS D 192 -30.04 -9.84 42.36
CA LYS D 192 -31.25 -9.02 42.35
C LYS D 192 -30.99 -7.58 41.90
N GLU D 193 -29.83 -7.03 42.27
CA GLU D 193 -29.49 -5.66 41.88
C GLU D 193 -29.23 -5.63 40.38
N ALA D 194 -28.58 -6.68 39.90
CA ALA D 194 -28.27 -6.83 38.48
C ALA D 194 -29.58 -6.93 37.70
N ALA D 195 -30.58 -7.59 38.29
CA ALA D 195 -31.88 -7.77 37.66
C ALA D 195 -32.49 -6.40 37.39
N VAL D 196 -32.57 -5.59 38.43
CA VAL D 196 -33.13 -4.25 38.32
C VAL D 196 -32.34 -3.47 37.28
N ALA D 197 -31.02 -3.46 37.45
CA ALA D 197 -30.13 -2.76 36.54
C ALA D 197 -30.45 -3.05 35.07
N LEU D 198 -30.57 -4.33 34.74
CA LEU D 198 -30.89 -4.73 33.37
C LEU D 198 -32.28 -4.25 32.99
N ALA D 199 -33.27 -4.62 33.80
CA ALA D 199 -34.65 -4.22 33.54
C ALA D 199 -34.77 -2.70 33.36
N LYS D 200 -33.92 -1.95 34.04
CA LYS D 200 -33.94 -0.49 33.94
C LYS D 200 -33.53 0.00 32.56
N ARG D 201 -32.81 -0.83 31.81
CA ARG D 201 -32.37 -0.41 30.49
C ARG D 201 -32.84 -1.28 29.35
N ASN D 202 -33.42 -2.43 29.66
CA ASN D 202 -33.93 -3.31 28.60
C ASN D 202 -35.38 -3.66 28.84
N GLY D 203 -36.27 -2.99 28.12
CA GLY D 203 -37.69 -3.25 28.28
C GLY D 203 -38.05 -4.70 28.07
N GLY D 204 -37.16 -5.45 27.43
CA GLY D 204 -37.38 -6.86 27.16
C GLY D 204 -37.07 -7.79 28.33
N ILE D 205 -36.40 -7.26 29.35
CA ILE D 205 -36.07 -8.05 30.53
C ILE D 205 -36.97 -7.59 31.68
N GLN D 206 -37.91 -8.43 32.08
CA GLN D 206 -38.82 -8.07 33.15
C GLN D 206 -38.87 -9.10 34.26
N TRP D 207 -38.74 -8.64 35.49
CA TRP D 207 -38.78 -9.52 36.65
C TRP D 207 -40.12 -9.46 37.36
N MET D 208 -40.80 -10.59 37.46
CA MET D 208 -42.09 -10.62 38.13
C MET D 208 -41.98 -10.26 39.61
N ASP D 209 -42.94 -9.47 40.05
CA ASP D 209 -43.02 -9.05 41.45
C ASP D 209 -43.62 -10.26 42.18
N VAL D 210 -42.83 -10.89 43.05
CA VAL D 210 -43.28 -12.05 43.80
C VAL D 210 -44.55 -11.69 44.58
N SER D 211 -44.59 -10.46 45.08
CA SER D 211 -45.75 -9.97 45.83
C SER D 211 -47.06 -10.01 45.03
N GLU D 212 -47.19 -9.19 43.97
CA GLU D 212 -48.45 -9.18 43.20
C GLU D 212 -48.47 -9.97 41.89
N GLY D 213 -47.57 -10.95 41.72
CA GLY D 213 -47.57 -11.70 40.47
C GLY D 213 -47.63 -10.79 39.25
N THR D 214 -47.32 -9.52 39.45
CA THR D 214 -47.32 -8.53 38.37
C THR D 214 -45.98 -8.52 37.67
N VAL D 215 -46.00 -8.23 36.37
CA VAL D 215 -44.78 -8.20 35.58
C VAL D 215 -44.91 -7.11 34.54
N MET D 216 -43.89 -6.26 34.43
CA MET D 216 -43.95 -5.23 33.41
C MET D 216 -42.64 -4.52 33.08
N ASN D 217 -42.68 -3.77 31.98
CA ASN D 217 -41.55 -3.03 31.47
C ASN D 217 -41.05 -2.05 32.52
N GLU D 218 -39.79 -2.22 32.93
CA GLU D 218 -39.20 -1.33 33.92
C GLU D 218 -38.18 -0.39 33.30
N ALA D 219 -37.99 -0.53 31.99
CA ALA D 219 -37.03 0.30 31.27
C ALA D 219 -37.39 1.79 31.32
N VAL D 220 -36.37 2.64 31.30
CA VAL D 220 -36.56 4.09 31.35
C VAL D 220 -36.14 4.75 30.03
N ASN D 221 -35.94 3.93 29.00
CA ASN D 221 -35.48 4.43 27.70
C ASN D 221 -36.37 4.15 26.49
N ALA D 222 -37.68 4.06 26.70
CA ALA D 222 -38.58 3.78 25.58
C ALA D 222 -38.45 4.81 24.44
N VAL D 223 -38.37 6.09 24.79
CA VAL D 223 -38.26 7.13 23.76
C VAL D 223 -37.04 6.91 22.87
N ALA D 224 -35.88 6.72 23.50
CA ALA D 224 -34.62 6.52 22.77
C ALA D 224 -34.70 5.34 21.81
N ALA D 225 -35.11 4.20 22.34
CA ALA D 225 -35.21 2.99 21.54
C ALA D 225 -36.14 3.16 20.34
N SER D 226 -37.13 4.03 20.43
CA SER D 226 -38.04 4.22 19.30
C SER D 226 -37.31 4.72 18.06
N ALA D 227 -36.18 5.41 18.25
CA ALA D 227 -35.40 5.94 17.13
C ALA D 227 -34.44 4.92 16.57
N LEU D 228 -34.17 3.87 17.34
CA LEU D 228 -33.25 2.81 16.92
C LEU D 228 -33.95 1.58 16.31
N ALA D 229 -35.27 1.62 16.22
CA ALA D 229 -35.99 0.48 15.68
C ALA D 229 -36.59 0.73 14.30
N PRO D 230 -36.73 -0.34 13.50
CA PRO D 230 -37.28 -0.26 12.15
C PRO D 230 -38.81 -0.25 12.21
N SER D 231 -39.44 0.36 11.20
CA SER D 231 -40.90 0.38 11.12
C SER D 231 -41.17 -0.74 10.11
N ALA D 232 -42.43 -1.05 9.85
CA ALA D 232 -42.74 -2.13 8.92
C ALA D 232 -42.03 -2.04 7.57
N SER D 233 -41.60 -0.85 7.16
CA SER D 233 -40.96 -0.74 5.86
C SER D 233 -39.85 0.31 5.75
N ALA D 234 -39.33 0.73 6.90
CA ALA D 234 -38.26 1.72 6.92
C ALA D 234 -37.22 1.40 7.99
N PRO D 235 -35.94 1.69 7.69
CA PRO D 235 -34.86 1.42 8.64
C PRO D 235 -34.98 2.44 9.76
N PRO D 236 -34.27 2.22 10.88
CA PRO D 236 -34.32 3.15 12.01
C PRO D 236 -34.03 4.59 11.60
N LEU D 237 -34.72 5.53 12.24
CA LEU D 237 -34.53 6.95 11.95
C LEU D 237 -33.13 7.41 12.35
N GLU D 238 -32.61 6.87 13.45
CA GLU D 238 -31.28 7.25 13.90
C GLU D 238 -30.24 6.85 12.85
N GLU D 239 -30.43 5.67 12.26
CA GLU D 239 -29.52 5.16 11.24
C GLU D 239 -29.54 6.04 9.99
N LYS D 240 -30.74 6.25 9.45
CA LYS D 240 -30.88 7.08 8.25
C LYS D 240 -30.27 8.46 8.47
N SER D 241 -30.50 9.02 9.65
CA SER D 241 -29.98 10.33 10.02
C SER D 241 -28.45 10.33 10.08
N LYS D 242 -27.92 9.41 10.88
CA LYS D 242 -26.49 9.30 11.06
C LYS D 242 -25.77 9.12 9.73
N LEU D 243 -26.14 8.10 8.96
CA LEU D 243 -25.47 7.85 7.68
C LEU D 243 -25.48 9.08 6.78
N THR D 244 -26.63 9.74 6.65
CA THR D 244 -26.70 10.93 5.81
C THR D 244 -25.77 12.01 6.35
N GLU D 245 -25.64 12.06 7.68
CA GLU D 245 -24.78 13.03 8.35
C GLU D 245 -23.32 12.72 8.01
N GLN D 246 -22.98 11.43 7.99
CA GLN D 246 -21.62 11.01 7.69
C GLN D 246 -21.24 11.28 6.23
N ALA D 247 -22.22 11.36 5.36
CA ALA D 247 -21.96 11.63 3.95
C ALA D 247 -21.65 13.11 3.81
N MET D 248 -22.39 13.93 4.54
CA MET D 248 -22.21 15.36 4.48
C MET D 248 -20.89 15.81 5.09
N ASP D 249 -20.46 15.13 6.15
CA ASP D 249 -19.19 15.48 6.78
C ASP D 249 -18.06 15.20 5.80
N LEU D 250 -18.24 14.14 5.01
CA LEU D 250 -17.24 13.79 4.01
C LEU D 250 -17.18 14.87 2.95
N VAL D 251 -18.33 15.31 2.48
CA VAL D 251 -18.39 16.35 1.46
C VAL D 251 -17.79 17.66 1.99
N THR D 252 -18.05 17.98 3.25
CA THR D 252 -17.51 19.19 3.85
C THR D 252 -15.99 19.12 3.97
N ALA D 253 -15.47 17.95 4.33
CA ALA D 253 -14.05 17.75 4.49
C ALA D 253 -13.36 17.77 3.14
N ALA D 254 -14.09 17.47 2.08
CA ALA D 254 -13.51 17.47 0.75
C ALA D 254 -13.35 18.91 0.27
N GLU D 255 -14.29 19.75 0.70
CA GLU D 255 -14.33 21.16 0.34
C GLU D 255 -14.65 21.39 -1.14
N PRO D 256 -15.94 21.30 -1.49
CA PRO D 256 -16.49 21.46 -2.83
C PRO D 256 -15.99 22.72 -3.54
N GLU D 257 -15.93 23.82 -2.80
CA GLU D 257 -15.49 25.08 -3.38
C GLU D 257 -14.03 25.03 -3.79
N ILE D 258 -13.23 24.24 -3.09
CA ILE D 258 -11.82 24.14 -3.42
C ILE D 258 -11.55 23.21 -4.58
N ILE D 259 -12.10 22.01 -4.52
CA ILE D 259 -11.87 21.03 -5.58
C ILE D 259 -12.59 21.29 -6.90
N ALA D 260 -13.50 22.25 -6.91
CA ALA D 260 -14.23 22.58 -8.13
C ALA D 260 -13.92 24.00 -8.56
N SER D 261 -12.98 24.63 -7.87
CA SER D 261 -12.58 26.00 -8.15
C SER D 261 -12.00 26.16 -9.54
N LEU D 262 -12.36 27.27 -10.20
CA LEU D 262 -11.85 27.55 -11.54
C LEU D 262 -10.75 28.59 -11.55
N VAL D 263 -10.50 29.18 -10.38
CA VAL D 263 -9.44 30.19 -10.23
C VAL D 263 -8.36 29.60 -9.33
N PRO D 264 -7.18 30.23 -9.29
CA PRO D 264 -6.08 29.74 -8.44
C PRO D 264 -6.39 29.62 -6.95
N VAL D 265 -5.83 28.60 -6.33
CA VAL D 265 -6.00 28.35 -4.90
C VAL D 265 -4.60 28.18 -4.34
N PRO D 266 -4.26 28.95 -3.30
CA PRO D 266 -2.94 28.86 -2.68
C PRO D 266 -2.53 27.42 -2.32
N ALA D 267 -1.31 27.05 -2.68
CA ALA D 267 -0.83 25.70 -2.40
C ALA D 267 -1.13 25.26 -0.97
N PRO D 268 -0.76 26.07 0.03
CA PRO D 268 -1.03 25.67 1.42
C PRO D 268 -2.51 25.31 1.66
N VAL D 269 -3.40 26.09 1.06
CA VAL D 269 -4.83 25.89 1.21
C VAL D 269 -5.33 24.63 0.50
N PHE D 270 -4.77 24.36 -0.67
CA PHE D 270 -5.16 23.21 -1.47
C PHE D 270 -4.65 21.87 -0.92
N ALA D 271 -3.39 21.86 -0.50
CA ALA D 271 -2.73 20.67 0.01
C ALA D 271 -3.36 20.02 1.22
N ILE D 272 -3.03 18.74 1.40
CA ILE D 272 -3.50 17.93 2.52
C ILE D 272 -2.35 16.99 2.87
N PRO D 273 -2.40 16.33 4.04
CA PRO D 273 -1.32 15.41 4.42
C PRO D 273 -1.03 14.39 3.30
N PRO D 274 0.17 14.47 2.71
CA PRO D 274 0.61 13.59 1.62
C PRO D 274 1.03 12.20 2.06
N LYS D 275 1.22 11.33 1.08
CA LYS D 275 1.66 9.96 1.29
C LYS D 275 2.91 9.73 0.46
N PRO D 276 3.74 8.75 0.84
CA PRO D 276 4.97 8.46 0.10
C PRO D 276 4.69 7.81 -1.25
N ALA D 277 5.73 7.75 -2.09
CA ALA D 277 5.59 7.14 -3.39
C ALA D 277 6.86 6.36 -3.70
N ASP D 278 6.73 5.32 -4.51
CA ASP D 278 7.88 4.51 -4.88
C ASP D 278 8.22 4.66 -6.34
N TYR D 279 9.51 4.59 -6.64
CA TYR D 279 9.99 4.69 -8.01
C TYR D 279 11.25 3.89 -8.12
N ASN D 280 11.61 3.56 -9.36
CA ASN D 280 12.87 2.88 -9.64
C ASN D 280 13.49 3.82 -10.65
N VAL D 281 14.17 4.85 -10.15
CA VAL D 281 14.79 5.86 -10.96
C VAL D 281 15.40 5.35 -12.27
N ARG D 282 15.84 4.11 -12.30
CA ARG D 282 16.45 3.56 -13.50
C ARG D 282 15.42 3.23 -14.58
N THR D 283 14.23 2.83 -14.16
CA THR D 283 13.20 2.45 -15.10
C THR D 283 12.24 3.56 -15.44
N LEU D 284 12.47 4.75 -14.92
CA LEU D 284 11.60 5.87 -15.27
C LEU D 284 12.02 6.34 -16.65
N LYS D 285 11.11 6.98 -17.37
CA LYS D 285 11.41 7.51 -18.71
C LYS D 285 11.70 8.99 -18.47
N ILE D 286 12.88 9.46 -18.88
CA ILE D 286 13.23 10.86 -18.62
C ILE D 286 12.34 11.87 -19.33
N ASP D 287 11.58 11.41 -20.32
CA ASP D 287 10.68 12.32 -21.02
C ASP D 287 9.33 12.31 -20.32
N GLU D 288 9.26 11.58 -19.21
CA GLU D 288 8.06 11.45 -18.39
C GLU D 288 8.30 12.01 -16.99
N ALA D 289 9.46 11.70 -16.42
CA ALA D 289 9.80 12.21 -15.11
C ALA D 289 10.72 13.43 -15.34
N THR D 290 10.12 14.61 -15.32
CA THR D 290 10.86 15.84 -15.57
C THR D 290 11.91 16.21 -14.53
N TRP D 291 12.02 15.41 -13.48
CA TRP D 291 13.00 15.69 -12.42
C TRP D 291 14.27 14.86 -12.51
N LEU D 292 14.50 14.23 -13.65
CA LEU D 292 15.70 13.43 -13.83
C LEU D 292 16.55 13.95 -14.98
N ARG D 293 17.86 13.80 -14.83
CA ARG D 293 18.82 14.22 -15.84
C ARG D 293 19.71 13.02 -16.08
N MET D 294 20.28 12.92 -17.26
CA MET D 294 21.11 11.77 -17.60
C MET D 294 22.26 12.08 -18.56
N ILE D 295 23.40 11.46 -18.33
CA ILE D 295 24.55 11.63 -19.20
C ILE D 295 24.32 10.66 -20.34
N PRO D 296 24.25 11.18 -21.59
CA PRO D 296 24.02 10.36 -22.79
C PRO D 296 25.03 9.23 -23.01
N LYS D 297 24.51 8.06 -23.35
CA LYS D 297 25.36 6.91 -23.64
C LYS D 297 25.89 7.01 -25.07
N THR D 298 26.80 6.11 -25.45
CA THR D 298 27.35 6.10 -26.81
C THR D 298 28.31 7.26 -27.08
N MET D 299 28.70 7.99 -26.04
CA MET D 299 29.62 9.11 -26.22
C MET D 299 30.97 8.79 -25.62
N GLY D 300 31.09 7.58 -25.07
CA GLY D 300 32.33 7.19 -24.44
C GLY D 300 32.63 8.09 -23.24
N THR D 301 31.60 8.75 -22.71
CA THR D 301 31.81 9.60 -21.55
C THR D 301 32.12 8.74 -20.33
N LEU D 302 33.17 9.10 -19.62
CA LEU D 302 33.61 8.37 -18.45
C LEU D 302 34.71 9.14 -17.75
N PHE D 303 34.51 9.46 -16.48
CA PHE D 303 35.52 10.19 -15.73
C PHE D 303 35.41 9.92 -14.23
N GLN D 304 36.56 9.66 -13.59
CA GLN D 304 36.59 9.38 -12.17
C GLN D 304 36.74 10.67 -11.40
N ILE D 305 36.02 10.78 -10.30
CA ILE D 305 36.11 11.98 -9.49
C ILE D 305 36.31 11.61 -8.04
N GLN D 306 36.51 12.63 -7.21
CA GLN D 306 36.72 12.47 -5.78
C GLN D 306 35.94 13.52 -5.01
N VAL D 307 35.22 13.07 -4.00
CA VAL D 307 34.44 13.98 -3.19
C VAL D 307 34.54 13.55 -1.73
N THR D 308 34.46 14.52 -0.83
CA THR D 308 34.55 14.23 0.60
C THR D 308 33.20 14.32 1.26
N ASP D 309 33.07 13.68 2.42
CA ASP D 309 31.82 13.72 3.17
C ASP D 309 32.02 14.79 4.24
N ASN D 310 30.98 15.11 4.98
CA ASN D 310 31.08 16.14 5.99
C ASN D 310 32.06 15.91 7.13
N THR D 311 32.82 14.81 7.10
CA THR D 311 33.81 14.57 8.13
C THR D 311 35.20 14.63 7.50
N GLY D 312 35.25 15.20 6.30
CA GLY D 312 36.51 15.34 5.59
C GLY D 312 37.04 14.10 4.90
N THR D 313 36.37 12.95 5.05
CA THR D 313 36.84 11.72 4.42
C THR D 313 36.63 11.75 2.91
N ASN D 314 37.65 11.38 2.16
CA ASN D 314 37.62 11.39 0.72
C ASN D 314 37.01 10.09 0.14
N TRP D 315 36.19 10.23 -0.90
CA TRP D 315 35.56 9.07 -1.55
C TRP D 315 35.79 9.07 -3.06
N HIS D 316 35.82 7.87 -3.63
CA HIS D 316 36.03 7.69 -5.07
C HIS D 316 34.81 7.11 -5.74
N PHE D 317 34.52 7.60 -6.94
CA PHE D 317 33.42 7.08 -7.74
C PHE D 317 33.46 7.64 -9.15
N ASN D 318 32.82 6.92 -10.08
CA ASN D 318 32.83 7.31 -11.48
C ASN D 318 31.48 7.73 -12.02
N LEU D 319 31.51 8.69 -12.93
CA LEU D 319 30.33 9.17 -13.61
C LEU D 319 30.61 8.79 -15.06
N ARG D 320 29.58 8.30 -15.76
CA ARG D 320 29.78 7.90 -17.14
C ARG D 320 28.47 7.90 -17.90
N GLY D 321 28.53 7.44 -19.15
CA GLY D 321 27.34 7.39 -19.97
C GLY D 321 26.28 6.54 -19.32
N GLY D 322 25.13 7.15 -19.06
CA GLY D 322 24.03 6.44 -18.44
C GLY D 322 23.69 6.92 -17.04
N THR D 323 24.67 7.50 -16.37
CA THR D 323 24.52 8.02 -15.01
C THR D 323 23.33 8.96 -14.89
N ARG D 324 22.44 8.71 -13.94
CA ARG D 324 21.28 9.56 -13.75
C ARG D 324 21.33 10.26 -12.40
N VAL D 325 20.70 11.43 -12.33
CA VAL D 325 20.63 12.20 -11.11
C VAL D 325 19.25 12.84 -10.95
N VAL D 326 18.91 13.22 -9.73
CA VAL D 326 17.62 13.85 -9.47
C VAL D 326 17.86 15.35 -9.46
N ASN D 327 17.08 16.11 -10.21
CA ASN D 327 17.25 17.55 -10.22
C ASN D 327 16.50 18.09 -9.00
N LEU D 328 17.24 18.29 -7.91
CA LEU D 328 16.69 18.74 -6.63
C LEU D 328 15.96 20.05 -6.64
N ASP D 329 16.42 20.96 -7.47
CA ASP D 329 15.78 22.25 -7.53
C ASP D 329 14.32 22.18 -7.94
N GLN D 330 13.46 22.82 -7.17
CA GLN D 330 12.04 22.87 -7.48
C GLN D 330 11.18 21.69 -7.07
N ILE D 331 11.69 20.75 -6.28
CA ILE D 331 10.86 19.62 -5.91
C ILE D 331 10.25 19.79 -4.52
N ALA D 332 10.61 20.86 -3.83
CA ALA D 332 10.10 21.15 -2.49
C ALA D 332 10.75 20.24 -1.45
N PRO D 333 10.59 20.55 -0.16
CA PRO D 333 11.17 19.71 0.89
C PRO D 333 10.86 18.23 0.58
N MET D 334 11.90 17.40 0.57
CA MET D 334 11.69 15.99 0.24
C MET D 334 12.71 15.04 0.87
N ARG D 335 12.22 13.91 1.39
CA ARG D 335 13.07 12.89 1.99
C ARG D 335 13.22 11.75 0.99
N PHE D 336 14.43 11.27 0.79
CA PHE D 336 14.70 10.17 -0.12
C PHE D 336 15.23 9.00 0.69
N VAL D 337 14.78 7.80 0.37
CA VAL D 337 15.28 6.59 1.04
C VAL D 337 15.48 5.57 -0.06
N LEU D 338 16.69 5.06 -0.20
CA LEU D 338 17.00 4.10 -1.25
C LEU D 338 17.19 2.67 -0.72
N ASP D 339 16.51 1.72 -1.36
CA ASP D 339 16.59 0.33 -0.97
C ASP D 339 17.16 -0.54 -2.08
N LEU D 340 18.42 -0.93 -1.94
CA LEU D 340 19.05 -1.77 -2.94
C LEU D 340 18.81 -3.26 -2.67
N GLY D 341 17.89 -3.56 -1.76
CA GLY D 341 17.60 -4.94 -1.44
C GLY D 341 17.07 -5.75 -2.61
N GLY D 342 17.61 -6.95 -2.79
CA GLY D 342 17.18 -7.81 -3.87
C GLY D 342 17.99 -7.69 -5.14
N LYS D 343 18.61 -6.53 -5.36
CA LYS D 343 19.40 -6.30 -6.56
C LYS D 343 20.73 -7.04 -6.54
N SER D 344 21.38 -7.13 -7.70
CA SER D 344 22.64 -7.86 -7.80
C SER D 344 23.89 -7.00 -7.88
N TYR D 345 24.08 -6.35 -9.03
CA TYR D 345 25.25 -5.50 -9.29
C TYR D 345 26.53 -6.31 -9.33
N LYS D 346 26.38 -7.62 -9.43
CA LYS D 346 27.52 -8.54 -9.49
C LYS D 346 28.07 -8.56 -10.91
N GLU D 347 29.37 -8.26 -11.04
CA GLU D 347 30.02 -8.26 -12.35
C GLU D 347 31.27 -9.13 -12.30
N THR D 348 31.80 -9.47 -13.47
CA THR D 348 32.98 -10.32 -13.54
C THR D 348 34.09 -9.91 -12.58
N SER D 349 34.31 -8.62 -12.42
CA SER D 349 35.36 -8.19 -11.52
C SER D 349 34.85 -7.19 -10.48
N TRP D 350 33.64 -7.43 -9.98
CA TRP D 350 33.08 -6.55 -8.97
C TRP D 350 32.01 -7.28 -8.17
N ASP D 351 32.23 -7.35 -6.86
CA ASP D 351 31.28 -8.01 -5.97
C ASP D 351 30.74 -6.95 -5.02
N PRO D 352 29.43 -6.69 -5.07
CA PRO D 352 28.80 -5.70 -4.22
C PRO D 352 28.97 -5.95 -2.72
N ASN D 353 29.22 -7.20 -2.33
CA ASN D 353 29.39 -7.56 -0.92
C ASN D 353 30.55 -6.86 -0.23
N GLY D 354 30.22 -5.99 0.71
CA GLY D 354 31.24 -5.25 1.43
C GLY D 354 31.54 -3.89 0.82
N LYS D 355 30.99 -3.62 -0.35
CA LYS D 355 31.22 -2.34 -1.01
C LYS D 355 30.31 -1.29 -0.38
N LYS D 356 30.46 -0.04 -0.79
CA LYS D 356 29.67 1.02 -0.19
C LYS D 356 28.98 1.88 -1.22
N VAL D 357 27.77 2.31 -0.90
CA VAL D 357 27.03 3.17 -1.82
C VAL D 357 26.73 4.45 -1.05
N GLY D 358 26.55 5.54 -1.76
CA GLY D 358 26.28 6.79 -1.07
C GLY D 358 25.48 7.75 -1.91
N PHE D 359 24.96 8.77 -1.25
CA PHE D 359 24.18 9.82 -1.90
C PHE D 359 25.13 11.00 -1.98
N ILE D 360 25.31 11.54 -3.19
CA ILE D 360 26.17 12.69 -3.42
C ILE D 360 25.31 13.84 -3.95
N VAL D 361 25.49 15.04 -3.37
CA VAL D 361 24.74 16.21 -3.82
C VAL D 361 25.66 17.20 -4.49
N PHE D 362 25.44 17.45 -5.78
CA PHE D 362 26.26 18.36 -6.54
C PHE D 362 25.61 19.74 -6.63
N GLN D 363 26.47 20.75 -6.80
CA GLN D 363 26.08 22.15 -6.96
C GLN D 363 26.97 22.71 -8.06
N SER D 364 26.42 22.79 -9.28
CA SER D 364 27.18 23.28 -10.41
C SER D 364 26.35 24.18 -11.31
N LYS D 365 27.02 25.04 -12.07
CA LYS D 365 26.33 25.94 -12.99
C LYS D 365 26.14 25.26 -14.35
N ILE D 366 26.89 24.18 -14.57
CA ILE D 366 26.82 23.44 -15.81
C ILE D 366 25.74 22.36 -15.79
N PRO D 367 24.89 22.31 -16.82
CA PRO D 367 23.83 21.31 -16.87
C PRO D 367 24.44 19.92 -16.83
N PHE D 368 23.83 19.03 -16.06
CA PHE D 368 24.33 17.67 -15.92
C PHE D 368 24.53 16.93 -17.24
N GLU D 369 23.61 17.07 -18.19
CA GLU D 369 23.74 16.34 -19.45
C GLU D 369 25.06 16.62 -20.13
N LEU D 370 25.58 17.82 -19.93
CA LEU D 370 26.83 18.21 -20.56
C LEU D 370 28.13 17.77 -19.88
N TRP D 371 28.05 17.15 -18.71
CA TRP D 371 29.25 16.73 -18.00
C TRP D 371 30.04 15.65 -18.73
N THR D 372 31.38 15.77 -18.69
CA THR D 372 32.29 14.80 -19.30
C THR D 372 33.65 14.82 -18.61
N ALA D 373 33.91 15.86 -17.84
CA ALA D 373 35.17 15.97 -17.13
C ALA D 373 34.91 16.32 -15.68
N ALA D 374 35.80 15.90 -14.79
CA ALA D 374 35.63 16.17 -13.37
C ALA D 374 35.55 17.66 -13.03
N SER D 375 36.10 18.50 -13.90
CA SER D 375 36.11 19.95 -13.68
C SER D 375 34.76 20.65 -13.70
N GLN D 376 33.74 19.99 -14.26
CA GLN D 376 32.42 20.60 -14.37
C GLN D 376 31.45 20.33 -13.23
N ILE D 377 31.84 19.47 -12.28
CA ILE D 377 30.92 19.12 -11.20
C ILE D 377 30.69 20.15 -10.11
N GLY D 378 31.38 21.31 -10.17
CA GLY D 378 31.16 22.33 -9.15
C GLY D 378 31.44 21.85 -7.72
N GLN D 379 30.56 22.17 -6.78
CA GLN D 379 30.72 21.76 -5.37
C GLN D 379 29.99 20.46 -5.03
N ALA D 380 30.71 19.44 -4.58
CA ALA D 380 30.07 18.17 -4.25
C ALA D 380 30.39 17.64 -2.86
N THR D 381 29.40 16.98 -2.26
CA THR D 381 29.54 16.40 -0.93
C THR D 381 28.80 15.05 -0.82
N VAL D 382 29.48 14.05 -0.27
CA VAL D 382 28.87 12.76 -0.06
C VAL D 382 28.08 13.01 1.22
N VAL D 383 26.76 13.08 1.10
CA VAL D 383 25.91 13.36 2.26
C VAL D 383 25.51 12.16 3.13
N ASN D 384 25.74 10.95 2.64
CA ASN D 384 25.40 9.76 3.41
C ASN D 384 25.85 8.52 2.64
N TYR D 385 26.12 7.43 3.37
CA TYR D 385 26.55 6.20 2.73
C TYR D 385 26.36 5.02 3.66
N VAL D 386 26.23 3.83 3.09
CA VAL D 386 26.08 2.60 3.87
C VAL D 386 26.92 1.55 3.22
N GLN D 387 27.27 0.53 3.98
CA GLN D 387 28.04 -0.57 3.43
C GLN D 387 27.05 -1.67 3.09
N LEU D 388 27.21 -2.25 1.90
CA LEU D 388 26.31 -3.29 1.46
C LEU D 388 26.72 -4.69 1.90
N TYR D 389 25.72 -5.56 2.03
CA TYR D 389 25.94 -6.95 2.38
C TYR D 389 25.24 -7.76 1.29
N ALA D 390 25.97 -8.68 0.67
CA ALA D 390 25.39 -9.50 -0.39
C ALA D 390 25.47 -10.97 -0.01
N GLU D 391 24.63 -11.78 -0.65
CA GLU D 391 24.57 -13.21 -0.39
C GLU D 391 24.18 -13.85 -1.70
N ASP D 392 23.69 -15.07 -1.68
CA ASP D 392 23.27 -15.72 -2.93
C ASP D 392 21.75 -15.66 -3.04
N SER D 393 21.26 -15.33 -4.23
CA SER D 393 19.82 -15.24 -4.44
C SER D 393 19.24 -16.53 -4.99
N SER D 394 17.92 -16.54 -5.11
CA SER D 394 17.23 -17.69 -5.68
C SER D 394 17.72 -17.87 -7.13
N PHE D 395 18.06 -16.76 -7.80
CA PHE D 395 18.58 -16.80 -9.18
C PHE D 395 20.04 -17.24 -9.13
N THR D 396 20.37 -18.37 -9.74
CA THR D 396 21.75 -18.86 -9.72
C THR D 396 22.72 -17.84 -10.32
N ALA D 397 23.97 -17.95 -9.91
CA ALA D 397 25.03 -17.08 -10.41
C ALA D 397 24.84 -15.61 -10.03
N GLN D 398 23.73 -15.29 -9.37
CA GLN D 398 23.48 -13.91 -8.98
C GLN D 398 23.64 -13.71 -7.48
N SER D 399 24.10 -12.52 -7.10
CA SER D 399 24.24 -12.21 -5.68
C SER D 399 23.06 -11.28 -5.36
N ILE D 400 22.53 -11.39 -4.15
CA ILE D 400 21.40 -10.58 -3.75
C ILE D 400 21.84 -9.64 -2.61
N ILE D 401 21.66 -8.34 -2.81
CA ILE D 401 22.05 -7.35 -1.82
C ILE D 401 21.03 -7.20 -0.69
N ALA D 402 21.51 -7.12 0.54
CA ALA D 402 20.63 -6.99 1.70
C ALA D 402 19.90 -5.66 1.64
N THR D 403 18.76 -5.57 2.32
CA THR D 403 17.98 -4.36 2.34
C THR D 403 18.73 -3.17 2.93
N THR D 404 18.58 -2.02 2.26
CA THR D 404 19.22 -0.80 2.71
C THR D 404 18.18 0.29 2.92
N SER D 405 18.58 1.35 3.62
CA SER D 405 17.68 2.45 3.91
C SER D 405 18.48 3.74 3.85
N LEU D 406 19.27 3.88 2.80
CA LEU D 406 20.10 5.06 2.59
C LEU D 406 19.18 6.28 2.50
N ALA D 407 19.31 7.20 3.45
CA ALA D 407 18.46 8.38 3.46
C ALA D 407 19.12 9.72 3.24
N TYR D 408 18.33 10.65 2.72
CA TYR D 408 18.77 12.01 2.45
C TYR D 408 17.58 12.95 2.48
N ASN D 409 17.66 13.99 3.30
CA ASN D 409 16.58 14.95 3.40
C ASN D 409 16.93 16.20 2.62
N TYR D 410 16.12 16.51 1.62
CA TYR D 410 16.35 17.69 0.80
C TYR D 410 15.61 18.85 1.42
N GLU D 411 16.35 19.73 2.08
CA GLU D 411 15.78 20.91 2.71
C GLU D 411 16.29 22.13 1.93
N PRO D 412 15.47 22.69 1.06
CA PRO D 412 15.84 23.86 0.24
C PRO D 412 16.53 25.00 1.01
N GLU D 413 16.02 25.29 2.20
CA GLU D 413 16.58 26.34 3.03
C GLU D 413 18.03 26.05 3.45
N GLN D 414 18.39 24.78 3.61
CA GLN D 414 19.76 24.43 3.99
C GLN D 414 20.75 24.67 2.84
N LEU D 415 20.32 24.36 1.62
CA LEU D 415 21.17 24.55 0.46
C LEU D 415 21.35 26.04 0.21
N ASN D 416 20.25 26.79 0.34
CA ASN D 416 20.26 28.24 0.16
C ASN D 416 20.71 28.65 -1.24
N LYS D 417 19.94 28.26 -2.25
CA LYS D 417 20.26 28.60 -3.64
C LYS D 417 20.22 30.12 -3.78
N THR D 418 21.29 30.67 -4.35
CA THR D 418 21.40 32.12 -4.57
C THR D 418 21.54 32.42 -6.04
N ASP D 419 22.61 31.88 -6.63
CA ASP D 419 22.90 32.05 -8.05
C ASP D 419 21.85 31.27 -8.87
N PRO D 420 21.02 31.99 -9.64
CA PRO D 420 19.97 31.40 -10.47
C PRO D 420 20.47 30.37 -11.48
N GLU D 421 21.76 30.42 -11.79
CA GLU D 421 22.33 29.47 -12.73
C GLU D 421 22.84 28.23 -12.04
N MET D 422 22.59 28.13 -10.74
CA MET D 422 23.01 26.96 -9.97
C MET D 422 22.04 25.81 -10.07
N ASN D 423 22.59 24.63 -10.32
CA ASN D 423 21.80 23.41 -10.42
C ASN D 423 22.12 22.52 -9.24
N TYR D 424 21.10 21.85 -8.72
CA TYR D 424 21.29 20.96 -7.59
C TYR D 424 20.93 19.55 -8.00
N TYR D 425 21.93 18.67 -7.95
CA TYR D 425 21.76 17.28 -8.35
C TYR D 425 22.00 16.26 -7.26
N LEU D 426 21.29 15.14 -7.34
CA LEU D 426 21.42 14.05 -6.39
C LEU D 426 21.80 12.78 -7.17
N LEU D 427 22.84 12.11 -6.69
CA LEU D 427 23.33 10.89 -7.32
C LEU D 427 23.44 9.74 -6.31
N ALA D 428 23.35 8.51 -6.81
CA ALA D 428 23.49 7.33 -5.97
C ALA D 428 24.39 6.36 -6.70
N THR D 429 25.62 6.20 -6.25
CA THR D 429 26.56 5.29 -6.89
C THR D 429 27.38 4.58 -5.83
N PHE D 430 28.29 3.78 -6.32
CA PHE D 430 29.21 3.07 -5.48
C PHE D 430 30.30 4.10 -5.20
N ILE D 431 30.73 4.17 -3.95
CA ILE D 431 31.81 5.06 -3.54
C ILE D 431 32.79 4.13 -2.86
N ASP D 432 34.07 4.46 -2.91
CA ASP D 432 35.06 3.60 -2.29
C ASP D 432 36.27 4.42 -1.83
N SER D 433 37.02 3.89 -0.87
CA SER D 433 38.19 4.58 -0.38
C SER D 433 39.33 4.43 -1.39
N ALA D 434 39.16 3.48 -2.30
CA ALA D 434 40.15 3.23 -3.33
C ALA D 434 39.52 3.54 -4.68
N ALA D 435 40.27 4.18 -5.57
CA ALA D 435 39.75 4.49 -6.91
C ALA D 435 39.01 3.28 -7.50
N ILE D 436 37.84 3.51 -8.05
CA ILE D 436 37.08 2.41 -8.62
C ILE D 436 37.46 2.24 -10.08
N THR D 437 38.13 1.13 -10.37
CA THR D 437 38.56 0.81 -11.73
C THR D 437 37.33 0.75 -12.64
N PRO D 438 37.26 1.66 -13.61
CA PRO D 438 36.16 1.76 -14.57
C PRO D 438 35.76 0.48 -15.29
N THR D 439 36.71 -0.42 -15.53
CA THR D 439 36.39 -1.65 -16.23
C THR D 439 35.91 -2.75 -15.29
N ASN D 440 36.04 -2.52 -13.98
CA ASN D 440 35.59 -3.50 -13.00
C ASN D 440 34.11 -3.29 -12.70
N MET D 441 33.80 -2.08 -12.24
CA MET D 441 32.42 -1.71 -11.90
C MET D 441 31.96 -0.76 -13.01
N THR D 442 31.18 -1.30 -13.94
CA THR D 442 30.70 -0.53 -15.09
C THR D 442 29.33 0.12 -14.98
N GLN D 443 28.58 -0.20 -13.94
CA GLN D 443 27.25 0.39 -13.78
C GLN D 443 27.38 1.91 -13.73
N PRO D 444 26.38 2.65 -14.24
CA PRO D 444 26.39 4.11 -14.27
C PRO D 444 26.06 4.70 -12.89
N ASP D 445 25.32 3.94 -12.11
CA ASP D 445 24.90 4.36 -10.79
C ASP D 445 24.20 3.17 -10.18
N VAL D 446 23.70 3.33 -8.96
CA VAL D 446 22.97 2.26 -8.30
C VAL D 446 21.52 2.70 -8.15
N TRP D 447 21.02 3.39 -9.18
CA TRP D 447 19.65 3.86 -9.16
C TRP D 447 18.63 2.76 -9.50
N ASP D 448 19.11 1.61 -9.97
CA ASP D 448 18.21 0.49 -10.24
C ASP D 448 17.97 -0.08 -8.86
N ALA D 449 17.08 0.57 -8.13
CA ALA D 449 16.75 0.17 -6.78
C ALA D 449 15.38 0.75 -6.49
N LEU D 450 14.87 0.51 -5.30
CA LEU D 450 13.58 1.04 -4.91
C LEU D 450 13.80 2.35 -4.17
N LEU D 451 13.29 3.44 -4.72
CA LEU D 451 13.43 4.73 -4.09
C LEU D 451 12.10 5.16 -3.53
N THR D 452 12.11 5.57 -2.28
CA THR D 452 10.88 6.03 -1.65
C THR D 452 11.01 7.50 -1.31
N MET D 453 10.11 8.31 -1.86
CA MET D 453 10.12 9.73 -1.60
C MET D 453 9.01 10.08 -0.63
N SER D 454 9.32 10.95 0.32
CA SER D 454 8.36 11.39 1.31
C SER D 454 8.49 12.90 1.44
N PRO D 455 7.39 13.63 1.21
CA PRO D 455 7.44 15.08 1.31
C PRO D 455 7.80 15.50 2.73
N LEU D 456 8.62 16.55 2.86
CA LEU D 456 8.99 17.05 4.17
C LEU D 456 8.30 18.38 4.38
N SER D 457 7.07 18.44 3.90
CA SER D 457 6.23 19.62 4.00
C SER D 457 4.87 19.32 3.41
N ALA D 458 3.83 19.89 3.99
CA ALA D 458 2.47 19.70 3.52
C ALA D 458 1.88 21.05 3.15
N GLY D 459 2.74 22.01 2.85
CA GLY D 459 2.27 23.34 2.49
C GLY D 459 2.73 23.73 1.11
N GLU D 460 3.46 22.84 0.45
CA GLU D 460 3.94 23.11 -0.88
C GLU D 460 3.40 22.02 -1.79
N VAL D 461 3.05 22.39 -3.01
CA VAL D 461 2.49 21.46 -4.00
C VAL D 461 3.23 21.62 -5.31
N THR D 462 3.41 20.52 -6.05
CA THR D 462 4.08 20.55 -7.34
C THR D 462 3.15 20.03 -8.41
N VAL D 463 3.45 20.34 -9.66
CA VAL D 463 2.66 19.88 -10.78
C VAL D 463 3.62 19.33 -11.80
N LYS D 464 3.60 18.01 -11.95
CA LYS D 464 4.46 17.34 -12.89
C LYS D 464 5.94 17.63 -12.69
N GLY D 465 6.39 17.52 -11.45
CA GLY D 465 7.80 17.72 -11.15
C GLY D 465 8.30 19.02 -10.57
N ALA D 466 7.56 20.10 -10.71
CA ALA D 466 8.02 21.38 -10.18
C ALA D 466 7.00 22.08 -9.31
N VAL D 467 7.52 22.82 -8.34
CA VAL D 467 6.70 23.56 -7.40
C VAL D 467 5.90 24.67 -8.05
N VAL D 468 4.72 24.92 -7.51
CA VAL D 468 3.82 25.96 -7.96
C VAL D 468 3.27 26.64 -6.70
N SER D 469 3.12 27.96 -6.72
CA SER D 469 2.64 28.67 -5.55
C SER D 469 1.14 28.57 -5.38
N GLU D 470 0.45 28.15 -6.43
CA GLU D 470 -1.01 28.00 -6.38
C GLU D 470 -1.51 27.04 -7.46
N VAL D 471 -2.69 26.49 -7.24
CA VAL D 471 -3.27 25.53 -8.16
C VAL D 471 -4.64 25.95 -8.64
N VAL D 472 -4.99 25.52 -9.84
CA VAL D 472 -6.32 25.78 -10.38
C VAL D 472 -6.93 24.37 -10.52
N PRO D 473 -7.57 23.89 -9.45
CA PRO D 473 -8.18 22.56 -9.44
C PRO D 473 -8.83 22.09 -10.74
N ALA D 474 -9.71 22.92 -11.30
CA ALA D 474 -10.42 22.56 -12.52
C ALA D 474 -9.55 22.26 -13.74
N GLU D 475 -8.36 22.87 -13.82
CA GLU D 475 -7.47 22.63 -14.95
C GLU D 475 -6.70 21.33 -14.80
N LEU D 476 -6.77 20.73 -13.62
CA LEU D 476 -6.08 19.47 -13.37
C LEU D 476 -6.89 18.37 -14.04
N ILE D 477 -8.19 18.58 -14.09
CA ILE D 477 -9.10 17.61 -14.68
C ILE D 477 -8.65 17.15 -16.06
N GLY D 478 -8.55 15.84 -16.23
CA GLY D 478 -8.16 15.24 -17.50
C GLY D 478 -6.85 15.68 -18.14
N SER D 479 -5.88 16.12 -17.35
CA SER D 479 -4.61 16.55 -17.94
C SER D 479 -3.39 15.68 -17.63
N TYR D 480 -3.62 14.53 -17.00
CA TYR D 480 -2.53 13.62 -16.67
C TYR D 480 -2.66 12.29 -17.39
N THR D 481 -1.56 11.81 -17.97
CA THR D 481 -1.59 10.52 -18.63
C THR D 481 -1.19 9.57 -17.51
N PRO D 482 -1.45 8.27 -17.69
CA PRO D 482 -1.08 7.30 -16.66
C PRO D 482 0.41 7.38 -16.38
N GLU D 483 1.20 7.55 -17.44
CA GLU D 483 2.64 7.67 -17.32
C GLU D 483 3.02 8.85 -16.44
N SER D 484 2.45 10.00 -16.74
CA SER D 484 2.72 11.23 -16.01
C SER D 484 2.32 11.15 -14.55
N LEU D 485 1.17 10.56 -14.27
CA LEU D 485 0.73 10.46 -12.90
C LEU D 485 1.72 9.61 -12.12
N ASN D 486 2.08 8.47 -12.68
CA ASN D 486 3.01 7.57 -12.03
C ASN D 486 4.35 8.21 -11.74
N ALA D 487 4.79 9.13 -12.60
CA ALA D 487 6.08 9.79 -12.43
C ALA D 487 6.03 11.05 -11.57
N SER D 488 4.83 11.52 -11.25
CA SER D 488 4.71 12.72 -10.46
C SER D 488 5.31 12.52 -9.08
N LEU D 489 5.70 13.61 -8.43
CA LEU D 489 6.29 13.55 -7.09
C LEU D 489 5.17 13.34 -6.06
N PRO D 490 5.52 12.84 -4.86
CA PRO D 490 4.54 12.60 -3.79
C PRO D 490 3.69 13.82 -3.44
N ASN D 491 4.20 15.01 -3.73
CA ASN D 491 3.49 16.23 -3.41
C ASN D 491 2.86 16.86 -4.64
N ASP D 492 2.48 16.04 -5.62
CA ASP D 492 1.86 16.54 -6.83
C ASP D 492 0.41 16.91 -6.61
N ALA D 493 -0.02 18.01 -7.21
CA ALA D 493 -1.39 18.48 -7.06
C ALA D 493 -2.43 17.43 -7.44
N ALA D 494 -2.15 16.65 -8.47
CA ALA D 494 -3.07 15.62 -8.93
C ALA D 494 -3.33 14.64 -7.78
N ARG D 495 -2.25 14.10 -7.23
CA ARG D 495 -2.36 13.14 -6.12
C ARG D 495 -3.26 13.70 -5.02
N CYS D 496 -3.09 14.98 -4.73
CA CYS D 496 -3.86 15.63 -3.70
C CYS D 496 -5.32 15.74 -4.13
N MET D 497 -5.52 16.22 -5.34
CA MET D 497 -6.86 16.36 -5.89
C MET D 497 -7.58 15.03 -5.73
N ILE D 498 -6.86 13.94 -6.04
CA ILE D 498 -7.43 12.61 -5.95
C ILE D 498 -7.86 12.23 -4.53
N ASP D 499 -7.07 12.59 -3.53
CA ASP D 499 -7.43 12.23 -2.16
C ASP D 499 -8.58 13.06 -1.64
N ARG D 500 -8.74 14.27 -2.16
CA ARG D 500 -9.84 15.11 -1.73
C ARG D 500 -11.10 14.63 -2.42
N ALA D 501 -10.96 14.29 -3.69
CA ALA D 501 -12.08 13.83 -4.51
C ALA D 501 -12.68 12.53 -4.01
N SER D 502 -11.84 11.63 -3.52
CA SER D 502 -12.28 10.34 -3.03
C SER D 502 -13.21 10.45 -1.81
N LYS D 503 -13.17 11.59 -1.14
CA LYS D 503 -14.06 11.79 0.00
C LYS D 503 -15.43 12.03 -0.58
N ILE D 504 -15.48 12.59 -1.78
CA ILE D 504 -16.74 12.85 -2.44
C ILE D 504 -17.29 11.52 -2.92
N ALA D 505 -16.43 10.70 -3.51
CA ALA D 505 -16.84 9.39 -3.99
C ALA D 505 -17.39 8.57 -2.83
N GLU D 506 -16.71 8.63 -1.71
CA GLU D 506 -17.13 7.88 -0.52
C GLU D 506 -18.50 8.35 -0.06
N ALA D 507 -18.71 9.66 -0.13
CA ALA D 507 -19.98 10.27 0.26
C ALA D 507 -21.13 9.80 -0.63
N ILE D 508 -20.93 9.87 -1.95
CA ILE D 508 -21.95 9.46 -2.90
C ILE D 508 -22.32 7.99 -2.69
N LYS D 509 -21.34 7.16 -2.39
CA LYS D 509 -21.62 5.75 -2.21
C LYS D 509 -22.42 5.48 -0.93
N ILE D 510 -22.20 6.28 0.11
CA ILE D 510 -22.95 6.07 1.34
C ILE D 510 -24.43 6.29 1.07
N ASP D 511 -24.73 7.21 0.16
CA ASP D 511 -26.11 7.53 -0.18
C ASP D 511 -26.68 6.84 -1.41
N ASP D 512 -25.83 6.49 -2.37
CA ASP D 512 -26.30 5.88 -3.62
C ASP D 512 -26.21 4.35 -3.73
N ASP D 513 -27.37 3.73 -3.95
CA ASP D 513 -27.45 2.28 -4.09
C ASP D 513 -27.91 1.93 -5.51
N ALA D 514 -27.56 2.78 -6.46
CA ALA D 514 -27.93 2.58 -7.85
C ALA D 514 -27.16 1.42 -8.45
N GLY D 515 -27.86 0.62 -9.23
CA GLY D 515 -27.21 -0.51 -9.88
C GLY D 515 -26.73 -0.05 -11.24
N PRO D 516 -26.20 -0.96 -12.06
CA PRO D 516 -25.70 -0.61 -13.40
C PRO D 516 -26.72 0.12 -14.28
N ASP D 517 -26.29 1.24 -14.84
CA ASP D 517 -27.12 2.04 -15.73
C ASP D 517 -28.35 2.71 -15.12
N GLU D 518 -28.49 2.68 -13.81
CA GLU D 518 -29.64 3.32 -13.18
C GLU D 518 -29.32 4.77 -12.78
N TYR D 519 -30.23 5.69 -13.11
CA TYR D 519 -30.02 7.10 -12.77
C TYR D 519 -30.13 7.28 -11.27
N SER D 520 -29.71 8.46 -10.79
CA SER D 520 -29.76 8.77 -9.36
C SER D 520 -29.53 10.26 -9.19
N PRO D 521 -29.84 10.80 -8.00
CA PRO D 521 -29.63 12.22 -7.72
C PRO D 521 -28.18 12.64 -7.88
N ASN D 522 -27.28 11.67 -7.83
CA ASN D 522 -25.85 11.96 -7.92
C ASN D 522 -25.25 11.74 -9.29
N SER D 523 -26.03 11.24 -10.24
CA SER D 523 -25.53 10.97 -11.58
C SER D 523 -26.05 12.02 -12.56
N VAL D 524 -27.29 12.45 -12.35
CA VAL D 524 -27.93 13.44 -13.22
C VAL D 524 -27.19 14.76 -13.42
N PRO D 525 -26.40 15.21 -12.42
CA PRO D 525 -25.69 16.47 -12.61
C PRO D 525 -24.83 16.44 -13.86
N ILE D 526 -24.25 15.26 -14.13
CA ILE D 526 -23.41 15.06 -15.29
C ILE D 526 -24.29 15.04 -16.52
N GLN D 527 -25.43 14.35 -16.40
CA GLN D 527 -26.38 14.24 -17.49
C GLN D 527 -26.77 15.63 -17.98
N GLY D 528 -26.98 16.54 -17.04
CA GLY D 528 -27.33 17.89 -17.39
C GLY D 528 -26.26 18.54 -18.24
N GLN D 529 -25.00 18.41 -17.82
CA GLN D 529 -23.91 19.00 -18.59
C GLN D 529 -23.86 18.36 -19.97
N LEU D 530 -24.00 17.04 -20.01
CA LEU D 530 -23.97 16.32 -21.27
C LEU D 530 -25.11 16.76 -22.18
N ALA D 531 -26.30 16.92 -21.62
CA ALA D 531 -27.48 17.33 -22.38
C ALA D 531 -27.24 18.64 -23.12
N ILE D 532 -26.69 19.63 -22.44
CA ILE D 532 -26.40 20.93 -23.04
C ILE D 532 -25.17 20.89 -23.95
N SER D 533 -24.15 20.16 -23.50
CA SER D 533 -22.89 20.03 -24.24
C SER D 533 -23.03 19.60 -25.69
N GLN D 534 -23.88 18.60 -25.94
CA GLN D 534 -24.07 18.10 -27.29
C GLN D 534 -24.85 19.07 -28.16
N LEU D 535 -25.37 20.12 -27.55
CA LEU D 535 -26.14 21.13 -28.27
C LEU D 535 -25.23 22.31 -28.58
N GLU D 536 -24.32 22.60 -27.67
CA GLU D 536 -23.38 23.71 -27.86
C GLU D 536 -22.71 23.64 -29.22
N THR D 537 -22.50 24.79 -29.86
CA THR D 537 -21.86 24.79 -31.16
C THR D 537 -20.35 24.66 -30.97
N GLY D 538 -19.79 23.59 -31.52
CA GLY D 538 -18.36 23.38 -31.38
C GLY D 538 -17.77 23.14 -32.74
N TYR D 539 -16.97 22.09 -32.83
CA TYR D 539 -16.35 21.71 -34.08
C TYR D 539 -16.38 20.19 -34.13
N GLY D 540 -16.45 19.63 -35.34
CA GLY D 540 -16.48 18.20 -35.47
C GLY D 540 -17.89 17.69 -35.70
N VAL D 541 -18.03 16.38 -35.93
CA VAL D 541 -19.34 15.79 -36.19
C VAL D 541 -20.19 15.72 -34.94
N ARG D 542 -21.27 16.49 -34.96
CA ARG D 542 -22.22 16.57 -33.86
C ARG D 542 -23.08 15.32 -33.76
N ILE D 543 -23.50 14.95 -32.56
CA ILE D 543 -24.32 13.77 -32.33
C ILE D 543 -25.43 14.12 -31.36
N PHE D 544 -26.58 13.45 -31.51
CA PHE D 544 -27.68 13.68 -30.59
C PHE D 544 -28.10 12.41 -29.87
N ASN D 545 -28.01 12.45 -28.54
CA ASN D 545 -28.40 11.31 -27.74
C ASN D 545 -29.65 11.65 -26.98
N PRO D 546 -30.62 10.72 -26.97
CA PRO D 546 -31.89 10.91 -26.26
C PRO D 546 -31.58 11.00 -24.75
N LYS D 547 -32.48 11.57 -23.98
CA LYS D 547 -32.25 11.68 -22.55
C LYS D 547 -31.87 10.32 -21.98
N GLY D 548 -32.59 9.29 -22.38
CA GLY D 548 -32.34 7.94 -21.89
C GLY D 548 -30.91 7.44 -21.98
N ILE D 549 -30.21 7.80 -23.04
CA ILE D 549 -28.84 7.35 -23.21
C ILE D 549 -27.88 8.24 -22.45
N LEU D 550 -28.17 9.53 -22.41
CA LEU D 550 -27.30 10.45 -21.67
C LEU D 550 -27.36 10.06 -20.21
N SER D 551 -28.54 9.60 -19.77
CA SER D 551 -28.76 9.19 -18.39
C SER D 551 -27.83 8.04 -18.00
N LYS D 552 -27.68 7.07 -18.90
CA LYS D 552 -26.83 5.93 -18.66
C LYS D 552 -25.37 6.34 -18.65
N ILE D 553 -24.94 7.03 -19.69
CA ILE D 553 -23.56 7.48 -19.79
C ILE D 553 -23.18 8.20 -18.51
N ALA D 554 -24.09 9.00 -17.98
CA ALA D 554 -23.82 9.71 -16.76
C ALA D 554 -23.64 8.73 -15.61
N SER D 555 -24.52 7.73 -15.54
CA SER D 555 -24.45 6.72 -14.49
C SER D 555 -23.11 6.01 -14.45
N ARG D 556 -22.66 5.56 -15.62
CA ARG D 556 -21.41 4.85 -15.74
C ARG D 556 -20.24 5.73 -15.36
N ALA D 557 -20.32 7.01 -15.72
CA ALA D 557 -19.26 7.95 -15.41
C ALA D 557 -19.13 8.04 -13.90
N MET D 558 -20.25 8.21 -13.23
CA MET D 558 -20.25 8.30 -11.79
C MET D 558 -19.69 7.03 -11.15
N GLN D 559 -20.05 5.87 -11.69
CA GLN D 559 -19.57 4.59 -11.14
C GLN D 559 -18.07 4.46 -11.32
N ALA D 560 -17.59 4.86 -12.48
CA ALA D 560 -16.17 4.80 -12.77
C ALA D 560 -15.44 5.71 -11.80
N PHE D 561 -16.06 6.84 -11.48
CA PHE D 561 -15.45 7.78 -10.54
C PHE D 561 -15.37 7.18 -9.14
N ILE D 562 -16.46 6.60 -8.67
CA ILE D 562 -16.49 5.98 -7.36
C ILE D 562 -15.55 4.80 -7.27
N GLY D 563 -15.38 4.06 -8.36
CA GLY D 563 -14.51 2.89 -8.34
C GLY D 563 -13.04 3.22 -8.53
N ASP D 564 -12.79 4.38 -9.11
CA ASP D 564 -11.44 4.85 -9.38
C ASP D 564 -11.45 6.38 -9.43
N PRO D 565 -11.38 7.03 -8.27
CA PRO D 565 -11.40 8.50 -8.25
C PRO D 565 -10.34 9.18 -9.11
N SER D 566 -9.25 8.48 -9.44
CA SER D 566 -8.21 9.08 -10.24
C SER D 566 -8.59 9.28 -11.70
N THR D 567 -9.78 8.82 -12.08
CA THR D 567 -10.21 8.98 -13.47
C THR D 567 -10.46 10.44 -13.80
N ILE D 568 -10.78 11.26 -12.81
CA ILE D 568 -11.03 12.67 -13.07
C ILE D 568 -9.80 13.45 -13.50
N ILE D 569 -8.61 13.01 -13.10
CA ILE D 569 -7.42 13.73 -13.53
C ILE D 569 -6.71 12.98 -14.65
N THR D 570 -7.33 11.88 -15.10
CA THR D 570 -6.77 11.06 -16.17
C THR D 570 -7.26 11.51 -17.54
N GLN D 571 -6.29 11.67 -18.45
CA GLN D 571 -6.53 12.09 -19.81
C GLN D 571 -7.48 11.19 -20.55
N ALA D 572 -8.34 11.80 -21.36
CA ALA D 572 -9.30 11.09 -22.18
C ALA D 572 -10.27 10.18 -21.42
N ALA D 573 -10.29 10.29 -20.09
CA ALA D 573 -11.20 9.47 -19.31
C ALA D 573 -12.60 9.83 -19.78
N PRO D 574 -13.31 8.87 -20.37
CA PRO D 574 -14.66 9.09 -20.87
C PRO D 574 -15.43 10.36 -20.54
N VAL D 575 -16.09 10.45 -19.38
CA VAL D 575 -16.83 11.68 -19.14
C VAL D 575 -16.23 12.60 -18.09
N LEU D 576 -15.51 12.02 -17.16
CA LEU D 576 -14.91 12.76 -16.07
C LEU D 576 -13.68 13.55 -16.51
N SER D 577 -13.29 13.38 -17.77
CA SER D 577 -12.15 14.07 -18.34
C SER D 577 -12.48 15.55 -18.64
N ASP D 578 -13.77 15.90 -18.62
CA ASP D 578 -14.27 17.25 -18.90
C ASP D 578 -14.52 18.00 -17.61
N LYS D 579 -13.83 19.13 -17.41
CA LYS D 579 -13.98 19.90 -16.18
C LYS D 579 -15.41 20.31 -15.82
N ASN D 580 -16.27 20.45 -16.81
CA ASN D 580 -17.66 20.83 -16.55
C ASN D 580 -18.44 19.75 -15.83
N ASN D 581 -18.27 18.51 -16.26
CA ASN D 581 -18.97 17.39 -15.63
C ASN D 581 -18.48 17.23 -14.19
N TRP D 582 -17.20 17.52 -13.96
CA TRP D 582 -16.64 17.41 -12.62
C TRP D 582 -17.27 18.43 -11.68
N ILE D 583 -17.24 19.68 -12.09
CA ILE D 583 -17.81 20.76 -11.31
C ILE D 583 -19.28 20.52 -10.99
N ALA D 584 -20.02 20.04 -11.98
CA ALA D 584 -21.44 19.77 -11.82
C ALA D 584 -21.67 18.70 -10.74
N LEU D 585 -20.84 17.67 -10.77
CA LEU D 585 -20.92 16.58 -9.80
C LEU D 585 -20.49 17.04 -8.43
N ALA D 586 -19.29 17.59 -8.34
CA ALA D 586 -18.76 18.08 -7.07
C ALA D 586 -19.77 18.99 -6.37
N GLN D 587 -20.32 19.96 -7.11
CA GLN D 587 -21.28 20.89 -6.55
C GLN D 587 -22.66 20.30 -6.36
N GLY D 588 -23.04 19.39 -7.25
CA GLY D 588 -24.35 18.77 -7.14
C GLY D 588 -24.56 17.98 -5.86
N VAL D 589 -23.57 17.17 -5.49
CA VAL D 589 -23.64 16.34 -4.31
C VAL D 589 -24.13 17.09 -3.08
N LYS D 590 -23.69 18.33 -2.93
CA LYS D 590 -24.09 19.17 -1.79
C LYS D 590 -25.61 19.28 -1.75
N THR D 591 -26.19 19.62 -2.90
CA THR D 591 -27.62 19.77 -3.00
C THR D 591 -28.29 18.40 -2.83
N SER D 592 -27.75 17.39 -3.49
CA SER D 592 -28.29 16.04 -3.41
C SER D 592 -28.51 15.55 -1.98
N LEU D 593 -27.54 15.80 -1.11
CA LEU D 593 -27.63 15.36 0.27
C LEU D 593 -28.47 16.28 1.15
N ARG D 594 -28.21 17.58 1.04
CA ARG D 594 -28.94 18.57 1.84
C ARG D 594 -30.45 18.63 1.66
N THR D 595 -30.97 18.13 0.55
CA THR D 595 -32.41 18.17 0.33
C THR D 595 -33.10 16.84 0.64
N LYS D 596 -32.45 16.01 1.43
CA LYS D 596 -32.99 14.73 1.85
C LYS D 596 -33.77 14.92 3.14
N SER D 597 -34.75 14.04 3.37
CA SER D 597 -35.56 14.12 4.59
C SER D 597 -35.58 12.74 5.25
N LEU D 598 -34.65 12.51 6.17
CA LEU D 598 -34.53 11.23 6.87
C LEU D 598 -34.88 10.06 5.96
N SER D 599 -34.38 10.09 4.72
CA SER D 599 -34.68 9.05 3.74
C SER D 599 -33.56 8.05 3.49
N ALA D 600 -33.92 6.93 2.88
CA ALA D 600 -32.97 5.88 2.55
C ALA D 600 -33.38 5.23 1.23
N GLY D 601 -32.40 4.87 0.41
CA GLY D 601 -32.68 4.26 -0.88
C GLY D 601 -33.72 3.16 -0.82
N VAL D 602 -34.58 3.11 -1.83
CA VAL D 602 -35.64 2.10 -1.89
C VAL D 602 -35.04 0.70 -1.82
N LYS D 603 -34.07 0.45 -2.69
CA LYS D 603 -33.40 -0.84 -2.75
C LYS D 603 -32.81 -1.17 -1.36
N THR D 604 -32.21 -0.16 -0.73
CA THR D 604 -31.60 -0.34 0.59
C THR D 604 -32.63 -0.63 1.67
N ALA D 605 -33.69 0.18 1.71
CA ALA D 605 -34.75 0.01 2.70
C ALA D 605 -35.24 -1.44 2.77
N VAL D 606 -35.53 -2.04 1.63
CA VAL D 606 -36.01 -3.41 1.63
C VAL D 606 -34.91 -4.37 2.11
N SER D 607 -33.70 -4.19 1.58
CA SER D 607 -32.59 -5.05 1.94
C SER D 607 -32.31 -5.07 3.43
N LYS D 608 -32.38 -3.89 4.05
CA LYS D 608 -32.14 -3.76 5.49
C LYS D 608 -33.15 -4.55 6.30
N LEU D 609 -34.43 -4.34 6.02
CA LEU D 609 -35.49 -5.03 6.73
C LEU D 609 -35.42 -6.53 6.48
N SER D 610 -35.15 -6.90 5.24
CA SER D 610 -35.02 -8.31 4.87
C SER D 610 -33.89 -8.94 5.67
N SER D 611 -32.78 -8.21 5.82
CA SER D 611 -31.62 -8.70 6.55
C SER D 611 -31.87 -8.71 8.06
N SER D 612 -32.51 -7.65 8.56
CA SER D 612 -32.81 -7.57 9.98
C SER D 612 -33.66 -8.78 10.38
N GLU D 613 -34.60 -9.13 9.52
CA GLU D 613 -35.47 -10.26 9.80
C GLU D 613 -34.66 -11.56 9.91
N SER D 614 -33.74 -11.80 8.98
CA SER D 614 -32.93 -13.01 9.00
C SER D 614 -32.09 -13.11 10.25
N ILE D 615 -31.67 -11.96 10.77
CA ILE D 615 -30.86 -11.90 11.98
C ILE D 615 -31.75 -12.19 13.20
N GLN D 616 -32.95 -11.65 13.17
CA GLN D 616 -33.92 -11.85 14.23
C GLN D 616 -34.20 -13.34 14.33
N ASN D 617 -34.41 -13.95 13.17
CA ASN D 617 -34.68 -15.36 13.09
C ASN D 617 -33.50 -16.15 13.63
N TRP D 618 -32.29 -15.72 13.28
CA TRP D 618 -31.07 -16.37 13.75
C TRP D 618 -31.02 -16.26 15.28
N THR D 619 -31.34 -15.07 15.78
CA THR D 619 -31.33 -14.81 17.22
C THR D 619 -32.25 -15.79 17.94
N GLN D 620 -33.45 -15.98 17.39
CA GLN D 620 -34.41 -16.89 17.99
C GLN D 620 -33.84 -18.31 17.98
N GLY D 621 -33.39 -18.77 16.81
CA GLY D 621 -32.84 -20.10 16.70
C GLY D 621 -31.77 -20.39 17.74
N PHE D 622 -31.01 -19.37 18.10
CA PHE D 622 -29.95 -19.52 19.08
C PHE D 622 -30.58 -19.61 20.47
N LEU D 623 -31.50 -18.69 20.76
CA LEU D 623 -32.16 -18.69 22.06
C LEU D 623 -32.83 -20.04 22.29
N ASP D 624 -33.27 -20.69 21.21
CA ASP D 624 -33.90 -21.99 21.35
C ASP D 624 -32.86 -22.99 21.84
N LYS D 625 -31.68 -22.98 21.21
CA LYS D 625 -30.62 -23.88 21.60
C LYS D 625 -30.29 -23.68 23.07
N VAL D 626 -30.38 -22.43 23.52
CA VAL D 626 -30.11 -22.09 24.90
C VAL D 626 -31.15 -22.78 25.78
N SER D 627 -32.42 -22.56 25.46
CA SER D 627 -33.51 -23.16 26.20
C SER D 627 -33.34 -24.68 26.27
N THR D 628 -32.89 -25.27 25.16
CA THR D 628 -32.69 -26.70 25.08
C THR D 628 -31.58 -27.25 25.96
N HIS D 629 -30.48 -26.51 26.08
CA HIS D 629 -29.34 -26.98 26.88
C HIS D 629 -29.32 -26.53 28.34
N PHE D 630 -30.29 -25.67 28.69
CA PHE D 630 -30.44 -25.16 30.05
C PHE D 630 -31.95 -25.05 30.22
N PRO D 631 -32.63 -26.20 30.25
CA PRO D 631 -34.08 -26.33 30.40
C PRO D 631 -34.63 -25.64 31.63
N ALA D 632 -35.81 -25.05 31.49
CA ALA D 632 -36.45 -24.40 32.61
C ALA D 632 -37.07 -25.51 33.46
N PRO D 633 -37.25 -25.27 34.76
CA PRO D 633 -37.86 -26.32 35.60
C PRO D 633 -39.34 -26.51 35.25
N THR E 9 -52.98 26.69 -8.25
CA THR E 9 -53.23 27.98 -8.92
C THR E 9 -51.96 28.69 -9.39
N ILE E 10 -51.07 27.92 -9.99
CA ILE E 10 -49.81 28.44 -10.53
C ILE E 10 -49.61 27.78 -11.89
N ASN E 11 -48.84 28.43 -12.76
CA ASN E 11 -48.61 27.84 -14.08
C ASN E 11 -47.13 27.53 -14.26
N VAL E 12 -46.81 26.24 -14.18
CA VAL E 12 -45.43 25.80 -14.31
C VAL E 12 -44.84 26.31 -15.62
N THR E 13 -45.69 26.52 -16.63
CA THR E 13 -45.25 26.99 -17.94
C THR E 13 -45.43 28.49 -18.12
N GLY E 14 -46.00 29.15 -17.13
CA GLY E 14 -46.25 30.58 -17.25
C GLY E 14 -45.08 31.53 -17.02
N ASP E 15 -45.37 32.82 -17.16
CA ASP E 15 -44.36 33.84 -16.94
C ASP E 15 -44.45 34.21 -15.47
N GLY E 16 -43.74 35.26 -15.10
CA GLY E 16 -43.78 35.71 -13.72
C GLY E 16 -43.21 34.73 -12.73
N ASN E 17 -42.77 33.56 -13.19
CA ASN E 17 -42.18 32.58 -12.29
C ASN E 17 -40.73 33.00 -12.03
N VAL E 18 -40.16 32.56 -10.92
CA VAL E 18 -38.80 32.96 -10.61
C VAL E 18 -37.82 31.83 -10.35
N PHE E 19 -36.67 31.89 -11.04
CA PHE E 19 -35.60 30.89 -10.86
C PHE E 19 -34.30 31.64 -10.55
N LYS E 20 -34.13 32.04 -9.29
CA LYS E 20 -32.93 32.77 -8.89
C LYS E 20 -32.23 32.11 -7.72
N PRO E 21 -31.44 31.07 -7.99
CA PRO E 21 -30.71 30.39 -6.92
C PRO E 21 -29.73 31.38 -6.30
N SER E 22 -29.60 31.37 -4.98
CA SER E 22 -28.68 32.27 -4.31
C SER E 22 -28.11 31.61 -3.08
N ALA E 23 -26.94 32.08 -2.65
CA ALA E 23 -26.31 31.54 -1.47
C ALA E 23 -27.26 31.66 -0.28
N GLU E 24 -27.91 32.81 -0.15
CA GLU E 24 -28.85 33.06 0.95
C GLU E 24 -30.03 32.14 1.00
N THR E 25 -30.36 31.52 -0.14
CA THR E 25 -31.50 30.61 -0.18
C THR E 25 -31.15 29.15 -0.39
N SER E 26 -29.95 28.74 0.05
CA SER E 26 -29.51 27.35 -0.08
C SER E 26 -30.60 26.36 0.30
N SER E 27 -31.05 25.56 -0.66
CA SER E 27 -32.09 24.59 -0.38
C SER E 27 -31.62 23.56 0.63
N THR E 28 -32.53 23.14 1.49
CA THR E 28 -32.27 22.15 2.52
C THR E 28 -33.63 21.63 2.97
N ALA E 29 -33.66 20.40 3.48
CA ALA E 29 -34.89 19.80 3.96
C ALA E 29 -34.68 19.38 5.40
N VAL E 30 -34.48 18.08 5.60
CA VAL E 30 -34.21 17.52 6.94
C VAL E 30 -33.27 16.33 6.79
N PRO E 31 -32.01 16.61 6.41
CA PRO E 31 -30.96 15.59 6.22
C PRO E 31 -30.76 14.72 7.45
N SER E 32 -30.43 15.36 8.57
CA SER E 32 -30.21 14.63 9.80
C SER E 32 -30.59 15.46 11.01
N LEU E 33 -30.91 14.77 12.11
CA LEU E 33 -31.30 15.42 13.36
C LEU E 33 -30.44 14.81 14.48
N SER E 34 -30.70 15.20 15.73
CA SER E 34 -29.96 14.69 16.86
C SER E 34 -30.77 13.56 17.53
N LEU E 35 -30.47 12.31 17.17
CA LEU E 35 -31.21 11.17 17.70
C LEU E 35 -30.42 10.15 18.52
N SER E 36 -29.26 10.55 19.03
CA SER E 36 -28.47 9.61 19.83
C SER E 36 -29.28 9.23 21.07
N PRO E 37 -29.07 8.00 21.58
CA PRO E 37 -29.77 7.49 22.76
C PRO E 37 -29.61 8.36 24.02
N GLY E 38 -28.36 8.70 24.34
CA GLY E 38 -28.12 9.52 25.52
C GLY E 38 -28.81 10.87 25.51
N MET E 39 -29.06 11.41 24.32
CA MET E 39 -29.71 12.70 24.21
C MET E 39 -31.23 12.61 24.30
N LEU E 40 -31.81 11.55 23.73
CA LEU E 40 -33.26 11.39 23.76
C LEU E 40 -33.75 10.95 25.13
N ASN E 41 -32.87 10.29 25.88
CA ASN E 41 -33.20 9.81 27.23
C ASN E 41 -34.34 8.79 27.19
N PRO F 1 -36.23 17.80 31.47
CA PRO F 1 -36.89 16.71 32.25
C PRO F 1 -36.49 15.34 31.66
N GLY F 2 -36.48 14.30 32.49
CA GLY F 2 -36.12 13.00 31.97
C GLY F 2 -36.16 11.88 32.98
N GLY F 3 -36.48 10.69 32.48
CA GLY F 3 -36.54 9.54 33.34
C GLY F 3 -37.89 8.88 33.23
N VAL F 4 -38.49 8.61 34.39
CA VAL F 4 -39.79 7.95 34.49
C VAL F 4 -40.66 8.63 35.57
N PRO F 5 -41.99 8.60 35.40
CA PRO F 5 -42.96 9.20 36.35
C PRO F 5 -43.23 8.33 37.57
N TRP F 6 -43.09 8.90 38.76
CA TRP F 6 -43.34 8.17 40.00
C TRP F 6 -44.47 8.80 40.80
N ILE F 7 -45.37 7.97 41.31
CA ILE F 7 -46.52 8.42 42.08
C ILE F 7 -46.45 7.85 43.51
N ALA F 8 -47.00 8.59 44.47
CA ALA F 8 -47.02 8.16 45.87
C ALA F 8 -47.85 6.88 45.97
N ILE F 9 -47.18 5.77 46.33
CA ILE F 9 -47.80 4.44 46.44
C ILE F 9 -49.24 4.42 46.99
N GLY F 10 -49.48 5.21 48.03
CA GLY F 10 -50.81 5.26 48.59
C GLY F 10 -51.05 6.55 49.35
N ASP F 11 -50.00 7.10 49.98
CA ASP F 11 -50.15 8.31 50.79
C ASP F 11 -49.71 9.66 50.24
N GLU F 12 -50.70 10.50 49.94
CA GLU F 12 -50.47 11.84 49.42
C GLU F 12 -49.54 12.70 50.30
N THR F 13 -48.44 13.17 49.69
CA THR F 13 -47.44 14.03 50.32
C THR F 13 -46.60 13.39 51.47
N SER F 14 -47.22 12.50 52.24
CA SER F 14 -46.52 11.82 53.35
C SER F 14 -45.50 10.77 52.84
N VAL F 15 -45.00 11.00 51.61
CA VAL F 15 -44.01 10.14 50.96
C VAL F 15 -42.62 10.43 51.55
N THR F 16 -41.93 9.39 51.99
CA THR F 16 -40.61 9.60 52.59
C THR F 16 -39.49 8.68 52.09
N SER F 17 -39.71 7.36 52.09
CA SER F 17 -38.68 6.45 51.61
C SER F 17 -38.91 6.13 50.13
N PRO F 18 -37.88 5.60 49.44
CA PRO F 18 -38.05 5.26 48.02
C PRO F 18 -39.15 4.21 47.86
N GLY F 19 -39.43 3.47 48.95
CA GLY F 19 -40.45 2.45 48.93
C GLY F 19 -41.85 3.04 48.81
N ALA F 20 -42.01 4.27 49.31
CA ALA F 20 -43.31 4.94 49.26
C ALA F 20 -43.71 5.32 47.83
N LEU F 21 -42.86 4.99 46.86
CA LEU F 21 -43.14 5.33 45.45
C LEU F 21 -43.35 4.12 44.52
N ARG F 22 -44.05 4.36 43.41
CA ARG F 22 -44.29 3.30 42.43
C ARG F 22 -44.38 3.88 41.00
N ARG F 23 -43.92 3.11 40.01
CA ARG F 23 -43.95 3.55 38.62
C ARG F 23 -45.35 3.97 38.23
N MET F 24 -45.53 5.26 37.98
CA MET F 24 -46.83 5.78 37.58
C MET F 24 -47.21 5.11 36.25
N THR F 25 -48.43 4.57 36.17
CA THR F 25 -48.87 3.90 34.94
C THR F 25 -49.98 4.65 34.22
N SER F 26 -50.42 4.09 33.08
CA SER F 26 -51.47 4.70 32.27
C SER F 26 -52.79 4.76 33.03
N LYS F 27 -52.96 3.80 33.95
CA LYS F 27 -54.17 3.73 34.75
C LYS F 27 -54.24 4.87 35.80
N ASP F 28 -53.40 5.89 35.64
CA ASP F 28 -53.39 7.03 36.56
C ASP F 28 -53.73 8.31 35.79
N ILE F 29 -54.17 8.14 34.54
CA ILE F 29 -54.57 9.26 33.68
C ILE F 29 -55.67 8.83 32.67
N ASP F 55 -52.80 -1.04 30.53
CA ASP F 55 -52.20 -0.55 31.78
C ASP F 55 -50.66 -0.46 31.70
N GLU F 56 -50.16 0.20 30.66
CA GLU F 56 -48.72 0.34 30.44
C GLU F 56 -48.06 1.30 31.43
N PRO F 57 -46.73 1.13 31.64
CA PRO F 57 -45.98 2.01 32.55
C PRO F 57 -45.75 3.30 31.74
N LEU F 58 -45.28 4.36 32.38
CA LEU F 58 -45.06 5.62 31.67
C LEU F 58 -43.60 6.03 31.57
N VAL F 59 -43.31 6.93 30.63
CA VAL F 59 -41.96 7.42 30.41
C VAL F 59 -41.94 8.94 30.17
N VAL F 60 -40.92 9.61 30.72
CA VAL F 60 -40.79 11.06 30.56
C VAL F 60 -40.24 11.38 29.17
N VAL F 61 -40.97 12.20 28.42
CA VAL F 61 -40.53 12.60 27.10
C VAL F 61 -39.67 13.84 27.31
N THR F 62 -38.38 13.71 26.99
CA THR F 62 -37.43 14.80 27.20
C THR F 62 -37.59 16.02 26.31
N GLU F 63 -37.07 17.14 26.79
CA GLU F 63 -37.12 18.40 26.08
C GLU F 63 -36.54 18.17 24.68
N HIS F 64 -35.42 17.45 24.65
CA HIS F 64 -34.69 17.11 23.42
C HIS F 64 -35.56 16.28 22.49
N ALA F 65 -36.09 15.17 22.99
CA ALA F 65 -36.93 14.31 22.18
C ALA F 65 -38.08 15.07 21.54
N ILE F 66 -38.66 16.00 22.29
CA ILE F 66 -39.77 16.77 21.77
C ILE F 66 -39.33 17.61 20.58
N ALA F 67 -38.26 18.36 20.78
CA ALA F 67 -37.74 19.23 19.75
C ALA F 67 -37.38 18.48 18.46
N ASN F 68 -36.75 17.32 18.59
CA ASN F 68 -36.35 16.57 17.41
C ASN F 68 -37.44 15.79 16.69
N PHE F 69 -38.32 15.10 17.41
CA PHE F 69 -39.38 14.36 16.72
C PHE F 69 -40.32 15.34 16.03
N THR F 70 -40.40 16.56 16.55
CA THR F 70 -41.25 17.59 15.96
C THR F 70 -40.64 17.96 14.62
N LYS F 71 -39.31 18.04 14.59
CA LYS F 71 -38.60 18.38 13.37
C LYS F 71 -38.75 17.26 12.36
N ALA F 72 -38.99 16.04 12.87
CA ALA F 72 -39.18 14.89 11.99
C ALA F 72 -40.47 15.10 11.20
N GLU F 73 -41.53 15.52 11.90
CA GLU F 73 -42.82 15.77 11.27
C GLU F 73 -42.67 16.70 10.09
N MET F 74 -41.84 17.73 10.25
CA MET F 74 -41.59 18.70 9.19
C MET F 74 -41.19 17.96 7.91
N ALA F 75 -40.41 16.89 8.07
CA ALA F 75 -39.98 16.10 6.93
C ALA F 75 -41.15 15.72 6.03
N LEU F 76 -42.29 15.44 6.65
CA LEU F 76 -43.47 15.06 5.88
C LEU F 76 -44.12 16.30 5.27
N GLU F 77 -44.25 17.35 6.07
CA GLU F 77 -44.90 18.57 5.62
C GLU F 77 -44.24 19.27 4.44
N PHE F 78 -43.00 18.91 4.13
CA PHE F 78 -42.32 19.49 2.99
C PHE F 78 -42.99 19.01 1.70
N ASN F 79 -43.73 17.91 1.83
CA ASN F 79 -44.41 17.33 0.69
C ASN F 79 -45.89 17.16 0.97
N ARG F 80 -46.45 18.07 1.77
CA ARG F 80 -47.87 18.00 2.11
C ARG F 80 -48.77 17.95 0.87
N GLU F 81 -48.51 18.87 -0.06
CA GLU F 81 -49.28 18.97 -1.30
C GLU F 81 -49.29 17.63 -2.04
N PHE F 82 -48.16 16.93 -2.04
CA PHE F 82 -48.11 15.64 -2.71
C PHE F 82 -48.82 14.57 -1.89
N LEU F 83 -48.49 14.47 -0.60
CA LEU F 83 -49.12 13.48 0.28
C LEU F 83 -50.65 13.48 0.19
N ASP F 84 -51.26 14.65 0.19
CA ASP F 84 -52.71 14.72 0.10
C ASP F 84 -53.21 14.30 -1.27
N LYS F 85 -52.59 14.83 -2.33
CA LYS F 85 -52.97 14.46 -3.69
C LYS F 85 -52.79 12.93 -3.85
N LEU F 86 -52.18 12.30 -2.86
CA LEU F 86 -51.91 10.87 -2.87
C LEU F 86 -52.89 10.15 -1.95
N ARG F 87 -53.74 10.95 -1.29
CA ARG F 87 -54.76 10.46 -0.34
C ARG F 87 -54.19 9.51 0.70
N VAL F 88 -53.16 9.96 1.42
CA VAL F 88 -52.51 9.16 2.46
C VAL F 88 -52.02 10.09 3.59
N LEU F 89 -52.20 9.62 4.82
CA LEU F 89 -51.80 10.37 6.04
C LEU F 89 -52.16 11.87 5.95
N SER F 90 -53.46 12.17 5.93
CA SER F 90 -53.96 13.55 5.87
C SER F 90 -53.88 14.08 7.32
N VAL F 91 -53.74 13.14 8.26
CA VAL F 91 -53.63 13.44 9.69
C VAL F 91 -52.13 13.57 10.07
N SER F 92 -51.55 14.75 9.83
CA SER F 92 -50.14 14.99 10.16
C SER F 92 -49.90 14.75 11.67
N PRO F 93 -49.20 13.65 12.00
CA PRO F 93 -48.82 13.15 13.34
C PRO F 93 -48.90 14.07 14.59
N LYS F 94 -48.32 15.26 14.52
CA LYS F 94 -48.32 16.21 15.64
C LYS F 94 -48.03 15.57 17.02
N TYR F 95 -46.74 15.45 17.34
CA TYR F 95 -46.23 14.85 18.58
C TYR F 95 -46.77 15.46 19.86
N SER F 96 -46.69 16.79 19.98
CA SER F 96 -47.16 17.48 21.18
C SER F 96 -48.60 17.09 21.53
N ASP F 97 -49.33 16.54 20.55
CA ASP F 97 -50.71 16.11 20.78
C ASP F 97 -50.77 14.85 21.63
N LEU F 98 -49.89 13.88 21.36
CA LEU F 98 -49.89 12.62 22.11
C LEU F 98 -49.30 12.72 23.52
N LEU F 99 -48.62 13.83 23.79
CA LEU F 99 -48.00 14.03 25.10
C LEU F 99 -49.07 14.32 26.14
N THR F 100 -48.81 13.88 27.38
CA THR F 100 -49.75 14.11 28.47
C THR F 100 -48.95 14.69 29.63
N TYR F 101 -49.17 15.97 29.92
CA TYR F 101 -48.46 16.63 31.02
C TYR F 101 -49.02 16.23 32.39
N VAL F 102 -48.10 15.86 33.29
CA VAL F 102 -48.50 15.39 34.61
C VAL F 102 -47.57 15.86 35.74
N ASP F 103 -48.17 16.12 36.90
CA ASP F 103 -47.43 16.52 38.10
C ASP F 103 -47.03 15.21 38.78
N CYS F 104 -45.75 15.08 39.15
CA CYS F 104 -45.28 13.84 39.75
C CYS F 104 -43.82 13.92 40.17
N TYR F 105 -43.35 12.84 40.77
CA TYR F 105 -41.95 12.75 41.17
C TYR F 105 -41.24 12.19 39.93
N VAL F 106 -40.08 12.75 39.60
CA VAL F 106 -39.35 12.32 38.40
C VAL F 106 -37.94 11.80 38.64
N GLY F 107 -37.60 10.72 37.93
CA GLY F 107 -36.27 10.13 38.07
C GLY F 107 -36.14 8.76 37.43
N VAL F 108 -34.89 8.34 37.23
CA VAL F 108 -34.61 7.03 36.64
C VAL F 108 -34.80 5.99 37.73
N SER F 109 -34.50 6.39 38.96
CA SER F 109 -34.65 5.52 40.12
C SER F 109 -35.69 6.12 41.05
N ALA F 110 -36.03 5.37 42.11
CA ALA F 110 -36.99 5.85 43.10
C ALA F 110 -36.33 6.96 43.92
N ARG F 111 -35.16 6.65 44.48
CA ARG F 111 -34.43 7.61 45.30
C ARG F 111 -34.31 8.98 44.63
N GLN F 112 -33.76 9.00 43.43
CA GLN F 112 -33.62 10.28 42.72
C GLN F 112 -34.98 10.95 42.62
N ALA F 113 -35.96 10.22 42.10
CA ALA F 113 -37.32 10.73 41.94
C ALA F 113 -37.90 11.31 43.23
N LEU F 114 -37.64 10.60 44.32
CA LEU F 114 -38.11 10.95 45.66
C LEU F 114 -37.88 12.42 46.07
N ASN F 115 -36.74 12.98 45.67
CA ASN F 115 -36.42 14.38 45.98
C ASN F 115 -36.50 15.26 44.76
N ASN F 116 -37.40 14.94 43.84
CA ASN F 116 -37.54 15.73 42.63
C ASN F 116 -38.99 15.75 42.11
N PHE F 117 -39.83 16.55 42.74
CA PHE F 117 -41.23 16.63 42.30
C PHE F 117 -41.28 17.64 41.17
N GLN F 118 -42.09 17.36 40.15
CA GLN F 118 -42.19 18.27 39.00
C GLN F 118 -43.63 18.50 38.60
N LYS F 119 -43.88 19.71 38.10
CA LYS F 119 -45.21 20.08 37.65
C LYS F 119 -45.22 20.12 36.11
N GLN F 120 -46.23 19.49 35.50
CA GLN F 120 -46.35 19.47 34.04
C GLN F 120 -45.21 18.72 33.32
N VAL F 121 -45.08 17.44 33.64
CA VAL F 121 -44.05 16.61 33.03
C VAL F 121 -44.60 15.91 31.78
N PRO F 122 -43.96 16.13 30.61
CA PRO F 122 -44.44 15.49 29.38
C PRO F 122 -44.27 13.99 29.59
N VAL F 123 -45.35 13.24 29.42
CA VAL F 123 -45.30 11.80 29.63
C VAL F 123 -45.99 11.02 28.52
N ILE F 124 -45.54 9.78 28.31
CA ILE F 124 -46.12 8.93 27.28
C ILE F 124 -45.81 7.44 27.50
N THR F 125 -46.69 6.57 27.01
CA THR F 125 -46.50 5.13 27.13
C THR F 125 -45.71 4.65 25.91
N PRO F 126 -44.91 3.59 26.10
CA PRO F 126 -44.10 3.00 25.03
C PRO F 126 -44.91 2.78 23.75
N THR F 127 -46.05 2.09 23.90
CA THR F 127 -46.93 1.80 22.77
C THR F 127 -47.33 3.04 21.97
N ARG F 128 -47.57 4.15 22.66
CA ARG F 128 -47.97 5.34 21.93
C ARG F 128 -46.75 5.97 21.26
N GLN F 129 -45.60 5.90 21.92
CA GLN F 129 -44.37 6.46 21.33
C GLN F 129 -44.11 5.69 20.05
N THR F 130 -44.21 4.36 20.13
CA THR F 130 -44.00 3.52 18.95
C THR F 130 -45.05 3.83 17.87
N MET F 131 -46.33 3.82 18.25
CA MET F 131 -47.37 4.11 17.28
C MET F 131 -47.09 5.43 16.55
N TYR F 132 -46.59 6.42 17.29
CA TYR F 132 -46.26 7.73 16.71
C TYR F 132 -45.17 7.63 15.65
N VAL F 133 -44.02 7.09 16.04
CA VAL F 133 -42.90 6.94 15.12
C VAL F 133 -43.30 6.13 13.90
N ASP F 134 -44.10 5.09 14.11
CA ASP F 134 -44.53 4.27 12.99
C ASP F 134 -45.36 5.07 12.00
N SER F 135 -45.98 6.15 12.47
CA SER F 135 -46.80 6.98 11.59
C SER F 135 -45.87 7.82 10.74
N ILE F 136 -44.80 8.31 11.36
CA ILE F 136 -43.83 9.13 10.65
C ILE F 136 -43.06 8.28 9.62
N GLN F 137 -42.64 7.08 10.04
CA GLN F 137 -41.92 6.17 9.16
C GLN F 137 -42.80 5.70 8.00
N ALA F 138 -44.03 5.31 8.30
CA ALA F 138 -44.96 4.87 7.28
C ALA F 138 -45.12 5.96 6.24
N ALA F 139 -45.14 7.20 6.70
CA ALA F 139 -45.27 8.34 5.81
C ALA F 139 -44.04 8.47 4.92
N LEU F 140 -42.86 8.43 5.53
CA LEU F 140 -41.60 8.53 4.79
C LEU F 140 -41.49 7.43 3.74
N LYS F 141 -41.97 6.24 4.09
CA LYS F 141 -41.96 5.09 3.18
C LYS F 141 -42.78 5.43 1.94
N ALA F 142 -43.84 6.19 2.14
CA ALA F 142 -44.72 6.58 1.06
C ALA F 142 -44.04 7.61 0.17
N LEU F 143 -43.25 8.48 0.80
CA LEU F 143 -42.54 9.53 0.08
C LEU F 143 -41.29 8.98 -0.63
N GLU F 144 -40.95 7.75 -0.30
CA GLU F 144 -39.81 7.03 -0.85
C GLU F 144 -39.34 7.49 -2.24
N LYS F 145 -40.14 7.25 -3.27
CA LYS F 145 -39.77 7.64 -4.63
C LYS F 145 -39.86 9.14 -4.88
N TRP F 146 -40.98 9.76 -4.49
CA TRP F 146 -41.17 11.20 -4.66
C TRP F 146 -39.93 11.96 -4.14
N GLU F 147 -39.36 11.46 -3.04
CA GLU F 147 -38.16 12.04 -2.43
C GLU F 147 -37.00 12.06 -3.41
N ILE F 148 -36.81 10.92 -4.08
CA ILE F 148 -35.75 10.75 -5.05
C ILE F 148 -35.99 11.57 -6.31
N ASP F 149 -37.18 11.44 -6.89
CA ASP F 149 -37.49 12.17 -8.11
C ASP F 149 -37.36 13.67 -7.93
N LEU F 150 -37.68 14.14 -6.72
CA LEU F 150 -37.60 15.57 -6.40
C LEU F 150 -36.17 16.07 -6.27
N ARG F 151 -35.28 15.20 -5.78
CA ARG F 151 -33.87 15.53 -5.63
C ARG F 151 -33.24 15.52 -7.02
N VAL F 152 -33.68 14.58 -7.85
CA VAL F 152 -33.20 14.46 -9.22
C VAL F 152 -33.49 15.73 -9.98
N ALA F 153 -34.63 16.35 -9.68
CA ALA F 153 -34.98 17.59 -10.34
C ALA F 153 -34.10 18.72 -9.85
N GLN F 154 -33.69 18.65 -8.59
CA GLN F 154 -32.87 19.70 -8.01
C GLN F 154 -31.37 19.63 -8.32
N THR F 155 -30.93 18.55 -8.94
CA THR F 155 -29.51 18.42 -9.26
C THR F 155 -29.26 18.22 -10.75
N LEU F 156 -30.33 18.04 -11.52
CA LEU F 156 -30.18 17.86 -12.96
C LEU F 156 -29.47 19.08 -13.49
N LEU F 157 -29.85 20.24 -12.96
CA LEU F 157 -29.24 21.52 -13.33
C LEU F 157 -28.97 22.20 -11.99
N PRO F 158 -28.02 23.15 -11.95
CA PRO F 158 -27.72 23.83 -10.68
C PRO F 158 -28.94 24.50 -10.04
N THR F 159 -29.27 24.08 -8.82
CA THR F 159 -30.40 24.61 -8.07
C THR F 159 -29.89 25.55 -6.98
N ASN F 160 -28.57 25.59 -6.81
CA ASN F 160 -27.93 26.43 -5.81
C ASN F 160 -26.65 27.04 -6.35
N VAL F 161 -26.04 27.90 -5.53
CA VAL F 161 -24.78 28.54 -5.91
C VAL F 161 -24.02 28.87 -4.61
N PRO F 162 -22.69 28.63 -4.58
CA PRO F 162 -21.79 28.87 -3.44
C PRO F 162 -21.81 30.25 -2.83
N ILE F 163 -21.96 31.26 -3.66
CA ILE F 163 -21.97 32.64 -3.20
C ILE F 163 -22.73 33.49 -4.20
N GLY F 164 -23.29 34.59 -3.75
CA GLY F 164 -24.01 35.45 -4.66
C GLY F 164 -25.35 34.92 -5.14
N GLU F 165 -25.67 35.24 -6.39
CA GLU F 165 -26.94 34.84 -6.98
C GLU F 165 -26.80 34.61 -8.49
N VAL F 166 -27.68 33.78 -9.04
CA VAL F 166 -27.69 33.46 -10.46
C VAL F 166 -29.14 33.33 -10.88
N SER F 167 -29.41 33.48 -12.18
CA SER F 167 -30.78 33.41 -12.67
C SER F 167 -30.91 32.73 -14.02
N CYS F 168 -32.15 32.36 -14.33
CA CYS F 168 -32.45 31.68 -15.58
C CYS F 168 -33.97 31.70 -15.77
N PRO F 169 -34.44 31.90 -17.01
CA PRO F 169 -35.87 31.93 -17.31
C PRO F 169 -36.55 30.66 -16.80
N MET F 170 -37.36 30.79 -15.76
CA MET F 170 -38.05 29.64 -15.19
C MET F 170 -38.66 28.74 -16.25
N GLN F 171 -39.05 29.34 -17.37
CA GLN F 171 -39.65 28.56 -18.45
C GLN F 171 -38.61 27.70 -19.14
N SER F 172 -37.38 28.21 -19.23
CA SER F 172 -36.27 27.48 -19.84
C SER F 172 -35.95 26.30 -18.95
N VAL F 173 -35.95 26.55 -17.64
CA VAL F 173 -35.66 25.51 -16.66
C VAL F 173 -36.66 24.36 -16.75
N VAL F 174 -37.94 24.70 -16.85
CA VAL F 174 -38.97 23.66 -16.96
C VAL F 174 -38.85 22.95 -18.31
N LYS F 175 -38.47 23.70 -19.34
CA LYS F 175 -38.31 23.11 -20.67
C LYS F 175 -37.25 22.02 -20.54
N LEU F 176 -36.10 22.37 -19.95
CA LEU F 176 -35.00 21.44 -19.76
C LEU F 176 -35.44 20.21 -18.99
N LEU F 177 -36.03 20.41 -17.83
CA LEU F 177 -36.51 19.29 -17.02
C LEU F 177 -37.40 18.37 -17.83
N ASP F 178 -38.37 18.95 -18.53
CA ASP F 178 -39.30 18.20 -19.35
C ASP F 178 -38.58 17.40 -20.42
N ASP F 179 -37.47 17.93 -20.91
CA ASP F 179 -36.71 17.26 -21.94
C ASP F 179 -35.77 16.18 -21.39
N GLN F 180 -35.40 16.30 -20.10
CA GLN F 180 -34.47 15.36 -19.51
C GLN F 180 -34.91 14.44 -18.37
N LEU F 181 -35.93 14.84 -17.59
CA LEU F 181 -36.37 13.98 -16.48
C LEU F 181 -36.78 12.58 -16.94
N PRO F 182 -36.51 11.57 -16.10
CA PRO F 182 -36.85 10.17 -16.41
C PRO F 182 -38.34 10.06 -16.64
N ASP F 183 -38.74 9.20 -17.60
CA ASP F 183 -40.15 9.03 -17.92
C ASP F 183 -41.02 8.77 -16.71
N ASP F 184 -40.57 7.86 -15.86
CA ASP F 184 -41.30 7.48 -14.65
C ASP F 184 -41.24 8.48 -13.50
N SER F 185 -40.70 9.68 -13.74
CA SER F 185 -40.62 10.67 -12.68
C SER F 185 -42.01 11.06 -12.22
N LEU F 186 -42.22 11.10 -10.91
CA LEU F 186 -43.51 11.49 -10.38
C LEU F 186 -43.75 12.96 -10.68
N ILE F 187 -42.67 13.69 -10.95
CA ILE F 187 -42.79 15.12 -11.25
C ILE F 187 -43.62 15.33 -12.51
N ARG F 188 -43.50 14.41 -13.47
CA ARG F 188 -44.27 14.52 -14.71
C ARG F 188 -45.76 14.30 -14.45
N ARG F 189 -46.09 13.62 -13.35
CA ARG F 189 -47.48 13.34 -13.00
C ARG F 189 -48.11 14.35 -12.04
N TYR F 190 -47.28 15.09 -11.31
CA TYR F 190 -47.79 16.10 -10.36
C TYR F 190 -46.93 17.37 -10.41
N PRO F 191 -46.80 17.97 -11.59
CA PRO F 191 -46.01 19.19 -11.79
C PRO F 191 -46.24 20.28 -10.76
N LYS F 192 -47.51 20.63 -10.53
CA LYS F 192 -47.84 21.68 -9.57
C LYS F 192 -47.45 21.31 -8.14
N GLU F 193 -47.59 20.04 -7.77
CA GLU F 193 -47.22 19.62 -6.42
C GLU F 193 -45.71 19.70 -6.26
N ALA F 194 -45.01 19.34 -7.35
CA ALA F 194 -43.55 19.38 -7.39
C ALA F 194 -43.09 20.84 -7.24
N ALA F 195 -43.85 21.74 -7.86
CA ALA F 195 -43.55 23.17 -7.79
C ALA F 195 -43.54 23.63 -6.34
N VAL F 196 -44.64 23.34 -5.64
CA VAL F 196 -44.76 23.73 -4.24
C VAL F 196 -43.62 23.11 -3.45
N ALA F 197 -43.46 21.79 -3.60
CA ALA F 197 -42.41 21.05 -2.91
C ALA F 197 -41.05 21.74 -3.03
N LEU F 198 -40.67 22.12 -4.25
CA LEU F 198 -39.39 22.78 -4.46
C LEU F 198 -39.38 24.16 -3.80
N ALA F 199 -40.37 24.98 -4.12
CA ALA F 199 -40.49 26.31 -3.54
C ALA F 199 -40.45 26.26 -2.01
N LYS F 200 -40.96 25.16 -1.42
CA LYS F 200 -40.99 24.99 0.02
C LYS F 200 -39.60 24.84 0.62
N ARG F 201 -38.62 24.46 -0.21
CA ARG F 201 -37.27 24.28 0.29
C ARG F 201 -36.20 25.14 -0.39
N ASN F 202 -36.56 25.78 -1.49
CA ASN F 202 -35.61 26.63 -2.19
C ASN F 202 -36.17 28.02 -2.41
N GLY F 203 -35.72 28.95 -1.56
CA GLY F 203 -36.19 30.32 -1.65
C GLY F 203 -35.99 30.91 -3.04
N GLY F 204 -35.10 30.31 -3.82
CA GLY F 204 -34.81 30.80 -5.16
C GLY F 204 -35.79 30.34 -6.22
N ILE F 205 -36.66 29.40 -5.88
CA ILE F 205 -37.66 28.90 -6.83
C ILE F 205 -39.01 29.43 -6.38
N GLN F 206 -39.57 30.37 -7.15
CA GLN F 206 -40.86 30.96 -6.81
C GLN F 206 -41.86 30.90 -7.94
N TRP F 207 -43.06 30.44 -7.60
CA TRP F 207 -44.12 30.32 -8.59
C TRP F 207 -45.15 31.44 -8.44
N MET F 208 -45.33 32.22 -9.50
CA MET F 208 -46.29 33.31 -9.44
C MET F 208 -47.70 32.81 -9.27
N ASP F 209 -48.43 33.52 -8.41
CA ASP F 209 -49.83 33.21 -8.14
C ASP F 209 -50.60 33.80 -9.33
N VAL F 210 -51.18 32.91 -10.14
CA VAL F 210 -51.93 33.35 -11.31
C VAL F 210 -53.02 34.35 -10.88
N SER F 211 -53.60 34.11 -9.71
CA SER F 211 -54.64 34.96 -9.15
C SER F 211 -54.20 36.42 -8.97
N GLU F 212 -53.28 36.69 -8.03
CA GLU F 212 -52.84 38.07 -7.81
C GLU F 212 -51.52 38.50 -8.45
N GLY F 213 -51.07 37.82 -9.50
CA GLY F 213 -49.80 38.20 -10.12
C GLY F 213 -48.69 38.40 -9.09
N THR F 214 -48.91 37.88 -7.88
CA THR F 214 -47.93 37.99 -6.79
C THR F 214 -46.92 36.84 -6.88
N VAL F 215 -45.69 37.13 -6.46
CA VAL F 215 -44.63 36.15 -6.50
C VAL F 215 -43.73 36.35 -5.30
N MET F 216 -43.45 35.28 -4.55
CA MET F 216 -42.55 35.43 -3.41
C MET F 216 -41.95 34.15 -2.85
N ASN F 217 -40.95 34.35 -2.00
CA ASN F 217 -40.24 33.27 -1.35
C ASN F 217 -41.21 32.42 -0.54
N GLU F 218 -41.30 31.14 -0.88
CA GLU F 218 -42.19 30.22 -0.17
C GLU F 218 -41.40 29.25 0.71
N ALA F 219 -40.08 29.37 0.68
CA ALA F 219 -39.20 28.49 1.46
C ALA F 219 -39.45 28.62 2.96
N VAL F 220 -39.23 27.52 3.68
CA VAL F 220 -39.44 27.51 5.13
C VAL F 220 -38.11 27.31 5.86
N ASN F 221 -37.01 27.48 5.14
CA ASN F 221 -35.68 27.27 5.72
C ASN F 221 -34.70 28.45 5.66
N ALA F 222 -35.20 29.66 5.72
CA ALA F 222 -34.31 30.82 5.65
C ALA F 222 -33.27 30.81 6.76
N VAL F 223 -33.68 30.50 7.99
CA VAL F 223 -32.74 30.47 9.10
C VAL F 223 -31.55 29.53 8.84
N ALA F 224 -31.86 28.30 8.44
CA ALA F 224 -30.85 27.29 8.18
C ALA F 224 -29.86 27.74 7.12
N ALA F 225 -30.39 28.17 5.98
CA ALA F 225 -29.55 28.61 4.90
C ALA F 225 -28.62 29.76 5.28
N SER F 226 -29.00 30.55 6.28
CA SER F 226 -28.16 31.67 6.70
C SER F 226 -26.81 31.20 7.23
N ALA F 227 -26.77 29.97 7.76
CA ALA F 227 -25.54 29.39 8.31
C ALA F 227 -24.68 28.74 7.24
N LEU F 228 -25.28 28.46 6.09
CA LEU F 228 -24.58 27.82 4.98
C LEU F 228 -24.07 28.80 3.91
N ALA F 229 -24.31 30.09 4.10
CA ALA F 229 -23.89 31.08 3.12
C ALA F 229 -22.71 31.93 3.59
N PRO F 230 -21.91 32.39 2.63
CA PRO F 230 -20.74 33.23 2.90
C PRO F 230 -21.18 34.69 3.09
N SER F 231 -20.41 35.44 3.87
CA SER F 231 -20.67 36.85 4.06
C SER F 231 -19.67 37.51 3.09
N ALA F 232 -19.72 38.83 2.94
CA ALA F 232 -18.80 39.50 2.01
C ALA F 232 -17.30 39.11 2.15
N SER F 233 -16.90 38.62 3.33
CA SER F 233 -15.49 38.28 3.50
C SER F 233 -15.20 37.09 4.40
N ALA F 234 -16.22 36.26 4.65
CA ALA F 234 -16.04 35.10 5.49
C ALA F 234 -16.79 33.89 4.94
N PRO F 235 -16.22 32.68 5.10
CA PRO F 235 -16.86 31.46 4.63
C PRO F 235 -18.05 31.18 5.54
N PRO F 236 -18.95 30.27 5.13
CA PRO F 236 -20.12 29.93 5.94
C PRO F 236 -19.78 29.54 7.38
N LEU F 237 -20.63 29.94 8.32
CA LEU F 237 -20.39 29.62 9.72
C LEU F 237 -20.47 28.13 9.97
N GLU F 238 -21.37 27.44 9.26
CA GLU F 238 -21.51 26.00 9.43
C GLU F 238 -20.23 25.30 9.02
N GLU F 239 -19.61 25.79 7.95
CA GLU F 239 -18.36 25.22 7.46
C GLU F 239 -17.23 25.42 8.44
N LYS F 240 -16.99 26.65 8.86
CA LYS F 240 -15.93 26.94 9.80
C LYS F 240 -16.11 26.12 11.08
N SER F 241 -17.36 25.98 11.51
CA SER F 241 -17.67 25.22 12.71
C SER F 241 -17.37 23.74 12.54
N LYS F 242 -17.93 23.16 11.48
CA LYS F 242 -17.74 21.76 11.19
C LYS F 242 -16.27 21.38 11.08
N LEU F 243 -15.54 22.06 10.19
CA LEU F 243 -14.13 21.75 10.00
C LEU F 243 -13.35 21.80 11.30
N THR F 244 -13.55 22.83 12.10
CA THR F 244 -12.83 22.94 13.36
C THR F 244 -13.23 21.77 14.28
N GLU F 245 -14.48 21.34 14.19
CA GLU F 245 -14.99 20.23 14.98
C GLU F 245 -14.28 18.95 14.53
N GLN F 246 -14.10 18.80 13.22
CA GLN F 246 -13.44 17.63 12.66
C GLN F 246 -11.97 17.56 13.02
N ALA F 247 -11.36 18.71 13.32
CA ALA F 247 -9.96 18.73 13.69
C ALA F 247 -9.85 18.26 15.13
N MET F 248 -10.81 18.70 15.95
CA MET F 248 -10.83 18.34 17.34
C MET F 248 -11.12 16.85 17.56
N ASP F 249 -11.99 16.28 16.73
CA ASP F 249 -12.31 14.87 16.89
C ASP F 249 -11.06 14.05 16.58
N LEU F 250 -10.26 14.55 15.64
CA LEU F 250 -9.04 13.87 15.27
C LEU F 250 -8.06 13.90 16.44
N VAL F 251 -7.92 15.07 17.06
CA VAL F 251 -7.03 15.20 18.20
C VAL F 251 -7.48 14.32 19.36
N THR F 252 -8.79 14.23 19.58
CA THR F 252 -9.32 13.40 20.67
C THR F 252 -9.07 11.92 20.41
N ALA F 253 -9.22 11.53 19.15
CA ALA F 253 -9.00 10.15 18.76
C ALA F 253 -7.52 9.78 18.85
N ALA F 254 -6.65 10.77 18.75
CA ALA F 254 -5.21 10.51 18.83
C ALA F 254 -4.81 10.28 20.27
N GLU F 255 -5.53 10.96 21.17
CA GLU F 255 -5.30 10.88 22.62
C GLU F 255 -3.97 11.49 23.03
N PRO F 256 -3.94 12.84 23.12
CA PRO F 256 -2.79 13.65 23.48
C PRO F 256 -2.08 13.17 24.73
N GLU F 257 -2.85 12.79 25.74
CA GLU F 257 -2.28 12.31 26.99
C GLU F 257 -1.51 11.01 26.83
N ILE F 258 -1.95 10.18 25.88
CA ILE F 258 -1.27 8.91 25.65
C ILE F 258 -0.02 9.06 24.81
N ILE F 259 -0.12 9.75 23.68
CA ILE F 259 1.02 9.91 22.80
C ILE F 259 2.10 10.86 23.29
N ALA F 260 1.83 11.60 24.35
CA ALA F 260 2.80 12.54 24.88
C ALA F 260 3.19 12.16 26.29
N SER F 261 2.69 11.01 26.73
CA SER F 261 2.96 10.50 28.07
C SER F 261 4.45 10.24 28.30
N LEU F 262 4.92 10.57 29.49
CA LEU F 262 6.32 10.37 29.84
C LEU F 262 6.52 9.16 30.75
N VAL F 263 5.41 8.56 31.18
CA VAL F 263 5.45 7.37 32.03
C VAL F 263 4.88 6.19 31.24
N PRO F 264 5.07 4.97 31.72
CA PRO F 264 4.56 3.79 31.03
C PRO F 264 3.06 3.77 30.79
N VAL F 265 2.66 3.22 29.65
CA VAL F 265 1.25 3.09 29.27
C VAL F 265 1.05 1.63 28.88
N PRO F 266 0.08 0.94 29.49
CA PRO F 266 -0.20 -0.47 29.19
C PRO F 266 -0.34 -0.72 27.69
N ALA F 267 0.32 -1.78 27.21
CA ALA F 267 0.28 -2.12 25.79
C ALA F 267 -1.15 -2.09 25.23
N PRO F 268 -2.09 -2.79 25.89
CA PRO F 268 -3.47 -2.79 25.38
C PRO F 268 -4.04 -1.38 25.18
N VAL F 269 -3.73 -0.49 26.12
CA VAL F 269 -4.20 0.88 26.08
C VAL F 269 -3.54 1.70 24.97
N PHE F 270 -2.25 1.46 24.77
CA PHE F 270 -1.48 2.18 23.76
C PHE F 270 -1.81 1.75 22.33
N ALA F 271 -1.90 0.44 22.11
CA ALA F 271 -2.15 -0.15 20.81
C ALA F 271 -3.44 0.25 20.11
N ILE F 272 -3.43 0.09 18.79
CA ILE F 272 -4.58 0.38 17.92
C ILE F 272 -4.55 -0.68 16.81
N PRO F 273 -5.65 -0.82 16.05
CA PRO F 273 -5.68 -1.81 14.96
C PRO F 273 -4.46 -1.69 14.05
N PRO F 274 -3.59 -2.70 14.06
CA PRO F 274 -2.36 -2.76 13.25
C PRO F 274 -2.59 -3.09 11.80
N LYS F 275 -1.53 -2.92 11.01
CA LYS F 275 -1.54 -3.19 9.58
C LYS F 275 -0.42 -4.18 9.28
N PRO F 276 -0.52 -4.91 8.16
CA PRO F 276 0.51 -5.88 7.81
C PRO F 276 1.82 -5.23 7.34
N ALA F 277 2.89 -6.01 7.25
CA ALA F 277 4.17 -5.50 6.81
C ALA F 277 4.83 -6.53 5.94
N ASP F 278 5.65 -6.08 5.00
CA ASP F 278 6.33 -7.01 4.10
C ASP F 278 7.81 -7.03 4.36
N TYR F 279 8.42 -8.19 4.17
CA TYR F 279 9.85 -8.34 4.35
C TYR F 279 10.33 -9.42 3.43
N ASN F 280 11.64 -9.45 3.21
CA ASN F 280 12.26 -10.50 2.41
C ASN F 280 13.31 -10.97 3.37
N VAL F 281 12.92 -11.91 4.22
CA VAL F 281 13.80 -12.46 5.25
C VAL F 281 15.24 -12.67 4.81
N ARG F 282 15.46 -12.92 3.53
CA ARG F 282 16.81 -13.13 3.04
C ARG F 282 17.62 -11.86 2.94
N THR F 283 16.96 -10.75 2.65
CA THR F 283 17.64 -9.49 2.49
C THR F 283 17.67 -8.62 3.75
N LEU F 284 17.15 -9.14 4.86
CA LEU F 284 17.18 -8.39 6.10
C LEU F 284 18.59 -8.54 6.65
N LYS F 285 19.01 -7.57 7.47
CA LYS F 285 20.33 -7.63 8.08
C LYS F 285 20.05 -8.20 9.48
N ILE F 286 20.71 -9.29 9.85
CA ILE F 286 20.44 -9.88 11.17
C ILE F 286 20.85 -8.99 12.35
N ASP F 287 21.66 -7.97 12.09
CA ASP F 287 22.06 -7.06 13.16
C ASP F 287 21.06 -5.91 13.23
N GLU F 288 20.02 -6.01 12.40
CA GLU F 288 18.96 -5.01 12.36
C GLU F 288 17.62 -5.64 12.73
N ALA F 289 17.38 -6.85 12.24
CA ALA F 289 16.15 -7.57 12.55
C ALA F 289 16.50 -8.56 13.65
N THR F 290 16.25 -8.16 14.89
CA THR F 290 16.57 -8.98 16.05
C THR F 290 15.78 -10.28 16.19
N TRP F 291 14.86 -10.54 15.26
CA TRP F 291 14.05 -11.75 15.34
C TRP F 291 14.51 -12.84 14.37
N LEU F 292 15.71 -12.71 13.85
CA LEU F 292 16.23 -13.71 12.91
C LEU F 292 17.51 -14.32 13.45
N ARG F 293 17.69 -15.60 13.14
CA ARG F 293 18.88 -16.34 13.55
C ARG F 293 19.42 -16.98 12.28
N MET F 294 20.71 -17.27 12.23
CA MET F 294 21.30 -17.82 11.03
C MET F 294 22.51 -18.73 11.29
N ILE F 295 22.60 -19.81 10.53
CA ILE F 295 23.71 -20.74 10.63
C ILE F 295 24.85 -20.12 9.83
N PRO F 296 25.98 -19.81 10.48
CA PRO F 296 27.14 -19.21 9.84
C PRO F 296 27.68 -19.97 8.64
N LYS F 297 27.98 -19.24 7.56
CA LYS F 297 28.55 -19.84 6.36
C LYS F 297 30.05 -20.04 6.54
N THR F 298 30.70 -20.69 5.57
CA THR F 298 32.14 -20.92 5.64
C THR F 298 32.56 -21.95 6.70
N MET F 299 31.60 -22.67 7.26
CA MET F 299 31.92 -23.66 8.29
C MET F 299 31.67 -25.05 7.75
N GLY F 300 31.26 -25.12 6.48
CA GLY F 300 30.97 -26.41 5.88
C GLY F 300 29.83 -27.09 6.61
N THR F 301 29.01 -26.32 7.32
CA THR F 301 27.88 -26.90 8.03
C THR F 301 26.85 -27.37 7.02
N LEU F 302 26.41 -28.61 7.20
CA LEU F 302 25.43 -29.20 6.30
C LEU F 302 24.95 -30.53 6.86
N PHE F 303 23.64 -30.67 7.05
CA PHE F 303 23.11 -31.91 7.58
C PHE F 303 21.66 -32.12 7.18
N GLN F 304 21.33 -33.33 6.71
CA GLN F 304 19.98 -33.65 6.28
C GLN F 304 19.18 -34.14 7.45
N ILE F 305 17.92 -33.74 7.53
CA ILE F 305 17.09 -34.19 8.62
C ILE F 305 15.75 -34.66 8.11
N GLN F 306 14.93 -35.19 9.01
CA GLN F 306 13.61 -35.69 8.67
C GLN F 306 12.60 -35.26 9.71
N VAL F 307 11.47 -34.76 9.26
CA VAL F 307 10.45 -34.31 10.17
C VAL F 307 9.10 -34.69 9.60
N THR F 308 8.13 -34.94 10.46
CA THR F 308 6.79 -35.31 10.01
C THR F 308 5.82 -34.17 10.18
N ASP F 309 4.71 -34.23 9.45
CA ASP F 309 3.68 -33.22 9.55
C ASP F 309 2.61 -33.80 10.45
N ASN F 310 1.63 -33.00 10.85
CA ASN F 310 0.61 -33.47 11.74
C ASN F 310 -0.25 -34.66 11.28
N THR F 311 0.06 -35.22 10.11
CA THR F 311 -0.69 -36.38 9.64
C THR F 311 0.25 -37.56 9.59
N GLY F 312 1.38 -37.42 10.26
CA GLY F 312 2.35 -38.49 10.33
C GLY F 312 3.24 -38.67 9.14
N THR F 313 3.00 -37.93 8.06
CA THR F 313 3.82 -38.05 6.85
C THR F 313 5.24 -37.48 7.07
N ASN F 314 6.24 -38.26 6.68
CA ASN F 314 7.64 -37.90 6.84
C ASN F 314 8.14 -37.00 5.69
N TRP F 315 8.95 -36.00 6.02
CA TRP F 315 9.50 -35.09 5.01
C TRP F 315 11.00 -34.96 5.12
N HIS F 316 11.66 -34.69 4.00
CA HIS F 316 13.11 -34.53 3.96
C HIS F 316 13.53 -33.12 3.59
N PHE F 317 14.56 -32.63 4.25
CA PHE F 317 15.10 -31.31 3.95
C PHE F 317 16.44 -31.11 4.62
N ASN F 318 17.23 -30.17 4.09
CA ASN F 318 18.55 -29.89 4.61
C ASN F 318 18.73 -28.51 5.23
N LEU F 319 19.54 -28.48 6.28
CA LEU F 319 19.89 -27.27 6.98
C LEU F 319 21.39 -27.15 6.73
N ARG F 320 21.86 -25.94 6.42
CA ARG F 320 23.27 -25.74 6.14
C ARG F 320 23.68 -24.30 6.37
N GLY F 321 24.92 -24.01 6.03
CA GLY F 321 25.45 -22.67 6.20
C GLY F 321 24.61 -21.68 5.42
N GLY F 322 24.04 -20.71 6.13
CA GLY F 322 23.22 -19.70 5.48
C GLY F 322 21.76 -19.76 5.86
N THR F 323 21.28 -20.94 6.26
CA THR F 323 19.90 -21.17 6.65
C THR F 323 19.44 -20.19 7.73
N ARG F 324 18.32 -19.52 7.49
CA ARG F 324 17.80 -18.57 8.45
C ARG F 324 16.47 -19.03 9.01
N VAL F 325 16.15 -18.59 10.22
CA VAL F 325 14.88 -18.93 10.85
C VAL F 325 14.34 -17.72 11.60
N VAL F 326 13.05 -17.71 11.89
CA VAL F 326 12.44 -16.62 12.64
C VAL F 326 12.37 -17.08 14.09
N ASN F 327 12.87 -16.26 15.02
CA ASN F 327 12.80 -16.60 16.43
C ASN F 327 11.41 -16.22 16.92
N LEU F 328 10.53 -17.21 16.94
CA LEU F 328 9.12 -17.05 17.32
C LEU F 328 8.87 -16.51 18.69
N ASP F 329 9.72 -16.89 19.63
CA ASP F 329 9.53 -16.45 20.98
C ASP F 329 9.58 -14.96 21.14
N GLN F 330 8.56 -14.40 21.79
CA GLN F 330 8.51 -12.96 22.03
C GLN F 330 8.00 -12.06 20.93
N ILE F 331 7.42 -12.60 19.86
CA ILE F 331 6.94 -11.72 18.81
C ILE F 331 5.45 -11.48 18.89
N ALA F 332 4.79 -12.14 19.85
CA ALA F 332 3.36 -12.01 20.05
C ALA F 332 2.58 -12.73 18.96
N PRO F 333 1.26 -12.93 19.15
CA PRO F 333 0.45 -13.61 18.13
C PRO F 333 0.77 -13.05 16.75
N MET F 334 1.09 -13.91 15.79
CA MET F 334 1.47 -13.45 14.46
C MET F 334 1.18 -14.46 13.35
N ARG F 335 0.63 -13.95 12.24
CA ARG F 335 0.33 -14.78 11.07
C ARG F 335 1.42 -14.53 10.03
N PHE F 336 1.95 -15.60 9.45
CA PHE F 336 2.97 -15.49 8.41
C PHE F 336 2.41 -16.01 7.11
N VAL F 337 2.70 -15.34 6.00
CA VAL F 337 2.24 -15.81 4.69
C VAL F 337 3.43 -15.61 3.75
N LEU F 338 3.89 -16.69 3.13
CA LEU F 338 5.06 -16.62 2.26
C LEU F 338 4.71 -16.69 0.78
N ASP F 339 5.23 -15.76 -0.02
CA ASP F 339 4.97 -15.73 -1.45
C ASP F 339 6.25 -15.90 -2.25
N LEU F 340 6.43 -17.08 -2.83
CA LEU F 340 7.61 -17.35 -3.64
C LEU F 340 7.39 -16.97 -5.09
N GLY F 341 6.31 -16.26 -5.37
CA GLY F 341 6.03 -15.85 -6.74
C GLY F 341 7.09 -14.97 -7.36
N GLY F 342 7.49 -15.29 -8.58
CA GLY F 342 8.49 -14.50 -9.27
C GLY F 342 9.92 -14.98 -9.10
N LYS F 343 10.19 -15.71 -8.03
CA LYS F 343 11.54 -16.22 -7.76
C LYS F 343 11.88 -17.39 -8.67
N SER F 344 13.16 -17.74 -8.73
CA SER F 344 13.64 -18.82 -9.58
C SER F 344 13.98 -20.13 -8.86
N TYR F 345 15.08 -20.14 -8.11
CA TYR F 345 15.54 -21.31 -7.37
C TYR F 345 15.97 -22.43 -8.30
N LYS F 346 16.10 -22.09 -9.58
CA LYS F 346 16.50 -23.05 -10.60
C LYS F 346 18.00 -23.25 -10.54
N GLU F 347 18.45 -24.50 -10.41
CA GLU F 347 19.87 -24.81 -10.35
C GLU F 347 20.18 -25.90 -11.35
N THR F 348 21.46 -26.09 -11.65
CA THR F 348 21.88 -27.10 -12.61
C THR F 348 21.19 -28.45 -12.44
N SER F 349 20.98 -28.89 -11.20
CA SER F 349 20.34 -30.17 -10.98
C SER F 349 19.15 -30.06 -10.04
N TRP F 350 18.38 -28.99 -10.17
CA TRP F 350 17.21 -28.79 -9.36
C TRP F 350 16.22 -27.85 -10.03
N ASP F 351 15.00 -28.34 -10.27
CA ASP F 351 13.96 -27.55 -10.88
C ASP F 351 12.82 -27.40 -9.88
N PRO F 352 12.54 -26.16 -9.46
CA PRO F 352 11.47 -25.90 -8.50
C PRO F 352 10.11 -26.38 -8.92
N ASN F 353 9.90 -26.55 -10.22
CA ASN F 353 8.61 -26.98 -10.75
C ASN F 353 8.18 -28.37 -10.26
N GLY F 354 7.12 -28.38 -9.45
CA GLY F 354 6.60 -29.63 -8.92
C GLY F 354 7.16 -29.95 -7.54
N LYS F 355 8.14 -29.19 -7.10
CA LYS F 355 8.74 -29.40 -5.80
C LYS F 355 7.84 -28.85 -4.72
N LYS F 356 8.18 -29.09 -3.46
CA LYS F 356 7.35 -28.62 -2.38
C LYS F 356 8.11 -27.83 -1.33
N VAL F 357 7.48 -26.79 -0.81
CA VAL F 357 8.11 -25.98 0.22
C VAL F 357 7.21 -26.06 1.44
N GLY F 358 7.79 -25.90 2.63
CA GLY F 358 6.97 -25.96 3.81
C GLY F 358 7.51 -25.12 4.93
N PHE F 359 6.67 -24.89 5.93
CA PHE F 359 7.02 -24.14 7.13
C PHE F 359 7.24 -25.20 8.20
N ILE F 360 8.42 -25.16 8.83
CA ILE F 360 8.76 -26.10 9.89
C ILE F 360 8.98 -25.32 11.17
N VAL F 361 8.39 -25.78 12.27
CA VAL F 361 8.54 -25.12 13.56
C VAL F 361 9.36 -26.00 14.51
N PHE F 362 10.53 -25.50 14.89
CA PHE F 362 11.38 -26.25 15.81
C PHE F 362 11.22 -25.79 17.26
N GLN F 363 11.53 -26.70 18.17
CA GLN F 363 11.47 -26.49 19.61
C GLN F 363 12.72 -27.16 20.17
N SER F 364 13.75 -26.38 20.42
CA SER F 364 15.00 -26.92 20.93
C SER F 364 15.61 -26.03 21.99
N LYS F 365 16.42 -26.62 22.87
CA LYS F 365 17.08 -25.86 23.92
C LYS F 365 18.40 -25.29 23.41
N ILE F 366 18.87 -25.81 22.30
CA ILE F 366 20.12 -25.34 21.72
C ILE F 366 19.92 -24.16 20.78
N PRO F 367 20.73 -23.11 20.94
CA PRO F 367 20.60 -21.94 20.07
C PRO F 367 20.81 -22.34 18.61
N PHE F 368 19.96 -21.80 17.73
CA PHE F 368 20.06 -22.11 16.31
C PHE F 368 21.43 -21.91 15.69
N GLU F 369 22.11 -20.80 16.01
CA GLU F 369 23.42 -20.54 15.42
C GLU F 369 24.39 -21.69 15.63
N LEU F 370 24.22 -22.42 16.71
CA LEU F 370 25.12 -23.52 17.02
C LEU F 370 24.82 -24.87 16.35
N TRP F 371 23.69 -24.98 15.64
CA TRP F 371 23.33 -26.24 14.99
C TRP F 371 24.30 -26.69 13.91
N THR F 372 24.57 -27.99 13.88
CA THR F 372 25.45 -28.60 12.88
C THR F 372 25.11 -30.08 12.67
N ALA F 373 24.34 -30.66 13.59
CA ALA F 373 23.96 -32.05 13.48
C ALA F 373 22.46 -32.17 13.69
N ALA F 374 21.85 -33.17 13.09
CA ALA F 374 20.43 -33.39 13.23
C ALA F 374 19.97 -33.59 14.69
N SER F 375 20.88 -34.03 15.54
CA SER F 375 20.58 -34.29 16.94
C SER F 375 20.22 -33.07 17.80
N GLN F 376 20.54 -31.89 17.32
CA GLN F 376 20.29 -30.68 18.09
C GLN F 376 18.97 -29.97 17.82
N ILE F 377 18.21 -30.44 16.84
CA ILE F 377 16.96 -29.75 16.50
C ILE F 377 15.77 -29.93 17.44
N GLY F 378 15.91 -30.73 18.49
CA GLY F 378 14.79 -30.90 19.41
C GLY F 378 13.54 -31.43 18.75
N GLN F 379 12.38 -30.86 19.08
CA GLN F 379 11.08 -31.28 18.51
C GLN F 379 10.68 -30.47 17.28
N ALA F 380 10.50 -31.13 16.14
CA ALA F 380 10.12 -30.42 14.92
C ALA F 380 8.88 -30.98 14.24
N THR F 381 8.13 -30.08 13.60
CA THR F 381 6.90 -30.44 12.88
C THR F 381 6.73 -29.59 11.64
N VAL F 382 6.43 -30.21 10.51
CA VAL F 382 6.17 -29.48 9.29
C VAL F 382 4.73 -29.05 9.51
N VAL F 383 4.51 -27.76 9.72
CA VAL F 383 3.16 -27.25 9.98
C VAL F 383 2.32 -26.90 8.76
N ASN F 384 2.91 -26.86 7.58
CA ASN F 384 2.17 -26.54 6.37
C ASN F 384 3.10 -26.64 5.18
N TYR F 385 2.56 -26.91 4.00
CA TYR F 385 3.37 -27.00 2.80
C TYR F 385 2.51 -26.85 1.56
N VAL F 386 3.12 -26.45 0.46
CA VAL F 386 2.42 -26.29 -0.81
C VAL F 386 3.33 -26.81 -1.89
N GLN F 387 2.75 -27.18 -3.02
CA GLN F 387 3.55 -27.65 -4.13
C GLN F 387 3.72 -26.46 -5.08
N LEU F 388 4.93 -26.26 -5.54
CA LEU F 388 5.23 -25.14 -6.42
C LEU F 388 4.99 -25.46 -7.89
N TYR F 389 4.71 -24.40 -8.65
CA TYR F 389 4.52 -24.49 -10.08
C TYR F 389 5.47 -23.46 -10.67
N ALA F 390 6.29 -23.87 -11.63
CA ALA F 390 7.23 -22.96 -12.25
C ALA F 390 6.98 -22.91 -13.73
N GLU F 391 7.47 -21.87 -14.38
CA GLU F 391 7.30 -21.67 -15.81
C GLU F 391 8.55 -20.90 -16.26
N ASP F 392 8.50 -20.26 -17.42
CA ASP F 392 9.65 -19.49 -17.86
C ASP F 392 9.39 -18.02 -17.63
N SER F 393 10.41 -17.31 -17.12
CA SER F 393 10.26 -15.89 -16.84
C SER F 393 10.75 -15.02 -18.00
N SER F 394 10.56 -13.72 -17.85
CA SER F 394 11.00 -12.76 -18.84
C SER F 394 12.53 -12.87 -18.92
N PHE F 395 13.17 -13.21 -17.80
CA PHE F 395 14.63 -13.38 -17.76
C PHE F 395 14.95 -14.74 -18.37
N THR F 396 15.72 -14.76 -19.45
CA THR F 396 16.07 -16.03 -20.10
C THR F 396 16.80 -16.95 -19.16
N ALA F 397 16.71 -18.25 -19.44
CA ALA F 397 17.39 -19.28 -18.65
C ALA F 397 16.89 -19.36 -17.22
N GLN F 398 15.94 -18.51 -16.85
CA GLN F 398 15.42 -18.53 -15.49
C GLN F 398 13.99 -19.06 -15.46
N SER F 399 13.64 -19.73 -14.38
CA SER F 399 12.28 -20.24 -14.24
C SER F 399 11.62 -19.32 -13.23
N ILE F 400 10.32 -19.10 -13.40
CA ILE F 400 9.58 -18.21 -12.51
C ILE F 400 8.53 -19.00 -11.76
N ILE F 401 8.59 -18.98 -10.43
CA ILE F 401 7.66 -19.73 -9.60
C ILE F 401 6.32 -19.03 -9.45
N ALA F 402 5.22 -19.78 -9.56
CA ALA F 402 3.89 -19.21 -9.42
C ALA F 402 3.68 -18.68 -8.02
N THR F 403 2.73 -17.77 -7.87
CA THR F 403 2.43 -17.18 -6.58
C THR F 403 1.96 -18.20 -5.55
N THR F 404 2.48 -18.07 -4.34
CA THR F 404 2.11 -18.96 -3.25
C THR F 404 1.58 -18.16 -2.08
N SER F 405 0.92 -18.84 -1.16
CA SER F 405 0.36 -18.19 0.02
C SER F 405 0.52 -19.11 1.20
N LEU F 406 1.71 -19.68 1.35
CA LEU F 406 2.02 -20.59 2.44
C LEU F 406 1.80 -19.86 3.77
N ALA F 407 0.85 -20.32 4.55
CA ALA F 407 0.54 -19.65 5.81
C ALA F 407 0.83 -20.43 7.09
N TYR F 408 1.07 -19.69 8.16
CA TYR F 408 1.33 -20.24 9.47
C TYR F 408 0.96 -19.22 10.53
N ASN F 409 0.11 -19.64 11.46
CA ASN F 409 -0.32 -18.76 12.53
C ASN F 409 0.44 -19.07 13.81
N TYR F 410 1.20 -18.11 14.30
CA TYR F 410 1.95 -18.31 15.53
C TYR F 410 1.08 -17.90 16.73
N GLU F 411 0.55 -18.90 17.42
CA GLU F 411 -0.29 -18.65 18.60
C GLU F 411 0.50 -19.14 19.80
N PRO F 412 1.11 -18.21 20.57
CA PRO F 412 1.91 -18.52 21.76
C PRO F 412 1.27 -19.53 22.72
N GLU F 413 -0.03 -19.35 22.97
CA GLU F 413 -0.78 -20.23 23.86
C GLU F 413 -0.82 -21.69 23.37
N GLN F 414 -0.79 -21.90 22.04
CA GLN F 414 -0.81 -23.26 21.46
C GLN F 414 0.51 -23.99 21.68
N LEU F 415 1.62 -23.24 21.57
CA LEU F 415 2.94 -23.82 21.77
C LEU F 415 3.11 -24.15 23.25
N ASN F 416 2.66 -23.22 24.11
CA ASN F 416 2.73 -23.39 25.57
C ASN F 416 4.18 -23.55 26.07
N LYS F 417 5.00 -22.52 25.84
CA LYS F 417 6.40 -22.56 26.29
C LYS F 417 6.42 -22.70 27.82
N THR F 418 7.18 -23.69 28.31
CA THR F 418 7.30 -23.92 29.74
C THR F 418 8.75 -23.74 30.18
N ASP F 419 9.61 -24.58 29.62
CA ASP F 419 11.03 -24.55 29.89
C ASP F 419 11.62 -23.25 29.32
N PRO F 420 12.12 -22.37 30.20
CA PRO F 420 12.72 -21.08 29.83
C PRO F 420 13.88 -21.18 28.84
N GLU F 421 14.52 -22.34 28.78
CA GLU F 421 15.63 -22.54 27.86
C GLU F 421 15.16 -23.03 26.50
N MET F 422 13.84 -23.07 26.29
CA MET F 422 13.29 -23.50 25.02
C MET F 422 13.23 -22.38 24.01
N ASN F 423 13.71 -22.69 22.81
CA ASN F 423 13.71 -21.74 21.72
C ASN F 423 12.70 -22.19 20.68
N TYR F 424 12.00 -21.23 20.08
CA TYR F 424 11.02 -21.57 19.07
C TYR F 424 11.41 -20.92 17.77
N TYR F 425 11.67 -21.78 16.77
CA TYR F 425 12.12 -21.34 15.46
C TYR F 425 11.19 -21.67 14.29
N LEU F 426 11.19 -20.82 13.28
CA LEU F 426 10.38 -21.02 12.08
C LEU F 426 11.30 -21.03 10.87
N LEU F 427 11.16 -22.05 10.04
CA LEU F 427 11.97 -22.21 8.84
C LEU F 427 11.10 -22.40 7.60
N ALA F 428 11.65 -22.05 6.46
CA ALA F 428 10.96 -22.19 5.18
C ALA F 428 11.96 -22.75 4.19
N THR F 429 11.82 -24.03 3.84
CA THR F 429 12.76 -24.64 2.90
C THR F 429 11.98 -25.57 2.01
N PHE F 430 12.74 -26.23 1.14
CA PHE F 430 12.21 -27.22 0.25
C PHE F 430 12.10 -28.48 1.09
N ILE F 431 10.98 -29.18 0.98
CA ILE F 431 10.80 -30.43 1.69
C ILE F 431 10.44 -31.40 0.59
N ASP F 432 10.80 -32.67 0.76
CA ASP F 432 10.50 -33.67 -0.25
C ASP F 432 10.29 -35.05 0.35
N SER F 433 9.57 -35.91 -0.36
CA SER F 433 9.32 -37.26 0.15
C SER F 433 10.57 -38.09 -0.03
N ALA F 434 11.49 -37.59 -0.84
CA ALA F 434 12.76 -38.27 -1.09
C ALA F 434 13.88 -37.40 -0.59
N ALA F 435 14.88 -38.01 0.06
CA ALA F 435 16.02 -37.24 0.56
C ALA F 435 16.50 -36.24 -0.50
N ILE F 436 16.72 -34.99 -0.08
CA ILE F 436 17.18 -33.96 -1.01
C ILE F 436 18.69 -33.96 -1.07
N THR F 437 19.22 -34.39 -2.20
CA THR F 437 20.67 -34.45 -2.44
C THR F 437 21.25 -33.05 -2.28
N PRO F 438 22.10 -32.86 -1.25
CA PRO F 438 22.76 -31.60 -0.92
C PRO F 438 23.45 -30.87 -2.08
N THR F 439 23.98 -31.61 -3.04
CA THR F 439 24.67 -30.97 -4.15
C THR F 439 23.73 -30.59 -5.28
N ASN F 440 22.48 -31.04 -5.21
CA ASN F 440 21.51 -30.70 -6.24
C ASN F 440 20.83 -29.38 -5.88
N MET F 441 20.23 -29.34 -4.70
CA MET F 441 19.53 -28.16 -4.20
C MET F 441 20.42 -27.59 -3.11
N THR F 442 21.16 -26.54 -3.45
CA THR F 442 22.10 -25.93 -2.52
C THR F 442 21.62 -24.71 -1.73
N GLN F 443 20.45 -24.19 -2.06
CA GLN F 443 19.93 -23.04 -1.32
C GLN F 443 19.78 -23.38 0.16
N PRO F 444 20.00 -22.40 1.05
CA PRO F 444 19.91 -22.61 2.50
C PRO F 444 18.48 -22.70 3.00
N ASP F 445 17.60 -22.06 2.24
CA ASP F 445 16.19 -22.02 2.55
C ASP F 445 15.52 -21.31 1.39
N VAL F 446 14.21 -21.13 1.49
CA VAL F 446 13.47 -20.43 0.44
C VAL F 446 12.94 -19.13 1.05
N TRP F 447 13.76 -18.50 1.88
CA TRP F 447 13.39 -17.25 2.53
C TRP F 447 13.55 -16.04 1.61
N ASP F 448 14.19 -16.24 0.46
CA ASP F 448 14.32 -15.15 -0.52
C ASP F 448 12.96 -15.17 -1.17
N ALA F 449 11.99 -14.58 -0.50
CA ALA F 449 10.64 -14.53 -0.99
C ALA F 449 9.96 -13.36 -0.30
N LEU F 450 8.71 -13.11 -0.62
CA LEU F 450 7.98 -12.03 0.01
C LEU F 450 7.23 -12.59 1.20
N LEU F 451 7.57 -12.11 2.39
CA LEU F 451 6.90 -12.56 3.58
C LEU F 451 6.00 -11.47 4.10
N THR F 452 4.77 -11.81 4.39
CA THR F 452 3.81 -10.85 4.91
C THR F 452 3.42 -11.26 6.32
N MET F 453 3.68 -10.39 7.28
CA MET F 453 3.32 -10.66 8.67
C MET F 453 2.10 -9.85 9.03
N SER F 454 1.18 -10.48 9.77
CA SER F 454 -0.04 -9.84 10.21
C SER F 454 -0.25 -10.20 11.65
N PRO F 455 -0.33 -9.20 12.53
CA PRO F 455 -0.54 -9.47 13.96
C PRO F 455 -1.85 -10.21 14.19
N LEU F 456 -1.83 -11.17 15.10
CA LEU F 456 -3.05 -11.91 15.41
C LEU F 456 -3.53 -11.46 16.78
N SER F 457 -3.34 -10.17 17.05
CA SER F 457 -3.74 -9.55 18.30
C SER F 457 -3.47 -8.05 18.23
N ALA F 458 -4.36 -7.27 18.82
CA ALA F 458 -4.20 -5.83 18.84
C ALA F 458 -4.09 -5.35 20.29
N GLY F 459 -3.69 -6.25 21.18
CA GLY F 459 -3.53 -5.91 22.58
C GLY F 459 -2.11 -6.08 23.05
N GLU F 460 -1.23 -6.51 22.15
CA GLU F 460 0.15 -6.70 22.50
C GLU F 460 0.98 -5.82 21.57
N VAL F 461 2.06 -5.27 22.12
CA VAL F 461 2.94 -4.37 21.37
C VAL F 461 4.39 -4.81 21.58
N THR F 462 5.21 -4.64 20.54
CA THR F 462 6.63 -5.00 20.65
C THR F 462 7.48 -3.76 20.38
N VAL F 463 8.75 -3.85 20.75
CA VAL F 463 9.65 -2.74 20.49
C VAL F 463 10.91 -3.36 19.95
N LYS F 464 11.15 -3.12 18.67
CA LYS F 464 12.33 -3.64 18.00
C LYS F 464 12.46 -5.15 18.10
N GLY F 465 11.37 -5.86 17.81
CA GLY F 465 11.41 -7.32 17.82
C GLY F 465 10.87 -8.12 18.98
N ALA F 466 10.75 -7.52 20.15
CA ALA F 466 10.27 -8.27 21.30
C ALA F 466 9.13 -7.58 22.02
N VAL F 467 8.26 -8.41 22.59
CA VAL F 467 7.09 -7.94 23.32
C VAL F 467 7.45 -7.16 24.58
N VAL F 468 6.62 -6.18 24.90
CA VAL F 468 6.77 -5.34 26.07
C VAL F 468 5.36 -5.20 26.68
N SER F 469 5.25 -5.23 28.00
CA SER F 469 3.95 -5.13 28.65
C SER F 469 3.43 -3.71 28.71
N GLU F 470 4.31 -2.74 28.48
CA GLU F 470 3.93 -1.34 28.50
C GLU F 470 4.90 -0.48 27.73
N VAL F 471 4.43 0.68 27.29
CA VAL F 471 5.25 1.60 26.51
C VAL F 471 5.35 2.98 27.12
N VAL F 472 6.46 3.66 26.88
CA VAL F 472 6.65 5.02 27.35
C VAL F 472 6.75 5.82 26.05
N PRO F 473 5.60 6.27 25.53
CA PRO F 473 5.54 7.03 24.28
C PRO F 473 6.67 8.01 24.02
N ALA F 474 6.94 8.88 24.98
CA ALA F 474 7.98 9.90 24.84
C ALA F 474 9.39 9.36 24.58
N GLU F 475 9.70 8.17 25.05
CA GLU F 475 11.03 7.62 24.83
C GLU F 475 11.18 7.02 23.44
N LEU F 476 10.07 6.89 22.73
CA LEU F 476 10.07 6.34 21.38
C LEU F 476 10.61 7.41 20.45
N ILE F 477 10.31 8.66 20.80
CA ILE F 477 10.74 9.80 20.03
C ILE F 477 12.22 9.75 19.67
N GLY F 478 12.51 9.87 18.38
CA GLY F 478 13.86 9.87 17.86
C GLY F 478 14.76 8.71 18.21
N SER F 479 14.20 7.53 18.46
CA SER F 479 15.04 6.38 18.81
C SER F 479 15.10 5.27 17.77
N TYR F 480 14.53 5.50 16.60
CA TYR F 480 14.56 4.50 15.53
C TYR F 480 15.32 4.96 14.31
N THR F 481 16.18 4.09 13.77
CA THR F 481 16.90 4.44 12.57
C THR F 481 15.99 3.95 11.48
N PRO F 482 16.20 4.42 10.24
CA PRO F 482 15.35 3.96 9.13
C PRO F 482 15.43 2.43 9.01
N GLU F 483 16.63 1.91 9.19
CA GLU F 483 16.87 0.47 9.12
C GLU F 483 16.01 -0.25 10.14
N SER F 484 16.10 0.20 11.38
CA SER F 484 15.36 -0.40 12.48
C SER F 484 13.86 -0.34 12.32
N LEU F 485 13.35 0.78 11.83
CA LEU F 485 11.92 0.91 11.65
C LEU F 485 11.48 -0.10 10.61
N ASN F 486 12.21 -0.17 9.50
CA ASN F 486 11.87 -1.08 8.44
C ASN F 486 11.84 -2.54 8.89
N ALA F 487 12.72 -2.89 9.81
CA ALA F 487 12.82 -4.27 10.30
C ALA F 487 11.89 -4.59 11.46
N SER F 488 11.28 -3.58 12.06
CA SER F 488 10.37 -3.81 13.16
C SER F 488 9.19 -4.67 12.74
N LEU F 489 8.57 -5.35 13.69
CA LEU F 489 7.42 -6.22 13.43
C LEU F 489 6.18 -5.35 13.25
N PRO F 490 5.13 -5.89 12.62
CA PRO F 490 3.88 -5.17 12.38
C PRO F 490 3.24 -4.61 13.63
N ASN F 491 3.57 -5.18 14.78
CA ASN F 491 3.00 -4.73 16.04
C ASN F 491 3.98 -3.92 16.87
N ASP F 492 4.91 -3.24 16.20
CA ASP F 492 5.90 -2.43 16.89
C ASP F 492 5.30 -1.13 17.41
N ALA F 493 5.72 -0.72 18.60
CA ALA F 493 5.19 0.51 19.20
C ALA F 493 5.39 1.73 18.33
N ALA F 494 6.52 1.80 17.64
CA ALA F 494 6.80 2.93 16.77
C ALA F 494 5.70 3.05 15.73
N ARG F 495 5.45 1.96 15.00
CA ARG F 495 4.41 1.95 13.96
C ARG F 495 3.08 2.46 14.49
N CYS F 496 2.75 2.06 15.71
CA CYS F 496 1.52 2.49 16.34
C CYS F 496 1.57 3.98 16.66
N MET F 497 2.68 4.40 17.27
CA MET F 497 2.89 5.79 17.61
C MET F 497 2.67 6.64 16.37
N ILE F 498 3.20 6.18 15.24
CA ILE F 498 3.08 6.88 13.98
C ILE F 498 1.64 7.01 13.51
N ASP F 499 0.83 5.96 13.67
CA ASP F 499 -0.56 6.05 13.23
C ASP F 499 -1.41 6.93 14.13
N ARG F 500 -1.03 7.04 15.39
CA ARG F 500 -1.78 7.88 16.31
C ARG F 500 -1.39 9.32 16.04
N ALA F 501 -0.09 9.53 15.85
CA ALA F 501 0.46 10.85 15.59
C ALA F 501 -0.07 11.50 14.33
N SER F 502 -0.28 10.70 13.29
CA SER F 502 -0.76 11.21 12.01
C SER F 502 -2.15 11.80 12.10
N LYS F 503 -2.91 11.44 13.13
CA LYS F 503 -4.23 11.99 13.31
C LYS F 503 -4.03 13.42 13.77
N ILE F 504 -2.92 13.66 14.49
CA ILE F 504 -2.59 15.00 14.95
C ILE F 504 -2.16 15.84 13.75
N ALA F 505 -1.33 15.25 12.90
CA ALA F 505 -0.87 15.94 11.71
C ALA F 505 -2.06 16.32 10.85
N GLU F 506 -2.99 15.39 10.72
CA GLU F 506 -4.18 15.61 9.90
C GLU F 506 -4.99 16.77 10.47
N ALA F 507 -5.07 16.81 11.80
CA ALA F 507 -5.80 17.85 12.50
C ALA F 507 -5.18 19.21 12.27
N ILE F 508 -3.87 19.31 12.47
CA ILE F 508 -3.16 20.58 12.27
C ILE F 508 -3.35 21.09 10.85
N LYS F 509 -3.34 20.19 9.87
CA LYS F 509 -3.49 20.63 8.49
C LYS F 509 -4.89 21.13 8.18
N ILE F 510 -5.90 20.58 8.85
CA ILE F 510 -7.25 21.04 8.59
C ILE F 510 -7.37 22.50 9.00
N ASP F 511 -6.63 22.88 10.05
CA ASP F 511 -6.67 24.23 10.57
C ASP F 511 -5.56 25.17 10.08
N ASP F 512 -4.40 24.62 9.74
CA ASP F 512 -3.26 25.45 9.31
C ASP F 512 -3.03 25.58 7.80
N ASP F 513 -3.05 26.83 7.33
CA ASP F 513 -2.82 27.14 5.92
C ASP F 513 -1.54 27.96 5.78
N ALA F 514 -0.60 27.71 6.68
CA ALA F 514 0.68 28.43 6.66
C ALA F 514 1.53 27.97 5.50
N GLY F 515 2.18 28.93 4.85
CA GLY F 515 3.04 28.62 3.74
C GLY F 515 4.45 28.41 4.28
N PRO F 516 5.44 28.22 3.41
CA PRO F 516 6.82 28.02 3.84
C PRO F 516 7.36 29.09 4.77
N ASP F 517 7.95 28.65 5.88
CA ASP F 517 8.54 29.55 6.86
C ASP F 517 7.61 30.51 7.61
N GLU F 518 6.29 30.35 7.47
CA GLU F 518 5.36 31.22 8.17
C GLU F 518 4.94 30.62 9.51
N TYR F 519 4.97 31.42 10.56
CA TYR F 519 4.60 30.95 11.90
C TYR F 519 3.09 30.68 11.93
N SER F 520 2.66 30.02 12.99
CA SER F 520 1.24 29.71 13.16
C SER F 520 1.04 29.23 14.59
N PRO F 521 -0.23 29.17 15.02
CA PRO F 521 -0.55 28.72 16.38
C PRO F 521 -0.09 27.30 16.64
N ASN F 522 0.17 26.56 15.57
CA ASN F 522 0.57 25.17 15.70
C ASN F 522 2.07 24.92 15.54
N SER F 523 2.83 25.97 15.26
CA SER F 523 4.27 25.84 15.08
C SER F 523 5.02 26.42 16.27
N VAL F 524 4.48 27.50 16.82
CA VAL F 524 5.09 28.18 17.96
C VAL F 524 5.37 27.32 19.20
N PRO F 525 4.55 26.28 19.45
CA PRO F 525 4.82 25.46 20.63
C PRO F 525 6.25 24.94 20.63
N ILE F 526 6.72 24.59 19.43
CA ILE F 526 8.07 24.08 19.25
C ILE F 526 9.04 25.23 19.48
N GLN F 527 8.71 26.37 18.90
CA GLN F 527 9.53 27.56 19.02
C GLN F 527 9.81 27.86 20.48
N GLY F 528 8.77 27.72 21.29
CA GLY F 528 8.92 27.96 22.72
C GLY F 528 9.95 27.02 23.32
N GLN F 529 9.88 25.73 22.99
CA GLN F 529 10.84 24.78 23.52
C GLN F 529 12.23 25.13 23.04
N LEU F 530 12.33 25.48 21.76
CA LEU F 530 13.62 25.83 21.17
C LEU F 530 14.21 27.07 21.83
N ALA F 531 13.35 28.05 22.08
CA ALA F 531 13.77 29.30 22.69
C ALA F 531 14.47 29.07 24.03
N ILE F 532 13.86 28.25 24.88
CA ILE F 532 14.42 27.95 26.20
C ILE F 532 15.60 26.99 26.11
N SER F 533 15.46 25.99 25.25
CA SER F 533 16.47 24.96 25.04
C SER F 533 17.87 25.51 24.76
N GLN F 534 17.98 26.53 23.91
CA GLN F 534 19.29 27.07 23.57
C GLN F 534 19.86 27.91 24.69
N LEU F 535 19.08 28.09 25.75
CA LEU F 535 19.52 28.86 26.91
C LEU F 535 19.96 27.89 27.99
N GLU F 536 19.28 26.76 28.08
CA GLU F 536 19.60 25.75 29.08
C GLU F 536 21.09 25.43 29.07
N THR F 537 21.67 25.21 30.25
CA THR F 537 23.10 24.90 30.30
C THR F 537 23.28 23.43 29.98
N GLY F 538 24.00 23.15 28.90
CA GLY F 538 24.23 21.78 28.53
C GLY F 538 25.71 21.55 28.37
N TYR F 539 26.08 20.96 27.25
CA TYR F 539 27.48 20.71 26.94
C TYR F 539 27.61 20.94 25.44
N GLY F 540 28.81 21.35 25.01
CA GLY F 540 29.02 21.61 23.60
C GLY F 540 28.95 23.10 23.29
N VAL F 541 29.25 23.47 22.05
CA VAL F 541 29.22 24.87 21.65
C VAL F 541 27.80 25.40 21.54
N ARG F 542 27.48 26.33 22.44
CA ARG F 542 26.18 26.97 22.53
C ARG F 542 25.98 27.95 21.35
N ILE F 543 24.74 28.13 20.93
CA ILE F 543 24.40 29.03 19.84
C ILE F 543 23.16 29.83 20.19
N PHE F 544 23.09 31.06 19.70
CA PHE F 544 21.92 31.88 19.95
C PHE F 544 21.22 32.29 18.65
N ASN F 545 19.95 31.90 18.55
CA ASN F 545 19.18 32.25 17.39
C ASN F 545 18.11 33.25 17.79
N PRO F 546 17.93 34.29 16.98
CA PRO F 546 16.93 35.33 17.23
C PRO F 546 15.54 34.69 17.13
N LYS F 547 14.54 35.31 17.72
CA LYS F 547 13.21 34.74 17.66
C LYS F 547 12.84 34.44 16.23
N GLY F 548 13.15 35.37 15.34
CA GLY F 548 12.81 35.21 13.93
C GLY F 548 13.28 33.92 13.27
N ILE F 549 14.45 33.43 13.64
CA ILE F 549 14.98 32.21 13.07
C ILE F 549 14.41 30.99 13.76
N LEU F 550 14.20 31.07 15.08
CA LEU F 550 13.63 29.95 15.80
C LEU F 550 12.22 29.71 15.27
N SER F 551 11.55 30.81 14.92
CA SER F 551 10.19 30.75 14.40
C SER F 551 10.14 29.94 13.12
N LYS F 552 11.12 30.14 12.25
CA LYS F 552 11.17 29.40 10.98
C LYS F 552 11.47 27.94 11.22
N ILE F 553 12.55 27.66 11.94
CA ILE F 553 12.94 26.29 12.24
C ILE F 553 11.74 25.52 12.76
N ALA F 554 10.95 26.17 13.60
CA ALA F 554 9.77 25.55 14.16
C ALA F 554 8.76 25.26 13.05
N SER F 555 8.56 26.23 12.16
CA SER F 555 7.63 26.05 11.05
C SER F 555 7.99 24.85 10.18
N ARG F 556 9.27 24.75 9.83
CA ARG F 556 9.74 23.67 9.00
C ARG F 556 9.58 22.33 9.68
N ALA F 557 9.82 22.31 10.99
CA ALA F 557 9.70 21.08 11.76
C ALA F 557 8.27 20.59 11.68
N MET F 558 7.34 21.50 11.92
CA MET F 558 5.93 21.15 11.85
C MET F 558 5.53 20.65 10.45
N GLN F 559 6.06 21.29 9.40
CA GLN F 559 5.74 20.88 8.04
C GLN F 559 6.28 19.49 7.76
N ALA F 560 7.50 19.24 8.19
CA ALA F 560 8.13 17.94 8.00
C ALA F 560 7.30 16.88 8.71
N PHE F 561 6.75 17.23 9.86
CA PHE F 561 5.92 16.32 10.63
C PHE F 561 4.63 16.01 9.88
N ILE F 562 3.98 17.04 9.37
CA ILE F 562 2.73 16.86 8.65
C ILE F 562 2.93 16.09 7.35
N GLY F 563 4.09 16.27 6.73
CA GLY F 563 4.37 15.58 5.48
C GLY F 563 4.88 14.17 5.66
N ASP F 564 5.44 13.88 6.83
CA ASP F 564 5.98 12.59 7.16
C ASP F 564 5.93 12.40 8.67
N PRO F 565 4.78 11.98 9.19
CA PRO F 565 4.65 11.79 10.64
C PRO F 565 5.69 10.88 11.27
N SER F 566 6.30 9.99 10.49
CA SER F 566 7.28 9.09 11.07
C SER F 566 8.59 9.78 11.46
N THR F 567 8.70 11.07 11.17
CA THR F 567 9.92 11.78 11.51
C THR F 567 10.09 11.90 13.02
N ILE F 568 8.99 11.86 13.77
CA ILE F 568 9.07 11.97 15.23
C ILE F 568 9.74 10.78 15.90
N ILE F 569 9.68 9.60 15.29
CA ILE F 569 10.32 8.45 15.89
C ILE F 569 11.63 8.14 15.17
N THR F 570 11.99 8.98 14.20
CA THR F 570 13.23 8.79 13.45
C THR F 570 14.41 9.52 14.08
N GLN F 571 15.50 8.77 14.23
CA GLN F 571 16.74 9.25 14.81
C GLN F 571 17.30 10.47 14.10
N ALA F 572 17.81 11.40 14.89
CA ALA F 572 18.43 12.63 14.38
C ALA F 572 17.52 13.49 13.51
N ALA F 573 16.23 13.22 13.52
CA ALA F 573 15.30 14.02 12.72
C ALA F 573 15.38 15.44 13.27
N PRO F 574 15.90 16.40 12.48
CA PRO F 574 16.04 17.79 12.90
C PRO F 574 15.41 18.27 14.21
N VAL F 575 14.13 18.60 14.26
CA VAL F 575 13.62 19.09 15.53
C VAL F 575 12.68 18.17 16.27
N LEU F 576 12.00 17.32 15.51
CA LEU F 576 11.04 16.38 16.05
C LEU F 576 11.71 15.20 16.75
N SER F 577 13.03 15.15 16.67
CA SER F 577 13.82 14.08 17.29
C SER F 577 13.93 14.27 18.82
N ASP F 578 13.54 15.45 19.29
CA ASP F 578 13.60 15.81 20.71
C ASP F 578 12.22 15.64 21.35
N LYS F 579 12.13 14.78 22.37
CA LYS F 579 10.84 14.54 23.01
C LYS F 579 10.12 15.76 23.54
N ASN F 580 10.86 16.81 23.90
CA ASN F 580 10.24 18.04 24.41
C ASN F 580 9.43 18.77 23.36
N ASN F 581 9.98 18.88 22.14
CA ASN F 581 9.28 19.55 21.06
C ASN F 581 8.03 18.77 20.69
N TRP F 582 8.11 17.44 20.81
CA TRP F 582 6.95 16.61 20.49
C TRP F 582 5.83 16.89 21.48
N ILE F 583 6.13 16.76 22.77
CA ILE F 583 5.15 16.98 23.82
C ILE F 583 4.51 18.36 23.74
N ALA F 584 5.32 19.37 23.44
CA ALA F 584 4.82 20.73 23.32
C ALA F 584 3.81 20.86 22.19
N LEU F 585 4.11 20.19 21.06
CA LEU F 585 3.25 20.21 19.89
C LEU F 585 1.98 19.42 20.14
N ALA F 586 2.15 18.17 20.56
CA ALA F 586 1.02 17.31 20.84
C ALA F 586 0.03 17.99 21.77
N GLN F 587 0.53 18.53 22.88
CA GLN F 587 -0.30 19.20 23.86
C GLN F 587 -0.77 20.57 23.41
N GLY F 588 0.06 21.25 22.63
CA GLY F 588 -0.30 22.58 22.16
C GLY F 588 -1.53 22.58 21.30
N VAL F 589 -1.58 21.67 20.34
CA VAL F 589 -2.71 21.57 19.42
C VAL F 589 -4.08 21.65 20.09
N LYS F 590 -4.21 21.04 21.26
CA LYS F 590 -5.48 21.05 21.99
C LYS F 590 -5.89 22.48 22.27
N THR F 591 -4.94 23.26 22.79
CA THR F 591 -5.20 24.65 23.11
C THR F 591 -5.43 25.44 21.83
N SER F 592 -4.58 25.23 20.84
CA SER F 592 -4.69 25.92 19.55
C SER F 592 -6.09 25.86 18.95
N LEU F 593 -6.72 24.70 19.01
CA LEU F 593 -8.05 24.54 18.43
C LEU F 593 -9.17 25.00 19.34
N ARG F 594 -9.09 24.60 20.60
CA ARG F 594 -10.10 24.96 21.57
C ARG F 594 -10.30 26.44 21.81
N THR F 595 -9.30 27.27 21.53
CA THR F 595 -9.45 28.70 21.76
C THR F 595 -9.83 29.47 20.50
N LYS F 596 -10.39 28.77 19.52
CA LYS F 596 -10.82 29.39 18.28
C LYS F 596 -12.27 29.83 18.41
N SER F 597 -12.66 30.83 17.63
CA SER F 597 -14.03 31.33 17.68
C SER F 597 -14.56 31.38 16.25
N LEU F 598 -15.23 30.31 15.83
CA LEU F 598 -15.79 30.22 14.48
C LEU F 598 -14.89 30.93 13.46
N SER F 599 -13.58 30.73 13.56
CA SER F 599 -12.63 31.39 12.66
C SER F 599 -12.05 30.50 11.57
N ALA F 600 -11.47 31.14 10.57
CA ALA F 600 -10.86 30.45 9.45
C ALA F 600 -9.62 31.23 9.01
N GLY F 601 -8.57 30.51 8.62
CA GLY F 601 -7.36 31.18 8.19
C GLY F 601 -7.58 32.32 7.22
N VAL F 602 -6.80 33.38 7.38
CA VAL F 602 -6.90 34.55 6.49
C VAL F 602 -6.73 34.16 5.04
N LYS F 603 -5.64 33.47 4.76
CA LYS F 603 -5.32 32.99 3.43
C LYS F 603 -6.49 32.16 2.89
N THR F 604 -7.04 31.29 3.73
CA THR F 604 -8.15 30.44 3.35
C THR F 604 -9.42 31.21 3.06
N ALA F 605 -9.80 32.10 3.98
CA ALA F 605 -11.00 32.90 3.84
C ALA F 605 -11.08 33.57 2.46
N VAL F 606 -9.99 34.19 2.01
CA VAL F 606 -10.01 34.86 0.71
C VAL F 606 -10.11 33.84 -0.40
N SER F 607 -9.34 32.77 -0.31
CA SER F 607 -9.35 31.74 -1.33
C SER F 607 -10.73 31.12 -1.51
N LYS F 608 -11.43 30.86 -0.41
CA LYS F 608 -12.77 30.28 -0.45
C LYS F 608 -13.75 31.17 -1.21
N LEU F 609 -13.78 32.44 -0.83
CA LEU F 609 -14.69 33.42 -1.46
C LEU F 609 -14.32 33.60 -2.92
N SER F 610 -13.03 33.67 -3.19
CA SER F 610 -12.53 33.83 -4.55
C SER F 610 -12.99 32.66 -5.41
N SER F 611 -12.91 31.45 -4.85
CA SER F 611 -13.31 30.24 -5.54
C SER F 611 -14.84 30.15 -5.67
N SER F 612 -15.56 30.48 -4.59
CA SER F 612 -17.02 30.44 -4.62
C SER F 612 -17.52 31.33 -5.75
N GLU F 613 -16.88 32.48 -5.92
CA GLU F 613 -17.27 33.42 -6.96
C GLU F 613 -17.10 32.80 -8.34
N SER F 614 -15.95 32.17 -8.58
CA SER F 614 -15.69 31.55 -9.89
C SER F 614 -16.71 30.45 -10.21
N ILE F 615 -17.19 29.76 -9.18
CA ILE F 615 -18.17 28.69 -9.35
C ILE F 615 -19.52 29.31 -9.65
N GLN F 616 -19.81 30.40 -8.96
CA GLN F 616 -21.07 31.12 -9.14
C GLN F 616 -21.14 31.58 -10.58
N ASN F 617 -20.02 32.11 -11.05
CA ASN F 617 -19.89 32.60 -12.41
C ASN F 617 -20.08 31.44 -13.39
N TRP F 618 -19.49 30.29 -13.06
CA TRP F 618 -19.61 29.09 -13.90
C TRP F 618 -21.08 28.67 -13.94
N THR F 619 -21.72 28.72 -12.79
CA THR F 619 -23.13 28.34 -12.67
C THR F 619 -23.99 29.20 -13.61
N GLN F 620 -23.72 30.51 -13.61
CA GLN F 620 -24.47 31.42 -14.46
C GLN F 620 -24.22 31.07 -15.93
N GLY F 621 -22.94 30.98 -16.32
CA GLY F 621 -22.61 30.65 -17.70
C GLY F 621 -23.34 29.42 -18.20
N PHE F 622 -23.56 28.46 -17.31
CA PHE F 622 -24.26 27.24 -17.69
C PHE F 622 -25.74 27.55 -17.85
N LEU F 623 -26.32 28.23 -16.87
CA LEU F 623 -27.73 28.56 -16.93
C LEU F 623 -28.03 29.36 -18.20
N ASP F 624 -27.04 30.10 -18.69
CA ASP F 624 -27.22 30.85 -19.92
C ASP F 624 -27.37 29.89 -21.08
N LYS F 625 -26.48 28.91 -21.14
CA LYS F 625 -26.53 27.91 -22.21
C LYS F 625 -27.90 27.24 -22.17
N VAL F 626 -28.44 27.04 -20.96
CA VAL F 626 -29.74 26.41 -20.81
C VAL F 626 -30.80 27.29 -21.46
N SER F 627 -30.79 28.56 -21.08
CA SER F 627 -31.73 29.53 -21.62
C SER F 627 -31.64 29.57 -23.12
N THR F 628 -30.42 29.47 -23.64
CA THR F 628 -30.19 29.49 -25.08
C THR F 628 -30.72 28.29 -25.85
N HIS F 629 -30.66 27.10 -25.25
CA HIS F 629 -31.11 25.89 -25.94
C HIS F 629 -32.54 25.46 -25.63
N PHE F 630 -33.18 26.19 -24.71
CA PHE F 630 -34.57 25.95 -24.33
C PHE F 630 -35.11 27.36 -24.06
N PRO F 631 -35.22 28.18 -25.12
CA PRO F 631 -35.70 29.56 -25.11
C PRO F 631 -37.07 29.71 -24.48
N ALA F 632 -37.27 30.80 -23.75
CA ALA F 632 -38.56 31.05 -23.14
C ALA F 632 -39.45 31.62 -24.25
N PRO F 633 -40.78 31.46 -24.12
CA PRO F 633 -41.66 31.99 -25.16
C PRO F 633 -41.69 33.53 -25.15
N MET G 2 -20.64 -26.35 15.29
CA MET G 2 -19.42 -25.78 14.70
C MET G 2 -19.60 -25.89 13.21
N GLU G 3 -20.14 -24.84 12.62
CA GLU G 3 -20.37 -24.79 11.20
C GLU G 3 -19.08 -25.03 10.44
N VAL G 4 -19.20 -25.68 9.29
CA VAL G 4 -18.06 -25.97 8.44
C VAL G 4 -18.38 -25.58 7.02
N CYS G 5 -17.34 -25.31 6.24
CA CYS G 5 -17.50 -24.90 4.86
C CYS G 5 -16.82 -25.90 3.94
N LEU G 6 -17.18 -25.85 2.67
CA LEU G 6 -16.62 -26.73 1.67
C LEU G 6 -15.22 -26.27 1.30
N PRO G 7 -14.39 -27.15 0.75
CA PRO G 7 -13.05 -26.74 0.38
C PRO G 7 -13.12 -25.93 -0.92
N ASN G 8 -12.04 -25.24 -1.27
CA ASN G 8 -12.04 -24.44 -2.50
C ASN G 8 -11.58 -25.31 -3.65
N GLY G 9 -11.96 -24.92 -4.86
CA GLY G 9 -11.61 -25.66 -6.05
C GLY G 9 -10.19 -26.19 -6.09
N HIS G 10 -9.21 -25.31 -5.98
CA HIS G 10 -7.82 -25.73 -6.05
C HIS G 10 -7.41 -26.81 -5.05
N GLN G 11 -8.17 -26.94 -3.97
CA GLN G 11 -7.85 -27.93 -2.95
C GLN G 11 -8.30 -29.32 -3.37
N ILE G 12 -9.35 -29.39 -4.17
CA ILE G 12 -9.86 -30.66 -4.68
C ILE G 12 -8.95 -31.11 -5.82
N VAL G 13 -8.43 -30.14 -6.56
CA VAL G 13 -7.53 -30.44 -7.67
C VAL G 13 -6.30 -31.07 -7.05
N ASP G 14 -5.90 -30.55 -5.90
CA ASP G 14 -4.74 -31.05 -5.20
C ASP G 14 -4.97 -32.47 -4.68
N LEU G 15 -6.17 -32.74 -4.19
CA LEU G 15 -6.51 -34.06 -3.69
C LEU G 15 -6.28 -35.07 -4.80
N ILE G 16 -6.83 -34.75 -5.97
CA ILE G 16 -6.72 -35.61 -7.14
C ILE G 16 -5.27 -35.83 -7.56
N ASN G 17 -4.49 -34.76 -7.61
CA ASN G 17 -3.09 -34.88 -8.00
C ASN G 17 -2.34 -35.79 -7.07
N ASN G 18 -2.64 -35.71 -5.78
CA ASN G 18 -1.97 -36.57 -4.78
C ASN G 18 -2.39 -38.01 -4.94
N ALA G 19 -3.70 -38.22 -5.09
CA ALA G 19 -4.25 -39.56 -5.28
C ALA G 19 -3.46 -40.30 -6.34
N PHE G 20 -3.13 -39.62 -7.43
CA PHE G 20 -2.39 -40.27 -8.51
C PHE G 20 -0.89 -40.28 -8.32
N GLU G 21 -0.51 -40.34 -7.05
CA GLU G 21 0.88 -40.42 -6.65
C GLU G 21 0.80 -41.29 -5.40
N GLY G 22 -0.43 -41.68 -5.08
CA GLY G 22 -0.72 -42.50 -3.93
C GLY G 22 -0.31 -41.89 -2.61
N ARG G 23 -0.44 -40.57 -2.51
CA ARG G 23 -0.02 -39.91 -1.29
C ARG G 23 -1.08 -39.08 -0.58
N VAL G 24 -2.34 -39.42 -0.78
CA VAL G 24 -3.39 -38.68 -0.09
C VAL G 24 -3.30 -39.06 1.36
N SER G 25 -3.33 -38.07 2.26
CA SER G 25 -3.28 -38.34 3.69
C SER G 25 -4.68 -38.68 4.19
N ILE G 26 -4.88 -39.94 4.52
CA ILE G 26 -6.18 -40.43 4.99
C ILE G 26 -6.20 -40.75 6.47
N TYR G 27 -7.32 -40.46 7.11
CA TYR G 27 -7.49 -40.75 8.51
C TYR G 27 -8.76 -41.58 8.69
N SER G 28 -8.64 -42.69 9.41
CA SER G 28 -9.79 -43.54 9.70
C SER G 28 -9.75 -43.74 11.21
N ALA G 29 -10.92 -43.87 11.82
CA ALA G 29 -10.99 -44.05 13.27
C ALA G 29 -10.30 -45.33 13.67
N GLN G 30 -10.28 -46.30 12.77
CA GLN G 30 -9.65 -47.57 13.04
C GLN G 30 -8.13 -47.49 13.07
N GLU G 31 -7.55 -47.04 11.96
CA GLU G 31 -6.10 -46.97 11.81
C GLU G 31 -5.42 -45.61 12.00
N GLY G 32 -6.17 -44.57 12.28
CA GLY G 32 -5.56 -43.26 12.44
C GLY G 32 -5.07 -42.70 11.11
N TRP G 33 -3.93 -42.00 11.12
CA TRP G 33 -3.42 -41.45 9.86
C TRP G 33 -2.63 -42.44 9.01
N ASP G 34 -2.45 -43.66 9.52
CA ASP G 34 -1.71 -44.69 8.77
C ASP G 34 -2.67 -45.44 7.88
N LYS G 35 -2.44 -45.40 6.57
CA LYS G 35 -3.32 -46.08 5.65
C LYS G 35 -2.78 -47.42 5.17
N THR G 36 -1.81 -47.98 5.89
CA THR G 36 -1.25 -49.27 5.53
C THR G 36 -2.39 -50.29 5.45
N ILE G 37 -3.29 -50.22 6.42
CA ILE G 37 -4.44 -51.10 6.45
C ILE G 37 -5.66 -50.30 6.06
N SER G 38 -6.36 -50.76 5.02
CA SER G 38 -7.55 -50.11 4.54
C SER G 38 -8.65 -50.02 5.59
N ALA G 39 -9.42 -48.94 5.52
CA ALA G 39 -10.54 -48.69 6.41
C ALA G 39 -11.28 -47.53 5.77
N GLN G 40 -12.54 -47.33 6.10
CA GLN G 40 -13.26 -46.24 5.47
C GLN G 40 -12.72 -44.88 5.92
N PRO G 41 -12.43 -44.00 4.95
CA PRO G 41 -11.92 -42.67 5.28
C PRO G 41 -12.89 -41.85 6.13
N ASP G 42 -12.35 -41.13 7.10
CA ASP G 42 -13.14 -40.26 7.95
C ASP G 42 -12.75 -38.84 7.61
N MET G 43 -11.48 -38.67 7.25
CA MET G 43 -10.93 -37.37 6.87
C MET G 43 -9.85 -37.57 5.81
N MET G 44 -9.67 -36.56 4.97
CA MET G 44 -8.65 -36.59 3.95
C MET G 44 -8.09 -35.18 3.88
N VAL G 45 -6.81 -35.06 3.53
CA VAL G 45 -6.18 -33.76 3.43
C VAL G 45 -6.27 -33.30 1.97
N CYS G 46 -6.91 -32.16 1.77
CA CYS G 46 -7.07 -31.60 0.44
C CYS G 46 -6.36 -30.26 0.38
N GLY G 47 -5.18 -30.26 -0.21
CA GLY G 47 -4.43 -29.02 -0.33
C GLY G 47 -4.39 -28.23 0.95
N GLY G 48 -3.83 -28.82 2.00
CA GLY G 48 -3.70 -28.13 3.27
C GLY G 48 -4.87 -28.24 4.24
N ALA G 49 -6.09 -28.30 3.72
CA ALA G 49 -7.28 -28.41 4.56
C ALA G 49 -7.56 -29.85 4.95
N VAL G 50 -8.15 -30.03 6.12
CA VAL G 50 -8.49 -31.37 6.58
C VAL G 50 -9.99 -31.48 6.39
N VAL G 51 -10.40 -32.29 5.43
CA VAL G 51 -11.80 -32.46 5.11
C VAL G 51 -12.48 -33.70 5.69
N CYS G 52 -13.70 -33.50 6.16
CA CYS G 52 -14.51 -34.59 6.73
C CYS G 52 -15.12 -35.33 5.55
N MET G 53 -14.92 -36.65 5.50
CA MET G 53 -15.46 -37.41 4.40
C MET G 53 -16.93 -37.81 4.57
N HIS G 54 -17.61 -37.19 5.53
CA HIS G 54 -19.02 -37.48 5.75
C HIS G 54 -19.91 -36.32 5.30
N CYS G 55 -19.31 -35.15 5.10
CA CYS G 55 -20.04 -33.97 4.62
C CYS G 55 -19.18 -33.14 3.68
N LEU G 56 -17.90 -33.48 3.61
CA LEU G 56 -16.93 -32.80 2.77
C LEU G 56 -16.72 -31.37 3.26
N GLY G 57 -16.76 -31.18 4.57
CA GLY G 57 -16.55 -29.87 5.15
C GLY G 57 -15.15 -29.77 5.72
N VAL G 58 -14.61 -28.56 5.77
CA VAL G 58 -13.27 -28.36 6.30
C VAL G 58 -13.32 -28.30 7.83
N VAL G 59 -12.72 -29.28 8.48
CA VAL G 59 -12.75 -29.35 9.94
C VAL G 59 -11.38 -29.10 10.58
N GLY G 60 -10.41 -28.66 9.78
CA GLY G 60 -9.09 -28.39 10.31
C GLY G 60 -8.10 -28.10 9.23
N SER G 61 -6.82 -28.14 9.58
CA SER G 61 -5.75 -27.88 8.62
C SER G 61 -4.53 -28.62 9.08
N LEU G 62 -3.47 -28.53 8.28
CA LEU G 62 -2.22 -29.19 8.61
C LEU G 62 -1.53 -28.54 9.80
N GLN G 63 -1.90 -27.31 10.12
CA GLN G 63 -1.24 -26.61 11.22
C GLN G 63 -1.46 -27.22 12.59
N ARG G 64 -2.70 -27.51 12.94
CA ARG G 64 -3.01 -28.14 14.24
C ARG G 64 -3.20 -29.63 14.02
N LYS G 65 -2.55 -30.43 14.86
CA LYS G 65 -2.61 -31.87 14.79
C LYS G 65 -3.98 -32.38 15.21
N LEU G 66 -4.45 -33.44 14.57
CA LEU G 66 -5.75 -33.99 14.91
C LEU G 66 -5.59 -35.46 15.22
N LYS G 67 -6.25 -35.90 16.30
CA LYS G 67 -6.18 -37.30 16.73
C LYS G 67 -7.50 -38.00 16.49
N HIS G 68 -8.54 -37.21 16.24
CA HIS G 68 -9.86 -37.74 15.98
C HIS G 68 -10.56 -36.83 15.00
N LEU G 69 -11.73 -37.24 14.54
CA LEU G 69 -12.50 -36.41 13.63
C LEU G 69 -13.15 -35.37 14.53
N PRO G 70 -12.85 -34.08 14.29
CA PRO G 70 -13.41 -32.97 15.08
C PRO G 70 -14.92 -32.95 15.17
N HIS G 71 -15.42 -32.55 16.33
CA HIS G 71 -16.86 -32.48 16.55
C HIS G 71 -17.37 -31.31 15.73
N HIS G 72 -18.26 -31.59 14.79
CA HIS G 72 -18.81 -30.53 13.97
C HIS G 72 -20.23 -30.82 13.56
N ARG G 73 -20.91 -29.79 13.07
CA ARG G 73 -22.26 -29.92 12.58
C ARG G 73 -22.09 -30.54 11.19
N CYS G 74 -22.15 -31.87 11.14
CA CYS G 74 -21.96 -32.63 9.91
C CYS G 74 -23.26 -33.02 9.22
N ASN G 75 -23.45 -32.65 7.96
CA ASN G 75 -24.69 -33.02 7.28
C ASN G 75 -24.77 -34.51 7.01
N GLN G 76 -23.65 -35.20 7.15
CA GLN G 76 -23.60 -36.64 6.96
C GLN G 76 -24.23 -37.20 5.69
N GLN G 77 -24.22 -36.45 4.60
CA GLN G 77 -24.80 -36.94 3.37
C GLN G 77 -23.79 -37.37 2.31
N ILE G 78 -22.50 -37.35 2.66
CA ILE G 78 -21.49 -37.77 1.70
C ILE G 78 -21.24 -39.25 1.99
N ARG G 79 -21.65 -40.10 1.05
CA ARG G 79 -21.49 -41.53 1.19
C ARG G 79 -20.15 -42.01 0.64
N HIS G 80 -19.68 -43.13 1.17
CA HIS G 80 -18.42 -43.72 0.76
C HIS G 80 -18.36 -43.91 -0.75
N GLN G 81 -19.47 -44.36 -1.32
CA GLN G 81 -19.57 -44.58 -2.75
C GLN G 81 -19.34 -43.28 -3.53
N ASP G 82 -19.58 -42.14 -2.87
CA ASP G 82 -19.42 -40.83 -3.50
C ASP G 82 -17.98 -40.35 -3.66
N TYR G 83 -17.04 -40.99 -3.00
CA TYR G 83 -15.64 -40.57 -3.09
C TYR G 83 -14.69 -41.75 -3.15
N VAL G 84 -15.22 -42.95 -3.21
CA VAL G 84 -14.37 -44.13 -3.25
C VAL G 84 -13.47 -44.17 -4.48
N ASP G 85 -13.90 -43.52 -5.58
CA ASP G 85 -13.14 -43.49 -6.81
C ASP G 85 -11.78 -42.84 -6.59
N VAL G 86 -11.76 -41.88 -5.67
CA VAL G 86 -10.53 -41.19 -5.30
C VAL G 86 -9.74 -42.14 -4.41
N GLN G 87 -10.41 -42.71 -3.41
CA GLN G 87 -9.75 -43.63 -2.51
C GLN G 87 -9.11 -44.79 -3.28
N PHE G 88 -9.84 -45.27 -4.28
CA PHE G 88 -9.38 -46.38 -5.12
C PHE G 88 -8.13 -45.94 -5.88
N ALA G 89 -8.25 -44.81 -6.55
CA ALA G 89 -7.13 -44.27 -7.31
C ALA G 89 -5.88 -44.19 -6.43
N ASP G 90 -6.01 -43.56 -5.26
CA ASP G 90 -4.88 -43.40 -4.36
C ASP G 90 -4.29 -44.72 -3.87
N ARG G 91 -5.13 -45.63 -3.41
CA ARG G 91 -4.62 -46.89 -2.91
C ARG G 91 -3.97 -47.72 -4.01
N VAL G 92 -4.59 -47.78 -5.18
CA VAL G 92 -4.03 -48.55 -6.29
C VAL G 92 -2.69 -48.00 -6.75
N THR G 93 -2.55 -46.67 -6.76
CA THR G 93 -1.29 -46.06 -7.17
C THR G 93 -0.26 -46.42 -6.14
N ALA G 94 -0.66 -46.43 -4.88
CA ALA G 94 0.25 -46.77 -3.79
C ALA G 94 0.76 -48.18 -3.98
N HIS G 95 -0.16 -49.10 -4.32
CA HIS G 95 0.21 -50.49 -4.56
C HIS G 95 1.11 -50.58 -5.77
N TRP G 96 0.81 -49.76 -6.76
CA TRP G 96 1.55 -49.71 -8.00
C TRP G 96 2.99 -49.24 -7.82
N LYS G 97 3.20 -48.17 -7.05
CA LYS G 97 4.55 -47.65 -6.83
C LYS G 97 5.44 -48.66 -6.14
N ARG G 98 4.88 -49.32 -5.13
CA ARG G 98 5.63 -50.33 -4.38
C ARG G 98 5.96 -51.49 -5.31
N GLY G 99 5.03 -51.83 -6.21
CA GLY G 99 5.27 -52.90 -7.13
C GLY G 99 6.37 -52.53 -8.10
N MET G 100 6.29 -51.31 -8.62
CA MET G 100 7.30 -50.84 -9.55
C MET G 100 8.67 -50.81 -8.91
N LEU G 101 8.72 -50.45 -7.62
CA LEU G 101 9.99 -50.38 -6.92
C LEU G 101 10.65 -51.75 -6.83
N SER G 102 9.88 -52.76 -6.44
CA SER G 102 10.43 -54.10 -6.31
C SER G 102 11.02 -54.54 -7.63
N PHE G 103 10.39 -54.11 -8.73
CA PHE G 103 10.85 -54.45 -10.06
C PHE G 103 12.18 -53.78 -10.37
N VAL G 104 12.28 -52.50 -10.04
CA VAL G 104 13.51 -51.75 -10.29
C VAL G 104 14.66 -52.34 -9.50
N CYS G 105 14.44 -52.57 -8.19
CA CYS G 105 15.46 -53.16 -7.36
C CYS G 105 15.95 -54.46 -7.99
N GLN G 106 15.00 -55.31 -8.36
CA GLN G 106 15.34 -56.58 -8.99
C GLN G 106 16.27 -56.40 -10.18
N MET G 107 15.95 -55.49 -11.10
CA MET G 107 16.85 -55.28 -12.24
C MET G 107 18.19 -54.75 -11.75
N HIS G 108 18.14 -53.80 -10.82
CA HIS G 108 19.35 -53.22 -10.25
C HIS G 108 20.30 -54.30 -9.72
N ALA G 109 19.84 -55.06 -8.73
CA ALA G 109 20.65 -56.12 -8.13
C ALA G 109 21.31 -57.00 -9.20
N MET G 110 20.51 -57.55 -10.11
CA MET G 110 21.04 -58.40 -11.18
C MET G 110 22.11 -57.68 -11.97
N MET G 111 21.75 -56.51 -12.50
CA MET G 111 22.69 -55.70 -13.28
C MET G 111 23.98 -55.44 -12.47
N ASN G 112 23.79 -55.29 -11.16
CA ASN G 112 24.89 -55.02 -10.25
C ASN G 112 25.60 -56.29 -9.80
N ASP G 113 25.47 -57.37 -10.58
CA ASP G 113 26.10 -58.65 -10.27
C ASP G 113 26.82 -59.23 -11.46
N VAL G 114 26.48 -58.72 -12.65
CA VAL G 114 27.11 -59.16 -13.89
C VAL G 114 28.64 -59.19 -13.67
N SER G 115 29.26 -60.34 -13.94
CA SER G 115 30.71 -60.43 -13.77
C SER G 115 31.37 -59.53 -14.82
N PRO G 116 32.49 -58.88 -14.45
CA PRO G 116 33.20 -57.97 -15.36
C PRO G 116 33.46 -58.59 -16.74
N GLU G 117 33.63 -59.91 -16.76
CA GLU G 117 33.87 -60.65 -18.01
C GLU G 117 32.59 -60.59 -18.83
N ASP G 118 31.52 -61.12 -18.26
CA ASP G 118 30.23 -61.12 -18.94
C ASP G 118 29.91 -59.72 -19.49
N LEU G 119 30.04 -58.71 -18.63
CA LEU G 119 29.75 -57.33 -19.04
C LEU G 119 30.55 -56.99 -20.31
N ASP G 120 31.88 -57.05 -20.17
CA ASP G 120 32.79 -56.75 -21.27
C ASP G 120 32.49 -57.51 -22.58
N ARG G 121 32.05 -58.77 -22.47
CA ARG G 121 31.73 -59.56 -23.66
C ARG G 121 30.57 -58.93 -24.43
N VAL G 122 29.51 -58.58 -23.68
CA VAL G 122 28.32 -57.96 -24.24
C VAL G 122 28.67 -56.57 -24.80
N ARG G 123 29.61 -55.89 -24.14
CA ARG G 123 30.05 -54.56 -24.56
C ARG G 123 30.63 -54.68 -25.97
N THR G 124 31.32 -55.79 -26.19
CA THR G 124 31.99 -56.06 -27.46
C THR G 124 31.18 -56.75 -28.57
N GLU G 125 30.44 -57.82 -28.24
CA GLU G 125 29.66 -58.55 -29.24
C GLU G 125 28.14 -58.33 -29.12
N GLY G 126 27.68 -58.05 -27.89
CA GLY G 126 26.27 -57.83 -27.66
C GLY G 126 25.68 -59.04 -26.94
N GLY G 127 24.36 -59.24 -27.09
CA GLY G 127 23.70 -60.38 -26.45
C GLY G 127 23.29 -60.20 -24.98
N SER G 128 22.32 -61.00 -24.57
CA SER G 128 21.79 -60.97 -23.19
C SER G 128 22.84 -60.80 -22.09
N LEU G 129 22.46 -60.04 -21.07
CA LEU G 129 23.33 -59.77 -19.93
C LEU G 129 22.60 -59.99 -18.60
N VAL G 130 21.30 -59.72 -18.59
CA VAL G 130 20.45 -59.87 -17.40
C VAL G 130 19.01 -60.13 -17.83
N GLU G 131 18.36 -61.10 -17.18
CA GLU G 131 16.97 -61.44 -17.49
C GLU G 131 16.21 -61.82 -16.23
N LEU G 132 15.02 -61.22 -16.08
CA LEU G 132 14.18 -61.44 -14.92
C LEU G 132 12.90 -62.17 -15.33
N ASN G 133 12.58 -63.25 -14.61
CA ASN G 133 11.37 -64.01 -14.90
C ASN G 133 10.19 -63.20 -14.41
N TRP G 134 9.44 -62.65 -15.36
CA TRP G 134 8.30 -61.79 -15.02
C TRP G 134 7.32 -62.41 -14.04
N LEU G 135 7.35 -63.72 -13.89
CA LEU G 135 6.47 -64.36 -12.95
C LEU G 135 6.91 -63.98 -11.54
N GLN G 136 8.13 -63.47 -11.42
CA GLN G 136 8.68 -63.07 -10.13
C GLN G 136 8.51 -61.58 -9.82
N VAL G 137 8.02 -60.82 -10.79
CA VAL G 137 7.80 -59.39 -10.61
C VAL G 137 6.52 -59.16 -9.82
N ASP G 138 6.68 -58.80 -8.54
CA ASP G 138 5.57 -58.54 -7.63
C ASP G 138 4.44 -59.56 -7.81
N PRO G 139 4.74 -60.85 -7.59
CA PRO G 139 3.82 -61.98 -7.72
C PRO G 139 2.50 -61.92 -6.99
N ASN G 140 2.49 -61.30 -5.81
CA ASN G 140 1.27 -61.28 -5.03
C ASN G 140 0.52 -59.96 -4.94
N SER G 141 0.68 -59.13 -5.96
CA SER G 141 0.01 -57.84 -5.99
C SER G 141 -1.33 -58.01 -6.67
N MET G 142 -2.18 -57.00 -6.50
CA MET G 142 -3.50 -57.01 -7.12
C MET G 142 -3.33 -56.99 -8.63
N PHE G 143 -2.10 -56.75 -9.07
CA PHE G 143 -1.80 -56.67 -10.51
C PHE G 143 -1.38 -58.01 -11.09
N ARG G 144 -1.08 -58.97 -10.23
CA ARG G 144 -0.63 -60.25 -10.75
C ARG G 144 -1.31 -61.46 -10.18
N SER G 145 -2.33 -61.25 -9.35
CA SER G 145 -3.05 -62.37 -8.75
C SER G 145 -4.53 -62.12 -8.47
N ILE G 146 -5.37 -63.06 -8.91
CA ILE G 146 -6.81 -62.99 -8.73
C ILE G 146 -7.18 -62.93 -7.25
N HIS G 147 -6.31 -63.49 -6.41
CA HIS G 147 -6.54 -63.51 -4.98
C HIS G 147 -6.37 -62.15 -4.30
N SER G 148 -5.40 -61.35 -4.76
CA SER G 148 -5.16 -60.03 -4.19
C SER G 148 -6.23 -59.02 -4.60
N SER G 149 -6.44 -58.00 -3.77
CA SER G 149 -7.43 -56.95 -4.01
C SER G 149 -6.79 -55.60 -3.76
N TRP G 150 -7.46 -54.51 -4.13
CA TRP G 150 -6.88 -53.20 -3.90
C TRP G 150 -6.98 -52.84 -2.44
N THR G 151 -7.98 -53.40 -1.77
CA THR G 151 -8.18 -53.14 -0.35
C THR G 151 -7.16 -53.84 0.54
N ASP G 152 -6.32 -54.67 -0.04
CA ASP G 152 -5.31 -55.37 0.73
C ASP G 152 -4.32 -54.41 1.35
N PRO G 153 -3.61 -54.84 2.38
CA PRO G 153 -2.62 -53.99 3.05
C PRO G 153 -1.50 -53.53 2.13
N LEU G 154 -1.05 -52.30 2.34
CA LEU G 154 0.02 -51.76 1.54
C LEU G 154 1.34 -52.28 2.09
N GLN G 155 2.14 -52.87 1.21
CA GLN G 155 3.43 -53.39 1.62
C GLN G 155 4.23 -52.26 2.26
N VAL G 156 4.51 -52.40 3.56
CA VAL G 156 5.27 -51.37 4.26
C VAL G 156 6.66 -51.19 3.63
N VAL G 157 6.90 -50.00 3.08
CA VAL G 157 8.17 -49.68 2.45
C VAL G 157 8.67 -48.33 2.95
N ASP G 158 9.73 -48.37 3.76
CA ASP G 158 10.29 -47.14 4.29
C ASP G 158 11.10 -46.43 3.23
N ASP G 159 10.80 -45.15 3.01
CA ASP G 159 11.53 -44.36 2.02
C ASP G 159 11.33 -44.85 0.60
N LEU G 160 10.06 -45.07 0.27
CA LEU G 160 9.67 -45.53 -1.05
C LEU G 160 10.24 -44.62 -2.13
N ASP G 161 9.92 -43.33 -2.04
CA ASP G 161 10.39 -42.36 -3.02
C ASP G 161 11.91 -42.19 -3.06
N THR G 162 12.58 -42.31 -1.92
CA THR G 162 14.04 -42.17 -1.91
C THR G 162 14.66 -43.36 -2.63
N LYS G 163 14.14 -44.56 -2.36
CA LYS G 163 14.66 -45.76 -3.01
C LYS G 163 14.38 -45.69 -4.50
N LEU G 164 13.13 -45.38 -4.86
CA LEU G 164 12.76 -45.25 -6.26
C LEU G 164 13.76 -44.34 -6.97
N ASP G 165 14.08 -43.20 -6.36
CA ASP G 165 15.04 -42.27 -6.96
C ASP G 165 16.40 -42.90 -7.07
N GLN G 166 16.92 -43.38 -5.94
CA GLN G 166 18.23 -44.00 -5.90
C GLN G 166 18.45 -45.13 -6.89
N TYR G 167 17.62 -46.17 -6.81
CA TYR G 167 17.75 -47.33 -7.69
C TYR G 167 17.56 -47.04 -9.16
N TRP G 168 16.50 -46.30 -9.50
CA TRP G 168 16.27 -45.98 -10.90
C TRP G 168 17.51 -45.29 -11.46
N THR G 169 18.11 -44.42 -10.65
CA THR G 169 19.30 -43.70 -11.06
C THR G 169 20.46 -44.67 -11.28
N ALA G 170 20.81 -45.42 -10.23
CA ALA G 170 21.90 -46.40 -10.31
C ALA G 170 21.74 -47.27 -11.56
N LEU G 171 20.56 -47.88 -11.69
CA LEU G 171 20.26 -48.74 -12.83
C LEU G 171 20.53 -48.06 -14.16
N ASN G 172 19.95 -46.87 -14.34
CA ASN G 172 20.14 -46.15 -15.59
C ASN G 172 21.57 -45.67 -15.84
N LEU G 173 22.30 -45.36 -14.78
CA LEU G 173 23.66 -44.91 -14.97
C LEU G 173 24.48 -46.08 -15.54
N MET G 174 24.22 -47.29 -15.03
CA MET G 174 24.91 -48.49 -15.48
C MET G 174 24.53 -48.77 -16.94
N ILE G 175 23.23 -48.78 -17.21
CA ILE G 175 22.76 -49.03 -18.57
C ILE G 175 23.36 -48.04 -19.57
N ASP G 176 23.62 -46.82 -19.11
CA ASP G 176 24.16 -45.79 -19.97
C ASP G 176 25.65 -45.89 -20.21
N SER G 177 26.42 -46.11 -19.13
CA SER G 177 27.87 -46.20 -19.26
C SER G 177 28.33 -47.33 -20.19
N SER G 178 27.59 -48.44 -20.22
CA SER G 178 27.95 -49.59 -21.07
C SER G 178 27.13 -49.66 -22.37
N ASP G 179 26.49 -48.54 -22.73
CA ASP G 179 25.67 -48.48 -23.94
C ASP G 179 24.71 -49.65 -24.05
N LEU G 180 24.26 -50.18 -22.91
CA LEU G 180 23.35 -51.33 -22.93
C LEU G 180 21.94 -50.99 -23.45
N VAL G 181 21.13 -52.04 -23.65
CA VAL G 181 19.78 -51.89 -24.17
C VAL G 181 18.72 -52.60 -23.33
N PRO G 182 17.77 -51.83 -22.77
CA PRO G 182 16.70 -52.43 -21.95
C PRO G 182 15.49 -52.65 -22.86
N ASN G 183 14.69 -53.66 -22.56
CA ASN G 183 13.51 -53.94 -23.36
C ASN G 183 12.25 -53.46 -22.63
N PHE G 184 12.45 -52.73 -21.54
CA PHE G 184 11.34 -52.24 -20.73
C PHE G 184 11.22 -50.73 -20.69
N MET G 185 11.60 -50.06 -21.76
CA MET G 185 11.49 -48.60 -21.79
C MET G 185 10.82 -48.07 -23.04
N MET G 186 10.17 -46.93 -22.89
CA MET G 186 9.48 -46.30 -24.00
C MET G 186 9.87 -44.82 -24.15
N ARG G 187 9.93 -44.38 -25.40
CA ARG G 187 10.26 -43.00 -25.73
C ARG G 187 9.01 -42.14 -25.57
N ASP G 188 7.85 -42.76 -25.75
CA ASP G 188 6.58 -42.08 -25.62
C ASP G 188 5.51 -43.07 -25.23
N PRO G 189 5.29 -43.23 -23.92
CA PRO G 189 4.30 -44.16 -23.35
C PRO G 189 2.93 -44.19 -23.99
N SER G 190 2.55 -43.11 -24.68
CA SER G 190 1.25 -43.09 -25.33
C SER G 190 1.22 -44.15 -26.43
N HIS G 191 2.39 -44.56 -26.88
CA HIS G 191 2.52 -45.57 -27.92
C HIS G 191 2.08 -46.93 -27.40
N ALA G 192 2.14 -47.10 -26.09
CA ALA G 192 1.74 -48.34 -25.45
C ALA G 192 0.25 -48.59 -25.66
N PHE G 193 -0.55 -47.55 -25.54
CA PHE G 193 -1.99 -47.65 -25.69
C PHE G 193 -2.42 -47.52 -27.14
N ASN G 194 -1.56 -46.91 -27.96
CA ASN G 194 -1.92 -46.66 -29.34
C ASN G 194 -0.69 -46.38 -30.19
N GLY G 195 -0.06 -47.48 -30.64
CA GLY G 195 1.14 -47.36 -31.44
C GLY G 195 1.84 -48.70 -31.56
N VAL G 196 2.68 -49.03 -30.59
CA VAL G 196 3.43 -50.28 -30.64
C VAL G 196 2.53 -51.42 -31.10
N ARG G 197 3.13 -52.36 -31.82
CA ARG G 197 2.34 -53.50 -32.28
C ARG G 197 2.58 -54.62 -31.25
N LEU G 198 1.49 -55.33 -30.92
CA LEU G 198 1.52 -56.40 -29.94
C LEU G 198 1.63 -57.80 -30.58
N GLU G 199 2.18 -58.74 -29.80
CA GLU G 199 2.34 -60.14 -30.22
C GLU G 199 1.91 -61.03 -29.07
N GLY G 200 1.76 -62.32 -29.37
CA GLY G 200 1.37 -63.25 -28.33
C GLY G 200 0.06 -62.84 -27.67
N ASP G 201 -0.11 -63.28 -26.42
CA ASP G 201 -1.32 -62.97 -25.67
C ASP G 201 -1.47 -61.47 -25.50
N ALA G 202 -0.33 -60.78 -25.48
CA ALA G 202 -0.33 -59.35 -25.31
C ALA G 202 -1.30 -58.64 -26.27
N ARG G 203 -1.69 -59.32 -27.34
CA ARG G 203 -2.59 -58.72 -28.31
C ARG G 203 -3.97 -58.40 -27.76
N GLN G 204 -4.47 -59.25 -26.85
CA GLN G 204 -5.79 -59.03 -26.27
C GLN G 204 -5.83 -57.98 -25.16
N THR G 205 -4.66 -57.47 -24.79
CA THR G 205 -4.58 -56.46 -23.74
C THR G 205 -5.59 -55.34 -23.92
N GLN G 206 -6.24 -54.95 -22.84
CA GLN G 206 -7.23 -53.89 -22.87
C GLN G 206 -6.86 -52.80 -21.86
N PHE G 207 -6.33 -51.70 -22.38
CA PHE G 207 -5.89 -50.57 -21.57
C PHE G 207 -6.99 -49.60 -21.16
N SER G 208 -7.24 -49.51 -19.85
CA SER G 208 -8.23 -48.58 -19.33
C SER G 208 -7.61 -47.19 -19.38
N ARG G 209 -6.26 -47.18 -19.40
CA ARG G 209 -5.46 -45.97 -19.44
C ARG G 209 -5.58 -45.16 -18.15
N THR G 210 -6.01 -45.83 -17.09
CA THR G 210 -6.18 -45.20 -15.79
C THR G 210 -6.20 -46.27 -14.70
N PHE G 211 -6.51 -45.84 -13.49
CA PHE G 211 -6.61 -46.73 -12.34
C PHE G 211 -8.01 -46.60 -11.78
N ASP G 212 -8.96 -47.37 -12.30
CA ASP G 212 -10.31 -47.31 -11.79
C ASP G 212 -10.92 -48.71 -11.69
N SER G 213 -11.93 -48.84 -10.84
CA SER G 213 -12.58 -50.11 -10.60
C SER G 213 -13.58 -50.47 -11.66
N ARG G 214 -13.19 -50.37 -12.92
CA ARG G 214 -14.12 -50.69 -13.98
C ARG G 214 -13.49 -51.54 -15.05
N SER G 215 -12.22 -51.89 -14.85
CA SER G 215 -11.50 -52.71 -15.80
C SER G 215 -10.37 -53.44 -15.06
N SER G 216 -10.34 -54.77 -15.17
CA SER G 216 -9.30 -55.54 -14.50
C SER G 216 -7.91 -54.91 -14.65
N LEU G 217 -7.19 -54.86 -13.53
CA LEU G 217 -5.84 -54.31 -13.50
C LEU G 217 -4.85 -55.45 -13.32
N GLU G 218 -5.38 -56.67 -13.31
CA GLU G 218 -4.57 -57.87 -13.16
C GLU G 218 -4.17 -58.26 -14.57
N TRP G 219 -2.87 -58.38 -14.82
CA TRP G 219 -2.42 -58.71 -16.16
C TRP G 219 -0.96 -59.14 -16.10
N GLY G 220 -0.34 -59.36 -17.25
CA GLY G 220 1.04 -59.79 -17.24
C GLY G 220 2.02 -58.64 -17.39
N VAL G 221 3.31 -58.94 -17.29
CA VAL G 221 4.33 -57.93 -17.44
C VAL G 221 4.65 -57.80 -18.92
N MET G 222 4.39 -56.63 -19.48
CA MET G 222 4.62 -56.39 -20.90
C MET G 222 5.95 -55.71 -21.18
N VAL G 223 6.70 -56.24 -22.15
CA VAL G 223 7.98 -55.69 -22.51
C VAL G 223 8.22 -55.84 -24.01
N TYR G 224 9.32 -55.28 -24.51
CA TYR G 224 9.65 -55.38 -25.93
C TYR G 224 10.30 -56.71 -26.28
N ASP G 225 10.01 -57.21 -27.48
CA ASP G 225 10.57 -58.47 -27.94
C ASP G 225 11.60 -58.15 -29.01
N TYR G 226 12.79 -57.80 -28.55
CA TYR G 226 13.91 -57.42 -29.42
C TYR G 226 14.58 -58.62 -30.08
N SER G 227 13.97 -59.80 -29.93
CA SER G 227 14.49 -61.05 -30.49
C SER G 227 14.90 -60.92 -31.96
N GLU G 228 13.97 -60.46 -32.80
CA GLU G 228 14.27 -60.33 -34.23
C GLU G 228 15.37 -59.31 -34.52
N LEU G 229 15.67 -58.45 -33.54
CA LEU G 229 16.72 -57.44 -33.71
C LEU G 229 18.08 -58.12 -33.66
N GLU G 230 18.26 -58.97 -32.66
CA GLU G 230 19.51 -59.71 -32.49
C GLU G 230 19.82 -60.47 -33.80
N HIS G 231 18.81 -61.19 -34.27
CA HIS G 231 18.92 -61.97 -35.51
C HIS G 231 19.43 -61.15 -36.69
N ASP G 232 18.89 -59.93 -36.86
CA ASP G 232 19.30 -59.07 -37.96
C ASP G 232 20.81 -58.82 -38.00
N PRO G 233 21.45 -59.12 -39.16
CA PRO G 233 22.88 -58.97 -39.43
C PRO G 233 23.33 -57.51 -39.38
N SER G 234 22.62 -56.66 -40.12
CA SER G 234 22.93 -55.23 -40.18
C SER G 234 22.61 -54.46 -38.90
N LYS G 235 22.06 -55.15 -37.89
CA LYS G 235 21.71 -54.50 -36.63
C LYS G 235 22.47 -55.12 -35.45
N GLY G 236 23.76 -55.36 -35.66
CA GLY G 236 24.59 -55.95 -34.63
C GLY G 236 24.95 -54.92 -33.57
N ARG G 237 25.89 -55.28 -32.70
CA ARG G 237 26.32 -54.39 -31.62
C ARG G 237 26.52 -52.93 -32.07
N ALA G 238 27.41 -52.70 -33.03
CA ALA G 238 27.66 -51.35 -33.53
C ALA G 238 26.36 -50.55 -33.71
N TYR G 239 25.38 -51.19 -34.35
CA TYR G 239 24.08 -50.55 -34.60
C TYR G 239 23.43 -50.13 -33.30
N ARG G 240 23.36 -51.06 -32.36
CA ARG G 240 22.75 -50.81 -31.06
C ARG G 240 23.41 -49.63 -30.34
N LYS G 241 24.74 -49.60 -30.32
CA LYS G 241 25.46 -48.52 -29.66
C LYS G 241 25.08 -47.17 -30.26
N GLU G 242 24.79 -47.15 -31.56
CA GLU G 242 24.43 -45.90 -32.20
C GLU G 242 22.96 -45.48 -32.19
N LEU G 243 22.04 -46.43 -32.05
CA LEU G 243 20.63 -46.05 -32.08
C LEU G 243 19.73 -46.62 -31.01
N VAL G 244 20.01 -47.84 -30.60
CA VAL G 244 19.16 -48.50 -29.64
C VAL G 244 19.36 -48.12 -28.17
N THR G 245 20.60 -48.04 -27.71
CA THR G 245 20.83 -47.67 -26.30
C THR G 245 20.00 -46.41 -25.97
N PRO G 246 19.38 -46.38 -24.78
CA PRO G 246 18.55 -45.26 -24.32
C PRO G 246 19.14 -43.87 -24.55
N ALA G 247 20.44 -43.72 -24.33
CA ALA G 247 21.08 -42.42 -24.49
C ALA G 247 20.77 -41.73 -25.82
N ARG G 248 20.68 -42.48 -26.91
CA ARG G 248 20.43 -41.88 -28.20
C ARG G 248 19.09 -41.16 -28.39
N ASP G 249 18.04 -41.61 -27.68
CA ASP G 249 16.73 -40.99 -27.82
C ASP G 249 16.33 -40.11 -26.65
N PHE G 250 16.82 -40.46 -25.45
CA PHE G 250 16.52 -39.70 -24.22
C PHE G 250 17.60 -38.71 -23.84
N GLY G 251 18.83 -39.02 -24.24
CA GLY G 251 19.97 -38.18 -23.89
C GLY G 251 20.75 -38.99 -22.85
N HIS G 252 21.98 -38.59 -22.54
CA HIS G 252 22.75 -39.32 -21.53
C HIS G 252 22.09 -39.07 -20.18
N PHE G 253 21.66 -40.15 -19.53
CA PHE G 253 20.95 -40.07 -18.26
C PHE G 253 21.43 -39.03 -17.25
N GLY G 254 22.73 -39.02 -16.99
CA GLY G 254 23.27 -38.08 -16.03
C GLY G 254 23.34 -36.64 -16.47
N LEU G 255 23.00 -36.38 -17.73
CA LEU G 255 23.06 -35.01 -18.24
C LEU G 255 21.75 -34.55 -18.87
N SER G 256 20.64 -35.15 -18.47
CA SER G 256 19.37 -34.77 -19.08
C SER G 256 18.22 -34.43 -18.14
N HIS G 257 17.33 -33.57 -18.63
CA HIS G 257 16.13 -33.15 -17.90
C HIS G 257 15.01 -34.08 -18.29
N TYR G 258 15.13 -34.62 -19.49
CA TYR G 258 14.16 -35.52 -20.09
C TYR G 258 13.74 -36.71 -19.25
N SER G 259 12.45 -37.01 -19.30
CA SER G 259 11.89 -38.12 -18.57
C SER G 259 12.05 -39.42 -19.35
N ARG G 260 12.08 -40.54 -18.63
CA ARG G 260 12.19 -41.85 -19.25
C ARG G 260 10.97 -42.61 -18.79
N ALA G 261 10.37 -43.40 -19.68
CA ALA G 261 9.19 -44.17 -19.31
C ALA G 261 9.42 -45.67 -19.48
N THR G 262 8.61 -46.48 -18.81
CA THR G 262 8.75 -47.93 -18.92
C THR G 262 7.61 -48.43 -19.74
N THR G 263 7.66 -49.70 -20.11
CA THR G 263 6.57 -50.32 -20.85
C THR G 263 5.60 -50.77 -19.77
N PRO G 264 4.37 -51.18 -20.14
CA PRO G 264 3.40 -51.61 -19.12
C PRO G 264 3.90 -52.82 -18.30
N ILE G 265 4.62 -52.54 -17.20
CA ILE G 265 5.12 -53.60 -16.35
C ILE G 265 4.05 -54.09 -15.38
N LEU G 266 3.32 -53.16 -14.78
CA LEU G 266 2.26 -53.51 -13.83
C LEU G 266 0.99 -52.70 -14.09
N GLY G 267 -0.15 -53.31 -13.81
CA GLY G 267 -1.41 -52.62 -14.01
C GLY G 267 -1.63 -52.01 -15.37
N LYS G 268 -1.04 -52.59 -16.41
CA LYS G 268 -1.20 -52.08 -17.77
C LYS G 268 -1.02 -50.57 -17.76
N MET G 269 -0.08 -50.09 -16.95
CA MET G 269 0.16 -48.66 -16.83
C MET G 269 1.65 -48.32 -16.84
N PRO G 270 2.16 -47.73 -17.93
CA PRO G 270 3.57 -47.38 -18.01
C PRO G 270 3.93 -46.38 -16.92
N ALA G 271 5.18 -46.40 -16.48
CA ALA G 271 5.64 -45.49 -15.45
C ALA G 271 6.56 -44.45 -16.05
N VAL G 272 6.43 -43.21 -15.59
CA VAL G 272 7.25 -42.11 -16.08
C VAL G 272 8.17 -41.63 -14.97
N PHE G 273 9.46 -41.56 -15.26
CA PHE G 273 10.45 -41.10 -14.29
C PHE G 273 10.97 -39.73 -14.70
N SER G 274 10.96 -38.78 -13.78
CA SER G 274 11.44 -37.44 -14.07
C SER G 274 12.94 -37.51 -14.30
N GLY G 275 13.44 -36.59 -15.12
CA GLY G 275 14.86 -36.55 -15.42
C GLY G 275 15.72 -36.35 -14.19
N MET G 276 16.98 -36.78 -14.28
CA MET G 276 17.88 -36.65 -13.14
C MET G 276 18.18 -35.19 -12.79
N LEU G 277 18.40 -34.37 -13.80
CA LEU G 277 18.73 -32.96 -13.56
C LEU G 277 17.53 -32.09 -13.18
N THR G 278 16.41 -32.71 -12.84
CA THR G 278 15.25 -31.94 -12.44
C THR G 278 15.22 -31.86 -10.92
N GLY G 279 16.16 -32.56 -10.29
CA GLY G 279 16.25 -32.55 -8.84
C GLY G 279 16.35 -33.94 -8.24
N ASN G 280 15.43 -34.80 -8.67
CA ASN G 280 15.39 -36.19 -8.21
C ASN G 280 14.64 -36.96 -9.26
N CYS G 281 14.56 -38.27 -9.10
CA CYS G 281 13.84 -39.09 -10.06
C CYS G 281 12.52 -39.57 -9.45
N LYS G 282 11.45 -38.83 -9.74
CA LYS G 282 10.13 -39.17 -9.24
C LYS G 282 9.42 -40.04 -10.27
N MET G 283 8.56 -40.93 -9.79
CA MET G 283 7.84 -41.83 -10.67
C MET G 283 6.34 -41.51 -10.68
N TYR G 284 5.76 -41.42 -11.87
CA TYR G 284 4.34 -41.12 -11.99
C TYR G 284 3.68 -42.01 -13.05
N PRO G 285 2.42 -42.41 -12.81
CA PRO G 285 1.70 -43.25 -13.77
C PRO G 285 1.28 -42.38 -14.95
N PHE G 286 1.33 -42.94 -16.17
CA PHE G 286 0.98 -42.21 -17.39
C PHE G 286 -0.52 -42.14 -17.62
N ILE G 287 -1.22 -41.38 -16.77
CA ILE G 287 -2.66 -41.24 -16.87
C ILE G 287 -3.00 -39.78 -17.21
N LYS G 288 -3.91 -39.58 -18.16
CA LYS G 288 -4.28 -38.22 -18.54
C LYS G 288 -5.00 -37.46 -17.43
N GLY G 289 -4.81 -36.14 -17.42
CA GLY G 289 -5.44 -35.32 -16.42
C GLY G 289 -6.95 -35.44 -16.45
N THR G 290 -7.52 -35.42 -17.64
CA THR G 290 -8.96 -35.53 -17.78
C THR G 290 -9.47 -36.83 -17.17
N ALA G 291 -8.62 -37.85 -17.16
CA ALA G 291 -9.02 -39.14 -16.60
C ALA G 291 -9.01 -39.05 -15.09
N LYS G 292 -7.99 -38.38 -14.55
CA LYS G 292 -7.83 -38.22 -13.13
C LYS G 292 -9.02 -37.46 -12.51
N LEU G 293 -9.47 -36.43 -13.22
CA LEU G 293 -10.58 -35.62 -12.74
C LEU G 293 -11.86 -36.41 -12.56
N LYS G 294 -12.09 -37.38 -13.42
CA LYS G 294 -13.31 -38.18 -13.34
C LYS G 294 -13.52 -38.89 -12.01
N THR G 295 -12.47 -39.02 -11.22
CA THR G 295 -12.59 -39.69 -9.93
C THR G 295 -13.49 -38.91 -8.97
N VAL G 296 -13.74 -37.63 -9.26
CA VAL G 296 -14.58 -36.81 -8.40
C VAL G 296 -15.93 -36.50 -9.04
N ARG G 297 -16.21 -37.14 -10.17
CA ARG G 297 -17.46 -36.93 -10.88
C ARG G 297 -18.68 -37.25 -10.01
N LYS G 298 -18.59 -38.36 -9.28
CA LYS G 298 -19.68 -38.78 -8.40
C LYS G 298 -19.79 -37.87 -7.19
N LEU G 299 -18.65 -37.32 -6.77
CA LEU G 299 -18.59 -36.41 -5.63
C LEU G 299 -19.29 -35.10 -5.94
N VAL G 300 -19.19 -34.64 -7.17
CA VAL G 300 -19.83 -33.39 -7.56
C VAL G 300 -21.33 -33.47 -7.31
N ASP G 301 -21.97 -34.51 -7.85
CA ASP G 301 -23.40 -34.68 -7.67
C ASP G 301 -23.74 -34.84 -6.20
N SER G 302 -22.89 -35.59 -5.50
CA SER G 302 -23.08 -35.82 -4.07
C SER G 302 -23.11 -34.50 -3.31
N VAL G 303 -22.17 -33.61 -3.63
CA VAL G 303 -22.08 -32.31 -2.98
C VAL G 303 -23.26 -31.43 -3.37
N ASN G 304 -23.56 -31.40 -4.66
CA ASN G 304 -24.67 -30.57 -5.13
C ASN G 304 -25.95 -30.94 -4.42
N HIS G 305 -26.11 -32.23 -4.12
CA HIS G 305 -27.31 -32.71 -3.44
C HIS G 305 -27.33 -32.36 -1.96
N ALA G 306 -26.17 -32.44 -1.33
CA ALA G 306 -26.05 -32.20 0.11
C ALA G 306 -25.85 -30.77 0.61
N TRP G 307 -25.23 -29.91 -0.19
CA TRP G 307 -24.97 -28.54 0.26
C TRP G 307 -25.85 -27.46 -0.31
N GLY G 308 -25.92 -26.34 0.40
CA GLY G 308 -26.72 -25.20 -0.03
C GLY G 308 -26.12 -24.50 -1.24
N VAL G 309 -26.98 -23.96 -2.09
CA VAL G 309 -26.53 -23.27 -3.30
C VAL G 309 -25.44 -22.24 -3.08
N GLU G 310 -25.68 -21.29 -2.18
CA GLU G 310 -24.69 -20.25 -1.91
C GLU G 310 -23.42 -20.80 -1.32
N LYS G 311 -23.53 -21.82 -0.47
CA LYS G 311 -22.34 -22.39 0.14
C LYS G 311 -21.45 -22.99 -0.95
N ILE G 312 -22.06 -23.65 -1.93
CA ILE G 312 -21.28 -24.26 -3.00
C ILE G 312 -20.68 -23.19 -3.89
N ARG G 313 -21.46 -22.17 -4.19
CA ARG G 313 -21.02 -21.07 -5.05
C ARG G 313 -19.85 -20.31 -4.45
N TYR G 314 -19.97 -19.95 -3.18
CA TYR G 314 -18.93 -19.20 -2.49
C TYR G 314 -17.63 -19.98 -2.23
N ALA G 315 -17.69 -21.31 -2.23
CA ALA G 315 -16.49 -22.09 -1.99
C ALA G 315 -15.86 -22.57 -3.29
N LEU G 316 -16.66 -23.16 -4.17
CA LEU G 316 -16.12 -23.67 -5.42
C LEU G 316 -15.97 -22.63 -6.52
N GLY G 317 -16.58 -21.47 -6.33
CA GLY G 317 -16.45 -20.43 -7.32
C GLY G 317 -17.58 -20.34 -8.31
N PRO G 318 -17.34 -19.68 -9.47
CA PRO G 318 -18.31 -19.50 -10.54
C PRO G 318 -18.82 -20.81 -11.09
N GLY G 319 -20.14 -20.92 -11.19
CA GLY G 319 -20.75 -22.13 -11.69
C GLY G 319 -20.87 -23.21 -10.64
N GLY G 320 -20.60 -22.86 -9.38
CA GLY G 320 -20.68 -23.82 -8.30
C GLY G 320 -19.69 -24.96 -8.49
N MET G 321 -20.00 -26.13 -7.95
CA MET G 321 -19.08 -27.26 -8.10
C MET G 321 -19.17 -27.90 -9.48
N THR G 322 -20.33 -27.79 -10.12
CA THR G 322 -20.49 -28.34 -11.46
C THR G 322 -19.62 -27.48 -12.38
N GLY G 323 -19.67 -26.17 -12.16
CA GLY G 323 -18.91 -25.25 -12.97
C GLY G 323 -17.42 -25.47 -12.76
N TRP G 324 -17.05 -25.71 -11.51
CA TRP G 324 -15.67 -25.97 -11.20
C TRP G 324 -15.21 -27.20 -11.98
N TYR G 325 -16.00 -28.26 -11.96
CA TYR G 325 -15.66 -29.50 -12.64
C TYR G 325 -15.44 -29.29 -14.13
N ASN G 326 -16.32 -28.51 -14.74
CA ASN G 326 -16.21 -28.23 -16.16
C ASN G 326 -14.96 -27.42 -16.47
N ARG G 327 -14.79 -26.32 -15.77
CA ARG G 327 -13.63 -25.46 -15.99
C ARG G 327 -12.33 -26.24 -15.77
N THR G 328 -12.34 -27.17 -14.83
CA THR G 328 -11.15 -27.96 -14.53
C THR G 328 -10.88 -28.97 -15.63
N MET G 329 -11.94 -29.51 -16.21
CA MET G 329 -11.81 -30.49 -17.28
C MET G 329 -11.08 -29.84 -18.46
N GLN G 330 -11.35 -28.57 -18.71
CA GLN G 330 -10.71 -27.85 -19.82
C GLN G 330 -9.27 -27.56 -19.51
N GLN G 331 -8.92 -27.51 -18.23
CA GLN G 331 -7.57 -27.21 -17.78
C GLN G 331 -6.77 -28.45 -17.42
N ALA G 332 -7.41 -29.60 -17.39
CA ALA G 332 -6.75 -30.84 -17.04
C ALA G 332 -5.30 -31.01 -17.52
N PRO G 333 -5.02 -30.70 -18.80
CA PRO G 333 -3.67 -30.81 -19.36
C PRO G 333 -2.64 -30.00 -18.60
N ILE G 334 -3.10 -28.99 -17.88
CA ILE G 334 -2.22 -28.10 -17.14
C ILE G 334 -2.24 -28.31 -15.64
N VAL G 335 -3.42 -28.22 -15.04
CA VAL G 335 -3.56 -28.36 -13.60
C VAL G 335 -3.54 -29.76 -13.01
N LEU G 336 -3.74 -30.78 -13.83
CA LEU G 336 -3.74 -32.16 -13.35
C LEU G 336 -2.71 -33.02 -14.04
N THR G 337 -1.63 -32.41 -14.51
CA THR G 337 -0.60 -33.16 -15.20
C THR G 337 0.80 -32.91 -14.65
N PRO G 338 1.39 -33.92 -13.99
CA PRO G 338 2.74 -33.75 -13.47
C PRO G 338 3.68 -33.31 -14.59
N ALA G 339 4.59 -32.40 -14.30
CA ALA G 339 5.51 -31.89 -15.31
C ALA G 339 6.26 -32.98 -16.06
N ALA G 340 6.67 -34.03 -15.34
CA ALA G 340 7.44 -35.11 -15.95
C ALA G 340 6.76 -35.77 -17.16
N LEU G 341 5.43 -35.78 -17.18
CA LEU G 341 4.68 -36.41 -18.26
C LEU G 341 4.79 -35.69 -19.59
N THR G 342 5.21 -34.43 -19.58
CA THR G 342 5.34 -33.65 -20.81
C THR G 342 6.79 -33.20 -20.97
N MET G 343 7.72 -34.06 -20.55
CA MET G 343 9.14 -33.77 -20.61
C MET G 343 9.96 -34.83 -21.33
N PHE G 344 9.44 -35.33 -22.45
CA PHE G 344 10.17 -36.34 -23.19
C PHE G 344 10.93 -35.69 -24.34
N SER G 345 12.05 -36.30 -24.74
CA SER G 345 12.83 -35.76 -25.83
C SER G 345 11.99 -35.70 -27.10
N ASP G 346 12.05 -34.58 -27.79
CA ASP G 346 11.29 -34.39 -29.04
C ASP G 346 11.94 -35.25 -30.12
N THR G 347 13.27 -35.24 -30.12
CA THR G 347 14.06 -35.99 -31.08
C THR G 347 14.19 -37.47 -30.67
N THR G 348 13.75 -38.36 -31.55
CA THR G 348 13.84 -39.80 -31.27
C THR G 348 14.25 -40.58 -32.50
N LYS G 349 15.47 -41.12 -32.46
CA LYS G 349 16.03 -41.90 -33.56
C LYS G 349 15.43 -43.30 -33.62
N PHE G 350 15.70 -44.13 -32.61
CA PHE G 350 15.17 -45.50 -32.56
C PHE G 350 13.64 -45.59 -32.43
N GLY G 351 13.08 -44.92 -31.42
CA GLY G 351 11.63 -44.95 -31.23
C GLY G 351 11.04 -46.17 -30.56
N ASP G 352 9.71 -46.25 -30.59
CA ASP G 352 9.00 -47.38 -29.96
C ASP G 352 8.21 -48.23 -30.95
N LEU G 353 8.30 -47.93 -32.23
CA LEU G 353 7.49 -48.67 -33.17
C LEU G 353 8.12 -49.80 -34.00
N ASP G 354 9.42 -50.02 -33.88
CA ASP G 354 10.05 -51.07 -34.66
C ASP G 354 9.71 -52.48 -34.23
N TYR G 355 10.05 -52.84 -33.01
CA TYR G 355 9.78 -54.20 -32.55
C TYR G 355 8.51 -54.29 -31.73
N PRO G 356 7.90 -55.48 -31.70
CA PRO G 356 6.66 -55.77 -30.97
C PRO G 356 6.79 -55.86 -29.45
N VAL G 357 5.67 -55.66 -28.77
CA VAL G 357 5.62 -55.76 -27.32
C VAL G 357 4.84 -57.02 -26.98
N MET G 358 5.32 -57.76 -25.99
CA MET G 358 4.68 -59.00 -25.57
C MET G 358 4.80 -59.23 -24.07
N ILE G 359 3.96 -60.10 -23.53
CA ILE G 359 4.03 -60.40 -22.11
C ILE G 359 5.28 -61.27 -21.95
N GLY G 360 6.36 -60.70 -21.41
CA GLY G 360 7.57 -61.49 -21.26
C GLY G 360 8.52 -61.04 -20.17
N ASP G 361 9.73 -61.58 -20.21
CA ASP G 361 10.76 -61.25 -19.23
C ASP G 361 11.46 -59.91 -19.42
N PRO G 362 11.54 -59.11 -18.35
CA PRO G 362 12.22 -57.82 -18.50
C PRO G 362 13.70 -58.20 -18.65
N MET G 363 14.45 -57.43 -19.42
CA MET G 363 15.87 -57.73 -19.58
C MET G 363 16.73 -56.62 -20.17
N ILE G 364 18.02 -56.71 -19.87
CA ILE G 364 19.01 -55.76 -20.36
C ILE G 364 20.02 -56.53 -21.20
N LEU G 365 20.28 -56.04 -22.42
CA LEU G 365 21.25 -56.71 -23.31
C LEU G 365 22.07 -55.72 -24.15
N GLY G 366 23.03 -56.24 -24.93
CA GLY G 366 23.86 -55.35 -25.73
C GLY G 366 23.61 -55.34 -27.23
N MET H 2 -17.63 20.31 -24.84
CA MET H 2 -16.79 19.18 -24.43
C MET H 2 -15.38 19.68 -24.38
N GLU H 3 -14.98 20.19 -23.22
CA GLU H 3 -13.66 20.72 -23.02
C GLU H 3 -12.63 19.65 -23.36
N VAL H 4 -11.48 20.09 -23.89
CA VAL H 4 -10.40 19.20 -24.24
C VAL H 4 -9.10 19.76 -23.69
N CYS H 5 -8.13 18.88 -23.48
CA CYS H 5 -6.84 19.28 -22.93
C CYS H 5 -5.76 18.96 -23.92
N LEU H 6 -4.60 19.56 -23.71
CA LEU H 6 -3.44 19.36 -24.56
C LEU H 6 -2.81 18.01 -24.23
N PRO H 7 -2.04 17.45 -25.15
CA PRO H 7 -1.40 16.17 -24.88
C PRO H 7 -0.20 16.42 -23.97
N ASN H 8 0.33 15.36 -23.37
CA ASN H 8 1.49 15.51 -22.50
C ASN H 8 2.77 15.42 -23.31
N GLY H 9 3.83 16.00 -22.77
CA GLY H 9 5.11 16.01 -23.46
C GLY H 9 5.50 14.72 -24.15
N HIS H 10 5.57 13.63 -23.40
CA HIS H 10 5.97 12.35 -23.96
C HIS H 10 5.14 11.86 -25.15
N GLN H 11 3.93 12.39 -25.30
CA GLN H 11 3.06 12.00 -26.41
C GLN H 11 3.45 12.72 -27.71
N ILE H 12 4.01 13.92 -27.57
CA ILE H 12 4.46 14.70 -28.71
C ILE H 12 5.80 14.13 -29.15
N VAL H 13 6.57 13.63 -28.19
CA VAL H 13 7.87 13.04 -28.51
C VAL H 13 7.58 11.81 -29.35
N ASP H 14 6.52 11.11 -28.98
CA ASP H 14 6.12 9.90 -29.67
C ASP H 14 5.65 10.20 -31.09
N LEU H 15 4.92 11.29 -31.25
CA LEU H 15 4.43 11.69 -32.57
C LEU H 15 5.62 11.85 -33.50
N ILE H 16 6.63 12.59 -33.03
CA ILE H 16 7.83 12.85 -33.79
C ILE H 16 8.56 11.56 -34.13
N ASN H 17 8.72 10.67 -33.16
CA ASN H 17 9.42 9.42 -33.42
C ASN H 17 8.74 8.60 -34.50
N ASN H 18 7.41 8.61 -34.49
CA ASN H 18 6.65 7.88 -35.49
C ASN H 18 6.78 8.52 -36.85
N ALA H 19 6.66 9.85 -36.88
CA ALA H 19 6.79 10.58 -38.13
C ALA H 19 8.05 10.16 -38.87
N PHE H 20 9.15 9.97 -38.15
CA PHE H 20 10.39 9.59 -38.80
C PHE H 20 10.55 8.11 -39.02
N GLU H 21 9.42 7.46 -39.24
CA GLU H 21 9.34 6.04 -39.51
C GLU H 21 8.13 5.98 -40.46
N GLY H 22 7.58 7.16 -40.73
CA GLY H 22 6.44 7.28 -41.61
C GLY H 22 5.22 6.51 -41.15
N ARG H 23 5.02 6.43 -39.83
CA ARG H 23 3.87 5.69 -39.33
C ARG H 23 2.92 6.46 -38.45
N VAL H 24 2.83 7.77 -38.62
CA VAL H 24 1.89 8.54 -37.83
C VAL H 24 0.50 8.19 -38.33
N SER H 25 -0.43 7.91 -37.42
CA SER H 25 -1.79 7.60 -37.81
C SER H 25 -2.56 8.89 -38.02
N ILE H 26 -2.87 9.19 -39.28
CA ILE H 26 -3.58 10.42 -39.63
C ILE H 26 -5.01 10.17 -40.09
N TYR H 27 -5.89 11.07 -39.70
CA TYR H 27 -7.28 10.98 -40.10
C TYR H 27 -7.70 12.27 -40.77
N SER H 28 -8.30 12.17 -41.95
CA SER H 28 -8.80 13.33 -42.67
C SER H 28 -10.24 13.00 -42.99
N ALA H 29 -11.10 14.01 -43.04
CA ALA H 29 -12.51 13.78 -43.33
C ALA H 29 -12.66 13.19 -44.72
N GLN H 30 -11.74 13.53 -45.61
CA GLN H 30 -11.79 13.03 -46.98
C GLN H 30 -11.48 11.54 -47.08
N GLU H 31 -10.29 11.16 -46.62
CA GLU H 31 -9.82 9.77 -46.70
C GLU H 31 -9.94 8.89 -45.45
N GLY H 32 -10.44 9.42 -44.35
CA GLY H 32 -10.55 8.61 -43.15
C GLY H 32 -9.18 8.34 -42.55
N TRP H 33 -8.97 7.14 -42.00
CA TRP H 33 -7.66 6.83 -41.41
C TRP H 33 -6.59 6.37 -42.40
N ASP H 34 -6.97 6.29 -43.67
CA ASP H 34 -6.03 5.87 -44.71
C ASP H 34 -5.32 7.10 -45.26
N LYS H 35 -4.01 7.13 -45.13
CA LYS H 35 -3.28 8.28 -45.64
C LYS H 35 -2.61 8.04 -46.99
N THR H 36 -3.06 7.03 -47.72
CA THR H 36 -2.49 6.73 -49.02
C THR H 36 -2.61 7.98 -49.88
N ILE H 37 -3.76 8.64 -49.79
CA ILE H 37 -4.00 9.86 -50.53
C ILE H 37 -3.93 11.03 -49.55
N SER H 38 -3.05 11.98 -49.86
CA SER H 38 -2.87 13.16 -49.02
C SER H 38 -4.14 13.99 -48.90
N ALA H 39 -4.32 14.58 -47.72
CA ALA H 39 -5.45 15.44 -47.40
C ALA H 39 -5.04 16.15 -46.13
N GLN H 40 -5.68 17.26 -45.80
CA GLN H 40 -5.27 17.94 -44.59
C GLN H 40 -5.66 17.14 -43.34
N PRO H 41 -4.72 16.95 -42.42
CA PRO H 41 -5.00 16.20 -41.20
C PRO H 41 -6.09 16.85 -40.33
N ASP H 42 -6.96 16.03 -39.77
CA ASP H 42 -8.01 16.50 -38.90
C ASP H 42 -7.67 16.00 -37.51
N MET H 43 -7.05 14.82 -37.46
CA MET H 43 -6.64 14.19 -36.21
C MET H 43 -5.36 13.42 -36.45
N MET H 44 -4.57 13.27 -35.40
CA MET H 44 -3.33 12.51 -35.45
C MET H 44 -3.22 11.78 -34.13
N VAL H 45 -2.62 10.60 -34.14
CA VAL H 45 -2.44 9.83 -32.92
C VAL H 45 -1.07 10.17 -32.32
N CYS H 46 -1.08 10.68 -31.10
CA CYS H 46 0.16 11.04 -30.40
C CYS H 46 0.30 10.19 -29.16
N GLY H 47 1.14 9.17 -29.26
CA GLY H 47 1.34 8.31 -28.12
C GLY H 47 0.05 7.88 -27.44
N GLY H 48 -0.82 7.21 -28.19
CA GLY H 48 -2.06 6.74 -27.61
C GLY H 48 -3.24 7.67 -27.67
N ALA H 49 -3.00 8.96 -27.55
CA ALA H 49 -4.08 9.94 -27.58
C ALA H 49 -4.44 10.33 -29.01
N VAL H 50 -5.70 10.67 -29.23
CA VAL H 50 -6.16 11.08 -30.54
C VAL H 50 -6.30 12.58 -30.45
N VAL H 51 -5.39 13.28 -31.12
CA VAL H 51 -5.38 14.73 -31.09
C VAL H 51 -6.04 15.44 -32.28
N CYS H 52 -6.77 16.52 -31.98
CA CYS H 52 -7.43 17.32 -33.01
C CYS H 52 -6.37 18.25 -33.59
N MET H 53 -6.25 18.27 -34.90
CA MET H 53 -5.24 19.12 -35.51
C MET H 53 -5.70 20.55 -35.74
N HIS H 54 -6.81 20.93 -35.12
CA HIS H 54 -7.32 22.28 -35.25
C HIS H 54 -7.13 23.08 -33.96
N CYS H 55 -6.89 22.38 -32.85
CA CYS H 55 -6.66 23.04 -31.56
C CYS H 55 -5.59 22.29 -30.75
N LEU H 56 -5.22 21.12 -31.25
CA LEU H 56 -4.23 20.25 -30.62
C LEU H 56 -4.75 19.74 -29.26
N GLY H 57 -6.05 19.48 -29.19
CA GLY H 57 -6.66 18.98 -27.99
C GLY H 57 -6.89 17.48 -28.11
N VAL H 58 -6.89 16.79 -26.98
CA VAL H 58 -7.12 15.35 -26.98
C VAL H 58 -8.63 15.09 -27.03
N VAL H 59 -9.07 14.51 -28.14
CA VAL H 59 -10.49 14.22 -28.31
C VAL H 59 -10.82 12.73 -28.28
N GLY H 60 -9.84 11.92 -27.91
CA GLY H 60 -10.08 10.48 -27.82
C GLY H 60 -8.81 9.70 -27.58
N SER H 61 -8.88 8.38 -27.78
CA SER H 61 -7.74 7.53 -27.60
C SER H 61 -7.85 6.33 -28.52
N LEU H 62 -6.84 5.47 -28.48
CA LEU H 62 -6.85 4.29 -29.32
C LEU H 62 -7.89 3.28 -28.86
N GLN H 63 -8.34 3.38 -27.62
CA GLN H 63 -9.32 2.43 -27.10
C GLN H 63 -10.68 2.43 -27.80
N ARG H 64 -11.28 3.61 -27.96
CA ARG H 64 -12.57 3.74 -28.65
C ARG H 64 -12.32 4.16 -30.09
N LYS H 65 -12.95 3.46 -31.01
CA LYS H 65 -12.81 3.73 -32.43
C LYS H 65 -13.49 5.04 -32.78
N LEU H 66 -12.92 5.75 -33.74
CA LEU H 66 -13.50 7.02 -34.16
C LEU H 66 -13.69 7.00 -35.67
N LYS H 67 -14.86 7.44 -36.13
CA LYS H 67 -15.17 7.48 -37.55
C LYS H 67 -15.19 8.90 -38.07
N HIS H 68 -15.22 9.86 -37.14
CA HIS H 68 -15.23 11.27 -37.48
C HIS H 68 -14.49 12.04 -36.41
N LEU H 69 -14.29 13.32 -36.64
CA LEU H 69 -13.63 14.15 -35.64
C LEU H 69 -14.70 14.45 -34.61
N PRO H 70 -14.49 14.03 -33.36
CA PRO H 70 -15.44 14.25 -32.27
C PRO H 70 -15.86 15.71 -32.09
N HIS H 71 -17.12 15.90 -31.73
CA HIS H 71 -17.65 17.24 -31.52
C HIS H 71 -17.04 17.74 -30.22
N HIS H 72 -16.30 18.83 -30.31
CA HIS H 72 -15.67 19.40 -29.12
C HIS H 72 -15.58 20.89 -29.20
N ARG H 73 -15.32 21.51 -28.06
CA ARG H 73 -15.14 22.96 -27.98
C ARG H 73 -13.72 23.16 -28.48
N CYS H 74 -13.60 23.41 -29.79
CA CYS H 74 -12.32 23.58 -30.46
C CYS H 74 -11.92 25.04 -30.65
N ASN H 75 -10.75 25.45 -30.13
CA ASN H 75 -10.32 26.84 -30.28
C ASN H 75 -10.00 27.18 -31.72
N GLN H 76 -9.85 26.16 -32.55
CA GLN H 76 -9.56 26.35 -33.96
C GLN H 76 -8.45 27.30 -34.35
N GLN H 77 -7.42 27.41 -33.51
CA GLN H 77 -6.31 28.29 -33.82
C GLN H 77 -5.03 27.60 -34.28
N ILE H 78 -5.09 26.28 -34.43
CA ILE H 78 -3.91 25.57 -34.90
C ILE H 78 -4.05 25.47 -36.41
N ARG H 79 -3.19 26.18 -37.11
CA ARG H 79 -3.21 26.19 -38.55
C ARG H 79 -2.36 25.07 -39.16
N HIS H 80 -2.70 24.67 -40.38
CA HIS H 80 -1.99 23.60 -41.08
C HIS H 80 -0.48 23.89 -41.13
N GLN H 81 -0.15 25.16 -41.39
CA GLN H 81 1.24 25.57 -41.46
C GLN H 81 1.98 25.34 -40.15
N ASP H 82 1.23 25.28 -39.05
CA ASP H 82 1.81 25.08 -37.72
C ASP H 82 2.26 23.67 -37.40
N TYR H 83 1.84 22.69 -38.20
CA TYR H 83 2.21 21.30 -37.95
C TYR H 83 2.54 20.53 -39.23
N VAL H 84 2.57 21.24 -40.35
CA VAL H 84 2.85 20.59 -41.61
C VAL H 84 4.25 19.98 -41.65
N ASP H 85 5.17 20.55 -40.87
CA ASP H 85 6.55 20.05 -40.82
C ASP H 85 6.59 18.62 -40.36
N VAL H 86 5.63 18.25 -39.51
CA VAL H 86 5.52 16.89 -38.99
C VAL H 86 4.90 16.07 -40.11
N GLN H 87 3.81 16.58 -40.67
CA GLN H 87 3.13 15.88 -41.75
C GLN H 87 4.10 15.60 -42.89
N PHE H 88 4.92 16.58 -43.21
CA PHE H 88 5.90 16.46 -44.28
C PHE H 88 6.86 15.36 -43.95
N ALA H 89 7.43 15.43 -42.75
CA ALA H 89 8.39 14.44 -42.29
C ALA H 89 7.82 13.03 -42.42
N ASP H 90 6.61 12.83 -41.91
CA ASP H 90 5.96 11.54 -41.95
C ASP H 90 5.70 11.03 -43.36
N ARG H 91 5.11 11.86 -44.19
CA ARG H 91 4.82 11.44 -45.55
C ARG H 91 6.08 11.15 -46.35
N VAL H 92 7.08 12.02 -46.25
CA VAL H 92 8.33 11.81 -46.98
C VAL H 92 9.04 10.55 -46.54
N THR H 93 9.00 10.24 -45.25
CA THR H 93 9.66 9.03 -44.77
C THR H 93 8.92 7.84 -45.33
N ALA H 94 7.58 7.96 -45.38
CA ALA H 94 6.74 6.91 -45.92
C ALA H 94 7.15 6.65 -47.37
N HIS H 95 7.31 7.72 -48.15
CA HIS H 95 7.70 7.60 -49.55
C HIS H 95 9.09 7.00 -49.65
N TRP H 96 9.94 7.39 -48.70
CA TRP H 96 11.31 6.94 -48.64
C TRP H 96 11.42 5.44 -48.37
N LYS H 97 10.66 4.94 -47.41
CA LYS H 97 10.71 3.51 -47.06
C LYS H 97 10.30 2.65 -48.24
N ARG H 98 9.22 3.04 -48.90
CA ARG H 98 8.71 2.32 -50.06
C ARG H 98 9.74 2.34 -51.18
N GLY H 99 10.45 3.45 -51.29
CA GLY H 99 11.47 3.55 -52.32
C GLY H 99 12.63 2.66 -52.00
N MET H 100 13.05 2.67 -50.74
CA MET H 100 14.16 1.85 -50.32
C MET H 100 13.82 0.38 -50.50
N LEU H 101 12.56 0.02 -50.26
CA LEU H 101 12.16 -1.37 -50.41
C LEU H 101 12.30 -1.85 -51.85
N SER H 102 11.79 -1.06 -52.79
CA SER H 102 11.87 -1.44 -54.19
C SER H 102 13.32 -1.65 -54.60
N PHE H 103 14.22 -0.88 -54.01
CA PHE H 103 15.64 -0.99 -54.29
C PHE H 103 16.18 -2.31 -53.75
N VAL H 104 15.80 -2.64 -52.52
CA VAL H 104 16.28 -3.87 -51.91
C VAL H 104 15.80 -5.06 -52.71
N CYS H 105 14.50 -5.10 -53.01
CA CYS H 105 13.94 -6.18 -53.80
C CYS H 105 14.75 -6.34 -55.08
N GLN H 106 14.94 -5.23 -55.78
CA GLN H 106 15.70 -5.24 -57.02
C GLN H 106 17.05 -5.92 -56.84
N MET H 107 17.83 -5.55 -55.83
CA MET H 107 19.13 -6.21 -55.64
C MET H 107 18.92 -7.69 -55.33
N HIS H 108 17.94 -7.97 -54.45
CA HIS H 108 17.62 -9.34 -54.08
C HIS H 108 17.38 -10.22 -55.30
N ALA H 109 16.35 -9.88 -56.08
CA ALA H 109 16.01 -10.64 -57.28
C ALA H 109 17.25 -10.94 -58.14
N MET H 110 18.00 -9.90 -58.49
CA MET H 110 19.20 -10.06 -59.30
C MET H 110 20.16 -11.04 -58.63
N MET H 111 20.56 -10.73 -57.40
CA MET H 111 21.48 -11.58 -56.66
C MET H 111 20.94 -13.03 -56.63
N ASN H 112 19.62 -13.14 -56.57
CA ASN H 112 18.96 -14.45 -56.52
C ASN H 112 18.75 -15.05 -57.92
N ASP H 113 19.55 -14.61 -58.88
CA ASP H 113 19.44 -15.13 -60.23
C ASP H 113 20.81 -15.49 -60.79
N VAL H 114 21.86 -14.98 -60.14
CA VAL H 114 23.22 -15.27 -60.55
C VAL H 114 23.35 -16.79 -60.79
N SER H 115 23.81 -17.18 -61.98
CA SER H 115 23.98 -18.61 -62.25
C SER H 115 25.10 -19.14 -61.35
N PRO H 116 24.95 -20.38 -60.86
CA PRO H 116 25.95 -21.00 -59.98
C PRO H 116 27.38 -20.89 -60.50
N GLU H 117 27.52 -20.86 -61.83
CA GLU H 117 28.82 -20.74 -62.48
C GLU H 117 29.35 -19.33 -62.22
N ASP H 118 28.57 -18.33 -62.63
CA ASP H 118 28.94 -16.94 -62.43
C ASP H 118 29.32 -16.70 -60.96
N LEU H 119 28.46 -17.15 -60.06
CA LEU H 119 28.73 -16.98 -58.64
C LEU H 119 30.11 -17.52 -58.29
N ASP H 120 30.29 -18.81 -58.52
CA ASP H 120 31.54 -19.52 -58.23
C ASP H 120 32.80 -18.85 -58.84
N ARG H 121 32.66 -18.28 -60.04
CA ARG H 121 33.78 -17.62 -60.68
C ARG H 121 34.24 -16.40 -59.83
N VAL H 122 33.26 -15.58 -59.45
CA VAL H 122 33.50 -14.40 -58.63
C VAL H 122 34.05 -14.82 -57.25
N ARG H 123 33.56 -15.95 -56.75
CA ARG H 123 34.01 -16.47 -55.45
C ARG H 123 35.52 -16.70 -55.54
N THR H 124 35.95 -17.19 -56.69
CA THR H 124 37.35 -17.53 -56.92
C THR H 124 38.29 -16.43 -57.40
N GLU H 125 37.85 -15.64 -58.40
CA GLU H 125 38.68 -14.56 -58.94
C GLU H 125 38.23 -13.16 -58.56
N GLY H 126 36.92 -13.01 -58.34
CA GLY H 126 36.36 -11.71 -57.98
C GLY H 126 35.60 -11.13 -59.16
N GLY H 127 35.46 -9.81 -59.19
CA GLY H 127 34.77 -9.16 -60.30
C GLY H 127 33.26 -9.10 -60.19
N SER H 128 32.67 -8.13 -60.91
CA SER H 128 31.22 -7.90 -60.93
C SER H 128 30.37 -9.17 -60.96
N LEU H 129 29.23 -9.12 -60.25
CA LEU H 129 28.31 -10.24 -60.19
C LEU H 129 26.86 -9.79 -60.45
N VAL H 130 26.54 -8.58 -60.00
CA VAL H 130 25.20 -8.00 -60.16
C VAL H 130 25.30 -6.48 -60.21
N GLU H 131 24.58 -5.86 -61.15
CA GLU H 131 24.60 -4.40 -61.29
C GLU H 131 23.24 -3.87 -61.67
N LEU H 132 22.79 -2.84 -60.94
CA LEU H 132 21.49 -2.24 -61.18
C LEU H 132 21.64 -0.82 -61.72
N ASN H 133 20.94 -0.51 -62.80
CA ASN H 133 21.01 0.83 -63.38
C ASN H 133 20.22 1.77 -62.48
N TRP H 134 20.94 2.61 -61.76
CA TRP H 134 20.31 3.53 -60.81
C TRP H 134 19.18 4.36 -61.38
N LEU H 135 19.11 4.46 -62.70
CA LEU H 135 18.03 5.21 -63.30
C LEU H 135 16.73 4.44 -63.09
N GLN H 136 16.87 3.16 -62.75
CA GLN H 136 15.70 2.30 -62.53
C GLN H 136 15.29 2.20 -61.07
N VAL H 137 16.08 2.78 -60.18
CA VAL H 137 15.78 2.76 -58.75
C VAL H 137 14.70 3.81 -58.44
N ASP H 138 13.48 3.33 -58.21
CA ASP H 138 12.32 4.17 -57.91
C ASP H 138 12.30 5.45 -58.75
N PRO H 139 12.26 5.28 -60.08
CA PRO H 139 12.24 6.36 -61.09
C PRO H 139 11.21 7.47 -60.93
N ASN H 140 10.03 7.14 -60.42
CA ASN H 140 9.00 8.16 -60.31
C ASN H 140 8.67 8.67 -58.91
N SER H 141 9.65 8.64 -58.03
CA SER H 141 9.46 9.11 -56.68
C SER H 141 9.83 10.58 -56.62
N MET H 142 9.44 11.23 -55.53
CA MET H 142 9.74 12.62 -55.33
C MET H 142 11.24 12.79 -55.21
N PHE H 143 11.95 11.67 -55.06
CA PHE H 143 13.40 11.66 -54.92
C PHE H 143 14.14 11.55 -56.23
N ARG H 144 13.43 11.21 -57.31
CA ARG H 144 14.09 11.05 -58.59
C ARG H 144 13.44 11.75 -59.77
N SER H 145 12.40 12.54 -59.51
CA SER H 145 11.73 13.25 -60.60
C SER H 145 11.13 14.59 -60.20
N ILE H 146 11.40 15.61 -61.02
CA ILE H 146 10.91 16.96 -60.77
C ILE H 146 9.39 17.00 -60.78
N HIS H 147 8.80 16.05 -61.50
CA HIS H 147 7.36 15.98 -61.60
C HIS H 147 6.65 15.49 -60.34
N SER H 148 7.28 14.55 -59.61
CA SER H 148 6.70 14.02 -58.37
C SER H 148 6.80 15.00 -57.21
N SER H 149 5.88 14.89 -56.25
CA SER H 149 5.84 15.76 -55.08
C SER H 149 5.67 14.90 -53.83
N TRP H 150 5.84 15.49 -52.65
CA TRP H 150 5.67 14.69 -51.45
C TRP H 150 4.19 14.44 -51.22
N THR H 151 3.34 15.34 -51.72
CA THR H 151 1.91 15.20 -51.54
C THR H 151 1.31 14.12 -52.43
N ASP H 152 2.12 13.55 -53.31
CA ASP H 152 1.62 12.49 -54.18
C ASP H 152 1.16 11.28 -53.38
N PRO H 153 0.34 10.42 -53.99
CA PRO H 153 -0.15 9.22 -53.31
C PRO H 153 0.97 8.27 -52.92
N LEU H 154 0.80 7.62 -51.78
CA LEU H 154 1.80 6.69 -51.31
C LEU H 154 1.59 5.36 -52.03
N GLN H 155 2.65 4.84 -52.61
CA GLN H 155 2.56 3.57 -53.32
C GLN H 155 2.03 2.52 -52.35
N VAL H 156 0.86 1.98 -52.62
CA VAL H 156 0.28 0.96 -51.75
C VAL H 156 1.17 -0.27 -51.71
N VAL H 157 1.71 -0.55 -50.52
CA VAL H 157 2.58 -1.70 -50.31
C VAL H 157 2.13 -2.46 -49.08
N ASP H 158 1.58 -3.65 -49.30
CA ASP H 158 1.11 -4.47 -48.19
C ASP H 158 2.28 -5.14 -47.48
N ASP H 159 2.35 -4.98 -46.17
CA ASP H 159 3.43 -5.58 -45.40
C ASP H 159 4.81 -5.00 -45.73
N LEU H 160 4.86 -3.68 -45.78
CA LEU H 160 6.09 -2.96 -46.07
C LEU H 160 7.22 -3.41 -45.15
N ASP H 161 6.99 -3.30 -43.84
CA ASP H 161 7.99 -3.68 -42.86
C ASP H 161 8.37 -5.15 -42.85
N THR H 162 7.42 -6.03 -43.16
CA THR H 162 7.72 -7.47 -43.19
C THR H 162 8.62 -7.74 -44.39
N LYS H 163 8.29 -7.14 -45.53
CA LYS H 163 9.12 -7.33 -46.72
C LYS H 163 10.51 -6.75 -46.49
N LEU H 164 10.56 -5.51 -46.02
CA LEU H 164 11.84 -4.88 -45.75
C LEU H 164 12.69 -5.81 -44.90
N ASP H 165 12.10 -6.41 -43.86
CA ASP H 165 12.84 -7.33 -43.01
C ASP H 165 13.30 -8.55 -43.78
N GLN H 166 12.33 -9.22 -44.42
CA GLN H 166 12.62 -10.42 -45.19
C GLN H 166 13.72 -10.26 -46.25
N TYR H 167 13.49 -9.34 -47.18
CA TYR H 167 14.45 -9.11 -48.27
C TYR H 167 15.83 -8.66 -47.82
N TRP H 168 15.88 -7.67 -46.94
CA TRP H 168 17.17 -7.19 -46.48
C TRP H 168 17.95 -8.37 -45.90
N THR H 169 17.24 -9.24 -45.18
CA THR H 169 17.87 -10.41 -44.57
C THR H 169 18.38 -11.36 -45.65
N ALA H 170 17.49 -11.78 -46.54
CA ALA H 170 17.85 -12.69 -47.63
C ALA H 170 19.07 -12.16 -48.37
N LEU H 171 18.98 -10.92 -48.83
CA LEU H 171 20.07 -10.28 -49.54
C LEU H 171 21.39 -10.34 -48.77
N ASN H 172 21.38 -9.91 -47.51
CA ASN H 172 22.61 -9.92 -46.72
C ASN H 172 23.15 -11.31 -46.39
N LEU H 173 22.26 -12.30 -46.28
CA LEU H 173 22.72 -13.66 -45.97
C LEU H 173 23.52 -14.18 -47.17
N MET H 174 23.03 -13.85 -48.38
CA MET H 174 23.69 -14.24 -49.61
C MET H 174 25.04 -13.54 -49.71
N ILE H 175 25.02 -12.23 -49.54
CA ILE H 175 26.24 -11.45 -49.62
C ILE H 175 27.29 -11.94 -48.63
N ASP H 176 26.83 -12.47 -47.50
CA ASP H 176 27.74 -12.94 -46.46
C ASP H 176 28.32 -14.32 -46.71
N SER H 177 27.46 -15.26 -47.13
CA SER H 177 27.90 -16.63 -47.38
C SER H 177 28.98 -16.73 -48.47
N SER H 178 28.89 -15.89 -49.49
CA SER H 178 29.88 -15.89 -50.58
C SER H 178 30.97 -14.80 -50.44
N ASP H 179 31.12 -14.26 -49.23
CA ASP H 179 32.10 -13.21 -48.97
C ASP H 179 32.06 -12.08 -50.00
N LEU H 180 30.89 -11.81 -50.57
CA LEU H 180 30.75 -10.77 -51.58
C LEU H 180 30.90 -9.35 -51.04
N VAL H 181 30.99 -8.39 -51.96
CA VAL H 181 31.19 -6.99 -51.62
C VAL H 181 30.18 -6.04 -52.26
N PRO H 182 29.38 -5.35 -51.43
CA PRO H 182 28.38 -4.41 -51.96
C PRO H 182 29.02 -3.01 -51.96
N ASN H 183 28.60 -2.15 -52.89
CA ASN H 183 29.14 -0.80 -52.95
C ASN H 183 28.13 0.20 -52.40
N PHE H 184 27.05 -0.33 -51.81
CA PHE H 184 26.00 0.50 -51.25
C PHE H 184 25.85 0.40 -49.74
N MET H 185 26.95 0.19 -49.02
CA MET H 185 26.88 0.09 -47.56
C MET H 185 27.92 0.93 -46.84
N MET H 186 27.56 1.37 -45.65
CA MET H 186 28.45 2.19 -44.86
C MET H 186 28.60 1.66 -43.44
N ARG H 187 29.81 1.78 -42.90
CA ARG H 187 30.10 1.34 -41.54
C ARG H 187 29.62 2.40 -40.55
N ASP H 188 29.59 3.65 -41.00
CA ASP H 188 29.14 4.78 -40.19
C ASP H 188 28.57 5.87 -41.10
N PRO H 189 27.25 5.84 -41.33
CA PRO H 189 26.52 6.79 -42.17
C PRO H 189 26.86 8.27 -41.99
N SER H 190 27.36 8.63 -40.81
CA SER H 190 27.71 10.02 -40.58
C SER H 190 28.84 10.42 -41.54
N HIS H 191 29.59 9.43 -42.04
CA HIS H 191 30.69 9.67 -42.96
C HIS H 191 30.15 10.16 -44.30
N ALA H 192 28.89 9.86 -44.58
CA ALA H 192 28.25 10.27 -45.82
C ALA H 192 28.13 11.79 -45.89
N PHE H 193 27.78 12.39 -44.75
CA PHE H 193 27.62 13.82 -44.65
C PHE H 193 28.93 14.53 -44.35
N ASN H 194 29.87 13.79 -43.78
CA ASN H 194 31.13 14.40 -43.39
C ASN H 194 32.22 13.35 -43.19
N GLY H 195 32.84 12.98 -44.31
CA GLY H 195 33.90 11.98 -44.28
C GLY H 195 34.28 11.49 -45.66
N VAL H 196 33.51 10.54 -46.19
CA VAL H 196 33.79 9.99 -47.51
C VAL H 196 34.12 11.10 -48.48
N ARG H 197 35.00 10.83 -49.43
CA ARG H 197 35.33 11.83 -50.42
C ARG H 197 34.46 11.55 -51.64
N LEU H 198 33.95 12.62 -52.23
CA LEU H 198 33.06 12.52 -53.38
C LEU H 198 33.78 12.74 -54.73
N GLU H 199 33.20 12.18 -55.79
CA GLU H 199 33.73 12.30 -57.15
C GLU H 199 32.57 12.59 -58.10
N GLY H 200 32.91 13.01 -59.31
CA GLY H 200 31.86 13.31 -60.27
C GLY H 200 30.89 14.35 -59.78
N ASP H 201 29.66 14.29 -60.28
CA ASP H 201 28.63 15.26 -59.90
C ASP H 201 28.32 15.17 -58.42
N ALA H 202 28.53 13.98 -57.87
CA ALA H 202 28.28 13.76 -56.46
C ALA H 202 28.96 14.80 -55.57
N ARG H 203 29.98 15.47 -56.09
CA ARG H 203 30.69 16.47 -55.30
C ARG H 203 29.82 17.65 -54.88
N GLN H 204 28.87 18.04 -55.73
CA GLN H 204 27.98 19.16 -55.43
C GLN H 204 26.84 18.83 -54.49
N THR H 205 26.72 17.56 -54.14
CA THR H 205 25.65 17.11 -53.25
C THR H 205 25.54 17.98 -51.99
N GLN H 206 24.32 18.33 -51.64
CA GLN H 206 24.04 19.15 -50.45
C GLN H 206 23.09 18.42 -49.51
N PHE H 207 23.67 17.88 -48.44
CA PHE H 207 22.91 17.12 -47.46
C PHE H 207 22.20 17.97 -46.41
N SER H 208 20.88 17.91 -46.39
CA SER H 208 20.11 18.64 -45.39
C SER H 208 20.22 17.85 -44.08
N ARG H 209 20.53 16.57 -44.22
CA ARG H 209 20.67 15.64 -43.10
C ARG H 209 19.35 15.38 -42.41
N THR H 210 18.25 15.67 -43.12
CA THR H 210 16.91 15.47 -42.59
C THR H 210 15.92 15.39 -43.73
N PHE H 211 14.63 15.40 -43.38
CA PHE H 211 13.55 15.36 -44.35
C PHE H 211 12.68 16.58 -44.11
N ASP H 212 13.04 17.71 -44.71
CA ASP H 212 12.22 18.90 -44.53
C ASP H 212 12.07 19.65 -45.86
N SER H 213 11.03 20.47 -45.93
CA SER H 213 10.72 21.22 -47.13
C SER H 213 11.56 22.47 -47.25
N ARG H 214 12.88 22.34 -47.14
CA ARG H 214 13.72 23.52 -47.24
C ARG H 214 14.95 23.25 -48.06
N SER H 215 15.06 22.03 -48.56
CA SER H 215 16.19 21.65 -49.39
C SER H 215 15.75 20.49 -50.32
N SER H 216 15.95 20.65 -51.62
CA SER H 216 15.57 19.61 -52.56
C SER H 216 15.98 18.21 -52.10
N LEU H 217 15.03 17.28 -52.23
CA LEU H 217 15.26 15.89 -51.84
C LEU H 217 15.37 15.04 -53.09
N GLU H 218 15.31 15.71 -54.25
CA GLU H 218 15.43 15.07 -55.54
C GLU H 218 16.91 15.03 -55.87
N TRP H 219 17.45 13.85 -56.11
CA TRP H 219 18.88 13.74 -56.38
C TRP H 219 19.16 12.37 -56.99
N GLY H 220 20.43 12.04 -57.18
CA GLY H 220 20.77 10.76 -57.76
C GLY H 220 21.05 9.69 -56.73
N VAL H 221 21.26 8.47 -57.18
CA VAL H 221 21.56 7.36 -56.30
C VAL H 221 23.07 7.35 -56.08
N MET H 222 23.50 7.56 -54.84
CA MET H 222 24.93 7.60 -54.53
C MET H 222 25.44 6.29 -53.98
N VAL H 223 26.59 5.85 -54.51
CA VAL H 223 27.19 4.59 -54.08
C VAL H 223 28.71 4.70 -54.13
N TYR H 224 29.41 3.67 -53.67
CA TYR H 224 30.87 3.68 -53.70
C TYR H 224 31.42 3.31 -55.06
N ASP H 225 32.55 3.91 -55.42
CA ASP H 225 33.21 3.63 -56.69
C ASP H 225 34.47 2.81 -56.39
N TYR H 226 34.26 1.50 -56.25
CA TYR H 226 35.33 0.55 -55.93
C TYR H 226 36.20 0.19 -57.15
N SER H 227 35.97 0.91 -58.26
CA SER H 227 36.72 0.69 -59.50
C SER H 227 38.23 0.61 -59.30
N GLU H 228 38.82 1.64 -58.67
CA GLU H 228 40.26 1.64 -58.44
C GLU H 228 40.74 0.49 -57.53
N LEU H 229 39.80 -0.13 -56.80
CA LEU H 229 40.12 -1.25 -55.91
C LEU H 229 40.42 -2.49 -56.77
N GLU H 230 39.52 -2.77 -57.71
CA GLU H 230 39.70 -3.91 -58.61
C GLU H 230 41.08 -3.80 -59.27
N HIS H 231 41.35 -2.65 -59.86
CA HIS H 231 42.62 -2.38 -60.53
C HIS H 231 43.85 -2.74 -59.66
N ASP H 232 43.81 -2.34 -58.39
CA ASP H 232 44.93 -2.60 -57.49
C ASP H 232 45.28 -4.10 -57.42
N PRO H 233 46.56 -4.43 -57.68
CA PRO H 233 47.14 -5.78 -57.69
C PRO H 233 47.10 -6.41 -56.30
N SER H 234 47.63 -5.69 -55.31
CA SER H 234 47.67 -6.18 -53.93
C SER H 234 46.30 -6.24 -53.23
N LYS H 235 45.24 -5.84 -53.94
CA LYS H 235 43.90 -5.86 -53.37
C LYS H 235 42.96 -6.74 -54.19
N GLY H 236 43.46 -7.91 -54.54
CA GLY H 236 42.67 -8.87 -55.31
C GLY H 236 41.66 -9.59 -54.44
N ARG H 237 41.05 -10.64 -54.97
CA ARG H 237 40.04 -11.40 -54.24
C ARG H 237 40.42 -11.71 -52.79
N ALA H 238 41.56 -12.38 -52.59
CA ALA H 238 42.02 -12.70 -51.22
C ALA H 238 41.88 -11.52 -50.27
N TYR H 239 42.33 -10.34 -50.71
CA TYR H 239 42.24 -9.12 -49.91
C TYR H 239 40.79 -8.83 -49.54
N ARG H 240 39.92 -8.83 -50.54
CA ARG H 240 38.50 -8.56 -50.32
C ARG H 240 37.88 -9.50 -49.30
N LYS H 241 38.16 -10.80 -49.43
CA LYS H 241 37.61 -11.76 -48.49
C LYS H 241 38.01 -11.44 -47.06
N GLU H 242 39.22 -10.91 -46.89
CA GLU H 242 39.72 -10.58 -45.56
C GLU H 242 39.36 -9.21 -44.95
N LEU H 243 39.07 -8.22 -45.79
CA LEU H 243 38.77 -6.90 -45.25
C LEU H 243 37.55 -6.19 -45.79
N VAL H 244 37.29 -6.36 -47.09
CA VAL H 244 36.18 -5.67 -47.72
C VAL H 244 34.79 -6.22 -47.50
N THR H 245 34.61 -7.55 -47.59
CA THR H 245 33.28 -8.12 -47.39
C THR H 245 32.70 -7.57 -46.07
N PRO H 246 31.40 -7.22 -46.07
CA PRO H 246 30.71 -6.67 -44.90
C PRO H 246 30.98 -7.36 -43.57
N ALA H 247 31.04 -8.70 -43.60
CA ALA H 247 31.28 -9.47 -42.39
C ALA H 247 32.46 -8.99 -41.54
N ARG H 248 33.53 -8.55 -42.18
CA ARG H 248 34.72 -8.10 -41.45
C ARG H 248 34.55 -6.85 -40.57
N ASP H 249 33.66 -5.94 -40.93
CA ASP H 249 33.47 -4.73 -40.15
C ASP H 249 32.19 -4.72 -39.34
N PHE H 250 31.16 -5.39 -39.85
CA PHE H 250 29.85 -5.45 -39.17
C PHE H 250 29.67 -6.73 -38.36
N GLY H 251 30.35 -7.79 -38.77
CA GLY H 251 30.22 -9.09 -38.13
C GLY H 251 29.42 -9.94 -39.08
N HIS H 252 29.36 -11.25 -38.85
CA HIS H 252 28.58 -12.11 -39.74
C HIS H 252 27.10 -11.79 -39.54
N PHE H 253 26.44 -11.36 -40.61
CA PHE H 253 25.04 -10.96 -40.56
C PHE H 253 24.11 -11.78 -39.68
N GLY H 254 24.14 -13.11 -39.84
CA GLY H 254 23.25 -13.95 -39.07
C GLY H 254 23.63 -14.10 -37.61
N LEU H 255 24.77 -13.55 -37.21
CA LEU H 255 25.21 -13.68 -35.82
C LEU H 255 25.51 -12.36 -35.16
N SER H 256 24.90 -11.28 -35.65
CA SER H 256 25.18 -9.98 -35.06
C SER H 256 24.00 -9.12 -34.68
N HIS H 257 24.23 -8.28 -33.67
CA HIS H 257 23.25 -7.32 -33.16
C HIS H 257 23.43 -6.02 -33.94
N TYR H 258 24.67 -5.80 -34.35
CA TYR H 258 25.07 -4.61 -35.08
C TYR H 258 24.22 -4.24 -36.28
N SER H 259 24.01 -2.94 -36.42
CA SER H 259 23.23 -2.40 -37.53
C SER H 259 24.11 -2.21 -38.76
N ARG H 260 23.47 -2.23 -39.92
CA ARG H 260 24.17 -2.03 -41.18
C ARG H 260 23.48 -0.85 -41.84
N ALA H 261 24.25 0.02 -42.47
CA ALA H 261 23.68 1.19 -43.12
C ALA H 261 23.99 1.19 -44.61
N THR H 262 23.20 1.94 -45.37
CA THR H 262 23.41 2.03 -46.81
C THR H 262 24.01 3.40 -47.11
N THR H 263 24.43 3.60 -48.35
CA THR H 263 24.95 4.89 -48.77
C THR H 263 23.71 5.68 -49.18
N PRO H 264 23.83 7.00 -49.40
CA PRO H 264 22.64 7.77 -49.80
C PRO H 264 22.03 7.28 -51.11
N ILE H 265 21.10 6.33 -51.03
CA ILE H 265 20.44 5.79 -52.21
C ILE H 265 19.28 6.68 -52.63
N LEU H 266 18.47 7.12 -51.67
CA LEU H 266 17.34 8.00 -51.99
C LEU H 266 17.26 9.17 -51.03
N GLY H 267 16.78 10.31 -51.51
CA GLY H 267 16.65 11.49 -50.69
C GLY H 267 17.90 11.93 -49.91
N LYS H 268 19.08 11.64 -50.47
CA LYS H 268 20.33 12.01 -49.82
C LYS H 268 20.28 11.62 -48.34
N MET H 269 19.68 10.47 -48.06
CA MET H 269 19.53 10.00 -46.70
C MET H 269 19.84 8.51 -46.52
N PRO H 270 21.00 8.19 -45.92
CA PRO H 270 21.37 6.79 -45.72
C PRO H 270 20.32 6.09 -44.87
N ALA H 271 20.16 4.78 -45.06
CA ALA H 271 19.19 3.99 -44.30
C ALA H 271 19.94 3.09 -43.34
N VAL H 272 19.39 2.94 -42.14
CA VAL H 272 20.00 2.10 -41.14
C VAL H 272 19.08 0.91 -40.86
N PHE H 273 19.66 -0.30 -40.93
CA PHE H 273 18.91 -1.52 -40.66
C PHE H 273 19.36 -2.12 -39.34
N SER H 274 18.40 -2.44 -38.49
CA SER H 274 18.71 -3.02 -37.19
C SER H 274 19.27 -4.42 -37.40
N GLY H 275 20.15 -4.83 -36.49
CA GLY H 275 20.74 -6.15 -36.61
C GLY H 275 19.71 -7.26 -36.61
N MET H 276 20.08 -8.41 -37.17
CA MET H 276 19.18 -9.54 -37.25
C MET H 276 18.83 -10.11 -35.88
N LEU H 277 19.82 -10.19 -34.99
CA LEU H 277 19.58 -10.75 -33.67
C LEU H 277 18.90 -9.80 -32.69
N THR H 278 18.33 -8.72 -33.21
CA THR H 278 17.64 -7.78 -32.35
C THR H 278 16.16 -8.10 -32.38
N GLY H 279 15.79 -9.03 -33.26
CA GLY H 279 14.39 -9.43 -33.37
C GLY H 279 13.91 -9.47 -34.81
N ASN H 280 14.17 -8.38 -35.52
CA ASN H 280 13.80 -8.25 -36.91
C ASN H 280 14.69 -7.19 -37.49
N CYS H 281 14.58 -6.97 -38.79
CA CYS H 281 15.38 -5.96 -39.45
C CYS H 281 14.53 -4.75 -39.81
N LYS H 282 14.55 -3.76 -38.94
CA LYS H 282 13.80 -2.52 -39.14
C LYS H 282 14.70 -1.51 -39.83
N MET H 283 14.09 -0.66 -40.64
CA MET H 283 14.85 0.35 -41.39
C MET H 283 14.51 1.75 -40.88
N TYR H 284 15.54 2.56 -40.64
CA TYR H 284 15.32 3.92 -40.15
C TYR H 284 16.25 4.90 -40.85
N PRO H 285 15.77 6.11 -41.13
CA PRO H 285 16.59 7.12 -41.80
C PRO H 285 17.61 7.66 -40.79
N PHE H 286 18.83 7.96 -41.25
CA PHE H 286 19.87 8.45 -40.37
C PHE H 286 19.77 9.96 -40.11
N ILE H 287 18.76 10.35 -39.33
CA ILE H 287 18.52 11.75 -39.00
C ILE H 287 18.70 11.95 -37.50
N LYS H 288 19.40 13.01 -37.10
CA LYS H 288 19.60 13.26 -35.67
C LYS H 288 18.33 13.60 -34.93
N GLY H 289 18.30 13.26 -33.66
CA GLY H 289 17.14 13.54 -32.83
C GLY H 289 16.83 15.02 -32.79
N THR H 290 17.86 15.84 -32.60
CA THR H 290 17.69 17.28 -32.53
C THR H 290 17.05 17.81 -33.80
N ALA H 291 17.30 17.13 -34.91
CA ALA H 291 16.75 17.54 -36.19
C ALA H 291 15.27 17.20 -36.23
N LYS H 292 14.94 16.03 -35.73
CA LYS H 292 13.57 15.56 -35.72
C LYS H 292 12.67 16.48 -34.89
N LEU H 293 13.19 16.92 -33.75
CA LEU H 293 12.45 17.77 -32.85
C LEU H 293 12.02 19.08 -33.47
N LYS H 294 12.86 19.63 -34.34
CA LYS H 294 12.56 20.89 -34.99
C LYS H 294 11.26 20.91 -35.79
N THR H 295 10.72 19.74 -36.09
CA THR H 295 9.49 19.67 -36.86
C THR H 295 8.32 20.24 -36.07
N VAL H 296 8.46 20.36 -34.75
CA VAL H 296 7.38 20.90 -33.91
C VAL H 296 7.69 22.29 -33.38
N ARG H 297 8.76 22.89 -33.87
CA ARG H 297 9.18 24.22 -33.45
C ARG H 297 8.08 25.25 -33.71
N LYS H 298 7.47 25.19 -34.89
CA LYS H 298 6.40 26.11 -35.25
C LYS H 298 5.16 25.82 -34.42
N LEU H 299 4.95 24.55 -34.07
CA LEU H 299 3.78 24.14 -33.28
C LEU H 299 3.84 24.71 -31.86
N VAL H 300 5.05 24.80 -31.33
CA VAL H 300 5.23 25.33 -29.99
C VAL H 300 4.65 26.74 -29.90
N ASP H 301 5.09 27.62 -30.79
CA ASP H 301 4.61 29.00 -30.81
C ASP H 301 3.11 29.02 -31.04
N SER H 302 2.65 28.16 -31.94
CA SER H 302 1.24 28.05 -32.28
C SER H 302 0.42 27.74 -31.04
N VAL H 303 0.89 26.78 -30.25
CA VAL H 303 0.20 26.38 -29.03
C VAL H 303 0.26 27.48 -27.98
N ASN H 304 1.44 28.05 -27.78
CA ASN H 304 1.61 29.12 -26.80
C ASN H 304 0.66 30.27 -27.08
N HIS H 305 0.41 30.53 -28.35
CA HIS H 305 -0.48 31.60 -28.74
C HIS H 305 -1.95 31.26 -28.51
N ALA H 306 -2.32 30.02 -28.81
CA ALA H 306 -3.71 29.57 -28.71
C ALA H 306 -4.25 29.07 -27.37
N TRP H 307 -3.38 28.54 -26.51
CA TRP H 307 -3.81 28.00 -25.23
C TRP H 307 -3.51 28.82 -23.99
N GLY H 308 -4.30 28.58 -22.94
CA GLY H 308 -4.13 29.28 -21.68
C GLY H 308 -2.85 28.85 -20.98
N VAL H 309 -2.26 29.78 -20.24
CA VAL H 309 -1.02 29.53 -19.52
C VAL H 309 -1.07 28.27 -18.66
N GLU H 310 -2.04 28.20 -17.76
CA GLU H 310 -2.13 27.05 -16.88
C GLU H 310 -2.39 25.76 -17.63
N LYS H 311 -3.19 25.83 -18.69
CA LYS H 311 -3.47 24.63 -19.44
C LYS H 311 -2.19 24.07 -20.06
N ILE H 312 -1.33 24.96 -20.55
CA ILE H 312 -0.08 24.52 -21.15
C ILE H 312 0.85 23.98 -20.08
N ARG H 313 0.90 24.66 -18.95
CA ARG H 313 1.77 24.27 -17.85
C ARG H 313 1.43 22.90 -17.31
N TYR H 314 0.15 22.71 -17.03
CA TYR H 314 -0.34 21.46 -16.47
C TYR H 314 -0.26 20.24 -17.43
N ALA H 315 -0.22 20.48 -18.73
CA ALA H 315 -0.14 19.37 -19.67
C ALA H 315 1.30 19.09 -20.10
N LEU H 316 2.02 20.13 -20.52
CA LEU H 316 3.40 19.96 -20.99
C LEU H 316 4.45 19.92 -19.89
N GLY H 317 4.04 20.30 -18.68
CA GLY H 317 4.97 20.26 -17.56
C GLY H 317 5.69 21.55 -17.24
N PRO H 318 6.83 21.46 -16.55
CA PRO H 318 7.65 22.60 -16.16
C PRO H 318 8.14 23.38 -17.35
N GLY H 319 7.95 24.69 -17.29
CA GLY H 319 8.37 25.56 -18.37
C GLY H 319 7.40 25.57 -19.52
N GLY H 320 6.21 25.01 -19.30
CA GLY H 320 5.19 24.97 -20.34
C GLY H 320 5.66 24.22 -21.58
N MET H 321 5.13 24.56 -22.75
CA MET H 321 5.56 23.88 -23.96
C MET H 321 6.92 24.35 -24.47
N THR H 322 7.29 25.60 -24.17
CA THR H 322 8.59 26.09 -24.58
C THR H 322 9.64 25.35 -23.75
N GLY H 323 9.34 25.18 -22.46
CA GLY H 323 10.24 24.48 -21.57
C GLY H 323 10.37 23.04 -21.98
N TRP H 324 9.25 22.43 -22.37
CA TRP H 324 9.26 21.06 -22.82
C TRP H 324 10.19 20.94 -24.02
N TYR H 325 10.03 21.83 -24.99
CA TYR H 325 10.85 21.83 -26.20
C TYR H 325 12.33 21.90 -25.88
N ASN H 326 12.69 22.78 -24.95
CA ASN H 326 14.09 22.94 -24.56
C ASN H 326 14.63 21.70 -23.89
N ARG H 327 13.90 21.21 -22.89
CA ARG H 327 14.32 20.02 -22.16
C ARG H 327 14.45 18.83 -23.11
N THR H 328 13.57 18.76 -24.09
CA THR H 328 13.61 17.66 -25.04
C THR H 328 14.80 17.77 -25.97
N MET H 329 15.16 18.99 -26.33
CA MET H 329 16.29 19.23 -27.21
C MET H 329 17.57 18.69 -26.58
N GLN H 330 17.68 18.82 -25.26
CA GLN H 330 18.84 18.35 -24.54
C GLN H 330 18.85 16.84 -24.43
N GLN H 331 17.67 16.23 -24.55
CA GLN H 331 17.52 14.78 -24.45
C GLN H 331 17.43 14.09 -25.81
N ALA H 332 17.30 14.87 -26.87
CA ALA H 332 17.18 14.32 -28.21
C ALA H 332 17.99 13.04 -28.50
N PRO H 333 19.27 13.00 -28.12
CA PRO H 333 20.13 11.83 -28.35
C PRO H 333 19.58 10.55 -27.75
N ILE H 334 18.71 10.71 -26.76
CA ILE H 334 18.13 9.59 -26.05
C ILE H 334 16.67 9.32 -26.39
N VAL H 335 15.82 10.31 -26.20
CA VAL H 335 14.39 10.16 -26.43
C VAL H 335 13.91 10.22 -27.86
N LEU H 336 14.73 10.72 -28.77
CA LEU H 336 14.34 10.80 -30.18
C LEU H 336 15.28 10.07 -31.11
N THR H 337 15.96 9.06 -30.60
CA THR H 337 16.90 8.31 -31.41
C THR H 337 16.67 6.80 -31.38
N PRO H 338 16.21 6.22 -32.50
CA PRO H 338 15.97 4.78 -32.54
C PRO H 338 17.25 4.06 -32.12
N ALA H 339 17.12 2.98 -31.36
CA ALA H 339 18.29 2.23 -30.88
C ALA H 339 19.25 1.79 -31.98
N ALA H 340 18.70 1.41 -33.12
CA ALA H 340 19.51 0.95 -34.23
C ALA H 340 20.57 1.95 -34.68
N LEU H 341 20.29 3.25 -34.55
CA LEU H 341 21.23 4.29 -34.98
C LEU H 341 22.53 4.38 -34.17
N THR H 342 22.54 3.79 -32.98
CA THR H 342 23.72 3.82 -32.14
C THR H 342 24.18 2.39 -31.86
N MET H 343 24.01 1.52 -32.85
CA MET H 343 24.36 0.12 -32.71
C MET H 343 25.30 -0.37 -33.80
N PHE H 344 26.31 0.43 -34.14
CA PHE H 344 27.26 0.02 -35.17
C PHE H 344 28.49 -0.56 -34.53
N SER H 345 29.17 -1.46 -35.24
CA SER H 345 30.38 -2.07 -34.71
C SER H 345 31.41 -0.98 -34.44
N ASP H 346 32.05 -1.06 -33.27
CA ASP H 346 33.07 -0.09 -32.88
C ASP H 346 34.33 -0.39 -33.71
N THR H 347 34.61 -1.68 -33.86
CA THR H 347 35.77 -2.14 -34.61
C THR H 347 35.48 -2.17 -36.13
N THR H 348 36.28 -1.42 -36.89
CA THR H 348 36.11 -1.38 -38.34
C THR H 348 37.46 -1.41 -39.06
N LYS H 349 37.71 -2.53 -39.74
CA LYS H 349 38.95 -2.71 -40.49
C LYS H 349 38.96 -1.92 -41.80
N PHE H 350 38.07 -2.29 -42.73
CA PHE H 350 38.00 -1.60 -44.02
C PHE H 350 37.54 -0.13 -43.93
N GLY H 351 36.40 0.11 -43.29
CA GLY H 351 35.91 1.47 -43.15
C GLY H 351 35.18 2.06 -44.35
N ASP H 352 34.91 3.37 -44.27
CA ASP H 352 34.20 4.07 -45.34
C ASP H 352 35.04 5.15 -46.02
N LEU H 353 36.30 5.28 -45.62
CA LEU H 353 37.08 6.38 -46.18
C LEU H 353 38.08 6.11 -47.29
N ASP H 354 38.27 4.86 -47.68
CA ASP H 354 39.24 4.56 -48.74
C ASP H 354 38.82 4.97 -50.14
N TYR H 355 37.70 4.45 -50.63
CA TYR H 355 37.28 4.79 -51.97
C TYR H 355 36.19 5.85 -51.99
N PRO H 356 36.09 6.59 -53.10
CA PRO H 356 35.12 7.67 -53.30
C PRO H 356 33.68 7.23 -53.54
N VAL H 357 32.75 8.15 -53.25
CA VAL H 357 31.34 7.90 -53.46
C VAL H 357 30.90 8.75 -54.65
N MET H 358 30.11 8.17 -55.53
CA MET H 358 29.63 8.88 -56.71
C MET H 358 28.21 8.49 -57.10
N ILE H 359 27.55 9.32 -57.90
CA ILE H 359 26.21 8.98 -58.33
C ILE H 359 26.38 7.86 -59.35
N GLY H 360 26.06 6.63 -58.96
CA GLY H 360 26.21 5.52 -59.88
C GLY H 360 25.31 4.31 -59.64
N ASP H 361 25.67 3.21 -60.31
CA ASP H 361 24.91 1.97 -60.20
C ASP H 361 25.20 1.16 -58.95
N PRO H 362 24.13 0.75 -58.26
CA PRO H 362 24.34 -0.05 -57.05
C PRO H 362 24.84 -1.41 -57.57
N MET H 363 25.71 -2.07 -56.83
CA MET H 363 26.20 -3.37 -57.29
C MET H 363 26.92 -4.24 -56.27
N ILE H 364 26.92 -5.53 -56.53
CA ILE H 364 27.55 -6.52 -55.67
C ILE H 364 28.64 -7.21 -56.48
N LEU H 365 29.84 -7.28 -55.93
CA LEU H 365 30.96 -7.92 -56.62
C LEU H 365 31.91 -8.68 -55.68
N GLY H 366 32.91 -9.37 -56.23
CA GLY H 366 33.81 -10.13 -55.40
C GLY H 366 35.23 -9.58 -55.25
N MET I 2 18.06 20.14 24.59
CA MET I 2 17.91 19.39 23.33
C MET I 2 18.18 17.96 23.69
N GLU I 3 17.11 17.26 24.04
CA GLU I 3 17.19 15.86 24.41
C GLU I 3 17.86 15.07 23.28
N VAL I 4 18.58 14.04 23.67
CA VAL I 4 19.27 13.18 22.73
C VAL I 4 19.02 11.74 23.08
N CYS I 5 19.10 10.86 22.10
CA CYS I 5 18.86 9.44 22.30
C CYS I 5 20.11 8.66 21.99
N LEU I 6 20.14 7.43 22.46
CA LEU I 6 21.26 6.54 22.23
C LEU I 6 21.20 6.00 20.80
N PRO I 7 22.33 5.54 20.27
CA PRO I 7 22.33 4.99 18.91
C PRO I 7 21.72 3.60 18.94
N ASN I 8 21.36 3.07 17.77
CA ASN I 8 20.78 1.74 17.71
C ASN I 8 21.88 0.71 17.59
N GLY I 9 21.57 -0.52 17.99
CA GLY I 9 22.54 -1.59 17.95
C GLY I 9 23.41 -1.66 16.72
N HIS I 10 22.79 -1.76 15.55
CA HIS I 10 23.53 -1.86 14.31
C HIS I 10 24.52 -0.73 14.05
N GLN I 11 24.32 0.42 14.70
CA GLN I 11 25.22 1.56 14.52
C GLN I 11 26.49 1.40 15.33
N ILE I 12 26.40 0.68 16.45
CA ILE I 12 27.57 0.41 17.29
C ILE I 12 28.37 -0.70 16.65
N VAL I 13 27.67 -1.61 15.97
CA VAL I 13 28.33 -2.71 15.29
C VAL I 13 29.15 -2.09 14.19
N ASP I 14 28.60 -1.07 13.56
CA ASP I 14 29.27 -0.39 12.47
C ASP I 14 30.51 0.37 12.97
N LEU I 15 30.41 0.98 14.14
CA LEU I 15 31.52 1.71 14.73
C LEU I 15 32.68 0.74 14.86
N ILE I 16 32.40 -0.42 15.43
CA ILE I 16 33.41 -1.44 15.65
C ILE I 16 34.05 -1.90 14.35
N ASN I 17 33.22 -2.19 13.35
CA ASN I 17 33.74 -2.65 12.08
C ASN I 17 34.68 -1.63 11.45
N ASN I 18 34.35 -0.35 11.59
CA ASN I 18 35.19 0.71 11.05
C ASN I 18 36.48 0.80 11.81
N ALA I 19 36.38 0.77 13.14
CA ALA I 19 37.55 0.84 14.00
C ALA I 19 38.61 -0.15 13.53
N PHE I 20 38.19 -1.36 13.16
CA PHE I 20 39.16 -2.35 12.72
C PHE I 20 39.51 -2.27 11.25
N GLU I 21 39.49 -1.04 10.76
CA GLU I 21 39.84 -0.72 9.38
C GLU I 21 40.48 0.65 9.53
N GLY I 22 40.51 1.11 10.78
CA GLY I 22 41.09 2.40 11.13
C GLY I 22 40.41 3.56 10.44
N ARG I 23 39.10 3.47 10.25
CA ARG I 23 38.40 4.53 9.57
C ARG I 23 37.25 5.17 10.32
N VAL I 24 37.30 5.14 11.64
CA VAL I 24 36.23 5.76 12.42
C VAL I 24 36.41 7.26 12.26
N SER I 25 35.33 7.97 11.98
CA SER I 25 35.42 9.41 11.83
C SER I 25 35.32 10.04 13.21
N ILE I 26 36.44 10.61 13.66
CA ILE I 26 36.52 11.24 14.98
C ILE I 26 36.64 12.75 14.91
N TYR I 27 35.99 13.41 15.86
CA TYR I 27 36.04 14.86 15.94
C TYR I 27 36.48 15.26 17.34
N SER I 28 37.50 16.11 17.42
CA SER I 28 37.98 16.61 18.70
C SER I 28 37.97 18.12 18.56
N ALA I 29 37.72 18.84 19.65
CA ALA I 29 37.67 20.29 19.59
C ALA I 29 39.02 20.85 19.15
N GLN I 30 40.07 20.12 19.49
CA GLN I 30 41.42 20.54 19.16
C GLN I 30 41.71 20.44 17.66
N GLU I 31 41.59 19.23 17.11
CA GLU I 31 41.89 18.96 15.71
C GLU I 31 40.72 18.89 14.71
N GLY I 32 39.48 19.07 15.17
CA GLY I 32 38.36 19.00 14.25
C GLY I 32 38.14 17.56 13.79
N TRP I 33 37.76 17.38 12.53
CA TRP I 33 37.52 16.02 12.04
C TRP I 33 38.79 15.29 11.58
N ASP I 34 39.93 15.96 11.66
CA ASP I 34 41.19 15.33 11.26
C ASP I 34 41.80 14.63 12.46
N LYS I 35 42.00 13.32 12.35
CA LYS I 35 42.56 12.58 13.47
C LYS I 35 44.05 12.28 13.32
N THR I 36 44.73 13.01 12.43
CA THR I 36 46.16 12.82 12.23
C THR I 36 46.88 12.97 13.57
N ILE I 37 46.45 13.97 14.32
CA ILE I 37 46.99 14.24 15.65
C ILE I 37 45.98 13.81 16.69
N SER I 38 46.40 12.91 17.57
CA SER I 38 45.54 12.41 18.62
C SER I 38 45.05 13.50 19.57
N ALA I 39 43.83 13.32 20.04
CA ALA I 39 43.17 14.23 20.96
C ALA I 39 41.96 13.46 21.48
N GLN I 40 41.41 13.85 22.62
CA GLN I 40 40.28 13.10 23.12
C GLN I 40 39.07 13.29 22.24
N PRO I 41 38.41 12.18 21.86
CA PRO I 41 37.23 12.27 21.01
C PRO I 41 36.08 13.04 21.67
N ASP I 42 35.40 13.86 20.87
CA ASP I 42 34.26 14.62 21.35
C ASP I 42 33.04 14.03 20.67
N MET I 43 33.23 13.56 19.44
CA MET I 43 32.17 12.94 18.65
C MET I 43 32.78 11.85 17.77
N MET I 44 31.96 10.86 17.45
CA MET I 44 32.38 9.77 16.57
C MET I 44 31.18 9.45 15.71
N VAL I 45 31.44 9.02 14.47
CA VAL I 45 30.36 8.65 13.59
C VAL I 45 30.08 7.15 13.71
N CYS I 46 28.86 6.81 14.11
CA CYS I 46 28.46 5.42 14.27
C CYS I 46 27.37 5.10 13.27
N GLY I 47 27.74 4.42 12.20
CA GLY I 47 26.76 4.06 11.20
C GLY I 47 25.83 5.20 10.84
N GLY I 48 26.40 6.30 10.34
CA GLY I 48 25.58 7.41 9.92
C GLY I 48 25.26 8.46 10.96
N ALA I 49 25.08 8.04 12.21
CA ALA I 49 24.77 8.98 13.28
C ALA I 49 26.05 9.61 13.86
N VAL I 50 25.93 10.85 14.33
CA VAL I 50 27.06 11.53 14.93
C VAL I 50 26.82 11.47 16.43
N VAL I 51 27.63 10.66 17.10
CA VAL I 51 27.49 10.46 18.54
C VAL I 51 28.43 11.28 19.43
N CYS I 52 27.87 11.81 20.53
CA CYS I 52 28.64 12.58 21.48
C CYS I 52 29.37 11.59 22.36
N MET I 53 30.68 11.75 22.51
CA MET I 53 31.44 10.82 23.33
C MET I 53 31.44 11.15 24.82
N HIS I 54 30.53 12.03 25.23
CA HIS I 54 30.42 12.41 26.63
C HIS I 54 29.15 11.82 27.26
N CYS I 55 28.20 11.42 26.43
CA CYS I 55 26.95 10.81 26.92
C CYS I 55 26.50 9.68 25.99
N LEU I 56 27.16 9.57 24.84
CA LEU I 56 26.86 8.58 23.82
C LEU I 56 25.48 8.82 23.24
N GLY I 57 25.13 10.09 23.09
CA GLY I 57 23.84 10.47 22.53
C GLY I 57 24.01 10.92 21.09
N VAL I 58 22.97 10.74 20.27
CA VAL I 58 23.03 11.13 18.88
C VAL I 58 22.74 12.62 18.76
N VAL I 59 23.75 13.37 18.35
CA VAL I 59 23.62 14.83 18.22
C VAL I 59 23.64 15.33 16.77
N GLY I 60 23.57 14.40 15.82
CA GLY I 60 23.57 14.79 14.43
C GLY I 60 23.68 13.59 13.51
N SER I 61 23.97 13.85 12.24
CA SER I 61 24.11 12.80 11.26
C SER I 61 25.08 13.27 10.19
N LEU I 62 25.35 12.40 9.23
CA LEU I 62 26.25 12.76 8.15
C LEU I 62 25.63 13.77 7.20
N GLN I 63 24.31 13.91 7.22
CA GLN I 63 23.65 14.84 6.32
C GLN I 63 24.00 16.30 6.54
N ARG I 64 23.91 16.77 7.78
CA ARG I 64 24.25 18.16 8.08
C ARG I 64 25.67 18.20 8.64
N LYS I 65 26.46 19.13 8.10
CA LYS I 65 27.86 19.29 8.51
C LYS I 65 27.94 19.88 9.91
N LEU I 66 28.93 19.44 10.66
CA LEU I 66 29.11 19.95 12.01
C LEU I 66 30.52 20.48 12.16
N LYS I 67 30.64 21.66 12.77
CA LYS I 67 31.94 22.28 12.98
C LYS I 67 32.33 22.25 14.46
N HIS I 68 31.35 21.96 15.31
CA HIS I 68 31.56 21.89 16.76
C HIS I 68 30.64 20.83 17.31
N LEU I 69 30.81 20.53 18.59
CA LEU I 69 29.94 19.56 19.24
C LEU I 69 28.66 20.32 19.53
N PRO I 70 27.53 19.87 18.96
CA PRO I 70 26.23 20.51 19.15
C PRO I 70 25.85 20.71 20.61
N HIS I 71 25.17 21.81 20.89
CA HIS I 71 24.72 22.12 22.23
C HIS I 71 23.57 21.17 22.55
N HIS I 72 23.74 20.35 23.57
CA HIS I 72 22.70 19.40 23.94
C HIS I 72 22.69 19.13 25.42
N ARG I 73 21.59 18.55 25.89
CA ARG I 73 21.45 18.19 27.29
C ARG I 73 22.27 16.91 27.43
N CYS I 74 23.54 17.07 27.79
CA CYS I 74 24.49 15.97 27.90
C CYS I 74 24.63 15.43 29.33
N ASN I 75 24.40 14.14 29.56
CA ASN I 75 24.53 13.60 30.90
C ASN I 75 25.98 13.57 31.36
N GLN I 76 26.90 13.75 30.41
CA GLN I 76 28.31 13.78 30.72
C GLN I 76 28.87 12.66 31.58
N GLN I 77 28.29 11.47 31.51
CA GLN I 77 28.80 10.38 32.32
C GLN I 77 29.62 9.36 31.55
N ILE I 78 29.86 9.59 30.26
CA ILE I 78 30.66 8.65 29.51
C ILE I 78 32.09 9.12 29.57
N ARG I 79 32.91 8.35 30.27
CA ARG I 79 34.32 8.70 30.44
C ARG I 79 35.18 8.16 29.31
N HIS I 80 36.30 8.83 29.08
CA HIS I 80 37.24 8.43 28.03
C HIS I 80 37.63 6.97 28.19
N GLN I 81 37.87 6.56 29.42
CA GLN I 81 38.24 5.19 29.71
C GLN I 81 37.17 4.20 29.27
N ASP I 82 35.94 4.68 29.17
CA ASP I 82 34.80 3.83 28.77
C ASP I 82 34.70 3.50 27.28
N TYR I 83 35.47 4.19 26.44
CA TYR I 83 35.43 3.94 25.01
C TYR I 83 36.80 4.01 24.38
N VAL I 84 37.83 4.14 25.19
CA VAL I 84 39.17 4.24 24.65
C VAL I 84 39.60 2.99 23.91
N ASP I 85 39.01 1.85 24.27
CA ASP I 85 39.35 0.57 23.65
C ASP I 85 39.03 0.60 22.17
N VAL I 86 37.98 1.36 21.82
CA VAL I 86 37.58 1.52 20.44
C VAL I 86 38.57 2.49 19.79
N GLN I 87 38.81 3.60 20.46
CA GLN I 87 39.74 4.60 19.96
C GLN I 87 41.11 3.98 19.72
N PHE I 88 41.53 3.12 20.64
CA PHE I 88 42.81 2.44 20.55
C PHE I 88 42.81 1.56 19.32
N ALA I 89 41.78 0.72 19.22
CA ALA I 89 41.65 -0.19 18.10
C ALA I 89 41.76 0.55 16.77
N ASP I 90 40.98 1.63 16.63
CA ASP I 90 40.97 2.42 15.41
C ASP I 90 42.30 3.06 15.08
N ARG I 91 42.91 3.72 16.05
CA ARG I 91 44.18 4.39 15.81
C ARG I 91 45.30 3.39 15.49
N VAL I 92 45.36 2.28 16.22
CA VAL I 92 46.38 1.28 15.98
C VAL I 92 46.24 0.63 14.61
N THR I 93 45.01 0.39 14.19
CA THR I 93 44.79 -0.21 12.88
C THR I 93 45.25 0.79 11.84
N ALA I 94 44.97 2.07 12.09
CA ALA I 94 45.38 3.14 11.19
C ALA I 94 46.90 3.14 11.05
N HIS I 95 47.59 3.02 12.18
CA HIS I 95 49.05 2.99 12.16
C HIS I 95 49.52 1.75 11.42
N TRP I 96 48.80 0.66 11.65
CA TRP I 96 49.10 -0.63 11.05
C TRP I 96 48.99 -0.63 9.52
N LYS I 97 47.91 -0.07 8.99
CA LYS I 97 47.72 -0.02 7.54
C LYS I 97 48.81 0.76 6.85
N ARG I 98 49.17 1.91 7.41
CA ARG I 98 50.21 2.75 6.85
C ARG I 98 51.54 2.01 6.89
N GLY I 99 51.74 1.24 7.96
CA GLY I 99 52.97 0.49 8.09
C GLY I 99 53.01 -0.60 7.06
N MET I 100 51.90 -1.30 6.90
CA MET I 100 51.82 -2.38 5.91
C MET I 100 52.03 -1.83 4.51
N LEU I 101 51.53 -0.62 4.25
CA LEU I 101 51.68 -0.04 2.93
C LEU I 101 53.14 0.21 2.60
N SER I 102 53.87 0.82 3.54
CA SER I 102 55.28 1.11 3.30
C SER I 102 56.04 -0.17 2.98
N PHE I 103 55.61 -1.27 3.59
CA PHE I 103 56.25 -2.56 3.36
C PHE I 103 55.96 -3.07 1.96
N VAL I 104 54.71 -2.93 1.54
CA VAL I 104 54.32 -3.38 0.21
C VAL I 104 55.08 -2.58 -0.85
N CYS I 105 55.07 -1.26 -0.70
CA CYS I 105 55.77 -0.40 -1.64
C CYS I 105 57.22 -0.85 -1.76
N GLN I 106 57.86 -1.01 -0.60
CA GLN I 106 59.24 -1.45 -0.56
C GLN I 106 59.45 -2.72 -1.39
N MET I 107 58.63 -3.76 -1.19
CA MET I 107 58.80 -4.98 -1.99
C MET I 107 58.56 -4.67 -3.46
N HIS I 108 57.52 -3.89 -3.73
CA HIS I 108 57.19 -3.51 -5.09
C HIS I 108 58.37 -2.87 -5.83
N ALA I 109 58.85 -1.74 -5.32
CA ALA I 109 59.99 -1.05 -5.92
C ALA I 109 61.15 -2.01 -6.22
N MET I 110 61.56 -2.78 -5.22
CA MET I 110 62.66 -3.73 -5.41
C MET I 110 62.35 -4.70 -6.54
N MET I 111 61.22 -5.39 -6.43
CA MET I 111 60.77 -6.36 -7.43
C MET I 111 60.73 -5.68 -8.81
N ASN I 112 60.37 -4.41 -8.81
CA ASN I 112 60.26 -3.63 -10.03
C ASN I 112 61.61 -3.03 -10.47
N ASP I 113 62.70 -3.63 -10.02
CA ASP I 113 64.03 -3.15 -10.37
C ASP I 113 64.92 -4.29 -10.79
N VAL I 114 64.51 -5.52 -10.47
CA VAL I 114 65.27 -6.71 -10.85
C VAL I 114 65.65 -6.60 -12.32
N SER I 115 66.94 -6.72 -12.63
CA SER I 115 67.37 -6.65 -14.03
C SER I 115 66.81 -7.87 -14.75
N PRO I 116 66.40 -7.69 -16.02
CA PRO I 116 65.84 -8.77 -16.84
C PRO I 116 66.68 -10.05 -16.79
N GLU I 117 68.00 -9.88 -16.66
CA GLU I 117 68.94 -11.00 -16.58
C GLU I 117 68.69 -11.74 -15.28
N ASP I 118 68.83 -11.02 -14.17
CA ASP I 118 68.62 -11.60 -12.85
C ASP I 118 67.27 -12.33 -12.80
N LEU I 119 66.21 -11.66 -13.25
CA LEU I 119 64.88 -12.26 -13.25
C LEU I 119 64.93 -13.61 -13.97
N ASP I 120 65.29 -13.57 -15.26
CA ASP I 120 65.38 -14.76 -16.10
C ASP I 120 66.22 -15.91 -15.49
N ARG I 121 67.30 -15.58 -14.79
CA ARG I 121 68.14 -16.60 -14.16
C ARG I 121 67.33 -17.37 -13.10
N VAL I 122 66.66 -16.62 -12.24
CA VAL I 122 65.84 -17.19 -11.17
C VAL I 122 64.67 -17.98 -11.78
N ARG I 123 64.16 -17.50 -12.91
CA ARG I 123 63.05 -18.17 -13.60
C ARG I 123 63.51 -19.57 -13.98
N THR I 124 64.78 -19.66 -14.37
CA THR I 124 65.38 -20.91 -14.82
C THR I 124 66.00 -21.84 -13.77
N GLU I 125 66.77 -21.27 -12.84
CA GLU I 125 67.41 -22.11 -11.81
C GLU I 125 66.81 -21.93 -10.41
N GLY I 126 66.27 -20.73 -10.15
CA GLY I 126 65.69 -20.43 -8.85
C GLY I 126 66.60 -19.49 -8.08
N GLY I 127 66.51 -19.51 -6.75
CA GLY I 127 67.34 -18.66 -5.92
C GLY I 127 66.88 -17.22 -5.73
N SER I 128 67.34 -16.59 -4.65
CA SER I 128 66.99 -15.22 -4.29
C SER I 128 66.94 -14.23 -5.45
N LEU I 129 65.97 -13.32 -5.36
CA LEU I 129 65.76 -12.31 -6.39
C LEU I 129 65.60 -10.90 -5.78
N VAL I 130 65.01 -10.85 -4.58
CA VAL I 130 64.80 -9.59 -3.87
C VAL I 130 64.75 -9.86 -2.36
N GLU I 131 65.45 -9.02 -1.59
CA GLU I 131 65.45 -9.18 -0.13
C GLU I 131 65.44 -7.82 0.55
N LEU I 132 64.55 -7.68 1.54
CA LEU I 132 64.40 -6.44 2.30
C LEU I 132 64.83 -6.62 3.74
N ASN I 133 65.69 -5.72 4.22
CA ASN I 133 66.17 -5.81 5.60
C ASN I 133 65.02 -5.37 6.50
N TRP I 134 64.42 -6.34 7.20
CA TRP I 134 63.28 -6.07 8.06
C TRP I 134 63.48 -4.94 9.04
N LEU I 135 64.74 -4.58 9.29
CA LEU I 135 65.04 -3.49 10.22
C LEU I 135 64.58 -2.20 9.54
N GLN I 136 64.39 -2.26 8.23
CA GLN I 136 63.96 -1.08 7.48
C GLN I 136 62.44 -1.01 7.28
N VAL I 137 61.74 -2.06 7.68
CA VAL I 137 60.29 -2.08 7.53
C VAL I 137 59.64 -1.25 8.63
N ASP I 138 59.17 -0.06 8.25
CA ASP I 138 58.53 0.88 9.17
C ASP I 138 59.25 0.94 10.53
N PRO I 139 60.53 1.34 10.52
CA PRO I 139 61.41 1.46 11.69
C PRO I 139 60.91 2.26 12.87
N ASN I 140 60.16 3.32 12.60
CA ASN I 140 59.71 4.18 13.69
C ASN I 140 58.25 4.10 14.09
N SER I 141 57.64 2.95 13.87
CA SER I 141 56.24 2.77 14.22
C SER I 141 56.15 2.22 15.62
N MET I 142 54.95 2.28 16.18
CA MET I 142 54.72 1.75 17.52
C MET I 142 54.96 0.25 17.52
N PHE I 143 55.09 -0.33 16.33
CA PHE I 143 55.31 -1.76 16.18
C PHE I 143 56.76 -2.15 16.11
N ARG I 144 57.65 -1.17 15.98
CA ARG I 144 59.06 -1.50 15.89
C ARG I 144 59.99 -0.69 16.78
N SER I 145 59.42 0.17 17.61
CA SER I 145 60.23 0.98 18.51
C SER I 145 59.59 1.29 19.85
N ILE I 146 60.36 1.08 20.93
CA ILE I 146 59.89 1.33 22.29
C ILE I 146 59.53 2.80 22.45
N HIS I 147 60.19 3.66 21.68
CA HIS I 147 59.95 5.09 21.77
C HIS I 147 58.59 5.53 21.20
N SER I 148 58.13 4.89 20.13
CA SER I 148 56.83 5.23 19.52
C SER I 148 55.66 4.74 20.38
N SER I 149 54.52 5.42 20.25
CA SER I 149 53.30 5.08 21.00
C SER I 149 52.11 5.07 20.03
N TRP I 150 50.97 4.56 20.47
CA TRP I 150 49.82 4.53 19.57
C TRP I 150 49.27 5.94 19.43
N THR I 151 49.47 6.76 20.45
CA THR I 151 48.97 8.13 20.44
C THR I 151 49.77 9.04 19.52
N ASP I 152 50.87 8.54 18.98
CA ASP I 152 51.66 9.34 18.08
C ASP I 152 50.88 9.73 16.84
N PRO I 153 51.34 10.76 16.13
CA PRO I 153 50.66 11.23 14.92
C PRO I 153 50.62 10.17 13.83
N LEU I 154 49.52 10.15 13.09
CA LEU I 154 49.38 9.21 12.00
C LEU I 154 50.15 9.73 10.78
N GLN I 155 51.03 8.91 10.24
CA GLN I 155 51.79 9.30 9.06
C GLN I 155 50.82 9.70 7.97
N VAL I 156 50.82 10.98 7.59
CA VAL I 156 49.92 11.46 6.55
C VAL I 156 50.18 10.72 5.22
N VAL I 157 49.19 9.96 4.77
CA VAL I 157 49.29 9.21 3.54
C VAL I 157 48.06 9.46 2.68
N ASP I 158 48.24 10.18 1.59
CA ASP I 158 47.12 10.47 0.71
C ASP I 158 46.79 9.25 -0.13
N ASP I 159 45.51 8.86 -0.12
CA ASP I 159 45.07 7.72 -0.91
C ASP I 159 45.69 6.40 -0.44
N LEU I 160 45.63 6.20 0.87
CA LEU I 160 46.15 4.99 1.49
C LEU I 160 45.56 3.75 0.84
N ASP I 161 44.23 3.65 0.83
CA ASP I 161 43.56 2.50 0.26
C ASP I 161 43.77 2.30 -1.25
N THR I 162 43.89 3.40 -1.98
CA THR I 162 44.12 3.29 -3.42
C THR I 162 45.51 2.74 -3.67
N LYS I 163 46.50 3.23 -2.93
CA LYS I 163 47.87 2.74 -3.08
C LYS I 163 47.92 1.28 -2.66
N LEU I 164 47.39 0.98 -1.48
CA LEU I 164 47.37 -0.40 -1.01
C LEU I 164 46.82 -1.31 -2.11
N ASP I 165 45.72 -0.91 -2.74
CA ASP I 165 45.15 -1.72 -3.81
C ASP I 165 46.11 -1.82 -4.98
N GLN I 166 46.55 -0.67 -5.47
CA GLN I 166 47.47 -0.63 -6.61
C GLN I 166 48.74 -1.45 -6.45
N TYR I 167 49.52 -1.14 -5.42
CA TYR I 167 50.79 -1.83 -5.21
C TYR I 167 50.65 -3.31 -4.93
N TRP I 168 49.72 -3.69 -4.06
CA TRP I 168 49.54 -5.11 -3.75
C TRP I 168 49.25 -5.86 -5.04
N THR I 169 48.48 -5.24 -5.92
CA THR I 169 48.14 -5.85 -7.20
C THR I 169 49.38 -5.98 -8.08
N ALA I 170 50.04 -4.86 -8.32
CA ALA I 170 51.26 -4.85 -9.14
C ALA I 170 52.21 -5.94 -8.64
N LEU I 171 52.54 -5.87 -7.35
CA LEU I 171 53.45 -6.84 -6.75
C LEU I 171 53.03 -8.28 -7.02
N ASN I 172 51.78 -8.61 -6.73
CA ASN I 172 51.31 -9.97 -6.95
C ASN I 172 51.25 -10.39 -8.41
N LEU I 173 50.98 -9.45 -9.31
CA LEU I 173 50.93 -9.80 -10.72
C LEU I 173 52.32 -10.22 -11.18
N MET I 174 53.33 -9.51 -10.71
CA MET I 174 54.72 -9.82 -11.03
C MET I 174 55.09 -11.18 -10.46
N ILE I 175 54.82 -11.37 -9.17
CA ILE I 175 55.11 -12.62 -8.49
C ILE I 175 54.46 -13.80 -9.18
N ASP I 176 53.30 -13.55 -9.78
CA ASP I 176 52.57 -14.61 -10.44
C ASP I 176 53.07 -14.94 -11.85
N SER I 177 53.32 -13.91 -12.65
CA SER I 177 53.78 -14.12 -14.02
C SER I 177 55.09 -14.90 -14.12
N SER I 178 55.98 -14.70 -13.15
CA SER I 178 57.28 -15.38 -13.14
C SER I 178 57.33 -16.59 -12.18
N ASP I 179 56.15 -17.08 -11.79
CA ASP I 179 56.06 -18.21 -10.88
C ASP I 179 56.96 -18.05 -9.66
N LEU I 180 57.20 -16.83 -9.21
CA LEU I 180 58.07 -16.59 -8.06
C LEU I 180 57.47 -17.04 -6.72
N VAL I 181 58.30 -17.05 -5.68
CA VAL I 181 57.90 -17.49 -4.35
C VAL I 181 58.20 -16.47 -3.25
N PRO I 182 57.15 -15.97 -2.56
CA PRO I 182 57.35 -15.00 -1.48
C PRO I 182 57.40 -15.78 -0.16
N ASN I 183 58.12 -15.25 0.82
CA ASN I 183 58.20 -15.93 2.10
C ASN I 183 57.34 -15.21 3.13
N PHE I 184 56.55 -14.25 2.64
CA PHE I 184 55.70 -13.45 3.51
C PHE I 184 54.21 -13.65 3.28
N MET I 185 53.81 -14.84 2.87
CA MET I 185 52.39 -15.10 2.64
C MET I 185 51.89 -16.36 3.30
N MET I 186 50.60 -16.36 3.65
CA MET I 186 49.99 -17.50 4.30
C MET I 186 48.69 -17.90 3.62
N ARG I 187 48.45 -19.21 3.55
CA ARG I 187 47.24 -19.77 2.94
C ARG I 187 46.08 -19.67 3.92
N ASP I 188 46.42 -19.66 5.21
CA ASP I 188 45.44 -19.56 6.28
C ASP I 188 46.09 -18.93 7.49
N PRO I 189 46.00 -17.59 7.63
CA PRO I 189 46.58 -16.81 8.72
C PRO I 189 46.34 -17.35 10.13
N SER I 190 45.30 -18.16 10.33
CA SER I 190 45.05 -18.70 11.64
C SER I 190 46.22 -19.62 12.05
N HIS I 191 46.95 -20.10 11.05
CA HIS I 191 48.10 -20.98 11.28
C HIS I 191 49.22 -20.20 11.95
N ALA I 192 49.20 -18.90 11.80
CA ALA I 192 50.22 -18.05 12.40
C ALA I 192 50.13 -18.12 13.93
N PHE I 193 48.91 -18.11 14.43
CA PHE I 193 48.68 -18.13 15.86
C PHE I 193 48.64 -19.55 16.40
N ASN I 194 48.38 -20.50 15.52
CA ASN I 194 48.25 -21.88 15.95
C ASN I 194 48.42 -22.85 14.79
N GLY I 195 49.67 -23.17 14.49
CA GLY I 195 49.97 -24.07 13.39
C GLY I 195 51.43 -24.05 13.02
N VAL I 196 51.83 -23.08 12.19
CA VAL I 196 53.22 -22.98 11.76
C VAL I 196 54.16 -23.20 12.93
N ARG I 197 55.32 -23.78 12.67
CA ARG I 197 56.26 -23.99 13.74
C ARG I 197 57.26 -22.82 13.67
N LEU I 198 57.61 -22.30 14.85
CA LEU I 198 58.52 -21.16 14.97
C LEU I 198 59.97 -21.56 15.25
N GLU I 199 60.90 -20.69 14.87
CA GLU I 199 62.34 -20.92 15.09
C GLU I 199 62.95 -19.63 15.58
N GLY I 200 64.18 -19.71 16.06
CA GLY I 200 64.84 -18.52 16.54
C GLY I 200 64.05 -17.82 17.64
N ASP I 201 64.24 -16.51 17.74
CA ASP I 201 63.55 -15.71 18.76
C ASP I 201 62.05 -15.76 18.56
N ALA I 202 61.65 -15.94 17.30
CA ALA I 202 60.24 -16.01 16.95
C ALA I 202 59.47 -17.00 17.83
N ARG I 203 60.16 -17.93 18.47
CA ARG I 203 59.50 -18.92 19.31
C ARG I 203 58.80 -18.34 20.52
N GLN I 204 59.35 -17.28 21.10
CA GLN I 204 58.73 -16.66 22.26
C GLN I 204 57.57 -15.72 21.94
N THR I 205 57.32 -15.49 20.65
CA THR I 205 56.25 -14.62 20.22
C THR I 205 54.94 -14.91 20.96
N GLN I 206 54.25 -13.86 21.39
CA GLN I 206 52.99 -13.99 22.10
C GLN I 206 51.90 -13.21 21.36
N PHE I 207 51.04 -13.94 20.66
CA PHE I 207 49.97 -13.33 19.89
C PHE I 207 48.71 -13.00 20.68
N SER I 208 48.38 -11.71 20.75
CA SER I 208 47.17 -11.28 21.44
C SER I 208 45.99 -11.60 20.51
N ARG I 209 46.32 -11.72 19.22
CA ARG I 209 45.34 -12.01 18.17
C ARG I 209 44.35 -10.85 17.98
N THR I 210 44.76 -9.67 18.43
CA THR I 210 43.93 -8.47 18.30
C THR I 210 44.80 -7.23 18.45
N PHE I 211 44.15 -6.08 18.53
CA PHE I 211 44.83 -4.81 18.71
C PHE I 211 44.27 -4.18 19.96
N ASP I 212 44.84 -4.52 21.12
CA ASP I 212 44.38 -3.91 22.36
C ASP I 212 45.56 -3.56 23.25
N SER I 213 45.31 -2.62 24.17
CA SER I 213 46.32 -2.14 25.08
C SER I 213 46.57 -3.07 26.25
N ARG I 214 46.77 -4.36 25.97
CA ARG I 214 46.99 -5.29 27.05
C ARG I 214 48.11 -6.26 26.74
N SER I 215 48.74 -6.08 25.59
CA SER I 215 49.84 -6.93 25.17
C SER I 215 50.72 -6.16 24.19
N SER I 216 52.01 -6.09 24.46
CA SER I 216 52.93 -5.38 23.58
C SER I 216 52.68 -5.70 22.11
N LEU I 217 52.63 -4.65 21.29
CA LEU I 217 52.43 -4.79 19.86
C LEU I 217 53.74 -4.50 19.14
N GLU I 218 54.79 -4.25 19.92
CA GLU I 218 56.13 -3.98 19.39
C GLU I 218 56.79 -5.34 19.26
N TRP I 219 57.26 -5.67 18.07
CA TRP I 219 57.88 -6.97 17.85
C TRP I 219 58.64 -6.93 16.54
N GLY I 220 59.17 -8.07 16.11
CA GLY I 220 59.92 -8.08 14.86
C GLY I 220 59.08 -8.46 13.67
N VAL I 221 59.68 -8.43 12.49
CA VAL I 221 58.97 -8.81 11.27
C VAL I 221 59.11 -10.31 11.08
N MET I 222 58.02 -11.04 11.15
CA MET I 222 58.07 -12.49 11.02
C MET I 222 57.78 -12.96 9.60
N VAL I 223 58.59 -13.88 9.10
CA VAL I 223 58.42 -14.41 7.76
C VAL I 223 58.84 -15.89 7.72
N TYR I 224 58.64 -16.55 6.58
CA TYR I 224 59.00 -17.94 6.46
C TYR I 224 60.49 -18.11 6.18
N ASP I 225 61.06 -19.19 6.70
CA ASP I 225 62.47 -19.50 6.49
C ASP I 225 62.55 -20.69 5.53
N TYR I 226 62.44 -20.37 4.24
CA TYR I 226 62.46 -21.37 3.18
C TYR I 226 63.89 -21.87 2.87
N SER I 227 64.85 -21.49 3.72
CA SER I 227 66.25 -21.88 3.55
C SER I 227 66.43 -23.39 3.29
N GLU I 228 65.89 -24.23 4.17
CA GLU I 228 66.00 -25.68 4.01
C GLU I 228 65.34 -26.22 2.74
N LEU I 229 64.45 -25.41 2.15
CA LEU I 229 63.76 -25.80 0.91
C LEU I 229 64.76 -25.73 -0.25
N GLU I 230 65.48 -24.62 -0.33
CA GLU I 230 66.49 -24.44 -1.38
C GLU I 230 67.46 -25.62 -1.36
N HIS I 231 67.98 -25.90 -0.17
CA HIS I 231 68.92 -27.00 0.05
C HIS I 231 68.42 -28.33 -0.50
N ASP I 232 67.14 -28.63 -0.26
CA ASP I 232 66.55 -29.89 -0.73
C ASP I 232 66.69 -30.08 -2.26
N PRO I 233 67.31 -31.20 -2.66
CA PRO I 233 67.55 -31.60 -4.06
C PRO I 233 66.25 -31.81 -4.84
N SER I 234 65.36 -32.63 -4.26
CA SER I 234 64.08 -32.94 -4.91
C SER I 234 63.08 -31.78 -4.91
N LYS I 235 63.48 -30.64 -4.34
CA LYS I 235 62.60 -29.47 -4.29
C LYS I 235 63.21 -28.27 -4.99
N GLY I 236 63.79 -28.53 -6.17
CA GLY I 236 64.42 -27.47 -6.94
C GLY I 236 63.38 -26.60 -7.63
N ARG I 237 63.83 -25.77 -8.56
CA ARG I 237 62.94 -24.88 -9.29
C ARG I 237 61.65 -25.57 -9.78
N ALA I 238 61.78 -26.61 -10.59
CA ALA I 238 60.62 -27.33 -11.10
C ALA I 238 59.55 -27.55 -10.01
N TYR I 239 59.99 -28.01 -8.84
CA TYR I 239 59.10 -28.26 -7.72
C TYR I 239 58.35 -27.00 -7.33
N ARG I 240 59.12 -25.93 -7.15
CA ARG I 240 58.54 -24.65 -6.75
C ARG I 240 57.49 -24.17 -7.74
N LYS I 241 57.78 -24.25 -9.03
CA LYS I 241 56.83 -23.83 -10.03
C LYS I 241 55.52 -24.60 -9.91
N GLU I 242 55.60 -25.85 -9.49
CA GLU I 242 54.40 -26.68 -9.36
C GLU I 242 53.63 -26.63 -8.04
N LEU I 243 54.30 -26.29 -6.94
CA LEU I 243 53.60 -26.28 -5.67
C LEU I 243 53.77 -25.06 -4.78
N VAL I 244 54.96 -24.49 -4.80
CA VAL I 244 55.25 -23.35 -3.94
C VAL I 244 54.73 -21.98 -4.39
N THR I 245 54.89 -21.62 -5.66
CA THR I 245 54.41 -20.32 -6.12
C THR I 245 52.95 -20.15 -5.65
N PRO I 246 52.60 -18.95 -5.18
CA PRO I 246 51.27 -18.62 -4.69
C PRO I 246 50.10 -19.10 -5.56
N ALA I 247 50.26 -18.99 -6.87
CA ALA I 247 49.20 -19.39 -7.78
C ALA I 247 48.62 -20.79 -7.50
N ARG I 248 49.47 -21.74 -7.11
CA ARG I 248 49.01 -23.10 -6.87
C ARG I 248 48.03 -23.29 -5.71
N ASP I 249 48.11 -22.45 -4.69
CA ASP I 249 47.20 -22.61 -3.55
C ASP I 249 46.09 -21.56 -3.51
N PHE I 250 46.39 -20.37 -4.01
CA PHE I 250 45.42 -19.27 -4.02
C PHE I 250 44.69 -19.12 -5.35
N GLY I 251 45.35 -19.54 -6.42
CA GLY I 251 44.78 -19.41 -7.76
C GLY I 251 45.58 -18.31 -8.43
N HIS I 252 45.46 -18.15 -9.75
CA HIS I 252 46.20 -17.08 -10.42
C HIS I 252 45.61 -15.74 -9.98
N PHE I 253 46.46 -14.91 -9.36
CA PHE I 253 46.03 -13.63 -8.84
C PHE I 253 45.01 -12.83 -9.66
N GLY I 254 45.30 -12.67 -10.97
CA GLY I 254 44.41 -11.91 -11.83
C GLY I 254 43.10 -12.56 -12.16
N LEU I 255 42.94 -13.82 -11.77
CA LEU I 255 41.72 -14.56 -12.08
C LEU I 255 41.04 -15.16 -10.86
N SER I 256 41.26 -14.59 -9.68
CA SER I 256 40.67 -15.16 -8.49
C SER I 256 39.95 -14.21 -7.54
N HIS I 257 38.96 -14.76 -6.85
CA HIS I 257 38.17 -14.03 -5.86
C HIS I 257 38.84 -14.18 -4.52
N TYR I 258 39.54 -15.32 -4.37
CA TYR I 258 40.23 -15.67 -3.16
C TYR I 258 41.18 -14.63 -2.57
N SER I 259 41.17 -14.55 -1.25
CA SER I 259 41.98 -13.61 -0.52
C SER I 259 43.38 -14.18 -0.29
N ARG I 260 44.35 -13.30 -0.15
CA ARG I 260 45.72 -13.71 0.13
C ARG I 260 46.10 -13.02 1.43
N ALA I 261 46.81 -13.73 2.30
CA ALA I 261 47.21 -13.17 3.57
C ALA I 261 48.73 -13.11 3.69
N THR I 262 49.22 -12.26 4.59
CA THR I 262 50.66 -12.16 4.82
C THR I 262 50.98 -12.82 6.15
N THR I 263 52.27 -12.96 6.44
CA THR I 263 52.70 -13.54 7.71
C THR I 263 52.74 -12.32 8.65
N PRO I 264 52.86 -12.54 9.97
CA PRO I 264 52.90 -11.39 10.89
C PRO I 264 54.07 -10.43 10.59
N ILE I 265 53.82 -9.45 9.73
CA ILE I 265 54.86 -8.49 9.38
C ILE I 265 54.92 -7.38 10.43
N LEU I 266 53.77 -6.88 10.85
CA LEU I 266 53.72 -5.82 11.87
C LEU I 266 52.67 -6.10 12.94
N GLY I 267 52.95 -5.67 14.15
CA GLY I 267 52.01 -5.88 15.24
C GLY I 267 51.56 -7.31 15.45
N LYS I 268 52.40 -8.27 15.12
CA LYS I 268 52.04 -9.67 15.30
C LYS I 268 50.63 -9.94 14.78
N MET I 269 50.29 -9.28 13.67
CA MET I 269 48.97 -9.40 13.09
C MET I 269 49.00 -9.56 11.57
N PRO I 270 48.72 -10.78 11.07
CA PRO I 270 48.73 -11.00 9.62
C PRO I 270 47.71 -10.10 8.94
N ALA I 271 47.96 -9.76 7.68
CA ALA I 271 47.07 -8.91 6.92
C ALA I 271 46.40 -9.74 5.85
N VAL I 272 45.12 -9.47 5.62
CA VAL I 272 44.32 -10.18 4.63
C VAL I 272 43.93 -9.22 3.51
N PHE I 273 44.24 -9.61 2.28
CA PHE I 273 43.90 -8.80 1.10
C PHE I 273 42.77 -9.49 0.33
N SER I 274 41.73 -8.73 0.02
CA SER I 274 40.60 -9.26 -0.72
C SER I 274 41.05 -9.58 -2.14
N GLY I 275 40.43 -10.57 -2.75
CA GLY I 275 40.78 -10.95 -4.10
C GLY I 275 40.63 -9.82 -5.11
N MET I 276 41.37 -9.92 -6.21
CA MET I 276 41.32 -8.89 -7.24
C MET I 276 39.95 -8.80 -7.92
N LEU I 277 39.34 -9.95 -8.20
CA LEU I 277 38.04 -9.97 -8.86
C LEU I 277 36.85 -9.66 -7.96
N THR I 278 37.12 -9.12 -6.77
CA THR I 278 36.05 -8.77 -5.86
C THR I 278 35.77 -7.28 -6.02
N GLY I 279 36.57 -6.61 -6.84
CA GLY I 279 36.39 -5.19 -7.07
C GLY I 279 37.66 -4.39 -6.92
N ASN I 280 38.32 -4.59 -5.79
CA ASN I 280 39.57 -3.93 -5.47
C ASN I 280 40.27 -4.79 -4.44
N CYS I 281 41.48 -4.42 -4.09
CA CYS I 281 42.23 -5.17 -3.10
C CYS I 281 42.29 -4.41 -1.78
N LYS I 282 41.35 -4.72 -0.89
CA LYS I 282 41.29 -4.11 0.42
C LYS I 282 42.09 -4.93 1.43
N MET I 283 42.67 -4.26 2.41
CA MET I 283 43.48 -4.95 3.41
C MET I 283 42.80 -4.92 4.77
N TYR I 284 42.73 -6.07 5.45
CA TYR I 284 42.10 -6.12 6.77
C TYR I 284 42.93 -6.97 7.72
N PRO I 285 42.98 -6.59 9.01
CA PRO I 285 43.74 -7.35 9.99
C PRO I 285 42.96 -8.63 10.31
N PHE I 286 43.67 -9.73 10.54
CA PHE I 286 43.05 -11.01 10.85
C PHE I 286 42.67 -11.14 12.33
N ILE I 287 41.64 -10.39 12.73
CA ILE I 287 41.16 -10.40 14.10
C ILE I 287 39.73 -10.96 14.13
N LYS I 288 39.44 -11.87 15.04
CA LYS I 288 38.09 -12.42 15.12
C LYS I 288 37.04 -11.39 15.50
N GLY I 289 35.82 -11.62 15.04
CA GLY I 289 34.74 -10.70 15.35
C GLY I 289 34.49 -10.60 16.84
N THR I 290 34.48 -11.75 17.51
CA THR I 290 34.26 -11.78 18.95
C THR I 290 35.30 -10.95 19.69
N ALA I 291 36.49 -10.84 19.10
CA ALA I 291 37.54 -10.06 19.71
C ALA I 291 37.24 -8.57 19.52
N LYS I 292 36.79 -8.22 18.32
CA LYS I 292 36.48 -6.83 18.00
C LYS I 292 35.37 -6.28 18.91
N LEU I 293 34.36 -7.10 19.15
CA LEU I 293 33.24 -6.69 19.98
C LEU I 293 33.65 -6.29 21.39
N LYS I 294 34.64 -6.97 21.93
CA LYS I 294 35.09 -6.68 23.29
C LYS I 294 35.54 -5.24 23.53
N THR I 295 35.81 -4.52 22.45
CA THR I 295 36.25 -3.14 22.58
C THR I 295 35.16 -2.26 23.17
N VAL I 296 33.92 -2.73 23.13
CA VAL I 296 32.81 -1.95 23.67
C VAL I 296 32.26 -2.52 24.98
N ARG I 297 32.97 -3.53 25.51
CA ARG I 297 32.54 -4.18 26.74
C ARG I 297 32.44 -3.17 27.89
N LYS I 298 33.44 -2.29 28.02
CA LYS I 298 33.45 -1.27 29.06
C LYS I 298 32.37 -0.22 28.81
N LEU I 299 32.08 0.03 27.53
CA LEU I 299 31.07 1.00 27.17
C LEU I 299 29.67 0.54 27.57
N VAL I 300 29.43 -0.76 27.49
CA VAL I 300 28.13 -1.30 27.86
C VAL I 300 27.80 -0.95 29.31
N ASP I 301 28.71 -1.25 30.22
CA ASP I 301 28.48 -0.95 31.62
C ASP I 301 28.34 0.55 31.81
N SER I 302 29.18 1.30 31.10
CA SER I 302 29.15 2.75 31.18
C SER I 302 27.78 3.29 30.83
N VAL I 303 27.21 2.79 29.75
CA VAL I 303 25.90 3.22 29.30
C VAL I 303 24.81 2.77 30.26
N ASN I 304 24.88 1.53 30.70
CA ASN I 304 23.89 1.00 31.63
C ASN I 304 23.85 1.83 32.89
N HIS I 305 25.00 2.36 33.29
CA HIS I 305 25.06 3.18 34.48
C HIS I 305 24.50 4.58 34.26
N ALA I 306 24.82 5.16 33.10
CA ALA I 306 24.41 6.51 32.78
C ALA I 306 23.01 6.75 32.21
N TRP I 307 22.44 5.78 31.50
CA TRP I 307 21.12 5.99 30.88
C TRP I 307 19.92 5.33 31.53
N GLY I 308 18.76 5.88 31.24
CA GLY I 308 17.51 5.34 31.77
C GLY I 308 17.17 3.98 31.18
N VAL I 309 16.53 3.14 31.96
CA VAL I 309 16.17 1.80 31.51
C VAL I 309 15.42 1.79 30.20
N GLU I 310 14.32 2.53 30.12
CA GLU I 310 13.54 2.55 28.89
C GLU I 310 14.30 3.13 27.70
N LYS I 311 15.11 4.14 27.94
CA LYS I 311 15.88 4.74 26.87
C LYS I 311 16.84 3.71 26.28
N ILE I 312 17.45 2.90 27.13
CA ILE I 312 18.38 1.88 26.63
C ILE I 312 17.62 0.79 25.90
N ARG I 313 16.47 0.39 26.46
CA ARG I 313 15.67 -0.66 25.86
C ARG I 313 15.15 -0.28 24.50
N TYR I 314 14.59 0.92 24.40
CA TYR I 314 14.03 1.38 23.14
C TYR I 314 15.06 1.67 22.04
N ALA I 315 16.32 1.89 22.41
CA ALA I 315 17.33 2.18 21.40
C ALA I 315 18.13 0.94 21.03
N LEU I 316 18.62 0.22 22.03
CA LEU I 316 19.43 -0.98 21.77
C LEU I 316 18.61 -2.24 21.51
N GLY I 317 17.32 -2.18 21.79
CA GLY I 317 16.47 -3.33 21.54
C GLY I 317 16.24 -4.25 22.71
N PRO I 318 15.84 -5.50 22.45
CA PRO I 318 15.55 -6.52 23.46
C PRO I 318 16.77 -6.81 24.32
N GLY I 319 16.55 -6.82 25.63
CA GLY I 319 17.63 -7.07 26.56
C GLY I 319 18.51 -5.85 26.80
N GLY I 320 18.07 -4.69 26.32
CA GLY I 320 18.84 -3.47 26.49
C GLY I 320 20.19 -3.56 25.83
N MET I 321 21.16 -2.81 26.34
CA MET I 321 22.49 -2.86 25.74
C MET I 321 23.26 -4.12 26.12
N THR I 322 22.98 -4.67 27.30
CA THR I 322 23.64 -5.89 27.72
C THR I 322 23.15 -6.99 26.79
N GLY I 323 21.85 -6.97 26.53
CA GLY I 323 21.26 -7.98 25.65
C GLY I 323 21.83 -7.83 24.26
N TRP I 324 21.96 -6.59 23.80
CA TRP I 324 22.50 -6.35 22.48
C TRP I 324 23.91 -6.95 22.41
N TYR I 325 24.73 -6.70 23.43
CA TYR I 325 26.11 -7.20 23.45
C TYR I 325 26.16 -8.72 23.35
N ASN I 326 25.27 -9.38 24.08
CA ASN I 326 25.24 -10.82 24.07
C ASN I 326 24.82 -11.36 22.71
N ARG I 327 23.70 -10.86 22.21
CA ARG I 327 23.19 -11.28 20.91
C ARG I 327 24.23 -11.03 19.80
N THR I 328 24.99 -9.94 19.94
CA THR I 328 26.00 -9.62 18.94
C THR I 328 27.19 -10.55 19.04
N MET I 329 27.50 -10.98 20.26
CA MET I 329 28.62 -11.90 20.47
C MET I 329 28.37 -13.22 19.75
N GLN I 330 27.11 -13.64 19.72
CA GLN I 330 26.73 -14.89 19.06
C GLN I 330 26.75 -14.74 17.54
N GLN I 331 26.62 -13.51 17.07
CA GLN I 331 26.61 -13.23 15.64
C GLN I 331 27.94 -12.73 15.12
N ALA I 332 28.89 -12.48 16.02
CA ALA I 332 30.20 -11.96 15.63
C ALA I 332 30.79 -12.50 14.32
N PRO I 333 30.73 -13.82 14.11
CA PRO I 333 31.25 -14.45 12.89
C PRO I 333 30.63 -13.91 11.60
N ILE I 334 29.44 -13.34 11.74
CA ILE I 334 28.70 -12.80 10.61
C ILE I 334 28.70 -11.27 10.51
N VAL I 335 28.22 -10.61 11.57
CA VAL I 335 28.12 -9.15 11.60
C VAL I 335 29.39 -8.35 11.84
N LEU I 336 30.43 -8.98 12.37
CA LEU I 336 31.69 -8.30 12.63
C LEU I 336 32.87 -8.92 11.91
N THR I 337 32.60 -9.57 10.78
CA THR I 337 33.68 -10.20 10.04
C THR I 337 33.73 -9.80 8.56
N PRO I 338 34.74 -9.02 8.16
CA PRO I 338 34.82 -8.62 6.76
C PRO I 338 34.80 -9.88 5.87
N ALA I 339 34.12 -9.80 4.74
CA ALA I 339 34.00 -10.95 3.83
C ALA I 339 35.32 -11.56 3.43
N ALA I 340 36.32 -10.72 3.23
CA ALA I 340 37.63 -11.19 2.81
C ALA I 340 38.25 -12.21 3.75
N LEU I 341 37.94 -12.13 5.04
CA LEU I 341 38.51 -13.06 6.02
C LEU I 341 38.04 -14.50 5.89
N THR I 342 36.94 -14.72 5.18
CA THR I 342 36.40 -16.06 5.00
C THR I 342 36.34 -16.40 3.51
N MET I 343 37.33 -15.92 2.77
CA MET I 343 37.40 -16.12 1.32
C MET I 343 38.71 -16.73 0.84
N PHE I 344 39.26 -17.69 1.60
CA PHE I 344 40.50 -18.32 1.20
C PHE I 344 40.22 -19.60 0.43
N SER I 345 41.13 -19.97 -0.46
CA SER I 345 40.95 -21.19 -1.23
C SER I 345 40.87 -22.39 -0.29
N ASP I 346 39.89 -23.26 -0.54
CA ASP I 346 39.69 -24.44 0.28
C ASP I 346 40.83 -25.43 -0.02
N THR I 347 41.14 -25.53 -1.31
CA THR I 347 42.19 -26.42 -1.79
C THR I 347 43.58 -25.78 -1.61
N THR I 348 44.44 -26.47 -0.88
CA THR I 348 45.80 -25.98 -0.66
C THR I 348 46.84 -27.09 -0.75
N LYS I 349 47.65 -27.05 -1.81
CA LYS I 349 48.68 -28.05 -2.05
C LYS I 349 49.89 -27.86 -1.11
N PHE I 350 50.62 -26.75 -1.30
CA PHE I 350 51.78 -26.46 -0.48
C PHE I 350 51.47 -26.19 1.00
N GLY I 351 50.55 -25.28 1.27
CA GLY I 351 50.20 -25.00 2.65
C GLY I 351 51.13 -24.08 3.45
N ASP I 352 50.89 -23.99 4.75
CA ASP I 352 51.69 -23.16 5.64
C ASP I 352 52.45 -23.93 6.71
N LEU I 353 52.39 -25.25 6.67
CA LEU I 353 53.03 -25.99 7.74
C LEU I 353 54.37 -26.68 7.49
N ASP I 354 54.89 -26.61 6.27
CA ASP I 354 56.17 -27.27 5.98
C ASP I 354 57.38 -26.60 6.58
N TYR I 355 57.63 -25.35 6.22
CA TYR I 355 58.80 -24.66 6.74
C TYR I 355 58.46 -23.74 7.89
N PRO I 356 59.44 -23.49 8.78
CA PRO I 356 59.32 -22.64 9.96
C PRO I 356 59.24 -21.15 9.71
N VAL I 357 58.67 -20.44 10.67
CA VAL I 357 58.56 -18.99 10.59
C VAL I 357 59.52 -18.38 11.60
N MET I 358 60.21 -17.32 11.19
CA MET I 358 61.19 -16.68 12.06
C MET I 358 61.23 -15.16 11.85
N ILE I 359 61.78 -14.44 12.80
CA ILE I 359 61.91 -13.00 12.64
C ILE I 359 63.04 -12.78 11.63
N GLY I 360 62.67 -12.42 10.40
CA GLY I 360 63.70 -12.22 9.39
C GLY I 360 63.34 -11.29 8.24
N ASP I 361 64.17 -11.32 7.19
CA ASP I 361 63.97 -10.48 6.02
C ASP I 361 62.90 -10.95 5.06
N PRO I 362 62.00 -10.04 4.68
CA PRO I 362 60.94 -10.43 3.74
C PRO I 362 61.67 -10.62 2.42
N MET I 363 61.23 -11.55 1.59
CA MET I 363 61.90 -11.76 0.31
C MET I 363 61.15 -12.58 -0.72
N ILE I 364 61.52 -12.37 -1.98
CA ILE I 364 60.91 -13.06 -3.10
C ILE I 364 62.00 -13.84 -3.83
N LEU I 365 61.77 -15.13 -4.04
CA LEU I 365 62.77 -15.97 -4.72
C LEU I 365 62.15 -17.01 -5.67
N GLY I 366 62.98 -17.76 -6.39
CA GLY I 366 62.46 -18.74 -7.33
C GLY I 366 62.61 -20.22 -6.95
#